data_8P2X
#
_entry.id   8P2X
#
_cell.length_a   1.00
_cell.length_b   1.00
_cell.length_c   1.00
_cell.angle_alpha   90.00
_cell.angle_beta   90.00
_cell.angle_gamma   90.00
#
_symmetry.space_group_name_H-M   'P 1'
#
loop_
_entity.id
_entity.type
_entity.pdbx_description
1 polymer 'Processed angiotensin-converting enzyme 2'
2 polymer 'Sodium- and chloride-dependent transporter XTRP3'
3 branched alpha-D-mannopyranose-(1-3)-[alpha-D-mannopyranose-(1-6)]alpha-D-mannopyranose-(1-6)-[alpha-D-mannopyranose-(1-3)]beta-D-mannopyranose-(1-4)-2-acetamido-2-deoxy-beta-D-glucopyranose-(1-4)-2-acetamido-2-deoxy-beta-D-glucopyranose
4 branched 2-acetamido-2-deoxy-beta-D-glucopyranose-(1-4)-2-acetamido-2-deoxy-beta-D-glucopyranose
5 non-polymer 'ZINC ION'
6 non-polymer 2-acetamido-2-deoxy-alpha-D-glucopyranose
7 non-polymer 2-acetamido-2-deoxy-beta-D-glucopyranose
#
loop_
_entity_poly.entity_id
_entity_poly.type
_entity_poly.pdbx_seq_one_letter_code
_entity_poly.pdbx_strand_id
1 'polypeptide(L)'
;MSSSSWLLLSLVAVTAADYKDDDDKSTIEEQAKTFLDKFNHEAEDLFYQSSLASWNYNTNITEENVQNMNNAGDKWSAFL
KEQSTLAQMYPLQEIQNLTVKLQLQALQQNGSSVLSEDKSKRLNTILNTMSTIYSTGKVCNPDNPQECLLLEPGLNEIMA
NSLDYNERLWAWESWRSEVGKQLRPLYEEYVVLKNEMARANHYEDYGDYWRGDYEVNGVDGYDYSRGQLIEDVEHTFEEI
KPLYEHLHAYVRAKLMNAYPSYISPIGCLPAHLLGDMWGRFWTNLYSLTVPFGQKPNIDVTDAMVDQAWDAQRIFKEAEK
FFVSVGLPNMTQGFWENSMLTDPGNVQKAVCHPTAWDLGKGDFRILMCTKVTMDDFLTAHHEMGHIQYDMAYAAQPFLLR
NGANEGFHEAVGEIMSLSAATPKHLKSIGLLSPDFQEDNETEINFLLKQALTIVGTLPFTYMLEKWRWMVFKGEIPKDQW
MKKWWEMKREIVGVVEPVPHDETYCDPASLFHVSNDYSFIRYYTRTLYQFQFQEALCQAAKHEGPLHKCDISNSTEAGQK
LFNMLRLGKSEPWTLALENVVGAKNMNVRPLLNYFEPLFTWLKDQNKNSFVGWSTDWSPYADQSIKVRISLKSALGDKAY
EWNDNEMYLFRSSVAYAMRQYFLKVKNQMILFGEEDVRVANLKPRISFNFFVTAPKNVSDIIPRTEVEKAIRMSRSRIND
AFRLNDNSLEFLGIQPTLGPPNQPPVSIWLIVFGVVMGVIVVGIVILIFTGIRDRKKKNKARSGENPYASIDISKGENNP
GFQNTDDVQTSF
;
A,B
2 'polypeptide(L)'
;MEKARPLWANSLQFVFACISYAVGLGNVWRFPYLCQMYGGGSFLVPYIIMLIVEGMPLLYLELAVGQRMRQGSIGAWRTI
SPYLSGVGVASVVVSFFLSMYYNVINAWAFWYLFHSFQDPLPWSVCPLNGNHTGYDEECEKASSTQYFWYRKTLNISPSL
QENGGVQWEPALCLLLAWLVVYLCILRGTESTGKVVYFTASLPYCVLIIYLIRGLTLHGATNGLMYMFTPKIEQLANPKA
WINAATQIFFSLGLGFGSLIAFASYNEPSNNCQKHAIIVSLINSFTSIFASIVTFSIYGFKATFNYENCLKKVSLLLTNT
FDLEDGFLTASNLEQVKGYLASAYPSKYSEMFPQIKNCSLESELDTAVQGTGLAFIVYTEAIKNMEVSQLWSVLYFFMLL
MLGIGSMLGNTAAILTPLTDSKIISSHLPKEAISGLVCLVNCAIGMVFTMEAGNYWFDIFNDYAATLSLLLIVLVETIAV
CYVYGLRRFESDLKAMTGRAVSWYWKVMWAGVSPLLIVSLFVFYLSDYILTGTLKYQAWDASQGQLVTKDYPAYALAVIG
LLVASSTMCIPLAALGTFVQRRLKRGDADPVAAENLYFQSHHHHHHHHHHGSAWSHPQFEKGGGSGGGSGGSAWSHPQFE
K
;
C,D
#
# COMPACT_ATOMS: atom_id res chain seq x y z
N THR A 27 -30.76 75.33 -16.45
CA THR A 27 -30.29 75.46 -17.83
C THR A 27 -30.25 74.09 -18.51
N ILE A 28 -29.40 73.20 -17.99
CA ILE A 28 -29.31 71.86 -18.55
C ILE A 28 -30.59 71.08 -18.33
N GLU A 29 -31.31 71.35 -17.22
CA GLU A 29 -32.59 70.69 -17.00
C GLU A 29 -33.60 71.07 -18.06
N GLU A 30 -33.62 72.33 -18.49
CA GLU A 30 -34.57 72.77 -19.50
C GLU A 30 -34.31 72.08 -20.84
N GLN A 31 -33.05 72.01 -21.27
CA GLN A 31 -32.76 71.34 -22.52
C GLN A 31 -32.96 69.82 -22.42
N ALA A 32 -32.73 69.24 -21.24
CA ALA A 32 -33.06 67.83 -21.04
C ALA A 32 -34.56 67.59 -21.17
N LYS A 33 -35.37 68.49 -20.60
CA LYS A 33 -36.82 68.37 -20.74
C LYS A 33 -37.24 68.51 -22.20
N THR A 34 -36.61 69.44 -22.92
CA THR A 34 -36.90 69.60 -24.34
C THR A 34 -36.54 68.35 -25.13
N PHE A 35 -35.39 67.75 -24.82
CA PHE A 35 -34.98 66.51 -25.48
C PHE A 35 -35.97 65.39 -25.20
N LEU A 36 -36.41 65.27 -23.94
CA LEU A 36 -37.39 64.25 -23.60
C LEU A 36 -38.71 64.48 -24.33
N ASP A 37 -39.15 65.73 -24.41
CA ASP A 37 -40.38 66.04 -25.14
C ASP A 37 -40.25 65.67 -26.61
N LYS A 38 -39.10 65.96 -27.22
CA LYS A 38 -38.89 65.60 -28.61
C LYS A 38 -38.87 64.09 -28.79
N PHE A 39 -38.26 63.36 -27.85
CA PHE A 39 -38.16 61.91 -27.97
C PHE A 39 -39.50 61.23 -27.76
N ASN A 40 -40.36 61.81 -26.90
CA ASN A 40 -41.64 61.18 -26.60
C ASN A 40 -42.53 61.10 -27.84
N HIS A 41 -42.57 62.18 -28.62
CA HIS A 41 -43.40 62.19 -29.82
C HIS A 41 -42.93 61.15 -30.83
N GLU A 42 -41.61 61.02 -31.01
CA GLU A 42 -41.07 60.09 -31.98
C GLU A 42 -41.16 58.63 -31.53
N ALA A 43 -41.08 58.37 -30.22
CA ALA A 43 -41.05 56.99 -29.76
C ALA A 43 -42.42 56.32 -29.88
N GLU A 44 -43.49 57.05 -29.59
CA GLU A 44 -44.81 56.46 -29.56
C GLU A 44 -45.23 55.93 -30.93
N ASP A 45 -44.97 56.72 -31.98
CA ASP A 45 -45.39 56.31 -33.32
C ASP A 45 -44.69 55.03 -33.75
N LEU A 46 -43.39 54.92 -33.50
CA LEU A 46 -42.65 53.72 -33.89
C LEU A 46 -43.01 52.53 -33.02
N PHE A 47 -43.23 52.75 -31.72
CA PHE A 47 -43.64 51.65 -30.86
C PHE A 47 -45.01 51.11 -31.24
N TYR A 48 -45.93 51.99 -31.64
CA TYR A 48 -47.24 51.53 -32.09
C TYR A 48 -47.11 50.66 -33.33
N GLN A 49 -46.24 51.06 -34.27
CA GLN A 49 -46.03 50.25 -35.48
C GLN A 49 -45.43 48.90 -35.13
N SER A 50 -44.45 48.87 -34.23
CA SER A 50 -43.85 47.60 -33.83
C SER A 50 -44.86 46.69 -33.15
N SER A 51 -45.67 47.26 -32.24
CA SER A 51 -46.69 46.47 -31.56
C SER A 51 -47.74 45.97 -32.54
N LEU A 52 -48.13 46.79 -33.51
CA LEU A 52 -49.08 46.36 -34.52
C LEU A 52 -48.52 45.23 -35.38
N ALA A 53 -47.23 45.31 -35.74
CA ALA A 53 -46.61 44.22 -36.49
C ALA A 53 -46.59 42.93 -35.68
N SER A 54 -46.25 43.03 -34.39
CA SER A 54 -46.27 41.85 -33.54
C SER A 54 -47.68 41.27 -33.42
N TRP A 55 -48.68 42.14 -33.28
CA TRP A 55 -50.06 41.70 -33.21
C TRP A 55 -50.50 41.01 -34.49
N ASN A 56 -50.09 41.55 -35.64
CA ASN A 56 -50.42 40.92 -36.91
C ASN A 56 -49.75 39.57 -37.06
N TYR A 57 -48.49 39.44 -36.62
CA TYR A 57 -47.81 38.15 -36.68
C TYR A 57 -48.51 37.13 -35.79
N ASN A 58 -48.90 37.54 -34.57
CA ASN A 58 -49.55 36.60 -33.67
C ASN A 58 -50.96 36.26 -34.12
N THR A 59 -51.62 37.19 -34.81
CA THR A 59 -52.97 36.95 -35.30
C THR A 59 -52.98 35.90 -36.41
N ASN A 60 -52.10 36.05 -37.39
CA ASN A 60 -51.98 35.13 -38.51
C ASN A 60 -50.51 34.73 -38.64
N ILE A 61 -50.22 33.45 -38.45
CA ILE A 61 -48.85 32.96 -38.50
C ILE A 61 -48.45 32.71 -39.95
N THR A 62 -47.86 33.72 -40.58
CA THR A 62 -47.35 33.62 -41.93
C THR A 62 -45.90 34.13 -41.96
N GLU A 63 -45.11 33.57 -42.88
CA GLU A 63 -43.69 33.88 -42.92
C GLU A 63 -43.41 35.33 -43.34
N GLU A 64 -44.29 35.93 -44.13
CA GLU A 64 -44.13 37.35 -44.46
C GLU A 64 -44.32 38.22 -43.23
N ASN A 65 -45.28 37.87 -42.37
CA ASN A 65 -45.47 38.60 -41.12
C ASN A 65 -44.25 38.46 -40.22
N VAL A 66 -43.54 37.33 -40.30
CA VAL A 66 -42.31 37.16 -39.53
C VAL A 66 -41.30 38.22 -39.93
N GLN A 67 -41.09 38.38 -41.24
CA GLN A 67 -40.14 39.38 -41.73
C GLN A 67 -40.59 40.78 -41.37
N ASN A 68 -41.89 41.07 -41.51
CA ASN A 68 -42.39 42.40 -41.19
C ASN A 68 -42.17 42.74 -39.72
N MET A 69 -42.51 41.80 -38.83
CA MET A 69 -42.31 42.02 -37.41
C MET A 69 -40.84 42.14 -37.05
N ASN A 70 -39.98 41.33 -37.68
CA ASN A 70 -38.55 41.45 -37.42
C ASN A 70 -38.02 42.81 -37.85
N ASN A 71 -38.45 43.30 -39.02
CA ASN A 71 -38.02 44.62 -39.47
C ASN A 71 -38.49 45.71 -38.53
N ALA A 72 -39.75 45.63 -38.08
CA ALA A 72 -40.27 46.64 -37.15
C ALA A 72 -39.49 46.61 -35.83
N GLY A 73 -39.24 45.41 -35.31
CA GLY A 73 -38.51 45.30 -34.06
C GLY A 73 -37.08 45.81 -34.17
N ASP A 74 -36.42 45.49 -35.29
CA ASP A 74 -35.08 46.00 -35.53
C ASP A 74 -35.05 47.52 -35.66
N LYS A 75 -36.02 48.11 -36.35
CA LYS A 75 -36.07 49.57 -36.44
C LYS A 75 -36.28 50.18 -35.05
N TRP A 76 -37.18 49.61 -34.26
CA TRP A 76 -37.41 50.12 -32.91
C TRP A 76 -36.16 50.02 -32.05
N SER A 77 -35.46 48.88 -32.14
CA SER A 77 -34.25 48.69 -31.36
C SER A 77 -33.16 49.66 -31.79
N ALA A 78 -33.01 49.89 -33.09
CA ALA A 78 -32.03 50.85 -33.58
C ALA A 78 -32.36 52.27 -33.09
N PHE A 79 -33.64 52.64 -33.12
CA PHE A 79 -34.04 53.94 -32.62
C PHE A 79 -33.74 54.09 -31.14
N LEU A 80 -34.05 53.05 -30.36
CA LEU A 80 -33.77 53.09 -28.92
C LEU A 80 -32.27 53.21 -28.66
N LYS A 81 -31.47 52.44 -29.40
CA LYS A 81 -30.02 52.50 -29.21
C LYS A 81 -29.45 53.85 -29.58
N GLU A 82 -29.91 54.46 -30.68
CA GLU A 82 -29.39 55.76 -31.07
C GLU A 82 -29.87 56.86 -30.12
N GLN A 83 -31.07 56.73 -29.55
CA GLN A 83 -31.50 57.69 -28.54
C GLN A 83 -30.76 57.51 -27.22
N SER A 84 -30.32 56.30 -26.91
CA SER A 84 -29.52 56.08 -25.70
C SER A 84 -28.21 56.87 -25.76
N THR A 85 -27.57 56.89 -26.93
CA THR A 85 -26.35 57.67 -27.08
C THR A 85 -26.62 59.16 -26.90
N LEU A 86 -27.72 59.66 -27.47
CA LEU A 86 -28.08 61.07 -27.32
C LEU A 86 -28.42 61.42 -25.88
N ALA A 87 -28.99 60.48 -25.11
CA ALA A 87 -29.32 60.73 -23.72
C ALA A 87 -28.09 60.94 -22.84
N GLN A 88 -26.90 60.58 -23.33
CA GLN A 88 -25.68 60.75 -22.54
C GLN A 88 -25.31 62.22 -22.36
N MET A 89 -25.90 63.12 -23.16
CA MET A 89 -25.58 64.54 -23.07
C MET A 89 -26.10 65.20 -21.80
N TYR A 90 -26.96 64.51 -21.03
CA TYR A 90 -27.54 65.08 -19.82
C TYR A 90 -27.19 64.20 -18.62
N PRO A 91 -26.10 64.47 -17.91
CA PRO A 91 -25.76 63.65 -16.75
C PRO A 91 -26.75 63.84 -15.60
N LEU A 92 -26.87 62.81 -14.78
CA LEU A 92 -27.75 62.82 -13.62
C LEU A 92 -27.27 63.75 -12.52
N GLN A 93 -26.03 64.22 -12.58
CA GLN A 93 -25.49 65.10 -11.55
C GLN A 93 -26.11 66.49 -11.56
N GLU A 94 -26.87 66.83 -12.61
CA GLU A 94 -27.49 68.14 -12.71
C GLU A 94 -29.00 68.11 -12.91
N ILE A 95 -29.59 66.95 -13.21
CA ILE A 95 -31.03 66.87 -13.41
C ILE A 95 -31.73 66.96 -12.06
N GLN A 96 -32.72 67.85 -11.97
CA GLN A 96 -33.45 68.06 -10.74
C GLN A 96 -34.92 67.68 -10.80
N ASN A 97 -35.45 67.38 -11.99
CA ASN A 97 -36.84 66.96 -12.14
C ASN A 97 -36.88 65.44 -11.93
N LEU A 98 -37.76 64.99 -11.03
CA LEU A 98 -37.80 63.58 -10.66
C LEU A 98 -38.16 62.68 -11.84
N THR A 99 -39.27 62.98 -12.52
CA THR A 99 -39.67 62.16 -13.66
C THR A 99 -38.70 62.28 -14.81
N VAL A 100 -38.14 63.47 -15.05
CA VAL A 100 -37.13 63.62 -16.08
C VAL A 100 -35.88 62.81 -15.74
N LYS A 101 -35.44 62.84 -14.48
CA LYS A 101 -34.29 62.04 -14.08
C LYS A 101 -34.56 60.55 -14.25
N LEU A 102 -35.77 60.11 -13.90
CA LEU A 102 -36.11 58.70 -14.05
C LEU A 102 -36.15 58.28 -15.51
N GLN A 103 -36.70 59.13 -16.38
CA GLN A 103 -36.69 58.82 -17.81
C GLN A 103 -35.27 58.79 -18.36
N LEU A 104 -34.41 59.70 -17.89
CA LEU A 104 -33.01 59.68 -18.27
C LEU A 104 -32.32 58.39 -17.82
N GLN A 105 -32.63 57.92 -16.61
CA GLN A 105 -32.10 56.64 -16.17
C GLN A 105 -32.60 55.50 -17.06
N ALA A 106 -33.89 55.53 -17.42
CA ALA A 106 -34.45 54.47 -18.24
C ALA A 106 -33.80 54.41 -19.61
N LEU A 107 -33.58 55.57 -20.23
CA LEU A 107 -33.01 55.61 -21.57
C LEU A 107 -31.48 55.63 -21.58
N GLN A 108 -30.84 55.76 -20.43
CA GLN A 108 -29.38 55.92 -20.40
C GLN A 108 -28.66 54.59 -20.27
N GLN A 109 -29.33 53.55 -19.78
CA GLN A 109 -28.67 52.26 -19.56
C GLN A 109 -28.13 51.70 -20.87
N ASN A 110 -26.81 51.56 -20.95
CA ASN A 110 -26.17 51.03 -22.15
C ASN A 110 -26.59 49.58 -22.42
N GLY A 111 -26.66 48.76 -21.37
CA GLY A 111 -27.02 47.36 -21.57
C GLY A 111 -25.88 46.61 -22.23
N SER A 112 -26.21 45.90 -23.31
CA SER A 112 -25.23 45.09 -24.03
C SER A 112 -24.39 45.90 -25.02
N SER A 113 -24.67 47.19 -25.17
CA SER A 113 -23.92 48.04 -26.08
C SER A 113 -22.57 48.48 -25.50
N VAL A 114 -22.29 48.18 -24.23
CA VAL A 114 -21.04 48.60 -23.60
C VAL A 114 -19.90 47.65 -23.87
N LEU A 115 -20.18 46.41 -24.28
CA LEU A 115 -19.14 45.45 -24.58
C LEU A 115 -18.60 45.65 -25.99
N SER A 116 -17.49 44.97 -26.28
CA SER A 116 -16.88 45.02 -27.60
C SER A 116 -17.71 44.20 -28.59
N GLU A 117 -17.44 44.40 -29.87
CA GLU A 117 -18.18 43.73 -30.92
C GLU A 117 -18.03 42.21 -30.83
N ASP A 118 -16.80 41.74 -30.61
CA ASP A 118 -16.56 40.31 -30.46
C ASP A 118 -17.25 39.74 -29.23
N LYS A 119 -17.14 40.43 -28.09
CA LYS A 119 -17.81 39.96 -26.88
C LYS A 119 -19.33 39.99 -27.04
N SER A 120 -19.86 41.04 -27.67
CA SER A 120 -21.30 41.11 -27.88
C SER A 120 -21.80 39.98 -28.78
N LYS A 121 -21.09 39.73 -29.88
CA LYS A 121 -21.52 38.65 -30.77
C LYS A 121 -21.37 37.28 -30.12
N ARG A 122 -20.32 37.09 -29.31
CA ARG A 122 -20.18 35.83 -28.58
C ARG A 122 -21.30 35.65 -27.57
N LEU A 123 -21.68 36.73 -26.86
CA LEU A 123 -22.77 36.64 -25.90
C LEU A 123 -24.08 36.31 -26.59
N ASN A 124 -24.36 36.97 -27.72
CA ASN A 124 -25.58 36.65 -28.46
C ASN A 124 -25.57 35.22 -28.95
N THR A 125 -24.41 34.76 -29.45
CA THR A 125 -24.30 33.39 -29.94
C THR A 125 -24.55 32.38 -28.83
N ILE A 126 -23.95 32.58 -27.67
CA ILE A 126 -24.12 31.61 -26.58
C ILE A 126 -25.55 31.65 -26.05
N LEU A 127 -26.16 32.84 -25.97
CA LEU A 127 -27.55 32.92 -25.53
C LEU A 127 -28.47 32.18 -26.49
N ASN A 128 -28.28 32.40 -27.80
CA ASN A 128 -29.10 31.70 -28.79
C ASN A 128 -28.86 30.19 -28.74
N THR A 129 -27.61 29.78 -28.54
CA THR A 129 -27.30 28.35 -28.48
C THR A 129 -27.96 27.72 -27.27
N MET A 130 -27.92 28.37 -26.11
CA MET A 130 -28.58 27.85 -24.92
C MET A 130 -30.09 27.75 -25.12
N SER A 131 -30.68 28.79 -25.71
CA SER A 131 -32.12 28.76 -25.97
C SER A 131 -32.49 27.62 -26.90
N THR A 132 -31.71 27.42 -27.97
CA THR A 132 -31.99 26.34 -28.90
C THR A 132 -31.82 24.98 -28.23
N ILE A 133 -30.76 24.82 -27.43
CA ILE A 133 -30.53 23.55 -26.75
C ILE A 133 -31.69 23.22 -25.82
N TYR A 134 -32.17 24.21 -25.06
CA TYR A 134 -33.32 23.97 -24.20
C TYR A 134 -34.55 23.64 -25.03
N SER A 135 -34.76 24.35 -26.13
CA SER A 135 -35.97 24.16 -26.93
C SER A 135 -35.97 22.79 -27.60
N THR A 136 -34.85 22.39 -28.17
CA THR A 136 -34.78 21.16 -28.95
C THR A 136 -34.40 19.94 -28.12
N GLY A 137 -34.25 20.09 -26.80
CA GLY A 137 -33.87 18.97 -25.96
C GLY A 137 -34.83 17.80 -26.05
N LYS A 138 -34.30 16.63 -26.35
CA LYS A 138 -35.10 15.42 -26.54
C LYS A 138 -34.43 14.27 -25.79
N VAL A 139 -35.23 13.48 -25.10
CA VAL A 139 -34.72 12.27 -24.45
C VAL A 139 -34.99 11.09 -25.36
N CYS A 140 -33.93 10.35 -25.71
CA CYS A 140 -34.02 9.31 -26.72
C CYS A 140 -33.59 7.97 -26.13
N ASN A 141 -34.18 6.91 -26.66
CA ASN A 141 -33.80 5.56 -26.28
C ASN A 141 -32.54 5.15 -27.04
N PRO A 142 -31.48 4.72 -26.34
CA PRO A 142 -30.28 4.25 -27.06
C PRO A 142 -30.55 3.10 -28.00
N ASP A 143 -31.53 2.25 -27.69
CA ASP A 143 -31.87 1.15 -28.58
C ASP A 143 -32.39 1.68 -29.92
N ASN A 144 -33.33 2.62 -29.87
CA ASN A 144 -33.91 3.22 -31.07
C ASN A 144 -33.77 4.73 -30.99
N PRO A 145 -32.68 5.30 -31.52
CA PRO A 145 -32.50 6.76 -31.46
C PRO A 145 -33.53 7.55 -32.25
N GLN A 146 -34.25 6.91 -33.17
CA GLN A 146 -35.27 7.60 -33.97
C GLN A 146 -36.41 8.12 -33.11
N GLU A 147 -36.87 7.31 -32.15
CA GLU A 147 -37.97 7.72 -31.29
C GLU A 147 -37.43 8.50 -30.10
N CYS A 148 -37.94 9.71 -29.89
CA CYS A 148 -37.51 10.57 -28.80
C CYS A 148 -38.72 11.28 -28.23
N LEU A 149 -38.62 11.67 -26.97
CA LEU A 149 -39.65 12.43 -26.30
C LEU A 149 -39.17 13.86 -26.05
N LEU A 150 -40.01 14.83 -26.39
CA LEU A 150 -39.71 16.23 -26.15
C LEU A 150 -40.14 16.62 -24.74
N LEU A 151 -39.86 17.87 -24.37
CA LEU A 151 -40.16 18.31 -23.01
C LEU A 151 -41.65 18.53 -22.80
N GLU A 152 -42.26 19.44 -23.56
CA GLU A 152 -43.66 19.81 -23.37
C GLU A 152 -44.60 18.62 -23.59
N PRO A 153 -44.50 17.87 -24.69
CA PRO A 153 -45.37 16.70 -24.84
C PRO A 153 -44.72 15.45 -24.27
N GLY A 154 -45.50 14.70 -23.49
CA GLY A 154 -45.06 13.41 -23.01
C GLY A 154 -44.25 13.44 -21.73
N LEU A 155 -43.07 14.07 -21.79
CA LEU A 155 -42.18 14.08 -20.64
C LEU A 155 -42.83 14.76 -19.43
N ASN A 156 -43.49 15.90 -19.67
CA ASN A 156 -44.25 16.53 -18.60
C ASN A 156 -45.39 15.64 -18.13
N GLU A 157 -46.04 14.95 -19.06
CA GLU A 157 -47.07 13.99 -18.67
C GLU A 157 -46.48 12.85 -17.85
N ILE A 158 -45.29 12.36 -18.21
CA ILE A 158 -44.64 11.33 -17.43
C ILE A 158 -44.34 11.82 -16.02
N MET A 159 -43.83 13.04 -15.88
CA MET A 159 -43.50 13.58 -14.56
C MET A 159 -44.72 13.95 -13.74
N ALA A 160 -45.86 14.23 -14.38
CA ALA A 160 -47.04 14.69 -13.66
C ALA A 160 -48.10 13.62 -13.46
N ASN A 161 -47.98 12.45 -14.10
CA ASN A 161 -49.03 11.46 -13.98
C ASN A 161 -48.52 10.11 -13.49
N SER A 162 -47.29 9.75 -13.82
CA SER A 162 -46.78 8.44 -13.46
C SER A 162 -46.63 8.29 -11.95
N LEU A 163 -46.93 7.09 -11.46
CA LEU A 163 -46.74 6.74 -10.06
C LEU A 163 -45.62 5.72 -9.88
N ASP A 164 -44.76 5.56 -10.89
CA ASP A 164 -43.66 4.62 -10.83
C ASP A 164 -42.37 5.36 -10.50
N TYR A 165 -41.69 4.90 -9.45
CA TYR A 165 -40.45 5.55 -9.02
C TYR A 165 -39.39 5.50 -10.11
N ASN A 166 -39.21 4.33 -10.73
CA ASN A 166 -38.17 4.16 -11.73
C ASN A 166 -38.43 5.02 -12.96
N GLU A 167 -39.67 5.09 -13.42
CA GLU A 167 -39.99 5.88 -14.60
C GLU A 167 -39.78 7.37 -14.38
N ARG A 168 -40.23 7.91 -13.26
CA ARG A 168 -39.99 9.31 -12.93
C ARG A 168 -38.51 9.61 -12.75
N LEU A 169 -37.77 8.72 -12.08
CA LEU A 169 -36.33 8.90 -11.96
C LEU A 169 -35.66 8.90 -13.32
N TRP A 170 -36.05 8.00 -14.22
CA TRP A 170 -35.47 7.98 -15.56
C TRP A 170 -35.77 9.27 -16.30
N ALA A 171 -37.01 9.75 -16.25
CA ALA A 171 -37.33 10.99 -16.95
C ALA A 171 -36.53 12.16 -16.40
N TRP A 172 -36.48 12.30 -15.07
CA TRP A 172 -35.76 13.40 -14.45
C TRP A 172 -34.27 13.35 -14.79
N GLU A 173 -33.64 12.20 -14.59
CA GLU A 173 -32.22 12.06 -14.86
C GLU A 173 -31.88 12.23 -16.33
N SER A 174 -32.68 11.67 -17.23
CA SER A 174 -32.43 11.85 -18.66
C SER A 174 -32.56 13.31 -19.08
N TRP A 175 -33.57 14.02 -18.57
CA TRP A 175 -33.68 15.43 -18.92
C TRP A 175 -32.51 16.25 -18.38
N ARG A 176 -32.07 15.97 -17.15
CA ARG A 176 -31.00 16.75 -16.56
C ARG A 176 -29.61 16.29 -16.99
N SER A 177 -29.52 15.17 -17.71
CA SER A 177 -28.25 14.74 -18.28
C SER A 177 -28.12 15.04 -19.76
N GLU A 178 -29.23 15.18 -20.49
CA GLU A 178 -29.19 15.49 -21.91
C GLU A 178 -29.15 16.98 -22.19
N VAL A 179 -29.68 17.81 -21.30
CA VAL A 179 -29.71 19.25 -21.51
C VAL A 179 -28.71 19.98 -20.62
N GLY A 180 -28.57 19.53 -19.36
CA GLY A 180 -27.67 20.23 -18.45
C GLY A 180 -26.22 20.13 -18.86
N LYS A 181 -25.78 18.94 -19.29
CA LYS A 181 -24.39 18.77 -19.70
C LYS A 181 -24.07 19.64 -20.90
N GLN A 182 -24.98 19.73 -21.87
CA GLN A 182 -24.77 20.58 -23.02
C GLN A 182 -24.81 22.07 -22.69
N LEU A 183 -25.39 22.44 -21.54
CA LEU A 183 -25.51 23.84 -21.17
C LEU A 183 -24.46 24.30 -20.18
N ARG A 184 -23.76 23.37 -19.51
CA ARG A 184 -22.76 23.79 -18.54
C ARG A 184 -21.62 24.61 -19.14
N PRO A 185 -20.93 24.17 -20.21
CA PRO A 185 -19.85 25.01 -20.75
C PRO A 185 -20.33 26.34 -21.29
N LEU A 186 -21.52 26.38 -21.90
CA LEU A 186 -22.05 27.65 -22.38
C LEU A 186 -22.39 28.57 -21.22
N TYR A 187 -22.98 28.03 -20.15
CA TYR A 187 -23.34 28.85 -19.00
C TYR A 187 -22.10 29.39 -18.29
N GLU A 188 -21.00 28.61 -18.29
CA GLU A 188 -19.77 29.12 -17.69
C GLU A 188 -19.28 30.39 -18.39
N GLU A 189 -19.32 30.41 -19.73
CA GLU A 189 -18.93 31.61 -20.46
C GLU A 189 -19.97 32.72 -20.33
N TYR A 190 -21.25 32.35 -20.24
CA TYR A 190 -22.30 33.33 -20.07
C TYR A 190 -22.14 34.10 -18.76
N VAL A 191 -21.76 33.39 -17.69
CA VAL A 191 -21.55 34.06 -16.40
C VAL A 191 -20.45 35.11 -16.53
N VAL A 192 -19.33 34.74 -17.14
CA VAL A 192 -18.20 35.65 -17.25
C VAL A 192 -18.55 36.85 -18.12
N LEU A 193 -19.22 36.61 -19.25
CA LEU A 193 -19.58 37.71 -20.15
C LEU A 193 -20.56 38.67 -19.49
N LYS A 194 -21.55 38.12 -18.77
CA LYS A 194 -22.48 39.00 -18.06
C LYS A 194 -21.80 39.78 -16.95
N ASN A 195 -20.85 39.15 -16.23
CA ASN A 195 -20.11 39.86 -15.22
C ASN A 195 -19.30 41.00 -15.82
N GLU A 196 -18.66 40.76 -16.96
CA GLU A 196 -17.90 41.81 -17.62
C GLU A 196 -18.81 42.95 -18.06
N MET A 197 -19.98 42.61 -18.64
CA MET A 197 -20.92 43.65 -19.06
C MET A 197 -21.40 44.47 -17.88
N ALA A 198 -21.70 43.82 -16.76
CA ALA A 198 -22.15 44.55 -15.58
C ALA A 198 -21.05 45.45 -15.03
N ARG A 199 -19.83 44.94 -14.95
CA ARG A 199 -18.72 45.75 -14.44
C ARG A 199 -18.42 46.93 -15.36
N ALA A 200 -18.67 46.77 -16.67
CA ALA A 200 -18.50 47.89 -17.58
C ALA A 200 -19.52 49.00 -17.36
N ASN A 201 -20.59 48.73 -16.60
CA ASN A 201 -21.60 49.73 -16.28
C ASN A 201 -21.60 50.12 -14.81
N HIS A 202 -20.43 50.06 -14.16
CA HIS A 202 -20.27 50.44 -12.76
C HIS A 202 -21.20 49.64 -11.85
N TYR A 203 -21.24 48.33 -12.09
CA TYR A 203 -21.96 47.39 -11.23
C TYR A 203 -20.99 46.33 -10.72
N GLU A 204 -21.14 45.97 -9.45
CA GLU A 204 -20.25 44.97 -8.85
C GLU A 204 -20.42 43.61 -9.52
N ASP A 205 -21.65 43.24 -9.85
CA ASP A 205 -21.93 41.95 -10.47
C ASP A 205 -23.22 42.04 -11.27
N TYR A 206 -23.41 41.04 -12.13
CA TYR A 206 -24.61 41.00 -12.96
C TYR A 206 -25.87 40.80 -12.12
N GLY A 207 -25.77 40.04 -11.03
CA GLY A 207 -26.89 39.92 -10.12
C GLY A 207 -27.27 41.25 -9.50
N ASP A 208 -26.28 42.09 -9.23
CA ASP A 208 -26.57 43.45 -8.76
C ASP A 208 -27.32 44.24 -9.82
N TYR A 209 -26.94 44.07 -11.09
CA TYR A 209 -27.66 44.73 -12.18
C TYR A 209 -29.11 44.24 -12.24
N TRP A 210 -29.33 42.95 -12.01
CA TRP A 210 -30.69 42.42 -11.94
C TRP A 210 -31.46 43.06 -10.79
N ARG A 211 -30.84 43.10 -9.60
CA ARG A 211 -31.49 43.69 -8.43
C ARG A 211 -31.71 45.19 -8.58
N GLY A 212 -31.01 45.85 -9.50
CA GLY A 212 -31.17 47.28 -9.69
C GLY A 212 -32.55 47.72 -10.12
N ASP A 213 -33.41 46.80 -10.55
CA ASP A 213 -34.78 47.17 -10.91
C ASP A 213 -35.59 47.66 -9.71
N TYR A 214 -35.14 47.39 -8.48
CA TYR A 214 -35.81 47.87 -7.28
C TYR A 214 -35.07 49.01 -6.62
N GLU A 215 -34.14 49.64 -7.34
CA GLU A 215 -33.32 50.72 -6.78
C GLU A 215 -34.12 52.01 -6.73
N VAL A 216 -34.12 52.65 -5.56
CA VAL A 216 -34.79 53.92 -5.35
C VAL A 216 -33.81 54.87 -4.66
N ASN A 217 -33.64 56.06 -5.23
CA ASN A 217 -32.68 57.03 -4.73
C ASN A 217 -33.29 58.43 -4.70
N GLY A 218 -32.82 59.25 -3.76
CA GLY A 218 -33.17 60.65 -3.69
C GLY A 218 -34.63 60.95 -3.41
N VAL A 219 -35.24 60.22 -2.48
CA VAL A 219 -36.62 60.46 -2.07
C VAL A 219 -36.73 60.82 -0.59
N ASP A 220 -35.66 60.67 0.19
CA ASP A 220 -35.61 61.05 1.60
C ASP A 220 -36.69 60.29 2.40
N GLY A 221 -36.51 58.97 2.45
CA GLY A 221 -37.39 58.09 3.20
C GLY A 221 -37.88 56.90 2.41
N TYR A 222 -38.03 57.03 1.09
CA TYR A 222 -38.45 55.94 0.23
C TYR A 222 -37.29 55.24 -0.46
N ASP A 223 -36.05 55.64 -0.15
CA ASP A 223 -34.88 55.11 -0.84
C ASP A 223 -34.73 53.61 -0.58
N TYR A 224 -34.24 52.91 -1.60
CA TYR A 224 -34.05 51.47 -1.53
C TYR A 224 -32.77 51.11 -2.26
N SER A 225 -31.82 50.52 -1.55
CA SER A 225 -30.54 50.13 -2.12
C SER A 225 -30.63 48.72 -2.68
N ARG A 226 -29.75 48.43 -3.64
CA ARG A 226 -29.72 47.12 -4.26
C ARG A 226 -29.34 46.02 -3.27
N GLY A 227 -28.43 46.29 -2.34
CA GLY A 227 -28.09 45.31 -1.33
C GLY A 227 -29.15 45.10 -0.27
N GLN A 228 -30.13 46.00 -0.17
CA GLN A 228 -31.22 45.83 0.78
C GLN A 228 -32.18 44.72 0.36
N LEU A 229 -32.27 44.44 -0.95
CA LEU A 229 -33.16 43.40 -1.43
C LEU A 229 -32.77 42.03 -0.86
N ILE A 230 -31.48 41.74 -0.82
CA ILE A 230 -31.01 40.44 -0.34
C ILE A 230 -31.42 40.25 1.11
N GLU A 231 -31.15 41.24 1.96
CA GLU A 231 -31.47 41.11 3.38
C GLU A 231 -32.98 41.06 3.60
N ASP A 232 -33.75 41.85 2.83
CA ASP A 232 -35.20 41.80 2.97
C ASP A 232 -35.75 40.43 2.59
N VAL A 233 -35.26 39.86 1.49
CA VAL A 233 -35.72 38.54 1.07
C VAL A 233 -35.34 37.48 2.10
N GLU A 234 -34.12 37.55 2.62
CA GLU A 234 -33.70 36.59 3.64
C GLU A 234 -34.54 36.70 4.90
N HIS A 235 -34.85 37.93 5.33
CA HIS A 235 -35.70 38.10 6.51
C HIS A 235 -37.11 37.58 6.26
N THR A 236 -37.66 37.83 5.06
CA THR A 236 -39.02 37.40 4.78
C THR A 236 -39.13 35.89 4.67
N PHE A 237 -38.11 35.22 4.13
CA PHE A 237 -38.20 33.77 3.92
C PHE A 237 -38.21 33.01 5.24
N GLU A 238 -37.51 33.53 6.25
CA GLU A 238 -37.50 32.89 7.57
C GLU A 238 -38.87 32.90 8.24
N GLU A 239 -39.77 33.80 7.83
CA GLU A 239 -41.13 33.84 8.36
C GLU A 239 -42.08 32.93 7.60
N ILE A 240 -41.72 32.54 6.36
CA ILE A 240 -42.46 31.51 5.64
C ILE A 240 -41.99 30.11 6.01
N LYS A 241 -40.74 29.96 6.43
CA LYS A 241 -40.24 28.63 6.79
C LYS A 241 -41.11 27.88 7.79
N PRO A 242 -41.67 28.48 8.85
CA PRO A 242 -42.53 27.70 9.75
C PRO A 242 -43.70 27.02 9.06
N LEU A 243 -44.34 27.70 8.10
CA LEU A 243 -45.44 27.09 7.35
C LEU A 243 -44.93 26.08 6.35
N TYR A 244 -43.82 26.38 5.69
CA TYR A 244 -43.28 25.48 4.67
C TYR A 244 -42.84 24.16 5.28
N GLU A 245 -42.31 24.20 6.50
CA GLU A 245 -41.89 22.96 7.15
C GLU A 245 -43.08 22.03 7.38
N HIS A 246 -44.19 22.57 7.87
CA HIS A 246 -45.38 21.76 8.10
C HIS A 246 -45.96 21.25 6.78
N LEU A 247 -46.00 22.10 5.76
CA LEU A 247 -46.50 21.66 4.46
C LEU A 247 -45.64 20.55 3.88
N HIS A 248 -44.31 20.69 4.00
CA HIS A 248 -43.39 19.67 3.53
C HIS A 248 -43.57 18.37 4.31
N ALA A 249 -43.76 18.47 5.63
CA ALA A 249 -43.98 17.26 6.43
C ALA A 249 -45.25 16.54 6.01
N TYR A 250 -46.34 17.29 5.78
CA TYR A 250 -47.57 16.67 5.35
C TYR A 250 -47.42 16.04 3.97
N VAL A 251 -46.74 16.72 3.06
CA VAL A 251 -46.52 16.17 1.72
C VAL A 251 -45.69 14.89 1.79
N ARG A 252 -44.65 14.88 2.62
CA ARG A 252 -43.84 13.67 2.78
C ARG A 252 -44.66 12.53 3.37
N ALA A 253 -45.48 12.83 4.38
CA ALA A 253 -46.30 11.78 4.99
C ALA A 253 -47.29 11.21 3.99
N LYS A 254 -47.90 12.08 3.16
CA LYS A 254 -48.86 11.59 2.19
C LYS A 254 -48.19 10.83 1.04
N LEU A 255 -46.98 11.23 0.64
CA LEU A 255 -46.24 10.50 -0.39
C LEU A 255 -45.67 9.19 0.12
N MET A 256 -45.51 9.05 1.44
CA MET A 256 -45.02 7.78 2.00
C MET A 256 -45.90 6.60 1.57
N ASN A 257 -47.21 6.83 1.45
CA ASN A 257 -48.15 5.78 1.09
C ASN A 257 -48.24 5.54 -0.41
N ALA A 258 -47.66 6.41 -1.23
CA ALA A 258 -47.69 6.26 -2.68
C ALA A 258 -46.41 5.68 -3.25
N TYR A 259 -45.26 5.96 -2.63
CA TYR A 259 -43.97 5.44 -3.06
C TYR A 259 -43.27 4.82 -1.86
N PRO A 260 -43.69 3.61 -1.47
CA PRO A 260 -43.16 3.01 -0.24
C PRO A 260 -41.68 2.68 -0.34
N SER A 261 -41.02 2.71 0.81
CA SER A 261 -39.61 2.36 0.96
C SER A 261 -38.68 3.27 0.15
N TYR A 262 -39.16 4.44 -0.23
CA TYR A 262 -38.33 5.43 -0.89
C TYR A 262 -38.35 6.79 -0.21
N ILE A 263 -39.49 7.17 0.37
CA ILE A 263 -39.62 8.43 1.10
C ILE A 263 -39.28 8.14 2.56
N SER A 264 -38.12 8.61 3.00
CA SER A 264 -37.78 8.43 4.41
C SER A 264 -38.62 9.36 5.28
N PRO A 265 -39.11 8.86 6.42
CA PRO A 265 -39.85 9.73 7.35
C PRO A 265 -38.97 10.74 8.06
N ILE A 266 -37.65 10.59 7.99
CA ILE A 266 -36.72 11.48 8.69
C ILE A 266 -35.98 12.41 7.74
N GLY A 267 -35.93 12.10 6.45
CA GLY A 267 -35.15 12.90 5.52
C GLY A 267 -36.00 13.79 4.63
N CYS A 268 -35.43 14.18 3.49
CA CYS A 268 -36.08 15.08 2.56
C CYS A 268 -36.86 14.29 1.52
N LEU A 269 -37.35 14.98 0.50
CA LEU A 269 -38.07 14.33 -0.59
C LEU A 269 -37.14 14.16 -1.78
N PRO A 270 -37.13 13.02 -2.45
CA PRO A 270 -36.40 12.91 -3.71
C PRO A 270 -36.94 13.89 -4.74
N ALA A 271 -36.05 14.44 -5.55
CA ALA A 271 -36.39 15.53 -6.45
C ALA A 271 -37.37 15.12 -7.55
N HIS A 272 -37.43 13.85 -7.91
CA HIS A 272 -38.24 13.41 -9.04
C HIS A 272 -39.65 13.02 -8.64
N LEU A 273 -40.04 13.23 -7.39
CA LEU A 273 -41.37 12.89 -6.91
C LEU A 273 -42.15 14.12 -6.48
N LEU A 274 -42.00 15.22 -7.21
CA LEU A 274 -42.70 16.46 -6.85
C LEU A 274 -43.67 16.90 -7.93
N GLY A 275 -44.16 15.95 -8.73
CA GLY A 275 -45.20 16.22 -9.69
C GLY A 275 -44.78 16.99 -10.93
N ASP A 276 -43.59 17.59 -10.91
CA ASP A 276 -43.11 18.39 -12.03
C ASP A 276 -41.64 18.06 -12.28
N MET A 277 -41.14 18.52 -13.44
CA MET A 277 -39.78 18.20 -13.83
C MET A 277 -38.76 18.80 -12.88
N TRP A 278 -38.94 20.06 -12.49
CA TRP A 278 -37.96 20.75 -11.67
C TRP A 278 -38.38 20.95 -10.22
N GLY A 279 -39.61 20.60 -9.86
CA GLY A 279 -40.11 20.87 -8.53
C GLY A 279 -40.51 22.30 -8.29
N ARG A 280 -40.55 23.14 -9.33
CA ARG A 280 -40.97 24.53 -9.16
C ARG A 280 -42.41 24.64 -8.69
N PHE A 281 -43.28 23.71 -9.12
CA PHE A 281 -44.67 23.70 -8.69
C PHE A 281 -45.00 22.32 -8.13
N TRP A 282 -45.71 22.29 -7.01
CA TRP A 282 -46.21 21.05 -6.43
C TRP A 282 -47.67 20.80 -6.77
N THR A 283 -48.21 21.50 -7.77
CA THR A 283 -49.63 21.39 -8.08
C THR A 283 -50.02 19.98 -8.48
N ASN A 284 -49.21 19.35 -9.35
CA ASN A 284 -49.54 18.01 -9.83
C ASN A 284 -49.50 16.96 -8.73
N LEU A 285 -48.93 17.28 -7.57
CA LEU A 285 -48.91 16.39 -6.42
C LEU A 285 -50.23 16.42 -5.65
N TYR A 286 -51.17 17.29 -6.03
CA TYR A 286 -52.42 17.46 -5.32
C TYR A 286 -53.20 16.15 -5.25
N SER A 287 -53.22 15.40 -6.35
CA SER A 287 -53.93 14.13 -6.39
C SER A 287 -53.36 13.15 -5.38
N LEU A 288 -52.06 13.27 -5.09
CA LEU A 288 -51.40 12.42 -4.12
C LEU A 288 -51.36 13.03 -2.72
N THR A 289 -51.92 14.24 -2.55
CA THR A 289 -51.88 14.89 -1.24
C THR A 289 -53.22 15.56 -0.90
N VAL A 290 -54.32 15.13 -1.50
CA VAL A 290 -55.61 15.78 -1.24
C VAL A 290 -56.01 15.54 0.20
N PRO A 291 -56.42 16.56 0.95
CA PRO A 291 -56.80 16.34 2.36
C PRO A 291 -58.00 15.42 2.50
N PHE A 292 -59.11 15.74 1.84
CA PHE A 292 -60.34 14.93 1.90
C PHE A 292 -60.75 14.63 0.46
N GLY A 293 -60.34 13.47 -0.04
CA GLY A 293 -60.64 13.10 -1.42
C GLY A 293 -62.09 12.77 -1.66
N GLN A 294 -62.83 12.39 -0.62
CA GLN A 294 -64.24 12.04 -0.79
C GLN A 294 -65.11 13.25 -1.09
N LYS A 295 -64.67 14.46 -0.73
CA LYS A 295 -65.41 15.67 -1.02
C LYS A 295 -64.92 16.27 -2.32
N PRO A 296 -65.76 16.34 -3.35
CA PRO A 296 -65.30 16.90 -4.64
C PRO A 296 -64.99 18.39 -4.53
N ASN A 297 -64.06 18.83 -5.36
CA ASN A 297 -63.67 20.23 -5.41
C ASN A 297 -64.78 21.05 -6.07
N ILE A 298 -64.77 22.36 -5.79
CA ILE A 298 -65.75 23.27 -6.37
C ILE A 298 -65.48 23.38 -7.86
N ASP A 299 -66.37 22.81 -8.67
CA ASP A 299 -66.25 22.83 -10.12
C ASP A 299 -67.54 23.38 -10.72
N VAL A 300 -67.42 24.34 -11.63
CA VAL A 300 -68.57 24.97 -12.25
C VAL A 300 -68.43 24.90 -13.77
N THR A 301 -67.53 24.05 -14.26
CA THR A 301 -67.35 23.91 -15.70
C THR A 301 -68.60 23.37 -16.39
N ASP A 302 -69.27 22.38 -15.80
CA ASP A 302 -70.49 21.85 -16.38
C ASP A 302 -71.66 22.81 -16.29
N ALA A 303 -71.72 23.63 -15.24
CA ALA A 303 -72.81 24.59 -15.08
C ALA A 303 -72.82 25.61 -16.21
N MET A 304 -71.64 26.09 -16.62
CA MET A 304 -71.56 27.03 -17.73
C MET A 304 -72.06 26.41 -19.02
N VAL A 305 -71.76 25.13 -19.25
CA VAL A 305 -72.26 24.45 -20.44
C VAL A 305 -73.78 24.35 -20.40
N ASP A 306 -74.35 24.05 -19.23
CA ASP A 306 -75.80 23.97 -19.12
C ASP A 306 -76.48 25.29 -19.42
N GLN A 307 -75.84 26.40 -19.06
CA GLN A 307 -76.36 27.73 -19.35
C GLN A 307 -75.86 28.28 -20.69
N ALA A 308 -75.08 27.49 -21.43
CA ALA A 308 -74.58 27.86 -22.75
C ALA A 308 -73.73 29.14 -22.67
N TRP A 309 -72.64 29.05 -21.91
CA TRP A 309 -71.71 30.16 -21.78
C TRP A 309 -70.66 30.07 -22.89
N ASP A 310 -70.78 30.94 -23.90
CA ASP A 310 -69.80 31.03 -24.95
C ASP A 310 -68.62 31.88 -24.50
N ALA A 311 -67.58 31.94 -25.31
CA ALA A 311 -66.42 32.80 -25.00
C ALA A 311 -66.64 34.21 -25.52
N GLN A 312 -67.79 34.80 -25.18
CA GLN A 312 -68.08 36.18 -25.48
C GLN A 312 -68.70 36.87 -24.27
N ARG A 313 -69.39 36.09 -23.43
CA ARG A 313 -70.09 36.64 -22.28
C ARG A 313 -69.28 36.59 -20.99
N ILE A 314 -68.30 35.68 -20.91
CA ILE A 314 -67.46 35.63 -19.71
C ILE A 314 -66.62 36.88 -19.60
N PHE A 315 -66.16 37.44 -20.73
CA PHE A 315 -65.49 38.73 -20.70
C PHE A 315 -66.42 39.83 -20.24
N LYS A 316 -67.70 39.76 -20.62
CA LYS A 316 -68.68 40.72 -20.12
C LYS A 316 -68.85 40.60 -18.61
N GLU A 317 -68.89 39.36 -18.10
CA GLU A 317 -68.98 39.16 -16.66
C GLU A 317 -67.76 39.71 -15.94
N ALA A 318 -66.57 39.49 -16.51
CA ALA A 318 -65.35 40.04 -15.92
C ALA A 318 -65.38 41.56 -15.93
N GLU A 319 -65.87 42.16 -17.02
CA GLU A 319 -66.00 43.60 -17.11
C GLU A 319 -66.95 44.14 -16.06
N LYS A 320 -68.07 43.43 -15.85
CA LYS A 320 -69.01 43.83 -14.80
C LYS A 320 -68.37 43.72 -13.42
N PHE A 321 -67.60 42.66 -13.18
CA PHE A 321 -66.88 42.53 -11.92
C PHE A 321 -65.91 43.69 -11.72
N PHE A 322 -65.19 44.07 -12.78
CA PHE A 322 -64.24 45.18 -12.69
C PHE A 322 -64.97 46.49 -12.40
N VAL A 323 -66.10 46.73 -13.06
CA VAL A 323 -66.81 48.00 -12.92
C VAL A 323 -67.55 48.03 -11.59
N SER A 324 -67.75 46.87 -10.97
CA SER A 324 -68.42 46.83 -9.67
C SER A 324 -67.60 47.52 -8.59
N VAL A 325 -66.27 47.59 -8.78
CA VAL A 325 -65.41 48.23 -7.81
C VAL A 325 -65.04 49.66 -8.19
N GLY A 326 -65.59 50.16 -9.30
CA GLY A 326 -65.32 51.51 -9.74
C GLY A 326 -64.37 51.63 -10.91
N LEU A 327 -63.74 50.53 -11.34
CA LEU A 327 -62.86 50.57 -12.48
C LEU A 327 -63.66 50.83 -13.76
N PRO A 328 -63.06 51.50 -14.75
CA PRO A 328 -63.82 51.93 -15.92
C PRO A 328 -64.26 50.76 -16.80
N ASN A 329 -65.08 51.09 -17.78
CA ASN A 329 -65.63 50.12 -18.73
C ASN A 329 -64.57 49.71 -19.75
N MET A 330 -64.97 48.91 -20.74
CA MET A 330 -64.06 48.49 -21.80
C MET A 330 -64.10 49.48 -22.96
N THR A 331 -63.01 49.48 -23.72
CA THR A 331 -62.90 50.35 -24.88
C THR A 331 -63.83 49.90 -25.99
N GLN A 332 -64.27 50.85 -26.82
CA GLN A 332 -65.18 50.54 -27.91
C GLN A 332 -64.55 49.59 -28.92
N GLY A 333 -63.28 49.83 -29.28
CA GLY A 333 -62.60 48.98 -30.23
C GLY A 333 -61.96 47.74 -29.65
N PHE A 334 -62.02 47.57 -28.33
CA PHE A 334 -61.41 46.39 -27.72
C PHE A 334 -62.11 45.10 -28.15
N TRP A 335 -63.45 45.11 -28.14
CA TRP A 335 -64.18 43.89 -28.49
C TRP A 335 -64.05 43.54 -29.96
N GLU A 336 -64.00 44.55 -30.83
CA GLU A 336 -63.93 44.29 -32.27
C GLU A 336 -62.58 43.70 -32.67
N ASN A 337 -61.49 44.25 -32.12
CA ASN A 337 -60.16 43.80 -32.51
C ASN A 337 -59.73 42.55 -31.77
N SER A 338 -60.45 42.18 -30.72
CA SER A 338 -60.04 41.05 -29.90
C SER A 338 -60.22 39.73 -30.65
N MET A 339 -59.56 38.69 -30.13
CA MET A 339 -59.65 37.32 -30.63
C MET A 339 -60.06 36.39 -29.50
N LEU A 340 -61.20 36.68 -28.87
CA LEU A 340 -61.66 35.96 -27.69
C LEU A 340 -61.99 34.50 -28.00
N THR A 341 -62.07 34.17 -29.30
CA THR A 341 -62.35 32.80 -29.72
C THR A 341 -61.23 32.34 -30.63
N ASP A 342 -60.96 31.04 -30.60
CA ASP A 342 -59.93 30.46 -31.44
C ASP A 342 -60.34 30.58 -32.90
N PRO A 343 -59.43 30.96 -33.81
CA PRO A 343 -59.81 31.13 -35.22
C PRO A 343 -59.90 29.82 -35.98
N GLY A 344 -59.87 28.70 -35.25
CA GLY A 344 -59.94 27.40 -35.91
C GLY A 344 -58.64 27.04 -36.60
N ASN A 345 -58.75 26.16 -37.60
CA ASN A 345 -57.59 25.70 -38.34
C ASN A 345 -57.26 26.56 -39.55
N VAL A 346 -58.23 27.32 -40.06
CA VAL A 346 -57.98 28.16 -41.24
C VAL A 346 -56.95 29.23 -40.91
N GLN A 347 -57.10 29.89 -39.77
CA GLN A 347 -56.16 30.91 -39.35
C GLN A 347 -55.29 30.38 -38.23
N LYS A 348 -53.97 30.47 -38.42
CA LYS A 348 -53.00 30.01 -37.44
C LYS A 348 -52.69 31.17 -36.49
N ALA A 349 -52.92 30.96 -35.20
CA ALA A 349 -52.66 31.97 -34.18
C ALA A 349 -52.11 31.29 -32.93
N VAL A 350 -51.58 32.11 -32.02
CA VAL A 350 -51.05 31.61 -30.76
C VAL A 350 -52.21 31.45 -29.78
N CYS A 351 -51.98 30.67 -28.72
CA CYS A 351 -53.03 30.44 -27.73
C CYS A 351 -52.65 30.83 -26.31
N HIS A 352 -51.46 31.34 -26.07
CA HIS A 352 -51.11 31.82 -24.74
C HIS A 352 -51.86 33.11 -24.45
N PRO A 353 -52.67 33.16 -23.39
CA PRO A 353 -53.42 34.40 -23.10
C PRO A 353 -52.49 35.56 -22.79
N THR A 354 -52.54 36.58 -23.63
CA THR A 354 -51.65 37.72 -23.50
C THR A 354 -52.44 39.01 -23.64
N ALA A 355 -52.01 40.04 -22.92
CA ALA A 355 -52.55 41.38 -23.04
C ALA A 355 -51.59 42.24 -23.84
N TRP A 356 -52.13 43.09 -24.72
CA TRP A 356 -51.34 43.90 -25.62
C TRP A 356 -51.76 45.35 -25.48
N ASP A 357 -50.77 46.22 -25.24
CA ASP A 357 -50.97 47.67 -25.17
C ASP A 357 -50.20 48.27 -26.35
N LEU A 358 -50.85 48.34 -27.50
CA LEU A 358 -50.22 48.85 -28.71
C LEU A 358 -49.92 50.35 -28.64
N GLY A 359 -50.76 51.13 -27.98
CA GLY A 359 -50.55 52.55 -27.87
C GLY A 359 -51.70 53.35 -28.46
N LYS A 360 -51.76 54.64 -28.12
CA LYS A 360 -52.83 55.53 -28.57
C LYS A 360 -54.21 54.96 -28.21
N GLY A 361 -54.29 54.43 -26.99
CA GLY A 361 -55.53 53.87 -26.49
C GLY A 361 -55.98 52.62 -27.23
N ASP A 362 -55.04 51.71 -27.50
CA ASP A 362 -55.34 50.45 -28.17
C ASP A 362 -54.92 49.31 -27.25
N PHE A 363 -55.91 48.67 -26.62
CA PHE A 363 -55.68 47.58 -25.70
C PHE A 363 -56.43 46.36 -26.18
N ARG A 364 -55.75 45.22 -26.27
CA ARG A 364 -56.31 44.02 -26.85
C ARG A 364 -55.89 42.79 -26.05
N ILE A 365 -56.61 41.69 -26.27
CA ILE A 365 -56.36 40.42 -25.59
C ILE A 365 -56.30 39.30 -26.63
N LEU A 366 -55.29 38.46 -26.53
CA LEU A 366 -55.19 37.25 -27.34
C LEU A 366 -55.39 36.03 -26.45
N MET A 367 -56.38 35.22 -26.78
CA MET A 367 -56.70 34.06 -25.95
C MET A 367 -57.59 33.06 -26.70
N CYS A 368 -57.11 31.80 -26.81
CA CYS A 368 -57.95 30.74 -27.36
C CYS A 368 -58.89 30.24 -26.28
N THR A 369 -59.91 31.03 -25.96
CA THR A 369 -60.76 30.76 -24.79
C THR A 369 -61.68 29.58 -25.06
N LYS A 370 -61.62 28.59 -24.17
CA LYS A 370 -62.55 27.48 -24.16
C LYS A 370 -63.65 27.77 -23.14
N VAL A 371 -64.47 26.77 -22.86
CA VAL A 371 -65.52 26.87 -21.85
C VAL A 371 -65.02 26.12 -20.63
N THR A 372 -64.37 26.83 -19.72
CA THR A 372 -63.78 26.23 -18.53
C THR A 372 -63.72 27.30 -17.44
N MET A 373 -63.79 26.84 -16.18
CA MET A 373 -63.61 27.74 -15.05
C MET A 373 -62.20 28.33 -15.04
N ASP A 374 -61.20 27.50 -15.37
CA ASP A 374 -59.84 28.02 -15.50
C ASP A 374 -59.75 29.09 -16.58
N ASP A 375 -60.49 28.91 -17.67
CA ASP A 375 -60.54 29.96 -18.69
C ASP A 375 -61.15 31.24 -18.14
N PHE A 376 -62.18 31.12 -17.29
CA PHE A 376 -62.78 32.29 -16.66
C PHE A 376 -61.77 33.02 -15.79
N LEU A 377 -61.03 32.27 -14.96
CA LEU A 377 -60.02 32.88 -14.11
C LEU A 377 -58.90 33.52 -14.93
N THR A 378 -58.50 32.87 -16.02
CA THR A 378 -57.45 33.42 -16.88
C THR A 378 -57.92 34.69 -17.56
N ALA A 379 -59.20 34.72 -17.97
CA ALA A 379 -59.78 35.93 -18.55
C ALA A 379 -59.76 37.07 -17.55
N HIS A 380 -60.10 36.77 -16.29
CA HIS A 380 -60.00 37.78 -15.24
C HIS A 380 -58.56 38.27 -15.09
N HIS A 381 -57.61 37.33 -15.12
CA HIS A 381 -56.20 37.68 -14.96
C HIS A 381 -55.74 38.61 -16.08
N GLU A 382 -56.12 38.31 -17.32
CA GLU A 382 -55.74 39.13 -18.47
C GLU A 382 -56.42 40.49 -18.45
N MET A 383 -57.69 40.53 -18.02
CA MET A 383 -58.37 41.81 -17.87
C MET A 383 -57.71 42.65 -16.80
N GLY A 384 -57.13 42.01 -15.79
CA GLY A 384 -56.34 42.74 -14.81
C GLY A 384 -55.15 43.46 -15.43
N HIS A 385 -54.42 42.74 -16.29
CA HIS A 385 -53.29 43.34 -17.01
C HIS A 385 -53.77 44.48 -17.90
N ILE A 386 -54.90 44.28 -18.58
CA ILE A 386 -55.46 45.30 -19.46
C ILE A 386 -55.79 46.55 -18.66
N GLN A 387 -56.44 46.38 -17.50
CA GLN A 387 -56.81 47.52 -16.66
C GLN A 387 -55.58 48.24 -16.16
N TYR A 388 -54.56 47.49 -15.74
CA TYR A 388 -53.31 48.11 -15.30
C TYR A 388 -52.67 48.92 -16.42
N ASP A 389 -52.63 48.37 -17.63
CA ASP A 389 -52.07 49.09 -18.76
C ASP A 389 -52.87 50.35 -19.07
N MET A 390 -54.19 50.27 -19.02
CA MET A 390 -55.05 51.42 -19.24
C MET A 390 -54.88 52.50 -18.17
N ALA A 391 -54.54 52.11 -16.94
CA ALA A 391 -54.50 53.07 -15.85
C ALA A 391 -53.45 54.16 -16.08
N TYR A 392 -52.26 53.78 -16.54
CA TYR A 392 -51.17 54.73 -16.73
C TYR A 392 -51.03 55.20 -18.17
N ALA A 393 -52.13 55.28 -18.92
CA ALA A 393 -52.05 55.72 -20.30
C ALA A 393 -51.59 57.17 -20.43
N ALA A 394 -51.89 58.02 -19.44
CA ALA A 394 -51.51 59.42 -19.48
C ALA A 394 -50.04 59.65 -19.16
N GLN A 395 -49.34 58.65 -18.61
CA GLN A 395 -47.94 58.79 -18.27
C GLN A 395 -47.08 58.82 -19.53
N PRO A 396 -45.87 59.37 -19.43
CA PRO A 396 -44.96 59.34 -20.58
C PRO A 396 -44.62 57.90 -20.96
N PHE A 397 -44.29 57.71 -22.24
CA PHE A 397 -44.08 56.37 -22.78
C PHE A 397 -43.02 55.61 -21.99
N LEU A 398 -41.95 56.29 -21.58
CA LEU A 398 -40.91 55.63 -20.80
C LEU A 398 -41.41 55.17 -19.43
N LEU A 399 -42.48 55.80 -18.92
CA LEU A 399 -43.04 55.45 -17.62
C LEU A 399 -44.31 54.61 -17.74
N ARG A 400 -44.62 54.13 -18.94
CA ARG A 400 -45.82 53.32 -19.16
C ARG A 400 -45.49 51.87 -18.85
N ASN A 401 -45.35 51.59 -17.55
CA ASN A 401 -45.05 50.26 -17.04
C ASN A 401 -45.37 50.27 -15.55
N GLY A 402 -45.37 49.09 -14.95
CA GLY A 402 -45.65 48.98 -13.53
C GLY A 402 -44.55 49.60 -12.68
N ALA A 403 -44.84 49.68 -11.38
CA ALA A 403 -43.86 50.24 -10.45
C ALA A 403 -42.57 49.43 -10.46
N ASN A 404 -42.69 48.11 -10.45
CA ASN A 404 -41.55 47.21 -10.66
C ASN A 404 -42.03 46.03 -11.49
N GLU A 405 -41.22 44.99 -11.55
CA GLU A 405 -41.53 43.85 -12.41
C GLU A 405 -42.62 42.96 -11.84
N GLY A 406 -42.90 43.04 -10.55
CA GLY A 406 -43.89 42.17 -9.93
C GLY A 406 -45.28 42.77 -9.81
N PHE A 407 -45.38 44.10 -9.91
CA PHE A 407 -46.66 44.76 -9.73
C PHE A 407 -47.68 44.33 -10.77
N HIS A 408 -47.24 44.20 -12.03
CA HIS A 408 -48.15 43.82 -13.11
C HIS A 408 -48.80 42.48 -12.83
N GLU A 409 -47.97 41.47 -12.52
CA GLU A 409 -48.51 40.15 -12.26
C GLU A 409 -49.31 40.10 -10.96
N ALA A 410 -48.92 40.89 -9.96
CA ALA A 410 -49.71 40.93 -8.73
C ALA A 410 -51.10 41.49 -8.98
N VAL A 411 -51.20 42.57 -9.76
CA VAL A 411 -52.51 43.13 -10.08
C VAL A 411 -53.30 42.17 -10.96
N GLY A 412 -52.63 41.44 -11.85
CA GLY A 412 -53.32 40.43 -12.63
C GLY A 412 -53.80 39.24 -11.82
N GLU A 413 -53.12 38.92 -10.73
CA GLU A 413 -53.46 37.74 -9.93
C GLU A 413 -54.46 38.03 -8.83
N ILE A 414 -54.53 39.27 -8.32
CA ILE A 414 -55.49 39.57 -7.26
C ILE A 414 -56.91 39.41 -7.76
N MET A 415 -57.16 39.76 -9.03
CA MET A 415 -58.49 39.55 -9.60
C MET A 415 -58.85 38.07 -9.64
N SER A 416 -57.91 37.22 -10.07
CA SER A 416 -58.18 35.79 -10.14
C SER A 416 -58.37 35.20 -8.75
N LEU A 417 -57.68 35.73 -7.75
CA LEU A 417 -57.85 35.24 -6.39
C LEU A 417 -59.27 35.46 -5.88
N SER A 418 -59.85 36.63 -6.17
CA SER A 418 -61.20 36.93 -5.71
C SER A 418 -62.26 36.27 -6.59
N ALA A 419 -61.99 36.13 -7.88
CA ALA A 419 -62.97 35.58 -8.81
C ALA A 419 -63.27 34.11 -8.53
N ALA A 420 -62.34 33.41 -7.88
CA ALA A 420 -62.49 31.99 -7.60
C ALA A 420 -63.24 31.69 -6.31
N THR A 421 -63.57 32.71 -5.53
CA THR A 421 -64.27 32.48 -4.26
C THR A 421 -65.68 31.97 -4.52
N PRO A 422 -66.16 31.00 -3.74
CA PRO A 422 -67.54 30.54 -3.92
C PRO A 422 -68.58 31.62 -3.65
N LYS A 423 -68.23 32.65 -2.89
CA LYS A 423 -69.15 33.76 -2.65
C LYS A 423 -69.48 34.48 -3.95
N HIS A 424 -68.47 34.70 -4.80
CA HIS A 424 -68.72 35.32 -6.09
C HIS A 424 -69.40 34.35 -7.04
N LEU A 425 -69.05 33.06 -6.96
CA LEU A 425 -69.64 32.07 -7.86
C LEU A 425 -71.13 31.91 -7.61
N LYS A 426 -71.56 31.90 -6.35
CA LYS A 426 -72.98 31.78 -6.04
C LYS A 426 -73.76 33.04 -6.37
N SER A 427 -73.08 34.19 -6.52
CA SER A 427 -73.73 35.43 -6.92
C SER A 427 -73.69 35.66 -8.42
N ILE A 428 -72.84 34.94 -9.15
CA ILE A 428 -72.81 35.03 -10.60
C ILE A 428 -73.74 34.03 -11.27
N GLY A 429 -74.21 33.02 -10.54
CA GLY A 429 -75.17 32.06 -11.05
C GLY A 429 -74.61 30.70 -11.40
N LEU A 430 -73.30 30.55 -11.52
CA LEU A 430 -72.71 29.24 -11.81
C LEU A 430 -72.79 28.29 -10.63
N LEU A 431 -72.70 28.81 -9.41
CA LEU A 431 -72.83 28.01 -8.19
C LEU A 431 -74.24 28.25 -7.64
N SER A 432 -74.94 27.16 -7.37
CA SER A 432 -76.30 27.24 -6.85
C SER A 432 -76.31 27.90 -5.48
N PRO A 433 -77.29 28.77 -5.20
CA PRO A 433 -77.34 29.41 -3.87
C PRO A 433 -77.51 28.43 -2.73
N ASP A 434 -78.10 27.26 -2.98
CA ASP A 434 -78.24 26.23 -1.95
C ASP A 434 -76.98 25.35 -1.92
N PHE A 435 -75.85 25.99 -1.64
CA PHE A 435 -74.57 25.31 -1.59
C PHE A 435 -73.75 25.98 -0.48
N GLN A 436 -73.69 25.34 0.67
CA GLN A 436 -72.94 25.85 1.82
C GLN A 436 -71.55 25.25 1.83
N GLU A 437 -70.54 26.11 1.89
CA GLU A 437 -69.15 25.66 1.88
C GLU A 437 -68.79 25.08 3.25
N ASP A 438 -68.18 23.92 3.26
CA ASP A 438 -67.79 23.27 4.50
C ASP A 438 -66.35 23.64 4.86
N ASN A 439 -65.99 23.37 6.12
CA ASN A 439 -64.63 23.60 6.57
C ASN A 439 -63.63 22.64 5.95
N GLU A 440 -64.08 21.55 5.35
CA GLU A 440 -63.19 20.62 4.67
C GLU A 440 -62.95 21.00 3.22
N THR A 441 -63.97 21.48 2.51
CA THR A 441 -63.75 22.00 1.17
C THR A 441 -62.84 23.23 1.21
N GLU A 442 -62.98 24.07 2.24
CA GLU A 442 -62.08 25.20 2.40
C GLU A 442 -60.64 24.73 2.61
N ILE A 443 -60.45 23.68 3.41
CA ILE A 443 -59.12 23.12 3.61
C ILE A 443 -58.56 22.58 2.30
N ASN A 444 -59.38 21.87 1.51
CA ASN A 444 -58.91 21.35 0.23
C ASN A 444 -58.50 22.47 -0.71
N PHE A 445 -59.33 23.52 -0.81
CA PHE A 445 -59.00 24.65 -1.68
C PHE A 445 -57.74 25.36 -1.21
N LEU A 446 -57.60 25.56 0.10
CA LEU A 446 -56.41 26.22 0.63
C LEU A 446 -55.16 25.39 0.38
N LEU A 447 -55.23 24.07 0.53
CA LEU A 447 -54.08 23.24 0.24
C LEU A 447 -53.73 23.23 -1.24
N LYS A 448 -54.75 23.23 -2.11
CA LYS A 448 -54.47 23.30 -3.55
C LYS A 448 -53.80 24.62 -3.92
N GLN A 449 -54.27 25.73 -3.33
CA GLN A 449 -53.61 27.01 -3.55
C GLN A 449 -52.20 27.02 -2.99
N ALA A 450 -52.02 26.40 -1.81
CA ALA A 450 -50.72 26.38 -1.16
C ALA A 450 -49.69 25.62 -1.98
N LEU A 451 -50.07 24.47 -2.53
CA LEU A 451 -49.12 23.65 -3.27
C LEU A 451 -48.51 24.40 -4.45
N THR A 452 -49.16 25.46 -4.92
CA THR A 452 -48.57 26.38 -5.88
C THR A 452 -47.85 27.54 -5.20
N ILE A 453 -48.56 28.29 -4.35
CA ILE A 453 -48.01 29.54 -3.83
C ILE A 453 -46.81 29.26 -2.93
N VAL A 454 -47.00 28.47 -1.88
CA VAL A 454 -45.90 28.18 -0.97
C VAL A 454 -44.97 27.15 -1.58
N GLY A 455 -45.43 26.42 -2.60
CA GLY A 455 -44.56 25.50 -3.29
C GLY A 455 -43.47 26.19 -4.09
N THR A 456 -43.82 27.29 -4.76
CA THR A 456 -42.87 27.96 -5.64
C THR A 456 -41.98 28.96 -4.91
N LEU A 457 -42.22 29.21 -3.63
CA LEU A 457 -41.46 30.25 -2.93
C LEU A 457 -40.04 29.79 -2.54
N PRO A 458 -39.88 28.67 -1.81
CA PRO A 458 -38.51 28.27 -1.43
C PRO A 458 -37.64 27.97 -2.63
N PHE A 459 -38.22 27.37 -3.67
CA PHE A 459 -37.45 27.09 -4.88
C PHE A 459 -37.00 28.38 -5.55
N THR A 460 -37.90 29.36 -5.64
CA THR A 460 -37.53 30.64 -6.24
C THR A 460 -36.42 31.32 -5.44
N TYR A 461 -36.56 31.35 -4.11
CA TYR A 461 -35.55 32.00 -3.29
C TYR A 461 -34.21 31.30 -3.40
N MET A 462 -34.21 29.96 -3.39
CA MET A 462 -32.96 29.22 -3.48
C MET A 462 -32.30 29.40 -4.84
N LEU A 463 -33.09 29.37 -5.91
CA LEU A 463 -32.54 29.57 -7.24
C LEU A 463 -31.93 30.97 -7.37
N GLU A 464 -32.63 31.99 -6.87
CA GLU A 464 -32.09 33.34 -6.96
C GLU A 464 -30.86 33.51 -6.08
N LYS A 465 -30.84 32.91 -4.90
CA LYS A 465 -29.65 32.97 -4.06
C LYS A 465 -28.46 32.29 -4.73
N TRP A 466 -28.68 31.13 -5.35
CA TRP A 466 -27.60 30.46 -6.06
C TRP A 466 -27.09 31.28 -7.24
N ARG A 467 -28.00 31.86 -8.02
CA ARG A 467 -27.58 32.68 -9.16
C ARG A 467 -26.83 33.92 -8.70
N TRP A 468 -27.29 34.58 -7.64
CA TRP A 468 -26.59 35.75 -7.12
C TRP A 468 -25.21 35.39 -6.59
N MET A 469 -25.10 34.27 -5.86
CA MET A 469 -23.80 33.84 -5.36
C MET A 469 -22.86 33.41 -6.48
N VAL A 470 -23.38 32.85 -7.57
CA VAL A 470 -22.53 32.50 -8.71
C VAL A 470 -22.05 33.76 -9.42
N PHE A 471 -22.97 34.70 -9.69
CA PHE A 471 -22.58 35.92 -10.38
C PHE A 471 -21.69 36.82 -9.52
N LYS A 472 -21.70 36.65 -8.21
CA LYS A 472 -20.84 37.42 -7.32
C LYS A 472 -19.49 36.77 -7.10
N GLY A 473 -19.29 35.55 -7.61
CA GLY A 473 -18.02 34.87 -7.52
C GLY A 473 -17.78 34.12 -6.23
N GLU A 474 -18.72 34.13 -5.30
CA GLU A 474 -18.54 33.46 -4.02
C GLU A 474 -18.46 31.95 -4.19
N ILE A 475 -18.98 31.43 -5.28
CA ILE A 475 -18.98 30.00 -5.56
C ILE A 475 -17.95 29.73 -6.65
N PRO A 476 -16.93 28.93 -6.38
CA PRO A 476 -15.93 28.61 -7.43
C PRO A 476 -16.58 27.85 -8.58
N LYS A 477 -15.98 27.99 -9.77
CA LYS A 477 -16.53 27.36 -10.96
C LYS A 477 -16.56 25.84 -10.83
N ASP A 478 -15.65 25.27 -10.05
CA ASP A 478 -15.59 23.83 -9.85
C ASP A 478 -16.39 23.37 -8.62
N GLN A 479 -17.26 24.22 -8.09
CA GLN A 479 -18.05 23.88 -6.92
C GLN A 479 -19.48 24.38 -7.05
N TRP A 480 -20.01 24.43 -8.28
CA TRP A 480 -21.38 24.89 -8.47
C TRP A 480 -22.38 23.86 -7.99
N MET A 481 -22.39 22.68 -8.62
CA MET A 481 -23.41 21.68 -8.30
C MET A 481 -23.34 21.25 -6.84
N LYS A 482 -22.13 21.01 -6.33
CA LYS A 482 -22.00 20.64 -4.93
C LYS A 482 -22.61 21.69 -4.03
N LYS A 483 -22.53 22.96 -4.42
CA LYS A 483 -23.22 23.99 -3.66
C LYS A 483 -24.73 23.97 -3.92
N TRP A 484 -25.14 23.77 -5.18
CA TRP A 484 -26.56 23.82 -5.51
C TRP A 484 -27.34 22.76 -4.75
N TRP A 485 -26.90 21.51 -4.83
CA TRP A 485 -27.54 20.44 -4.08
C TRP A 485 -27.27 20.53 -2.59
N GLU A 486 -26.36 21.40 -2.16
CA GLU A 486 -26.23 21.71 -0.74
C GLU A 486 -27.23 22.77 -0.30
N MET A 487 -27.74 23.58 -1.25
CA MET A 487 -28.74 24.57 -0.90
C MET A 487 -30.15 23.99 -0.95
N LYS A 488 -30.40 23.07 -1.89
CA LYS A 488 -31.71 22.44 -1.96
C LYS A 488 -31.99 21.55 -0.76
N ARG A 489 -30.96 20.99 -0.15
CA ARG A 489 -31.13 20.09 0.99
C ARG A 489 -31.48 20.81 2.28
N GLU A 490 -31.23 22.12 2.37
CA GLU A 490 -31.48 22.86 3.60
C GLU A 490 -32.36 24.08 3.44
N ILE A 491 -32.82 24.40 2.23
CA ILE A 491 -33.73 25.52 2.03
C ILE A 491 -35.05 24.99 1.49
N VAL A 492 -35.00 24.29 0.36
CA VAL A 492 -36.22 23.72 -0.22
C VAL A 492 -36.55 22.39 0.44
N GLY A 493 -35.55 21.70 0.96
CA GLY A 493 -35.78 20.42 1.58
C GLY A 493 -35.97 19.32 0.56
N VAL A 494 -35.22 19.40 -0.53
CA VAL A 494 -35.29 18.44 -1.62
C VAL A 494 -33.90 17.91 -1.89
N VAL A 495 -33.79 16.58 -1.97
CA VAL A 495 -32.51 15.90 -2.12
C VAL A 495 -32.49 15.20 -3.47
N GLU A 496 -31.35 15.27 -4.15
CA GLU A 496 -31.22 14.66 -5.47
C GLU A 496 -31.29 13.14 -5.34
N PRO A 497 -31.98 12.45 -6.25
CA PRO A 497 -32.02 10.98 -6.16
C PRO A 497 -30.68 10.32 -6.45
N VAL A 498 -29.89 10.88 -7.36
CA VAL A 498 -28.59 10.30 -7.71
C VAL A 498 -27.53 11.39 -7.67
N PRO A 499 -26.29 11.08 -7.32
CA PRO A 499 -25.25 12.12 -7.21
C PRO A 499 -24.96 12.76 -8.56
N HIS A 500 -24.66 14.06 -8.52
CA HIS A 500 -24.29 14.82 -9.70
C HIS A 500 -22.95 15.50 -9.46
N ASP A 501 -22.03 15.36 -10.41
CA ASP A 501 -20.73 16.01 -10.32
C ASP A 501 -20.80 17.39 -10.95
N GLU A 502 -19.65 18.00 -11.19
CA GLU A 502 -19.57 19.34 -11.78
C GLU A 502 -19.88 19.35 -13.27
N THR A 503 -20.01 18.18 -13.90
CA THR A 503 -20.34 18.11 -15.32
C THR A 503 -21.80 18.39 -15.59
N TYR A 504 -22.65 18.40 -14.57
CA TYR A 504 -24.07 18.72 -14.71
C TYR A 504 -24.30 20.20 -14.47
N CYS A 505 -25.41 20.69 -15.02
CA CYS A 505 -25.81 22.09 -14.85
C CYS A 505 -27.31 22.15 -14.55
N ASP A 506 -27.74 21.36 -13.56
CA ASP A 506 -29.15 21.18 -13.24
C ASP A 506 -29.99 22.46 -13.28
N PRO A 507 -29.58 23.56 -12.63
CA PRO A 507 -30.40 24.79 -12.73
C PRO A 507 -30.58 25.28 -14.15
N ALA A 508 -29.61 25.04 -15.04
CA ALA A 508 -29.74 25.47 -16.42
C ALA A 508 -30.82 24.68 -17.16
N SER A 509 -31.25 23.54 -16.62
CA SER A 509 -32.35 22.80 -17.24
C SER A 509 -33.67 23.53 -17.14
N LEU A 510 -33.77 24.56 -16.30
CA LEU A 510 -34.97 25.36 -16.18
C LEU A 510 -35.02 26.41 -17.28
N PHE A 511 -36.23 26.70 -17.75
CA PHE A 511 -36.40 27.64 -18.86
C PHE A 511 -35.90 29.03 -18.50
N HIS A 512 -36.23 29.50 -17.30
CA HIS A 512 -35.90 30.88 -16.92
C HIS A 512 -34.41 31.06 -16.65
N VAL A 513 -33.65 29.98 -16.50
CA VAL A 513 -32.22 30.11 -16.25
C VAL A 513 -31.45 30.12 -17.57
N SER A 514 -31.83 29.26 -18.51
CA SER A 514 -31.11 29.14 -19.78
C SER A 514 -31.47 30.25 -20.77
N ASN A 515 -32.48 31.06 -20.47
CA ASN A 515 -32.91 32.13 -21.36
C ASN A 515 -32.69 33.51 -20.77
N ASP A 516 -31.91 33.62 -19.70
CA ASP A 516 -31.52 34.92 -19.12
C ASP A 516 -32.74 35.75 -18.71
N TYR A 517 -33.49 35.21 -17.75
CA TYR A 517 -34.63 35.91 -17.17
C TYR A 517 -34.43 36.00 -15.66
N SER A 518 -34.60 37.21 -15.13
CA SER A 518 -34.53 37.39 -13.68
C SER A 518 -35.66 36.63 -13.01
N PHE A 519 -35.33 35.87 -11.97
CA PHE A 519 -36.30 34.99 -11.33
C PHE A 519 -36.78 35.51 -9.98
N ILE A 520 -36.16 36.57 -9.44
CA ILE A 520 -36.63 37.14 -8.18
C ILE A 520 -38.00 37.76 -8.34
N ARG A 521 -38.39 38.12 -9.57
CA ARG A 521 -39.70 38.71 -9.81
C ARG A 521 -40.82 37.79 -9.34
N TYR A 522 -40.68 36.49 -9.58
CA TYR A 522 -41.69 35.54 -9.15
C TYR A 522 -41.76 35.39 -7.63
N TYR A 523 -40.76 35.86 -6.89
CA TYR A 523 -40.84 35.82 -5.44
C TYR A 523 -41.64 36.98 -4.90
N THR A 524 -41.22 38.21 -5.21
CA THR A 524 -41.90 39.39 -4.69
C THR A 524 -43.36 39.44 -5.13
N ARG A 525 -43.63 39.07 -6.39
CA ARG A 525 -45.01 39.03 -6.86
C ARG A 525 -45.87 38.10 -6.01
N THR A 526 -45.27 37.03 -5.48
CA THR A 526 -46.03 36.14 -4.61
C THR A 526 -46.49 36.85 -3.34
N LEU A 527 -45.66 37.75 -2.81
CA LEU A 527 -46.04 38.48 -1.61
C LEU A 527 -46.99 39.63 -1.94
N TYR A 528 -46.64 40.46 -2.91
CA TYR A 528 -47.37 41.71 -3.17
C TYR A 528 -48.86 41.47 -3.30
N GLN A 529 -49.25 40.45 -4.08
CA GLN A 529 -50.67 40.18 -4.29
C GLN A 529 -51.40 40.04 -2.97
N PHE A 530 -50.87 39.22 -2.06
CA PHE A 530 -51.50 39.11 -0.74
C PHE A 530 -51.51 40.43 -0.02
N GLN A 531 -50.38 41.16 -0.05
CA GLN A 531 -50.36 42.50 0.53
C GLN A 531 -51.42 43.38 -0.10
N PHE A 532 -51.64 43.22 -1.41
CA PHE A 532 -52.76 43.91 -2.04
C PHE A 532 -54.09 43.36 -1.53
N GLN A 533 -54.24 42.03 -1.57
CA GLN A 533 -55.53 41.41 -1.27
C GLN A 533 -55.97 41.74 0.15
N GLU A 534 -55.08 41.46 1.12
CA GLU A 534 -55.40 41.80 2.51
C GLU A 534 -55.72 43.27 2.67
N ALA A 535 -55.09 44.14 1.87
CA ALA A 535 -55.45 45.56 1.91
C ALA A 535 -56.83 45.79 1.32
N LEU A 536 -57.11 45.19 0.16
CA LEU A 536 -58.36 45.45 -0.53
C LEU A 536 -59.56 44.90 0.23
N CYS A 537 -59.37 43.88 1.06
CA CYS A 537 -60.44 43.38 1.91
C CYS A 537 -60.70 44.28 3.10
N GLN A 538 -59.74 45.16 3.45
CA GLN A 538 -60.00 46.13 4.51
C GLN A 538 -60.92 47.24 4.02
N ALA A 539 -60.70 47.73 2.79
CA ALA A 539 -61.61 48.73 2.22
C ALA A 539 -62.96 48.12 1.90
N ALA A 540 -62.99 46.85 1.49
CA ALA A 540 -64.24 46.15 1.25
C ALA A 540 -64.95 45.73 2.52
N LYS A 541 -64.31 45.92 3.69
CA LYS A 541 -64.89 45.61 4.99
C LYS A 541 -65.24 44.12 5.09
N HIS A 542 -64.21 43.29 4.92
CA HIS A 542 -64.35 41.84 5.05
C HIS A 542 -64.21 41.43 6.51
N GLU A 543 -65.11 40.57 6.96
CA GLU A 543 -65.15 40.14 8.36
C GLU A 543 -64.59 38.74 8.57
N GLY A 544 -64.85 37.82 7.63
CA GLY A 544 -64.45 36.45 7.78
C GLY A 544 -63.01 36.20 7.37
N PRO A 545 -62.68 34.94 7.09
CA PRO A 545 -61.31 34.62 6.67
C PRO A 545 -60.96 35.27 5.34
N LEU A 546 -59.65 35.52 5.17
CA LEU A 546 -59.16 36.21 3.98
C LEU A 546 -59.46 35.45 2.69
N HIS A 547 -59.41 34.12 2.73
CA HIS A 547 -59.65 33.32 1.52
C HIS A 547 -61.10 33.37 1.07
N LYS A 548 -62.03 33.80 1.91
CA LYS A 548 -63.43 33.97 1.53
C LYS A 548 -63.75 35.41 1.15
N CYS A 549 -62.77 36.30 1.16
CA CYS A 549 -63.00 37.71 0.88
C CYS A 549 -63.33 37.93 -0.58
N ASP A 550 -64.21 38.89 -0.83
CA ASP A 550 -64.56 39.31 -2.17
C ASP A 550 -64.58 40.83 -2.21
N ILE A 551 -63.78 41.41 -3.11
CA ILE A 551 -63.66 42.87 -3.20
C ILE A 551 -64.66 43.48 -4.17
N SER A 552 -65.58 42.69 -4.71
CA SER A 552 -66.55 43.20 -5.67
C SER A 552 -67.56 44.11 -4.98
N ASN A 553 -68.22 44.98 -5.74
CA ASN A 553 -69.26 45.88 -5.25
C ASN A 553 -68.72 46.86 -4.22
N SER A 554 -67.40 47.01 -4.15
CA SER A 554 -66.76 47.93 -3.22
C SER A 554 -65.99 48.98 -4.03
N THR A 555 -66.54 50.19 -4.08
CA THR A 555 -65.92 51.27 -4.84
C THR A 555 -64.70 51.85 -4.14
N GLU A 556 -64.68 51.86 -2.80
CA GLU A 556 -63.53 52.39 -2.08
C GLU A 556 -62.27 51.58 -2.35
N ALA A 557 -62.37 50.25 -2.35
CA ALA A 557 -61.21 49.42 -2.66
C ALA A 557 -60.74 49.66 -4.09
N GLY A 558 -61.68 49.80 -5.02
CA GLY A 558 -61.31 50.08 -6.39
C GLY A 558 -60.59 51.40 -6.55
N GLN A 559 -61.06 52.43 -5.83
CA GLN A 559 -60.39 53.73 -5.88
C GLN A 559 -59.00 53.66 -5.24
N LYS A 560 -58.88 52.94 -4.13
CA LYS A 560 -57.57 52.77 -3.50
C LYS A 560 -56.59 52.07 -4.43
N LEU A 561 -57.05 51.02 -5.12
CA LEU A 561 -56.20 50.34 -6.09
C LEU A 561 -55.86 51.25 -7.26
N PHE A 562 -56.83 52.01 -7.76
CA PHE A 562 -56.60 52.87 -8.92
C PHE A 562 -55.63 53.99 -8.59
N ASN A 563 -55.62 54.46 -7.34
CA ASN A 563 -54.67 55.50 -6.96
C ASN A 563 -53.23 55.06 -7.21
N MET A 564 -52.94 53.78 -7.04
CA MET A 564 -51.62 53.24 -7.36
C MET A 564 -51.51 52.82 -8.82
N LEU A 565 -52.61 52.33 -9.41
CA LEU A 565 -52.57 51.89 -10.81
C LEU A 565 -52.25 53.03 -11.75
N ARG A 566 -52.86 54.21 -11.52
CA ARG A 566 -52.63 55.37 -12.37
C ARG A 566 -51.21 55.91 -12.18
N LEU A 567 -50.59 55.57 -11.05
CA LEU A 567 -49.27 56.11 -10.73
C LEU A 567 -48.23 55.64 -11.74
N GLY A 568 -48.28 54.36 -12.12
CA GLY A 568 -47.28 53.83 -13.03
C GLY A 568 -45.91 53.83 -12.39
N LYS A 569 -44.89 54.06 -13.21
CA LYS A 569 -43.51 54.13 -12.73
C LYS A 569 -43.11 55.53 -12.30
N SER A 570 -44.00 56.51 -12.42
CA SER A 570 -43.65 57.90 -12.14
C SER A 570 -43.12 58.09 -10.73
N GLU A 571 -43.53 57.26 -9.80
CA GLU A 571 -43.09 57.33 -8.41
C GLU A 571 -42.44 56.02 -8.00
N PRO A 572 -41.61 56.04 -6.96
CA PRO A 572 -40.98 54.79 -6.50
C PRO A 572 -42.01 53.77 -6.07
N TRP A 573 -41.66 52.49 -6.29
CA TRP A 573 -42.58 51.40 -5.96
C TRP A 573 -42.92 51.36 -4.48
N THR A 574 -42.01 51.85 -3.63
CA THR A 574 -42.32 51.93 -2.20
C THR A 574 -43.47 52.90 -1.94
N LEU A 575 -43.45 54.06 -2.60
CA LEU A 575 -44.55 55.00 -2.46
C LEU A 575 -45.84 54.41 -3.01
N ALA A 576 -45.76 53.67 -4.11
CA ALA A 576 -46.94 53.00 -4.65
C ALA A 576 -47.51 51.99 -3.67
N LEU A 577 -46.63 51.23 -3.00
CA LEU A 577 -47.09 50.30 -1.97
C LEU A 577 -47.74 51.03 -0.81
N GLU A 578 -47.16 52.15 -0.38
CA GLU A 578 -47.72 52.90 0.74
C GLU A 578 -49.09 53.49 0.40
N ASN A 579 -49.42 53.62 -0.88
CA ASN A 579 -50.73 54.11 -1.29
C ASN A 579 -51.82 53.04 -1.22
N VAL A 580 -51.45 51.78 -1.05
CA VAL A 580 -52.43 50.69 -0.98
C VAL A 580 -52.31 49.98 0.34
N VAL A 581 -51.12 49.43 0.63
CA VAL A 581 -50.92 48.68 1.87
C VAL A 581 -50.47 49.56 3.02
N GLY A 582 -50.13 50.82 2.76
CA GLY A 582 -49.70 51.71 3.83
C GLY A 582 -48.31 51.44 4.36
N ALA A 583 -47.51 50.65 3.64
CA ALA A 583 -46.16 50.33 4.06
C ALA A 583 -45.21 50.57 2.91
N LYS A 584 -43.96 50.89 3.25
CA LYS A 584 -42.94 51.18 2.26
C LYS A 584 -42.12 49.96 1.84
N ASN A 585 -42.03 48.95 2.69
CA ASN A 585 -41.28 47.74 2.39
C ASN A 585 -42.21 46.55 2.26
N MET A 586 -41.78 45.57 1.47
CA MET A 586 -42.59 44.37 1.28
C MET A 586 -42.70 43.60 2.58
N ASN A 587 -43.90 43.12 2.89
CA ASN A 587 -44.18 42.39 4.11
C ASN A 587 -44.78 41.03 3.78
N VAL A 588 -44.42 40.03 4.57
CA VAL A 588 -44.86 38.66 4.34
C VAL A 588 -46.03 38.26 5.22
N ARG A 589 -46.41 39.08 6.19
CA ARG A 589 -47.51 38.75 7.09
C ARG A 589 -48.83 38.47 6.37
N PRO A 590 -49.22 39.20 5.32
CA PRO A 590 -50.50 38.86 4.64
C PRO A 590 -50.56 37.43 4.14
N LEU A 591 -49.46 36.86 3.65
CA LEU A 591 -49.47 35.48 3.20
C LEU A 591 -49.76 34.53 4.35
N LEU A 592 -49.11 34.74 5.50
CA LEU A 592 -49.37 33.91 6.67
C LEU A 592 -50.80 34.08 7.17
N ASN A 593 -51.33 35.29 7.13
CA ASN A 593 -52.72 35.51 7.51
C ASN A 593 -53.67 34.77 6.57
N TYR A 594 -53.36 34.77 5.27
CA TYR A 594 -54.15 34.05 4.29
C TYR A 594 -54.13 32.54 4.52
N PHE A 595 -52.97 31.98 4.86
CA PHE A 595 -52.82 30.54 4.99
C PHE A 595 -52.96 30.04 6.42
N GLU A 596 -53.29 30.92 7.37
CA GLU A 596 -53.48 30.51 8.76
C GLU A 596 -54.51 29.40 8.94
N PRO A 597 -55.70 29.43 8.32
CA PRO A 597 -56.61 28.29 8.46
C PRO A 597 -56.02 26.97 8.01
N LEU A 598 -55.18 26.98 6.98
CA LEU A 598 -54.44 25.79 6.58
C LEU A 598 -53.28 25.48 7.52
N PHE A 599 -52.61 26.51 8.04
CA PHE A 599 -51.48 26.28 8.93
C PHE A 599 -51.92 25.58 10.21
N THR A 600 -53.05 25.99 10.78
CA THR A 600 -53.54 25.34 11.99
C THR A 600 -53.87 23.87 11.73
N TRP A 601 -54.54 23.58 10.61
CA TRP A 601 -54.88 22.21 10.27
C TRP A 601 -53.62 21.37 10.05
N LEU A 602 -52.62 21.92 9.36
CA LEU A 602 -51.38 21.19 9.13
C LEU A 602 -50.63 20.93 10.43
N LYS A 603 -50.63 21.91 11.35
CA LYS A 603 -50.02 21.68 12.66
C LYS A 603 -50.77 20.59 13.42
N ASP A 604 -52.10 20.56 13.32
CA ASP A 604 -52.90 19.51 13.94
C ASP A 604 -52.77 18.17 13.23
N GLN A 605 -52.32 18.16 11.97
CA GLN A 605 -52.18 16.94 11.21
C GLN A 605 -50.78 16.34 11.27
N ASN A 606 -49.87 16.94 12.05
CA ASN A 606 -48.50 16.47 12.16
C ASN A 606 -48.13 16.24 13.62
N LYS A 607 -49.07 15.73 14.41
CA LYS A 607 -48.82 15.50 15.83
C LYS A 607 -47.80 14.38 16.02
N ASN A 608 -47.95 13.28 15.28
CA ASN A 608 -47.08 12.13 15.43
C ASN A 608 -45.92 12.12 14.45
N SER A 609 -46.05 12.80 13.31
CA SER A 609 -44.98 12.82 12.32
C SER A 609 -43.88 13.78 12.77
N PHE A 610 -42.74 13.71 12.07
CA PHE A 610 -41.58 14.53 12.37
C PHE A 610 -41.55 15.71 11.41
N VAL A 611 -41.55 16.92 11.97
CA VAL A 611 -41.51 18.14 11.16
C VAL A 611 -40.05 18.53 10.95
N GLY A 612 -39.73 18.97 9.74
CA GLY A 612 -38.39 19.33 9.38
C GLY A 612 -37.75 18.26 8.49
N TRP A 613 -36.45 18.43 8.28
CA TRP A 613 -35.69 17.48 7.46
C TRP A 613 -34.23 17.54 7.87
N SER A 614 -33.49 16.51 7.47
CA SER A 614 -32.08 16.40 7.78
C SER A 614 -31.25 16.55 6.51
N THR A 615 -30.13 17.26 6.63
CA THR A 615 -29.23 17.51 5.50
C THR A 615 -28.20 16.39 5.33
N ASP A 616 -28.44 15.22 5.90
CA ASP A 616 -27.49 14.13 5.85
C ASP A 616 -28.01 12.87 5.16
N TRP A 617 -29.31 12.78 4.89
CA TRP A 617 -29.88 11.60 4.24
C TRP A 617 -30.06 11.85 2.74
N SER A 618 -29.97 10.77 1.98
CA SER A 618 -30.15 10.81 0.54
C SER A 618 -30.54 9.42 0.07
N PRO A 619 -31.26 9.31 -1.06
CA PRO A 619 -31.64 7.98 -1.55
C PRO A 619 -30.45 7.09 -1.87
N TYR A 620 -29.32 7.67 -2.24
CA TYR A 620 -28.12 6.89 -2.53
C TYR A 620 -27.26 6.65 -1.30
N ALA A 621 -27.65 7.18 -0.14
CA ALA A 621 -26.89 6.93 1.08
C ALA A 621 -27.01 5.49 1.56
N ASP A 622 -27.92 4.71 1.00
CA ASP A 622 -28.01 3.29 1.31
C ASP A 622 -26.90 2.49 0.64
N GLN A 623 -26.22 3.07 -0.35
CA GLN A 623 -25.11 2.41 -1.04
C GLN A 623 -23.75 2.87 -0.52
N SER A 624 -23.73 3.75 0.47
CA SER A 624 -22.49 4.28 1.01
C SER A 624 -21.84 3.28 1.96
N ILE A 625 -20.52 3.26 1.97
CA ILE A 625 -19.75 2.43 2.90
C ILE A 625 -18.94 3.38 3.78
N LYS A 626 -19.06 3.22 5.09
CA LYS A 626 -18.38 4.08 6.04
C LYS A 626 -17.05 3.48 6.45
N VAL A 627 -16.01 4.29 6.47
CA VAL A 627 -14.66 3.87 6.83
C VAL A 627 -14.23 4.65 8.06
N ARG A 628 -13.70 3.94 9.06
CA ARG A 628 -13.21 4.54 10.29
C ARG A 628 -11.75 4.12 10.48
N ILE A 629 -10.88 5.11 10.66
CA ILE A 629 -9.44 4.87 10.71
C ILE A 629 -8.88 5.46 12.00
N SER A 630 -8.04 4.68 12.69
CA SER A 630 -7.41 5.10 13.94
C SER A 630 -5.90 4.96 13.77
N LEU A 631 -5.24 6.06 13.36
CA LEU A 631 -3.82 6.01 13.06
C LEU A 631 -2.97 5.87 14.32
N LYS A 632 -3.27 6.65 15.35
CA LYS A 632 -2.41 6.74 16.52
C LYS A 632 -2.60 5.58 17.50
N SER A 633 -3.54 4.67 17.24
CA SER A 633 -3.69 3.48 18.06
C SER A 633 -2.90 2.30 17.52
N ALA A 634 -2.93 2.09 16.21
CA ALA A 634 -2.16 1.00 15.61
C ALA A 634 -0.68 1.30 15.53
N LEU A 635 -0.31 2.58 15.36
CA LEU A 635 1.08 2.95 15.23
C LEU A 635 1.64 3.65 16.47
N GLY A 636 0.79 4.22 17.32
CA GLY A 636 1.26 4.96 18.46
C GLY A 636 2.00 6.21 18.04
N ASP A 637 3.32 6.22 18.19
CA ASP A 637 4.15 7.28 17.66
C ASP A 637 4.39 7.03 16.17
N LYS A 638 5.32 7.79 15.58
CA LYS A 638 5.74 7.64 14.17
C LYS A 638 4.54 7.51 13.23
N ALA A 639 3.42 8.13 13.59
CA ALA A 639 2.18 8.04 12.83
C ALA A 639 2.04 9.26 11.93
N TYR A 640 1.80 9.01 10.64
CA TYR A 640 1.60 10.09 9.68
C TYR A 640 0.27 10.79 9.94
N GLU A 641 0.15 12.00 9.42
CA GLU A 641 -1.06 12.79 9.54
C GLU A 641 -1.94 12.55 8.31
N TRP A 642 -3.25 12.55 8.53
CA TRP A 642 -4.21 12.22 7.47
C TRP A 642 -4.62 13.50 6.72
N ASN A 643 -3.74 13.91 5.81
CA ASN A 643 -4.01 15.05 4.94
C ASN A 643 -4.66 14.57 3.64
N ASP A 644 -4.75 15.46 2.65
CA ASP A 644 -5.40 15.11 1.39
C ASP A 644 -4.64 14.05 0.60
N ASN A 645 -3.32 13.98 0.74
CA ASN A 645 -2.55 12.98 0.02
C ASN A 645 -2.90 11.57 0.47
N GLU A 646 -3.09 11.38 1.78
CA GLU A 646 -3.53 10.08 2.27
C GLU A 646 -4.91 9.73 1.75
N MET A 647 -5.79 10.72 1.64
CA MET A 647 -7.10 10.47 1.05
C MET A 647 -6.99 10.06 -0.41
N TYR A 648 -6.10 10.69 -1.17
CA TYR A 648 -5.89 10.29 -2.55
C TYR A 648 -5.38 8.85 -2.63
N LEU A 649 -4.45 8.50 -1.75
CA LEU A 649 -3.92 7.14 -1.74
C LEU A 649 -5.02 6.13 -1.39
N PHE A 650 -5.88 6.48 -0.44
CA PHE A 650 -6.98 5.59 -0.05
C PHE A 650 -7.96 5.41 -1.20
N ARG A 651 -8.32 6.50 -1.88
CA ARG A 651 -9.21 6.39 -3.03
C ARG A 651 -8.59 5.57 -4.14
N SER A 652 -7.29 5.72 -4.39
CA SER A 652 -6.62 4.90 -5.38
C SER A 652 -6.62 3.43 -4.99
N SER A 653 -6.42 3.12 -3.70
CA SER A 653 -6.47 1.74 -3.26
C SER A 653 -7.86 1.15 -3.44
N VAL A 654 -8.90 1.93 -3.14
CA VAL A 654 -10.27 1.44 -3.33
C VAL A 654 -10.56 1.21 -4.80
N ALA A 655 -10.10 2.12 -5.67
CA ALA A 655 -10.30 1.92 -7.10
C ALA A 655 -9.55 0.69 -7.60
N TYR A 656 -8.35 0.45 -7.08
CA TYR A 656 -7.61 -0.75 -7.44
C TYR A 656 -8.35 -2.01 -7.00
N ALA A 657 -8.93 -1.99 -5.80
CA ALA A 657 -9.70 -3.13 -5.33
C ALA A 657 -10.91 -3.38 -6.21
N MET A 658 -11.60 -2.32 -6.62
CA MET A 658 -12.74 -2.47 -7.52
C MET A 658 -12.30 -3.05 -8.85
N ARG A 659 -11.18 -2.57 -9.39
CA ARG A 659 -10.66 -3.10 -10.65
C ARG A 659 -10.35 -4.59 -10.51
N GLN A 660 -9.70 -4.98 -9.41
CA GLN A 660 -9.34 -6.38 -9.20
C GLN A 660 -10.59 -7.24 -9.10
N TYR A 661 -11.60 -6.78 -8.38
CA TYR A 661 -12.83 -7.56 -8.27
C TYR A 661 -13.51 -7.72 -9.62
N PHE A 662 -13.61 -6.63 -10.39
CA PHE A 662 -14.30 -6.72 -11.67
C PHE A 662 -13.48 -7.48 -12.71
N LEU A 663 -12.17 -7.62 -12.51
CA LEU A 663 -11.37 -8.38 -13.46
C LEU A 663 -11.32 -9.87 -13.11
N LYS A 664 -11.24 -10.21 -11.82
CA LYS A 664 -11.04 -11.58 -11.40
C LYS A 664 -12.33 -12.35 -11.18
N VAL A 665 -13.49 -11.69 -11.25
CA VAL A 665 -14.75 -12.37 -11.00
C VAL A 665 -15.69 -12.24 -12.20
N LYS A 666 -16.04 -11.01 -12.55
CA LYS A 666 -17.02 -10.77 -13.60
C LYS A 666 -16.42 -10.74 -15.00
N ASN A 667 -15.09 -10.82 -15.12
CA ASN A 667 -14.41 -10.77 -16.42
C ASN A 667 -14.79 -9.53 -17.21
N GLN A 668 -14.94 -8.39 -16.53
CA GLN A 668 -15.25 -7.12 -17.17
C GLN A 668 -14.13 -6.14 -16.86
N MET A 669 -13.56 -5.55 -17.90
CA MET A 669 -12.48 -4.57 -17.73
C MET A 669 -13.11 -3.19 -17.58
N ILE A 670 -13.16 -2.70 -16.35
CA ILE A 670 -13.73 -1.40 -16.04
C ILE A 670 -12.61 -0.51 -15.53
N LEU A 671 -12.47 0.67 -16.14
CA LEU A 671 -11.37 1.58 -15.84
C LEU A 671 -11.81 2.56 -14.75
N PHE A 672 -11.78 2.07 -13.51
CA PHE A 672 -12.02 2.95 -12.36
C PHE A 672 -10.84 3.89 -12.15
N GLY A 673 -11.10 4.95 -11.39
CA GLY A 673 -10.07 5.92 -11.06
C GLY A 673 -10.28 6.50 -9.68
N GLU A 674 -9.38 7.42 -9.31
CA GLU A 674 -9.49 8.09 -8.02
C GLU A 674 -10.65 9.07 -7.98
N GLU A 675 -11.23 9.43 -9.12
CA GLU A 675 -12.40 10.30 -9.16
C GLU A 675 -13.70 9.52 -9.10
N ASP A 676 -13.66 8.19 -9.19
CA ASP A 676 -14.85 7.36 -9.16
C ASP A 676 -15.11 6.75 -7.79
N VAL A 677 -14.33 7.15 -6.79
CA VAL A 677 -14.58 6.76 -5.41
C VAL A 677 -14.90 8.05 -4.65
N ARG A 678 -16.18 8.38 -4.57
CA ARG A 678 -16.59 9.66 -4.02
C ARG A 678 -16.68 9.58 -2.50
N VAL A 679 -16.13 10.59 -1.83
CA VAL A 679 -15.94 10.59 -0.38
C VAL A 679 -16.64 11.82 0.19
N ALA A 680 -17.35 11.63 1.31
CA ALA A 680 -18.02 12.71 2.00
C ALA A 680 -17.93 12.49 3.50
N ASN A 681 -18.30 13.53 4.25
CA ASN A 681 -18.36 13.48 5.72
C ASN A 681 -17.02 13.12 6.34
N LEU A 682 -15.97 13.82 5.94
CA LEU A 682 -14.68 13.65 6.57
C LEU A 682 -14.66 14.33 7.94
N LYS A 683 -14.12 13.62 8.93
CA LYS A 683 -14.12 14.08 10.31
C LYS A 683 -12.73 13.88 10.89
N PRO A 684 -12.39 14.62 11.96
CA PRO A 684 -11.06 14.46 12.57
C PRO A 684 -10.80 13.06 13.09
N ARG A 685 -11.84 12.27 13.36
CA ARG A 685 -11.66 10.86 13.68
C ARG A 685 -11.09 10.07 12.51
N ILE A 686 -11.08 10.65 11.32
CA ILE A 686 -10.80 9.97 10.06
C ILE A 686 -11.88 8.90 9.90
N SER A 687 -13.12 9.36 9.76
CA SER A 687 -14.27 8.47 9.55
C SER A 687 -15.15 9.16 8.51
N PHE A 688 -15.24 8.56 7.33
CA PHE A 688 -15.95 9.16 6.21
C PHE A 688 -16.87 8.14 5.57
N ASN A 689 -17.62 8.58 4.57
CA ASN A 689 -18.48 7.69 3.79
C ASN A 689 -18.07 7.79 2.33
N PHE A 690 -17.72 6.64 1.73
CA PHE A 690 -17.33 6.60 0.34
C PHE A 690 -18.26 5.66 -0.41
N PHE A 691 -18.53 6.01 -1.67
CA PHE A 691 -19.26 5.11 -2.57
C PHE A 691 -18.61 5.17 -3.93
N VAL A 692 -18.60 4.03 -4.63
CA VAL A 692 -17.93 3.92 -5.92
C VAL A 692 -18.97 3.99 -7.02
N THR A 693 -18.77 4.92 -7.96
CA THR A 693 -19.71 5.13 -9.04
C THR A 693 -19.19 4.51 -10.33
N ALA A 694 -19.93 4.69 -11.41
CA ALA A 694 -19.50 4.25 -12.72
C ALA A 694 -18.30 5.09 -13.17
N PRO A 695 -17.47 4.56 -14.08
CA PRO A 695 -16.24 5.28 -14.46
C PRO A 695 -16.48 6.70 -14.98
N LYS A 696 -17.50 6.91 -15.81
CA LYS A 696 -17.79 8.25 -16.31
C LYS A 696 -19.31 8.47 -16.37
N ASN A 697 -20.05 7.79 -15.49
CA ASN A 697 -21.51 7.82 -15.48
C ASN A 697 -21.98 8.01 -14.03
N VAL A 698 -21.49 9.08 -13.39
CA VAL A 698 -21.68 9.36 -11.98
C VAL A 698 -23.10 9.07 -11.49
N SER A 699 -24.09 9.23 -12.36
CA SER A 699 -25.47 8.91 -12.01
C SER A 699 -25.64 7.44 -11.66
N ASP A 700 -24.70 6.60 -12.09
CA ASP A 700 -24.75 5.16 -11.84
C ASP A 700 -23.85 4.85 -10.65
N ILE A 701 -24.40 4.16 -9.65
CA ILE A 701 -23.68 3.81 -8.44
C ILE A 701 -23.57 2.29 -8.35
N ILE A 702 -22.35 1.81 -8.10
CA ILE A 702 -22.15 0.37 -7.91
C ILE A 702 -22.91 -0.07 -6.66
N PRO A 703 -23.69 -1.15 -6.71
CA PRO A 703 -24.43 -1.59 -5.53
C PRO A 703 -23.48 -1.99 -4.39
N ARG A 704 -23.97 -1.83 -3.17
CA ARG A 704 -23.13 -1.99 -1.99
C ARG A 704 -22.60 -3.41 -1.85
N THR A 705 -23.37 -4.41 -2.30
CA THR A 705 -22.92 -5.80 -2.15
C THR A 705 -21.62 -6.05 -2.92
N GLU A 706 -21.55 -5.55 -4.16
CA GLU A 706 -20.34 -5.73 -4.95
C GLU A 706 -19.16 -4.97 -4.34
N VAL A 707 -19.41 -3.78 -3.80
CA VAL A 707 -18.36 -3.03 -3.14
C VAL A 707 -17.83 -3.79 -1.93
N GLU A 708 -18.73 -4.37 -1.14
CA GLU A 708 -18.30 -5.15 0.02
C GLU A 708 -17.51 -6.38 -0.40
N LYS A 709 -17.94 -7.06 -1.46
CA LYS A 709 -17.19 -8.21 -1.95
C LYS A 709 -15.81 -7.79 -2.42
N ALA A 710 -15.71 -6.66 -3.13
CA ALA A 710 -14.42 -6.17 -3.58
C ALA A 710 -13.52 -5.83 -2.41
N ILE A 711 -14.05 -5.18 -1.38
CA ILE A 711 -13.25 -4.84 -0.21
C ILE A 711 -12.77 -6.11 0.49
N ARG A 712 -13.65 -7.11 0.62
CA ARG A 712 -13.25 -8.37 1.24
C ARG A 712 -12.14 -9.05 0.43
N MET A 713 -12.23 -8.98 -0.89
CA MET A 713 -11.24 -9.66 -1.74
C MET A 713 -9.85 -9.06 -1.56
N SER A 714 -9.74 -7.74 -1.47
CA SER A 714 -8.45 -7.06 -1.46
C SER A 714 -8.29 -6.19 -0.23
N ARG A 715 -8.75 -6.65 0.93
CA ARG A 715 -8.60 -5.89 2.16
C ARG A 715 -7.17 -5.93 2.70
N SER A 716 -6.44 -7.01 2.46
CA SER A 716 -5.06 -7.09 2.93
C SER A 716 -4.18 -6.04 2.25
N ARG A 717 -4.38 -5.82 0.94
CA ARG A 717 -3.60 -4.80 0.25
C ARG A 717 -3.89 -3.41 0.79
N ILE A 718 -5.17 -3.11 1.06
CA ILE A 718 -5.53 -1.81 1.62
C ILE A 718 -4.92 -1.64 3.01
N ASN A 719 -4.95 -2.70 3.81
CA ASN A 719 -4.34 -2.63 5.13
C ASN A 719 -2.83 -2.41 5.04
N ASP A 720 -2.18 -3.08 4.09
CA ASP A 720 -0.72 -2.95 3.95
C ASP A 720 -0.35 -1.56 3.45
N ALA A 721 -1.17 -0.97 2.59
CA ALA A 721 -0.85 0.35 2.04
C ALA A 721 -0.77 1.42 3.12
N PHE A 722 -1.45 1.23 4.26
CA PHE A 722 -1.46 2.21 5.34
C PHE A 722 -0.84 1.68 6.62
N ARG A 723 -0.27 0.48 6.58
CA ARG A 723 0.32 -0.15 7.77
C ARG A 723 -0.69 -0.28 8.91
N LEU A 724 -1.94 -0.59 8.57
CA LEU A 724 -2.98 -0.91 9.53
C LEU A 724 -3.31 -2.40 9.43
N ASN A 725 -3.89 -2.96 10.50
CA ASN A 725 -4.20 -4.39 10.49
C ASN A 725 -5.61 -4.63 11.05
N ASP A 726 -6.61 -4.51 10.18
CA ASP A 726 -7.94 -5.11 10.37
C ASP A 726 -8.67 -4.64 11.63
N ASN A 727 -8.06 -3.73 12.39
CA ASN A 727 -8.70 -3.21 13.59
C ASN A 727 -8.64 -1.70 13.69
N SER A 728 -7.63 -1.05 13.12
CA SER A 728 -7.60 0.39 12.99
C SER A 728 -8.17 0.86 11.65
N LEU A 729 -8.57 -0.05 10.78
CA LEU A 729 -9.21 0.27 9.50
C LEU A 729 -10.49 -0.55 9.44
N GLU A 730 -11.57 0.03 9.97
CA GLU A 730 -12.86 -0.67 10.10
C GLU A 730 -13.79 -0.15 9.01
N PHE A 731 -14.37 -1.06 8.24
CA PHE A 731 -15.27 -0.69 7.17
C PHE A 731 -16.73 -0.69 7.58
N LEU A 732 -17.03 -0.97 8.84
CA LEU A 732 -18.38 -0.85 9.40
C LEU A 732 -19.43 -1.54 8.52
N GLY A 733 -19.33 -2.86 8.48
CA GLY A 733 -20.22 -3.66 7.67
C GLY A 733 -19.50 -4.83 7.04
N ILE A 734 -18.17 -4.73 6.99
CA ILE A 734 -17.32 -5.80 6.49
C ILE A 734 -16.51 -6.31 7.68
N GLN A 735 -16.99 -7.40 8.30
CA GLN A 735 -16.26 -7.90 9.44
C GLN A 735 -15.27 -8.98 9.02
N PRO A 736 -14.02 -8.87 9.42
CA PRO A 736 -13.01 -9.86 9.02
C PRO A 736 -13.22 -11.19 9.75
N THR A 737 -12.57 -12.22 9.22
CA THR A 737 -12.61 -13.56 9.79
C THR A 737 -11.23 -13.89 10.34
N LEU A 738 -11.18 -14.30 11.61
CA LEU A 738 -9.90 -14.53 12.27
C LEU A 738 -9.17 -15.74 11.71
N GLY A 739 -9.87 -16.85 11.52
CA GLY A 739 -9.25 -18.06 11.02
C GLY A 739 -9.46 -19.23 11.95
N PRO A 740 -9.74 -20.40 11.39
CA PRO A 740 -10.04 -21.57 12.22
C PRO A 740 -8.84 -22.02 13.04
N PRO A 741 -9.04 -22.36 14.31
CA PRO A 741 -7.94 -22.87 15.13
C PRO A 741 -7.69 -24.35 14.90
N ASN A 742 -6.88 -24.68 13.90
CA ASN A 742 -6.56 -26.07 13.55
C ASN A 742 -6.21 -26.90 14.78
N GLN A 743 -6.73 -28.13 14.83
CA GLN A 743 -6.63 -28.95 16.02
C GLN A 743 -5.77 -30.19 15.74
N PRO A 744 -5.00 -30.67 16.70
CA PRO A 744 -4.34 -31.97 16.55
C PRO A 744 -5.37 -33.08 16.36
N PRO A 745 -4.92 -34.33 16.05
CA PRO A 745 -5.88 -35.43 15.83
C PRO A 745 -7.01 -35.48 16.85
N VAL A 746 -6.69 -35.61 18.13
CA VAL A 746 -7.69 -35.42 19.18
C VAL A 746 -7.22 -34.33 20.14
N SER A 747 -6.12 -34.60 20.82
CA SER A 747 -5.50 -33.69 21.79
C SER A 747 -4.28 -34.40 22.36
N ILE A 748 -3.58 -33.75 23.29
CA ILE A 748 -2.42 -34.36 23.92
C ILE A 748 -2.68 -34.78 25.36
N TRP A 749 -3.71 -34.23 26.01
CA TRP A 749 -4.01 -34.59 27.39
C TRP A 749 -4.34 -36.07 27.52
N LEU A 750 -5.12 -36.60 26.57
CA LEU A 750 -5.52 -37.99 26.64
C LEU A 750 -4.32 -38.93 26.49
N ILE A 751 -3.43 -38.63 25.55
CA ILE A 751 -2.28 -39.51 25.30
C ILE A 751 -1.35 -39.51 26.51
N VAL A 752 -1.04 -38.32 27.03
CA VAL A 752 -0.17 -38.23 28.20
C VAL A 752 -0.81 -38.89 29.40
N PHE A 753 -2.11 -38.70 29.58
CA PHE A 753 -2.83 -39.34 30.69
C PHE A 753 -2.75 -40.85 30.58
N GLY A 754 -2.94 -41.38 29.37
CA GLY A 754 -2.86 -42.82 29.18
C GLY A 754 -1.46 -43.36 29.46
N VAL A 755 -0.43 -42.66 28.98
CA VAL A 755 0.93 -43.10 29.23
C VAL A 755 1.22 -43.10 30.73
N VAL A 756 0.84 -42.02 31.42
CA VAL A 756 1.12 -41.90 32.85
C VAL A 756 0.37 -42.98 33.63
N MET A 757 -0.90 -43.22 33.29
CA MET A 757 -1.66 -44.23 34.01
C MET A 757 -1.14 -45.63 33.73
N GLY A 758 -0.69 -45.90 32.51
CA GLY A 758 -0.09 -47.20 32.22
C GLY A 758 1.19 -47.42 33.01
N VAL A 759 2.05 -46.39 33.07
CA VAL A 759 3.28 -46.50 33.84
C VAL A 759 2.95 -46.70 35.32
N ILE A 760 1.96 -45.99 35.83
CA ILE A 760 1.57 -46.12 37.23
C ILE A 760 1.05 -47.52 37.51
N VAL A 761 0.22 -48.06 36.61
CA VAL A 761 -0.31 -49.40 36.79
C VAL A 761 0.81 -50.43 36.77
N VAL A 762 1.77 -50.27 35.85
CA VAL A 762 2.89 -51.21 35.78
C VAL A 762 3.71 -51.15 37.07
N GLY A 763 4.00 -49.95 37.55
CA GLY A 763 4.75 -49.82 38.80
C GLY A 763 4.01 -50.40 39.99
N ILE A 764 2.70 -50.17 40.07
CA ILE A 764 1.91 -50.71 41.16
C ILE A 764 1.89 -52.23 41.11
N VAL A 765 1.76 -52.80 39.90
CA VAL A 765 1.75 -54.25 39.76
C VAL A 765 3.10 -54.82 40.20
N ILE A 766 4.20 -54.17 39.80
CA ILE A 766 5.52 -54.63 40.20
C ILE A 766 5.68 -54.57 41.72
N LEU A 767 5.23 -53.47 42.33
CA LEU A 767 5.33 -53.34 43.79
C LEU A 767 4.49 -54.39 44.50
N ILE A 768 3.29 -54.67 44.00
CA ILE A 768 2.42 -55.67 44.60
C ILE A 768 3.06 -57.06 44.47
N PHE A 769 3.66 -57.35 43.32
CA PHE A 769 4.32 -58.64 43.13
C PHE A 769 5.50 -58.79 44.09
N THR A 770 6.30 -57.72 44.24
CA THR A 770 7.42 -57.78 45.18
C THR A 770 6.95 -57.97 46.61
N GLY A 771 5.87 -57.27 46.99
CA GLY A 771 5.33 -57.43 48.33
C GLY A 771 4.80 -58.83 48.58
N ILE A 772 4.12 -59.40 47.59
CA ILE A 772 3.61 -60.76 47.72
C ILE A 772 4.76 -61.76 47.84
N ARG A 773 5.81 -61.57 47.04
CA ARG A 773 6.98 -62.44 47.13
C ARG A 773 7.64 -62.34 48.50
N ASP A 774 7.75 -61.12 49.04
CA ASP A 774 8.32 -60.95 50.37
C ASP A 774 7.46 -61.61 51.43
N ARG A 775 6.13 -61.47 51.31
CA ARG A 775 5.23 -62.08 52.28
C ARG A 775 5.12 -63.59 52.12
N LYS A 776 5.51 -64.12 50.97
CA LYS A 776 5.46 -65.56 50.72
C LYS A 776 6.69 -66.25 51.30
N THR B 27 -25.04 1.85 -78.97
CA THR B 27 -26.21 2.70 -78.81
C THR B 27 -26.00 3.70 -77.69
N ILE B 28 -25.82 3.19 -76.46
CA ILE B 28 -25.57 4.07 -75.32
C ILE B 28 -24.23 4.77 -75.45
N GLU B 29 -23.26 4.11 -76.09
CA GLU B 29 -21.97 4.76 -76.30
C GLU B 29 -22.10 5.97 -77.20
N GLU B 30 -22.94 5.88 -78.25
CA GLU B 30 -23.12 7.00 -79.15
C GLU B 30 -23.74 8.20 -78.46
N GLN B 31 -24.79 7.98 -77.66
CA GLN B 31 -25.40 9.09 -76.94
C GLN B 31 -24.48 9.63 -75.84
N ALA B 32 -23.66 8.77 -75.23
CA ALA B 32 -22.67 9.26 -74.29
C ALA B 32 -21.65 10.16 -74.97
N LYS B 33 -21.21 9.76 -76.17
CA LYS B 33 -20.29 10.60 -76.93
C LYS B 33 -20.93 11.93 -77.30
N THR B 34 -22.22 11.90 -77.69
CA THR B 34 -22.93 13.13 -77.99
C THR B 34 -23.03 14.03 -76.77
N PHE B 35 -23.32 13.45 -75.60
CA PHE B 35 -23.39 14.22 -74.37
C PHE B 35 -22.04 14.85 -74.03
N LEU B 36 -20.96 14.08 -74.20
CA LEU B 36 -19.63 14.62 -73.94
C LEU B 36 -19.29 15.76 -74.91
N ASP B 37 -19.66 15.60 -76.18
CA ASP B 37 -19.42 16.66 -77.16
C ASP B 37 -20.19 17.92 -76.79
N LYS B 38 -21.44 17.76 -76.35
CA LYS B 38 -22.23 18.92 -75.94
C LYS B 38 -21.63 19.57 -74.70
N PHE B 39 -21.13 18.78 -73.75
CA PHE B 39 -20.58 19.33 -72.52
C PHE B 39 -19.25 20.04 -72.77
N ASN B 40 -18.46 19.54 -73.72
CA ASN B 40 -17.14 20.13 -73.97
C ASN B 40 -17.26 21.57 -74.43
N HIS B 41 -18.19 21.85 -75.34
CA HIS B 41 -18.35 23.22 -75.83
C HIS B 41 -18.77 24.17 -74.72
N GLU B 42 -19.68 23.73 -73.85
CA GLU B 42 -20.17 24.59 -72.78
C GLU B 42 -19.15 24.77 -71.65
N ALA B 43 -18.31 23.77 -71.39
CA ALA B 43 -17.40 23.86 -70.25
C ALA B 43 -16.26 24.83 -70.51
N GLU B 44 -15.73 24.85 -71.74
CA GLU B 44 -14.55 25.67 -72.03
C GLU B 44 -14.84 27.15 -71.86
N ASP B 45 -16.00 27.61 -72.34
CA ASP B 45 -16.32 29.03 -72.26
C ASP B 45 -16.42 29.51 -70.81
N LEU B 46 -17.08 28.71 -69.96
CA LEU B 46 -17.22 29.10 -68.56
C LEU B 46 -15.90 28.99 -67.81
N PHE B 47 -15.10 27.96 -68.11
CA PHE B 47 -13.80 27.82 -67.46
C PHE B 47 -12.87 28.98 -67.84
N TYR B 48 -12.93 29.43 -69.09
CA TYR B 48 -12.11 30.58 -69.48
C TYR B 48 -12.52 31.82 -68.71
N GLN B 49 -13.82 32.03 -68.52
CA GLN B 49 -14.29 33.19 -67.75
C GLN B 49 -13.83 33.09 -66.30
N SER B 50 -13.94 31.91 -65.70
CA SER B 50 -13.49 31.74 -64.32
C SER B 50 -11.99 31.99 -64.17
N SER B 51 -11.21 31.44 -65.12
CA SER B 51 -9.77 31.65 -65.07
C SER B 51 -9.40 33.10 -65.29
N LEU B 52 -10.12 33.79 -66.18
CA LEU B 52 -9.87 35.21 -66.39
C LEU B 52 -10.22 36.03 -65.16
N ALA B 53 -11.30 35.69 -64.46
CA ALA B 53 -11.64 36.38 -63.23
C ALA B 53 -10.56 36.16 -62.17
N SER B 54 -10.08 34.92 -62.04
CA SER B 54 -9.00 34.66 -61.09
C SER B 54 -7.74 35.43 -61.46
N TRP B 55 -7.41 35.48 -62.75
CA TRP B 55 -6.25 36.23 -63.21
C TRP B 55 -6.38 37.71 -62.90
N ASN B 56 -7.58 38.27 -63.11
CA ASN B 56 -7.82 39.67 -62.80
C ASN B 56 -7.70 39.94 -61.30
N TYR B 57 -8.22 39.03 -60.46
CA TYR B 57 -8.08 39.21 -59.02
C TYR B 57 -6.61 39.18 -58.60
N ASN B 58 -5.84 38.23 -59.15
CA ASN B 58 -4.44 38.13 -58.78
C ASN B 58 -3.62 39.29 -59.34
N THR B 59 -4.03 39.84 -60.48
CA THR B 59 -3.31 40.95 -61.08
C THR B 59 -3.47 42.22 -60.24
N ASN B 60 -4.69 42.54 -59.85
CA ASN B 60 -4.98 43.73 -59.03
C ASN B 60 -5.83 43.26 -57.85
N ILE B 61 -5.30 43.42 -56.64
CA ILE B 61 -6.00 42.98 -55.45
C ILE B 61 -6.99 44.05 -55.02
N THR B 62 -8.23 43.93 -55.49
CA THR B 62 -9.32 44.82 -55.10
C THR B 62 -10.51 43.99 -54.66
N GLU B 63 -11.31 44.55 -53.75
CA GLU B 63 -12.42 43.80 -53.16
C GLU B 63 -13.53 43.51 -54.16
N GLU B 64 -13.71 44.35 -55.18
CA GLU B 64 -14.68 44.05 -56.23
C GLU B 64 -14.25 42.84 -57.04
N ASN B 65 -12.95 42.72 -57.33
CA ASN B 65 -12.44 41.54 -58.03
C ASN B 65 -12.65 40.28 -57.19
N VAL B 66 -12.61 40.40 -55.86
CA VAL B 66 -12.88 39.26 -55.00
C VAL B 66 -14.30 38.73 -55.25
N GLN B 67 -15.28 39.64 -55.27
CA GLN B 67 -16.65 39.24 -55.52
C GLN B 67 -16.83 38.68 -56.92
N ASN B 68 -16.18 39.31 -57.91
CA ASN B 68 -16.31 38.82 -59.29
C ASN B 68 -15.74 37.41 -59.42
N MET B 69 -14.55 37.18 -58.86
CA MET B 69 -13.94 35.85 -58.91
C MET B 69 -14.76 34.82 -58.14
N ASN B 70 -15.32 35.21 -56.99
CA ASN B 70 -16.16 34.29 -56.23
C ASN B 70 -17.40 33.92 -57.02
N ASN B 71 -18.03 34.89 -57.68
CA ASN B 71 -19.21 34.60 -58.50
C ASN B 71 -18.86 33.66 -59.65
N ALA B 72 -17.74 33.93 -60.34
CA ALA B 72 -17.34 33.08 -61.44
C ALA B 72 -17.05 31.65 -60.97
N GLY B 73 -16.34 31.52 -59.84
CA GLY B 73 -16.04 30.20 -59.32
C GLY B 73 -17.28 29.45 -58.89
N ASP B 74 -18.22 30.15 -58.25
CA ASP B 74 -19.48 29.52 -57.87
C ASP B 74 -20.30 29.09 -59.07
N LYS B 75 -20.35 29.90 -60.13
CA LYS B 75 -21.05 29.49 -61.34
C LYS B 75 -20.40 28.26 -61.96
N TRP B 76 -19.07 28.23 -62.02
CA TRP B 76 -18.37 27.08 -62.57
C TRP B 76 -18.64 25.83 -61.75
N SER B 77 -18.60 25.97 -60.41
CA SER B 77 -18.85 24.82 -59.54
C SER B 77 -20.28 24.32 -59.69
N ALA B 78 -21.25 25.23 -59.79
CA ALA B 78 -22.64 24.81 -60.00
C ALA B 78 -22.81 24.09 -61.33
N PHE B 79 -22.16 24.60 -62.38
CA PHE B 79 -22.23 23.93 -63.67
C PHE B 79 -21.62 22.53 -63.60
N LEU B 80 -20.47 22.41 -62.95
CA LEU B 80 -19.83 21.10 -62.81
C LEU B 80 -20.71 20.14 -62.03
N LYS B 81 -21.31 20.62 -60.94
CA LYS B 81 -22.17 19.77 -60.12
C LYS B 81 -23.41 19.32 -60.88
N GLU B 82 -24.03 20.23 -61.65
CA GLU B 82 -25.23 19.83 -62.40
C GLU B 82 -24.88 18.92 -63.56
N GLN B 83 -23.70 19.06 -64.16
CA GLN B 83 -23.27 18.12 -65.18
C GLN B 83 -22.90 16.76 -64.61
N SER B 84 -22.43 16.72 -63.36
CA SER B 84 -22.15 15.44 -62.72
C SER B 84 -23.40 14.60 -62.59
N THR B 85 -24.53 15.22 -62.23
CA THR B 85 -25.79 14.50 -62.15
C THR B 85 -26.22 13.97 -63.51
N LEU B 86 -26.06 14.78 -64.56
CA LEU B 86 -26.40 14.33 -65.91
C LEU B 86 -25.51 13.20 -66.39
N ALA B 87 -24.23 13.18 -65.96
CA ALA B 87 -23.32 12.12 -66.36
C ALA B 87 -23.71 10.76 -65.80
N GLN B 88 -24.60 10.71 -64.81
CA GLN B 88 -25.02 9.44 -64.23
C GLN B 88 -25.86 8.61 -65.19
N MET B 89 -26.37 9.22 -66.27
CA MET B 89 -27.20 8.51 -67.23
C MET B 89 -26.42 7.49 -68.06
N TYR B 90 -25.08 7.52 -68.01
CA TYR B 90 -24.26 6.61 -68.80
C TYR B 90 -23.37 5.78 -67.89
N PRO B 91 -23.79 4.60 -67.47
CA PRO B 91 -22.94 3.78 -66.59
C PRO B 91 -21.72 3.26 -67.33
N LEU B 92 -20.67 3.01 -66.55
CA LEU B 92 -19.41 2.48 -67.08
C LEU B 92 -19.52 1.04 -67.56
N GLN B 93 -20.59 0.34 -67.20
CA GLN B 93 -20.76 -1.06 -67.58
C GLN B 93 -21.02 -1.24 -69.08
N GLU B 94 -21.31 -0.16 -69.80
CA GLU B 94 -21.58 -0.24 -71.23
C GLU B 94 -20.68 0.66 -72.09
N ILE B 95 -19.94 1.58 -71.50
CA ILE B 95 -19.07 2.45 -72.29
C ILE B 95 -17.86 1.66 -72.77
N GLN B 96 -17.57 1.75 -74.07
CA GLN B 96 -16.47 1.01 -74.68
C GLN B 96 -15.37 1.90 -75.22
N ASN B 97 -15.57 3.21 -75.30
CA ASN B 97 -14.55 4.14 -75.77
C ASN B 97 -13.68 4.51 -74.57
N LEU B 98 -12.36 4.37 -74.72
CA LEU B 98 -11.45 4.57 -73.61
C LEU B 98 -11.48 6.01 -73.09
N THR B 99 -11.30 6.98 -73.99
CA THR B 99 -11.30 8.37 -73.57
C THR B 99 -12.68 8.81 -73.09
N VAL B 100 -13.74 8.32 -73.73
CA VAL B 100 -15.09 8.63 -73.26
C VAL B 100 -15.32 8.05 -71.87
N LYS B 101 -14.88 6.80 -71.62
CA LYS B 101 -15.02 6.22 -70.31
C LYS B 101 -14.24 6.99 -69.26
N LEU B 102 -13.02 7.43 -69.61
CA LEU B 102 -12.23 8.21 -68.67
C LEU B 102 -12.86 9.57 -68.36
N GLN B 103 -13.42 10.24 -69.37
CA GLN B 103 -14.11 11.49 -69.12
C GLN B 103 -15.35 11.27 -68.27
N LEU B 104 -16.06 10.16 -68.49
CA LEU B 104 -17.21 9.83 -67.66
C LEU B 104 -16.78 9.59 -66.21
N GLN B 105 -15.64 8.91 -66.01
CA GLN B 105 -15.11 8.75 -64.66
C GLN B 105 -14.77 10.10 -64.03
N ALA B 106 -14.16 10.99 -64.82
CA ALA B 106 -13.75 12.29 -64.30
C ALA B 106 -14.97 13.12 -63.87
N LEU B 107 -16.03 13.11 -64.68
CA LEU B 107 -17.21 13.91 -64.37
C LEU B 107 -18.23 13.19 -63.50
N GLN B 108 -18.03 11.90 -63.21
CA GLN B 108 -19.04 11.14 -62.49
C GLN B 108 -18.82 11.15 -60.99
N GLN B 109 -17.59 11.42 -60.54
CA GLN B 109 -17.29 11.39 -59.11
C GLN B 109 -18.14 12.39 -58.35
N ASN B 110 -18.99 11.88 -57.44
CA ASN B 110 -19.85 12.74 -56.64
C ASN B 110 -19.05 13.65 -55.73
N GLY B 111 -18.00 13.13 -55.10
CA GLY B 111 -17.22 13.94 -54.18
C GLY B 111 -17.99 14.20 -52.91
N SER B 112 -18.07 15.47 -52.53
CA SER B 112 -18.76 15.87 -51.29
C SER B 112 -20.27 16.00 -51.47
N SER B 113 -20.79 15.79 -52.67
CA SER B 113 -22.22 15.88 -52.92
C SER B 113 -22.97 14.63 -52.48
N VAL B 114 -22.27 13.57 -52.08
CA VAL B 114 -22.92 12.33 -51.68
C VAL B 114 -23.37 12.33 -50.22
N LEU B 115 -22.84 13.24 -49.40
CA LEU B 115 -23.24 13.32 -48.00
C LEU B 115 -24.52 14.14 -47.85
N SER B 116 -25.09 14.08 -46.66
CA SER B 116 -26.29 14.85 -46.34
C SER B 116 -25.93 16.31 -46.17
N GLU B 117 -26.97 17.16 -46.18
CA GLU B 117 -26.78 18.60 -46.07
C GLU B 117 -26.10 18.97 -44.76
N ASP B 118 -26.56 18.38 -43.65
CA ASP B 118 -25.95 18.64 -42.36
C ASP B 118 -24.50 18.17 -42.30
N LYS B 119 -24.23 16.96 -42.79
CA LYS B 119 -22.86 16.46 -42.79
C LYS B 119 -21.97 17.30 -43.70
N SER B 120 -22.49 17.69 -44.87
CA SER B 120 -21.70 18.52 -45.78
C SER B 120 -21.36 19.87 -45.17
N LYS B 121 -22.36 20.52 -44.55
CA LYS B 121 -22.09 21.82 -43.93
C LYS B 121 -21.16 21.69 -42.74
N ARG B 122 -21.27 20.62 -41.96
CA ARG B 122 -20.34 20.39 -40.86
C ARG B 122 -18.93 20.16 -41.37
N LEU B 123 -18.78 19.40 -42.45
CA LEU B 123 -17.45 19.16 -43.02
C LEU B 123 -16.84 20.46 -43.53
N ASN B 124 -17.62 21.27 -44.24
CA ASN B 124 -17.12 22.56 -44.71
C ASN B 124 -16.74 23.45 -43.53
N THR B 125 -17.57 23.46 -42.49
CA THR B 125 -17.28 24.30 -41.31
C THR B 125 -15.99 23.87 -40.64
N ILE B 126 -15.79 22.56 -40.44
CA ILE B 126 -14.58 22.11 -39.76
C ILE B 126 -13.35 22.33 -40.63
N LEU B 127 -13.47 22.15 -41.95
CA LEU B 127 -12.35 22.42 -42.83
C LEU B 127 -11.94 23.89 -42.77
N ASN B 128 -12.94 24.78 -42.85
CA ASN B 128 -12.65 26.21 -42.77
C ASN B 128 -12.06 26.58 -41.41
N THR B 129 -12.57 25.98 -40.34
CA THR B 129 -12.07 26.27 -39.00
C THR B 129 -10.61 25.83 -38.87
N MET B 130 -10.28 24.64 -39.37
CA MET B 130 -8.89 24.18 -39.33
C MET B 130 -7.98 25.09 -40.14
N SER B 131 -8.43 25.49 -41.34
CA SER B 131 -7.62 26.37 -42.17
C SER B 131 -7.38 27.71 -41.46
N THR B 132 -8.43 28.27 -40.85
CA THR B 132 -8.28 29.53 -40.13
C THR B 132 -7.35 29.39 -38.94
N ILE B 133 -7.50 28.29 -38.19
CA ILE B 133 -6.65 28.06 -37.02
C ILE B 133 -5.19 27.98 -37.43
N TYR B 134 -4.90 27.24 -38.51
CA TYR B 134 -3.52 27.18 -38.99
C TYR B 134 -3.04 28.55 -39.45
N SER B 135 -3.89 29.29 -40.16
CA SER B 135 -3.46 30.58 -40.71
C SER B 135 -3.22 31.61 -39.61
N THR B 136 -4.11 31.67 -38.62
CA THR B 136 -4.02 32.69 -37.59
C THR B 136 -3.20 32.27 -36.38
N GLY B 137 -2.60 31.08 -36.40
CA GLY B 137 -1.82 30.60 -35.28
C GLY B 137 -0.69 31.54 -34.90
N LYS B 138 -0.66 31.94 -33.63
CA LYS B 138 0.33 32.89 -33.13
C LYS B 138 0.88 32.38 -31.80
N VAL B 139 2.19 32.45 -31.63
CA VAL B 139 2.81 32.11 -30.35
C VAL B 139 3.01 33.39 -29.56
N CYS B 140 2.46 33.42 -28.35
CA CYS B 140 2.42 34.64 -27.55
C CYS B 140 3.11 34.44 -26.21
N ASN B 141 3.70 35.50 -25.71
CA ASN B 141 4.32 35.49 -24.39
C ASN B 141 3.25 35.65 -23.32
N PRO B 142 3.16 34.74 -22.35
CA PRO B 142 2.17 34.91 -21.27
C PRO B 142 2.34 36.20 -20.50
N ASP B 143 3.57 36.70 -20.38
CA ASP B 143 3.80 37.98 -19.70
C ASP B 143 3.10 39.12 -20.44
N ASN B 144 3.29 39.20 -21.75
CA ASN B 144 2.68 40.24 -22.58
C ASN B 144 1.93 39.57 -23.72
N PRO B 145 0.63 39.30 -23.54
CA PRO B 145 -0.15 38.65 -24.61
C PRO B 145 -0.31 39.51 -25.86
N GLN B 146 -0.07 40.81 -25.78
CA GLN B 146 -0.21 41.70 -26.93
C GLN B 146 0.81 41.37 -28.02
N GLU B 147 2.05 41.08 -27.64
CA GLU B 147 3.08 40.77 -28.62
C GLU B 147 3.06 39.28 -28.91
N CYS B 148 2.94 38.94 -30.19
CA CYS B 148 2.89 37.55 -30.63
C CYS B 148 3.68 37.42 -31.92
N LEU B 149 4.16 36.20 -32.16
CA LEU B 149 4.87 35.89 -33.40
C LEU B 149 4.03 34.96 -34.26
N LEU B 150 3.93 35.30 -35.54
CA LEU B 150 3.20 34.48 -36.50
C LEU B 150 4.12 33.40 -37.06
N LEU B 151 3.56 32.55 -37.91
CA LEU B 151 4.34 31.41 -38.43
C LEU B 151 5.35 31.88 -39.48
N GLU B 152 4.87 32.47 -40.58
CA GLU B 152 5.72 32.84 -41.70
C GLU B 152 6.77 33.88 -41.30
N PRO B 153 6.41 34.98 -40.64
CA PRO B 153 7.46 35.93 -40.21
C PRO B 153 7.96 35.60 -38.81
N GLY B 154 9.28 35.59 -38.66
CA GLY B 154 9.89 35.44 -37.35
C GLY B 154 10.08 34.02 -36.90
N LEU B 155 8.99 33.28 -36.71
CA LEU B 155 9.08 31.92 -36.20
C LEU B 155 9.88 31.02 -37.12
N ASN B 156 9.64 31.13 -38.43
CA ASN B 156 10.46 30.40 -39.39
C ASN B 156 11.91 30.87 -39.34
N GLU B 157 12.12 32.18 -39.16
CA GLU B 157 13.48 32.69 -38.98
C GLU B 157 14.12 32.12 -37.72
N ILE B 158 13.36 32.03 -36.63
CA ILE B 158 13.88 31.44 -35.41
C ILE B 158 14.28 29.99 -35.63
N MET B 159 13.45 29.21 -36.31
CA MET B 159 13.75 27.81 -36.55
C MET B 159 14.85 27.59 -37.57
N ALA B 160 15.10 28.55 -38.45
CA ALA B 160 16.06 28.37 -39.52
C ALA B 160 17.39 29.08 -39.29
N ASN B 161 17.48 29.94 -38.27
CA ASN B 161 18.71 30.70 -38.08
C ASN B 161 19.31 30.52 -36.70
N SER B 162 18.48 30.33 -35.67
CA SER B 162 18.98 30.26 -34.31
C SER B 162 19.84 29.01 -34.10
N LEU B 163 20.89 29.18 -33.31
CA LEU B 163 21.76 28.07 -32.90
C LEU B 163 21.61 27.75 -31.42
N ASP B 164 20.53 28.21 -30.80
CA ASP B 164 20.30 27.97 -29.39
C ASP B 164 19.29 26.84 -29.22
N TYR B 165 19.68 25.83 -28.44
CA TYR B 165 18.81 24.67 -28.24
C TYR B 165 17.50 25.08 -27.58
N ASN B 166 17.58 25.90 -26.54
CA ASN B 166 16.39 26.26 -25.79
C ASN B 166 15.42 27.08 -26.64
N GLU B 167 15.94 28.03 -27.43
CA GLU B 167 15.07 28.86 -28.26
C GLU B 167 14.35 28.05 -29.34
N ARG B 168 15.06 27.18 -30.04
CA ARG B 168 14.43 26.31 -31.02
C ARG B 168 13.42 25.36 -30.40
N LEU B 169 13.76 24.79 -29.24
CA LEU B 169 12.80 23.94 -28.54
C LEU B 169 11.55 24.71 -28.14
N TRP B 170 11.72 25.94 -27.64
CA TRP B 170 10.56 26.75 -27.30
C TRP B 170 9.69 27.05 -28.52
N ALA B 171 10.31 27.44 -29.64
CA ALA B 171 9.54 27.72 -30.84
C ALA B 171 8.77 26.48 -31.31
N TRP B 172 9.45 25.35 -31.38
CA TRP B 172 8.82 24.12 -31.85
C TRP B 172 7.67 23.70 -30.93
N GLU B 173 7.92 23.65 -29.63
CA GLU B 173 6.90 23.24 -28.68
C GLU B 173 5.73 24.21 -28.63
N SER B 174 5.99 25.52 -28.65
CA SER B 174 4.91 26.49 -28.65
C SER B 174 4.05 26.38 -29.90
N TRP B 175 4.67 26.20 -31.07
CA TRP B 175 3.87 26.05 -32.28
C TRP B 175 3.03 24.78 -32.24
N ARG B 176 3.60 23.67 -31.76
CA ARG B 176 2.88 22.41 -31.76
C ARG B 176 1.93 22.27 -30.57
N SER B 177 1.98 23.19 -29.61
CA SER B 177 1.02 23.20 -28.52
C SER B 177 -0.09 24.24 -28.69
N GLU B 178 0.15 25.30 -29.46
CA GLU B 178 -0.85 26.32 -29.69
C GLU B 178 -1.76 26.01 -30.88
N VAL B 179 -1.27 25.24 -31.85
CA VAL B 179 -2.06 24.94 -33.04
C VAL B 179 -2.55 23.50 -33.03
N GLY B 180 -1.69 22.56 -32.59
CA GLY B 180 -2.07 21.16 -32.62
C GLY B 180 -3.22 20.84 -31.69
N LYS B 181 -3.20 21.39 -30.47
CA LYS B 181 -4.26 21.13 -29.52
C LYS B 181 -5.60 21.64 -30.03
N GLN B 182 -5.61 22.82 -30.65
CA GLN B 182 -6.84 23.36 -31.20
C GLN B 182 -7.31 22.59 -32.44
N LEU B 183 -6.44 21.82 -33.07
CA LEU B 183 -6.81 21.09 -34.28
C LEU B 183 -7.13 19.62 -34.02
N ARG B 184 -6.75 19.07 -32.87
CA ARG B 184 -7.04 17.67 -32.60
C ARG B 184 -8.53 17.33 -32.61
N PRO B 185 -9.39 18.02 -31.84
CA PRO B 185 -10.82 17.66 -31.89
C PRO B 185 -11.46 17.85 -33.25
N LEU B 186 -11.06 18.90 -33.99
CA LEU B 186 -11.59 19.10 -35.32
C LEU B 186 -11.13 18.00 -36.27
N TYR B 187 -9.85 17.60 -36.17
CA TYR B 187 -9.34 16.55 -37.04
C TYR B 187 -9.98 15.21 -36.74
N GLU B 188 -10.34 14.95 -35.47
CA GLU B 188 -11.03 13.71 -35.15
C GLU B 188 -12.37 13.61 -35.89
N GLU B 189 -13.13 14.70 -35.94
CA GLU B 189 -14.39 14.70 -36.68
C GLU B 189 -14.15 14.69 -38.19
N TYR B 190 -13.09 15.37 -38.64
CA TYR B 190 -12.76 15.37 -40.06
C TYR B 190 -12.47 13.97 -40.57
N VAL B 191 -11.75 13.17 -39.79
CA VAL B 191 -11.45 11.80 -40.18
C VAL B 191 -12.75 11.01 -40.39
N VAL B 192 -13.67 11.11 -39.44
CA VAL B 192 -14.90 10.34 -39.51
C VAL B 192 -15.75 10.80 -40.69
N LEU B 193 -15.86 12.12 -40.89
CA LEU B 193 -16.68 12.63 -41.99
C LEU B 193 -16.10 12.22 -43.34
N LYS B 194 -14.77 12.30 -43.49
CA LYS B 194 -14.16 11.87 -44.74
C LYS B 194 -14.32 10.37 -44.96
N ASN B 195 -14.23 9.57 -43.90
CA ASN B 195 -14.46 8.14 -44.03
C ASN B 195 -15.88 7.85 -44.48
N GLU B 196 -16.85 8.55 -43.91
CA GLU B 196 -18.24 8.36 -44.32
C GLU B 196 -18.44 8.76 -45.78
N MET B 197 -17.85 9.89 -46.18
CA MET B 197 -17.98 10.32 -47.58
C MET B 197 -17.36 9.30 -48.53
N ALA B 198 -16.19 8.77 -48.18
CA ALA B 198 -15.55 7.77 -49.03
C ALA B 198 -16.38 6.49 -49.11
N ARG B 199 -16.90 6.03 -47.97
CA ARG B 199 -17.71 4.81 -47.97
C ARG B 199 -19.00 5.00 -48.75
N ALA B 200 -19.54 6.22 -48.78
CA ALA B 200 -20.72 6.48 -49.58
C ALA B 200 -20.43 6.41 -51.08
N ASN B 201 -19.17 6.40 -51.49
CA ASN B 201 -18.79 6.28 -52.89
C ASN B 201 -18.11 4.95 -53.20
N HIS B 202 -18.47 3.90 -52.47
CA HIS B 202 -17.94 2.55 -52.67
C HIS B 202 -16.41 2.53 -52.56
N TYR B 203 -15.90 3.19 -51.53
CA TYR B 203 -14.49 3.16 -51.19
C TYR B 203 -14.32 2.66 -49.76
N GLU B 204 -13.29 1.83 -49.55
CA GLU B 204 -13.05 1.27 -48.22
C GLU B 204 -12.69 2.37 -47.23
N ASP B 205 -11.90 3.36 -47.65
CA ASP B 205 -11.48 4.43 -46.77
C ASP B 205 -11.14 5.66 -47.60
N TYR B 206 -11.04 6.79 -46.92
CA TYR B 206 -10.72 8.05 -47.60
C TYR B 206 -9.32 8.03 -48.17
N GLY B 207 -8.37 7.37 -47.49
CA GLY B 207 -7.05 7.21 -48.05
C GLY B 207 -7.06 6.42 -49.35
N ASP B 208 -7.96 5.44 -49.45
CA ASP B 208 -8.12 4.72 -50.71
C ASP B 208 -8.65 5.65 -51.79
N TYR B 209 -9.56 6.57 -51.44
CA TYR B 209 -10.03 7.56 -52.40
C TYR B 209 -8.89 8.46 -52.86
N TRP B 210 -8.00 8.83 -51.93
CA TRP B 210 -6.81 9.60 -52.32
C TRP B 210 -5.93 8.81 -53.27
N ARG B 211 -5.67 7.54 -52.96
CA ARG B 211 -4.83 6.69 -53.80
C ARG B 211 -5.48 6.40 -55.15
N GLY B 212 -6.80 6.58 -55.27
CA GLY B 212 -7.49 6.31 -56.52
C GLY B 212 -7.03 7.16 -57.69
N ASP B 213 -6.29 8.24 -57.45
CA ASP B 213 -5.78 9.04 -58.55
C ASP B 213 -4.78 8.29 -59.43
N TYR B 214 -4.23 7.18 -58.95
CA TYR B 214 -3.30 6.36 -59.72
C TYR B 214 -3.95 5.07 -60.21
N GLU B 215 -5.28 5.00 -60.17
CA GLU B 215 -5.99 3.79 -60.55
C GLU B 215 -6.05 3.67 -62.07
N VAL B 216 -5.67 2.50 -62.58
CA VAL B 216 -5.72 2.20 -64.01
C VAL B 216 -6.40 0.86 -64.19
N ASN B 217 -7.42 0.82 -65.06
CA ASN B 217 -8.22 -0.38 -65.28
C ASN B 217 -8.46 -0.61 -66.76
N GLY B 218 -8.61 -1.86 -67.14
CA GLY B 218 -9.00 -2.24 -68.49
C GLY B 218 -8.02 -1.88 -69.59
N VAL B 219 -6.72 -2.10 -69.35
CA VAL B 219 -5.70 -1.86 -70.36
C VAL B 219 -4.92 -3.12 -70.71
N ASP B 220 -5.10 -4.22 -69.95
CA ASP B 220 -4.48 -5.51 -70.23
C ASP B 220 -2.95 -5.38 -70.24
N GLY B 221 -2.41 -5.06 -69.08
CA GLY B 221 -0.98 -4.94 -68.87
C GLY B 221 -0.55 -3.65 -68.20
N TYR B 222 -1.29 -2.56 -68.40
CA TYR B 222 -1.00 -1.29 -67.77
C TYR B 222 -1.84 -1.04 -66.53
N ASP B 223 -2.65 -2.01 -66.12
CA ASP B 223 -3.57 -1.82 -65.01
C ASP B 223 -2.82 -1.58 -63.71
N TYR B 224 -3.40 -0.74 -62.86
CA TYR B 224 -2.79 -0.39 -61.58
C TYR B 224 -3.89 -0.27 -60.53
N SER B 225 -3.82 -1.10 -59.50
CA SER B 225 -4.80 -1.10 -58.42
C SER B 225 -4.40 -0.12 -57.34
N ARG B 226 -5.41 0.34 -56.60
CA ARG B 226 -5.17 1.29 -55.52
C ARG B 226 -4.32 0.70 -54.41
N GLY B 227 -4.49 -0.59 -54.09
CA GLY B 227 -3.65 -1.23 -53.09
C GLY B 227 -2.24 -1.51 -53.54
N GLN B 228 -1.97 -1.43 -54.84
CA GLN B 228 -0.62 -1.63 -55.34
C GLN B 228 0.29 -0.46 -55.01
N LEU B 229 -0.28 0.74 -54.84
CA LEU B 229 0.53 1.92 -54.52
C LEU B 229 1.23 1.76 -53.19
N ILE B 230 0.55 1.20 -52.19
CA ILE B 230 1.15 1.05 -50.87
C ILE B 230 2.37 0.13 -50.94
N GLU B 231 2.21 -1.03 -51.59
CA GLU B 231 3.32 -1.98 -51.66
C GLU B 231 4.46 -1.43 -52.52
N ASP B 232 4.14 -0.71 -53.60
CA ASP B 232 5.19 -0.12 -54.42
C ASP B 232 5.97 0.93 -53.63
N VAL B 233 5.28 1.79 -52.88
CA VAL B 233 5.96 2.80 -52.09
C VAL B 233 6.82 2.15 -51.02
N GLU B 234 6.29 1.13 -50.35
CA GLU B 234 7.07 0.44 -49.32
C GLU B 234 8.31 -0.22 -49.91
N HIS B 235 8.19 -0.86 -51.08
CA HIS B 235 9.35 -1.47 -51.71
C HIS B 235 10.38 -0.42 -52.12
N THR B 236 9.91 0.72 -52.65
CA THR B 236 10.85 1.75 -53.10
C THR B 236 11.57 2.42 -51.94
N PHE B 237 10.90 2.60 -50.80
CA PHE B 237 11.53 3.31 -49.69
C PHE B 237 12.67 2.52 -49.08
N GLU B 238 12.56 1.18 -49.08
CA GLU B 238 13.63 0.34 -48.56
C GLU B 238 14.91 0.44 -49.37
N GLU B 239 14.84 0.88 -50.62
CA GLU B 239 16.02 1.09 -51.45
C GLU B 239 16.63 2.47 -51.27
N ILE B 240 15.86 3.43 -50.76
CA ILE B 240 16.41 4.73 -50.36
C ILE B 240 16.98 4.69 -48.96
N LYS B 241 16.48 3.81 -48.10
CA LYS B 241 16.99 3.74 -46.73
C LYS B 241 18.51 3.61 -46.62
N PRO B 242 19.21 2.80 -47.44
CA PRO B 242 20.68 2.75 -47.31
C PRO B 242 21.35 4.10 -47.46
N LEU B 243 20.89 4.95 -48.38
CA LEU B 243 21.46 6.28 -48.54
C LEU B 243 21.03 7.21 -47.42
N TYR B 244 19.76 7.11 -47.01
CA TYR B 244 19.24 8.00 -45.98
C TYR B 244 19.93 7.75 -44.65
N GLU B 245 20.29 6.50 -44.36
CA GLU B 245 20.98 6.21 -43.11
C GLU B 245 22.33 6.91 -43.06
N HIS B 246 23.09 6.84 -44.15
CA HIS B 246 24.40 7.51 -44.18
C HIS B 246 24.25 9.03 -44.13
N LEU B 247 23.26 9.58 -44.84
CA LEU B 247 23.05 11.02 -44.78
C LEU B 247 22.67 11.46 -43.38
N HIS B 248 21.80 10.70 -42.71
CA HIS B 248 21.40 11.00 -41.34
C HIS B 248 22.59 10.89 -40.39
N ALA B 249 23.44 9.90 -40.58
CA ALA B 249 24.63 9.76 -39.73
C ALA B 249 25.56 10.95 -39.90
N TYR B 250 25.78 11.38 -41.15
CA TYR B 250 26.63 12.54 -41.38
C TYR B 250 26.03 13.80 -40.78
N VAL B 251 24.72 13.98 -40.93
CA VAL B 251 24.06 15.15 -40.36
C VAL B 251 24.17 15.15 -38.85
N ARG B 252 23.97 13.99 -38.21
CA ARG B 252 24.10 13.90 -36.77
C ARG B 252 25.53 14.20 -36.32
N ALA B 253 26.52 13.67 -37.04
CA ALA B 253 27.91 13.92 -36.68
C ALA B 253 28.24 15.41 -36.80
N LYS B 254 27.75 16.06 -37.85
CA LYS B 254 28.03 17.48 -38.03
C LYS B 254 27.28 18.35 -37.03
N LEU B 255 26.07 17.96 -36.64
CA LEU B 255 25.33 18.69 -35.62
C LEU B 255 25.87 18.47 -34.22
N MET B 256 26.62 17.38 -34.01
CA MET B 256 27.22 17.13 -32.71
C MET B 256 28.10 18.31 -32.27
N ASN B 257 28.78 18.94 -33.22
CA ASN B 257 29.68 20.04 -32.92
C ASN B 257 28.97 21.38 -32.79
N ALA B 258 27.70 21.47 -33.16
CA ALA B 258 26.95 22.71 -33.05
C ALA B 258 26.04 22.77 -31.84
N TYR B 259 25.53 21.63 -31.38
CA TYR B 259 24.67 21.55 -30.20
C TYR B 259 25.22 20.47 -29.29
N PRO B 260 26.29 20.76 -28.56
CA PRO B 260 26.95 19.72 -27.75
C PRO B 260 26.07 19.23 -26.61
N SER B 261 26.30 17.97 -26.24
CA SER B 261 25.63 17.30 -25.13
C SER B 261 24.12 17.20 -25.32
N TYR B 262 23.66 17.32 -26.56
CA TYR B 262 22.24 17.12 -26.87
C TYR B 262 22.03 16.11 -27.98
N ILE B 263 22.93 16.05 -28.96
CA ILE B 263 22.84 15.09 -30.04
C ILE B 263 23.61 13.83 -29.61
N SER B 264 22.88 12.76 -29.32
CA SER B 264 23.57 11.53 -28.95
C SER B 264 24.20 10.90 -30.20
N PRO B 265 25.43 10.38 -30.09
CA PRO B 265 26.04 9.68 -31.22
C PRO B 265 25.40 8.33 -31.51
N ILE B 266 24.56 7.82 -30.61
CA ILE B 266 23.94 6.51 -30.78
C ILE B 266 22.46 6.60 -31.11
N GLY B 267 21.81 7.73 -30.82
CA GLY B 267 20.38 7.84 -31.02
C GLY B 267 20.00 8.64 -32.24
N CYS B 268 18.77 9.17 -32.22
CA CYS B 268 18.22 9.91 -33.34
C CYS B 268 18.50 11.40 -33.15
N LEU B 269 17.89 12.23 -34.01
CA LEU B 269 18.03 13.67 -33.91
C LEU B 269 16.80 14.25 -33.24
N PRO B 270 16.95 15.18 -32.30
CA PRO B 270 15.77 15.90 -31.78
C PRO B 270 15.07 16.65 -32.91
N ALA B 271 13.74 16.69 -32.82
CA ALA B 271 12.92 17.20 -33.92
C ALA B 271 13.11 18.69 -34.17
N HIS B 272 13.54 19.47 -33.17
CA HIS B 272 13.62 20.91 -33.30
C HIS B 272 14.96 21.39 -33.81
N LEU B 273 15.85 20.48 -34.20
CA LEU B 273 17.17 20.85 -34.71
C LEU B 273 17.35 20.43 -36.17
N LEU B 274 16.30 20.57 -36.97
CA LEU B 274 16.38 20.18 -38.38
C LEU B 274 16.17 21.37 -39.30
N GLY B 275 16.48 22.57 -38.82
CA GLY B 275 16.47 23.74 -39.67
C GLY B 275 15.10 24.28 -40.03
N ASP B 276 14.05 23.50 -39.83
CA ASP B 276 12.70 23.91 -40.19
C ASP B 276 11.74 23.52 -39.07
N MET B 277 10.52 24.06 -39.15
CA MET B 277 9.54 23.85 -38.09
C MET B 277 9.14 22.38 -37.98
N TRP B 278 8.91 21.71 -39.10
CA TRP B 278 8.40 20.35 -39.08
C TRP B 278 9.44 19.30 -39.47
N GLY B 279 10.62 19.72 -39.92
CA GLY B 279 11.60 18.79 -40.43
C GLY B 279 11.33 18.28 -41.82
N ARG B 280 10.35 18.86 -42.52
CA ARG B 280 10.06 18.43 -43.89
C ARG B 280 11.23 18.70 -44.82
N PHE B 281 11.98 19.77 -44.59
CA PHE B 281 13.15 20.08 -45.39
C PHE B 281 14.35 20.28 -44.47
N TRP B 282 15.49 19.71 -44.86
CA TRP B 282 16.75 19.90 -44.16
C TRP B 282 17.63 20.96 -44.81
N THR B 283 17.06 21.78 -45.70
CA THR B 283 17.86 22.75 -46.45
C THR B 283 18.55 23.74 -45.53
N ASN B 284 17.81 24.29 -44.55
CA ASN B 284 18.37 25.29 -43.66
C ASN B 284 19.49 24.75 -42.79
N LEU B 285 19.64 23.43 -42.71
CA LEU B 285 20.74 22.79 -41.99
C LEU B 285 22.04 22.78 -42.77
N TYR B 286 22.01 23.23 -44.03
CA TYR B 286 23.17 23.20 -44.91
C TYR B 286 24.35 23.96 -44.31
N SER B 287 24.07 25.12 -43.71
CA SER B 287 25.12 25.94 -43.10
C SER B 287 25.80 25.18 -41.96
N LEU B 288 25.07 24.29 -41.31
CA LEU B 288 25.60 23.49 -40.22
C LEU B 288 26.11 22.13 -40.69
N THR B 289 26.01 21.83 -41.99
CA THR B 289 26.44 20.53 -42.51
C THR B 289 27.19 20.65 -43.82
N VAL B 290 27.76 21.81 -44.13
CA VAL B 290 28.46 21.99 -45.40
C VAL B 290 29.69 21.09 -45.44
N PRO B 291 29.90 20.32 -46.51
CA PRO B 291 31.09 19.44 -46.55
C PRO B 291 32.40 20.20 -46.51
N PHE B 292 32.59 21.16 -47.43
CA PHE B 292 33.80 21.97 -47.49
C PHE B 292 33.37 23.44 -47.50
N GLY B 293 33.36 24.05 -46.32
CA GLY B 293 32.93 25.43 -46.21
C GLY B 293 33.90 26.44 -46.79
N GLN B 294 35.17 26.07 -46.91
CA GLN B 294 36.15 26.99 -47.46
C GLN B 294 35.97 27.23 -48.96
N LYS B 295 35.33 26.31 -49.67
CA LYS B 295 35.07 26.48 -51.09
C LYS B 295 33.70 27.10 -51.28
N PRO B 296 33.61 28.30 -51.84
CA PRO B 296 32.29 28.92 -52.04
C PRO B 296 31.45 28.18 -53.05
N ASN B 297 30.14 28.26 -52.86
CA ASN B 297 29.19 27.63 -53.77
C ASN B 297 29.13 28.40 -55.09
N ILE B 298 28.68 27.71 -56.13
CA ILE B 298 28.54 28.33 -57.45
C ILE B 298 27.44 29.38 -57.38
N ASP B 299 27.82 30.65 -57.46
CA ASP B 299 26.88 31.75 -57.41
C ASP B 299 27.12 32.66 -58.61
N VAL B 300 26.04 33.00 -59.31
CA VAL B 300 26.13 33.84 -60.49
C VAL B 300 25.18 35.02 -60.37
N THR B 301 24.71 35.29 -59.15
CA THR B 301 23.81 36.41 -58.93
C THR B 301 24.48 37.76 -59.24
N ASP B 302 25.73 37.94 -58.83
CA ASP B 302 26.45 39.17 -59.12
C ASP B 302 26.81 39.31 -60.59
N ALA B 303 27.08 38.20 -61.28
CA ALA B 303 27.43 38.26 -62.69
C ALA B 303 26.29 38.82 -63.54
N MET B 304 25.04 38.43 -63.22
CA MET B 304 23.90 38.96 -63.95
C MET B 304 23.76 40.47 -63.74
N VAL B 305 24.04 40.95 -62.53
CA VAL B 305 23.99 42.39 -62.28
C VAL B 305 25.06 43.12 -63.08
N ASP B 306 26.26 42.54 -63.19
CA ASP B 306 27.32 43.17 -63.96
C ASP B 306 26.95 43.27 -65.44
N GLN B 307 26.22 42.30 -65.96
CA GLN B 307 25.76 42.31 -67.34
C GLN B 307 24.38 42.95 -67.49
N ALA B 308 23.82 43.47 -66.40
CA ALA B 308 22.53 44.16 -66.40
C ALA B 308 21.42 43.26 -66.94
N TRP B 309 21.18 42.17 -66.22
CA TRP B 309 20.13 41.23 -66.57
C TRP B 309 18.84 41.66 -65.90
N ASP B 310 17.92 42.23 -66.67
CA ASP B 310 16.60 42.59 -66.16
C ASP B 310 15.69 41.37 -66.17
N ALA B 311 14.50 41.51 -65.60
CA ALA B 311 13.53 40.42 -65.61
C ALA B 311 12.69 40.45 -66.88
N GLN B 312 13.37 40.52 -68.03
CA GLN B 312 12.72 40.42 -69.32
C GLN B 312 13.51 39.49 -70.24
N ARG B 313 14.83 39.40 -70.00
CA ARG B 313 15.70 38.62 -70.87
C ARG B 313 15.95 37.22 -70.34
N ILE B 314 15.78 36.99 -69.04
CA ILE B 314 15.96 35.65 -68.49
C ILE B 314 14.88 34.71 -69.01
N PHE B 315 13.66 35.24 -69.19
CA PHE B 315 12.62 34.44 -69.84
C PHE B 315 12.98 34.11 -71.28
N LYS B 316 13.62 35.06 -71.97
CA LYS B 316 14.10 34.78 -73.32
C LYS B 316 15.16 33.68 -73.31
N GLU B 317 16.07 33.72 -72.33
CA GLU B 317 17.08 32.67 -72.22
C GLU B 317 16.44 31.32 -71.95
N ALA B 318 15.43 31.28 -71.08
CA ALA B 318 14.71 30.04 -70.80
C ALA B 318 13.99 29.54 -72.05
N GLU B 319 13.41 30.45 -72.82
CA GLU B 319 12.74 30.08 -74.07
C GLU B 319 13.73 29.49 -75.06
N LYS B 320 14.93 30.09 -75.15
CA LYS B 320 15.97 29.55 -76.02
C LYS B 320 16.41 28.18 -75.55
N PHE B 321 16.55 27.98 -74.24
CA PHE B 321 16.88 26.65 -73.71
C PHE B 321 15.81 25.63 -74.06
N PHE B 322 14.54 26.02 -73.96
CA PHE B 322 13.44 25.12 -74.30
C PHE B 322 13.46 24.77 -75.78
N VAL B 323 13.71 25.76 -76.64
CA VAL B 323 13.65 25.54 -78.08
C VAL B 323 14.90 24.80 -78.55
N SER B 324 15.94 24.81 -77.72
CA SER B 324 17.16 24.08 -78.08
C SER B 324 16.93 22.58 -78.15
N VAL B 325 15.93 22.08 -77.42
CA VAL B 325 15.62 20.65 -77.42
C VAL B 325 14.48 20.30 -78.37
N GLY B 326 13.94 21.27 -79.10
CA GLY B 326 12.87 21.04 -80.04
C GLY B 326 11.51 21.50 -79.57
N LEU B 327 11.37 21.93 -78.32
CA LEU B 327 10.09 22.42 -77.84
C LEU B 327 9.74 23.74 -78.52
N PRO B 328 8.45 24.02 -78.71
CA PRO B 328 8.06 25.18 -79.51
C PRO B 328 8.39 26.50 -78.83
N ASN B 329 8.19 27.59 -79.59
CA ASN B 329 8.45 28.94 -79.13
C ASN B 329 7.36 29.42 -78.17
N MET B 330 7.42 30.68 -77.77
CA MET B 330 6.41 31.25 -76.90
C MET B 330 5.27 31.87 -77.71
N THR B 331 4.11 31.97 -77.08
CA THR B 331 2.94 32.55 -77.73
C THR B 331 3.13 34.06 -77.91
N GLN B 332 2.47 34.59 -78.94
CA GLN B 332 2.58 36.01 -79.23
C GLN B 332 2.01 36.86 -78.10
N GLY B 333 0.86 36.48 -77.54
CA GLY B 333 0.26 37.22 -76.46
C GLY B 333 0.77 36.89 -75.08
N PHE B 334 1.66 35.90 -74.97
CA PHE B 334 2.19 35.53 -73.66
C PHE B 334 3.00 36.65 -73.04
N TRP B 335 3.89 37.28 -73.82
CA TRP B 335 4.74 38.33 -73.28
C TRP B 335 3.94 39.58 -72.91
N GLU B 336 2.92 39.92 -73.70
CA GLU B 336 2.16 41.14 -73.46
C GLU B 336 1.32 41.02 -72.20
N ASN B 337 0.67 39.87 -71.99
CA ASN B 337 -0.22 39.72 -70.85
C ASN B 337 0.53 39.35 -69.58
N SER B 338 1.80 38.97 -69.70
CA SER B 338 2.55 38.50 -68.54
C SER B 338 2.86 39.65 -67.57
N MET B 339 3.22 39.28 -66.35
CA MET B 339 3.63 40.20 -65.29
C MET B 339 5.00 39.80 -64.78
N LEU B 340 5.98 39.73 -65.69
CA LEU B 340 7.32 39.24 -65.37
C LEU B 340 8.04 40.16 -64.39
N THR B 341 7.51 41.37 -64.17
CA THR B 341 8.08 42.31 -63.23
C THR B 341 7.03 42.68 -62.20
N ASP B 342 7.48 42.98 -60.99
CA ASP B 342 6.58 43.38 -59.91
C ASP B 342 5.94 44.71 -60.25
N PRO B 343 4.64 44.88 -60.03
CA PRO B 343 3.98 46.14 -60.40
C PRO B 343 4.22 47.26 -59.39
N GLY B 344 5.15 47.05 -58.46
CA GLY B 344 5.43 48.06 -57.47
C GLY B 344 4.34 48.13 -56.41
N ASN B 345 4.24 49.30 -55.77
CA ASN B 345 3.27 49.51 -54.71
C ASN B 345 1.94 50.04 -55.22
N VAL B 346 1.91 50.65 -56.41
CA VAL B 346 0.66 51.19 -56.94
C VAL B 346 -0.33 50.06 -57.20
N GLN B 347 0.13 48.98 -57.82
CA GLN B 347 -0.73 47.84 -58.09
C GLN B 347 -0.40 46.70 -57.14
N LYS B 348 -1.42 46.20 -56.44
CA LYS B 348 -1.25 45.10 -55.49
C LYS B 348 -1.45 43.79 -56.24
N ALA B 349 -0.45 42.93 -56.21
CA ALA B 349 -0.50 41.63 -56.87
C ALA B 349 0.20 40.59 -55.99
N VAL B 350 0.00 39.32 -56.35
CA VAL B 350 0.63 38.22 -55.63
C VAL B 350 2.04 38.04 -56.16
N CYS B 351 2.89 37.34 -55.41
CA CYS B 351 4.26 37.11 -55.83
C CYS B 351 4.66 35.65 -55.91
N HIS B 352 3.78 34.71 -55.62
CA HIS B 352 4.10 33.30 -55.81
C HIS B 352 4.15 32.98 -57.29
N PRO B 353 5.28 32.48 -57.81
CA PRO B 353 5.35 32.18 -59.24
C PRO B 353 4.38 31.08 -59.63
N THR B 354 3.43 31.43 -60.49
CA THR B 354 2.37 30.51 -60.89
C THR B 354 2.20 30.54 -62.40
N ALA B 355 1.85 29.40 -62.97
CA ALA B 355 1.49 29.30 -64.38
C ALA B 355 -0.02 29.18 -64.51
N TRP B 356 -0.57 29.86 -65.52
CA TRP B 356 -2.00 29.93 -65.71
C TRP B 356 -2.34 29.50 -67.13
N ASP B 357 -3.25 28.54 -67.25
CA ASP B 357 -3.77 28.08 -68.53
C ASP B 357 -5.25 28.46 -68.57
N LEU B 358 -5.53 29.67 -69.01
CA LEU B 358 -6.91 30.18 -69.07
C LEU B 358 -7.77 29.46 -70.09
N GLY B 359 -7.20 29.05 -71.22
CA GLY B 359 -7.96 28.38 -72.25
C GLY B 359 -7.92 29.11 -73.57
N LYS B 360 -8.29 28.42 -74.65
CA LYS B 360 -8.28 28.98 -75.99
C LYS B 360 -6.89 29.53 -76.34
N GLY B 361 -5.87 28.77 -75.97
CA GLY B 361 -4.50 29.15 -76.24
C GLY B 361 -4.04 30.39 -75.49
N ASP B 362 -4.39 30.49 -74.21
CA ASP B 362 -3.99 31.61 -73.37
C ASP B 362 -3.19 31.06 -72.20
N PHE B 363 -1.87 31.24 -72.26
CA PHE B 363 -0.95 30.76 -71.23
C PHE B 363 -0.16 31.94 -70.70
N ARG B 364 -0.13 32.07 -69.37
CA ARG B 364 0.48 33.24 -68.73
C ARG B 364 1.26 32.82 -67.49
N ILE B 365 2.13 33.71 -67.03
CA ILE B 365 2.95 33.49 -65.85
C ILE B 365 2.85 34.69 -64.93
N LEU B 366 2.63 34.43 -63.63
CA LEU B 366 2.67 35.45 -62.60
C LEU B 366 3.90 35.25 -61.73
N MET B 367 4.75 36.26 -61.66
CA MET B 367 5.99 36.16 -60.90
C MET B 367 6.60 37.52 -60.62
N CYS B 368 6.82 37.83 -59.34
CA CYS B 368 7.56 39.03 -58.96
C CYS B 368 9.05 38.78 -59.11
N THR B 369 9.54 38.73 -60.35
CA THR B 369 10.89 38.28 -60.63
C THR B 369 11.90 39.34 -60.21
N LYS B 370 12.85 38.94 -59.38
CA LYS B 370 14.00 39.76 -59.02
C LYS B 370 15.18 39.34 -59.90
N VAL B 371 16.36 39.87 -59.58
CA VAL B 371 17.60 39.51 -60.28
C VAL B 371 18.34 38.54 -59.36
N THR B 372 18.11 37.24 -59.56
CA THR B 372 18.71 36.21 -58.73
C THR B 372 18.80 34.93 -59.54
N MET B 373 19.81 34.11 -59.21
CA MET B 373 19.92 32.79 -59.84
C MET B 373 18.72 31.92 -59.48
N ASP B 374 18.26 32.00 -58.23
CA ASP B 374 17.06 31.27 -57.84
C ASP B 374 15.85 31.74 -58.65
N ASP B 375 15.77 33.03 -58.96
CA ASP B 375 14.71 33.52 -59.84
C ASP B 375 14.83 32.92 -61.23
N PHE B 376 16.07 32.76 -61.73
CA PHE B 376 16.28 32.12 -63.03
C PHE B 376 15.77 30.68 -63.02
N LEU B 377 16.12 29.92 -61.97
CA LEU B 377 15.67 28.54 -61.88
C LEU B 377 14.16 28.46 -61.73
N THR B 378 13.56 29.37 -60.97
CA THR B 378 12.11 29.39 -60.80
C THR B 378 11.41 29.72 -62.12
N ALA B 379 12.01 30.64 -62.89
CA ALA B 379 11.47 30.96 -64.21
C ALA B 379 11.50 29.75 -65.11
N HIS B 380 12.60 29.00 -65.08
CA HIS B 380 12.66 27.74 -65.83
C HIS B 380 11.59 26.77 -65.37
N HIS B 381 11.39 26.67 -64.05
CA HIS B 381 10.39 25.76 -63.50
C HIS B 381 8.99 26.13 -63.99
N GLU B 382 8.66 27.41 -63.97
CA GLU B 382 7.35 27.88 -64.41
C GLU B 382 7.17 27.72 -65.92
N MET B 383 8.22 27.94 -66.69
CA MET B 383 8.14 27.71 -68.13
C MET B 383 7.94 26.23 -68.42
N GLY B 384 8.46 25.36 -67.56
CA GLY B 384 8.17 23.95 -67.68
C GLY B 384 6.69 23.64 -67.56
N HIS B 385 6.04 24.22 -66.55
CA HIS B 385 4.60 24.07 -66.38
C HIS B 385 3.84 24.63 -67.58
N ILE B 386 4.29 25.78 -68.08
CA ILE B 386 3.65 26.39 -69.25
C ILE B 386 3.75 25.48 -70.46
N GLN B 387 4.93 24.90 -70.69
CA GLN B 387 5.12 24.01 -71.82
C GLN B 387 4.26 22.76 -71.68
N TYR B 388 4.20 22.20 -70.47
CA TYR B 388 3.35 21.04 -70.25
C TYR B 388 1.88 21.36 -70.52
N ASP B 389 1.41 22.52 -70.06
CA ASP B 389 0.02 22.92 -70.31
C ASP B 389 -0.23 23.10 -71.81
N MET B 390 0.72 23.72 -72.51
CA MET B 390 0.59 23.90 -73.96
C MET B 390 0.61 22.58 -74.72
N ALA B 391 1.29 21.56 -74.21
CA ALA B 391 1.45 20.32 -74.95
C ALA B 391 0.11 19.63 -75.22
N TYR B 392 -0.76 19.58 -74.21
CA TYR B 392 -2.03 18.87 -74.34
C TYR B 392 -3.20 19.82 -74.64
N ALA B 393 -2.95 20.92 -75.34
CA ALA B 393 -4.03 21.85 -75.67
C ALA B 393 -5.09 21.23 -76.57
N ALA B 394 -4.72 20.28 -77.43
CA ALA B 394 -5.66 19.64 -78.33
C ALA B 394 -6.55 18.61 -77.65
N GLN B 395 -6.20 18.18 -76.44
CA GLN B 395 -6.99 17.19 -75.72
C GLN B 395 -8.30 17.80 -75.24
N PRO B 396 -9.31 16.95 -74.98
CA PRO B 396 -10.56 17.46 -74.41
C PRO B 396 -10.32 18.11 -73.05
N PHE B 397 -11.21 19.04 -72.72
CA PHE B 397 -11.03 19.86 -71.51
C PHE B 397 -10.89 18.99 -70.26
N LEU B 398 -11.68 17.91 -70.19
CA LEU B 398 -11.58 17.02 -69.04
C LEU B 398 -10.23 16.31 -68.97
N LEU B 399 -9.53 16.17 -70.09
CA LEU B 399 -8.24 15.51 -70.13
C LEU B 399 -7.08 16.50 -70.20
N ARG B 400 -7.34 17.79 -70.00
CA ARG B 400 -6.30 18.82 -70.06
C ARG B 400 -5.65 18.91 -68.69
N ASN B 401 -4.85 17.89 -68.38
CA ASN B 401 -4.11 17.79 -67.13
C ASN B 401 -3.04 16.73 -67.32
N GLY B 402 -2.12 16.67 -66.36
CA GLY B 402 -1.05 15.69 -66.43
C GLY B 402 -1.56 14.27 -66.28
N ALA B 403 -0.65 13.31 -66.51
CA ALA B 403 -1.02 11.91 -66.39
C ALA B 403 -1.48 11.59 -64.97
N ASN B 404 -0.77 12.09 -63.97
CA ASN B 404 -1.21 12.03 -62.59
C ASN B 404 -0.82 13.35 -61.92
N GLU B 405 -0.91 13.38 -60.59
CA GLU B 405 -0.66 14.61 -59.85
C GLU B 405 0.82 14.98 -59.77
N GLY B 406 1.73 14.03 -60.00
CA GLY B 406 3.14 14.30 -59.87
C GLY B 406 3.85 14.65 -61.17
N PHE B 407 3.22 14.32 -62.31
CA PHE B 407 3.85 14.54 -63.60
C PHE B 407 4.10 16.03 -63.86
N HIS B 408 3.14 16.88 -63.49
CA HIS B 408 3.28 18.31 -63.74
C HIS B 408 4.51 18.86 -63.01
N GLU B 409 4.64 18.56 -61.72
CA GLU B 409 5.77 19.08 -60.96
C GLU B 409 7.08 18.42 -61.39
N ALA B 410 7.04 17.16 -61.80
CA ALA B 410 8.25 16.51 -62.30
C ALA B 410 8.76 17.18 -63.56
N VAL B 411 7.86 17.48 -64.50
CA VAL B 411 8.24 18.17 -65.73
C VAL B 411 8.71 19.59 -65.42
N GLY B 412 8.09 20.24 -64.43
CA GLY B 412 8.56 21.55 -64.03
C GLY B 412 9.92 21.54 -63.35
N GLU B 413 10.27 20.44 -62.68
CA GLU B 413 11.52 20.37 -61.93
C GLU B 413 12.69 19.85 -62.74
N ILE B 414 12.44 19.04 -63.78
CA ILE B 414 13.54 18.53 -64.59
C ILE B 414 14.26 19.67 -65.30
N MET B 415 13.52 20.70 -65.73
CA MET B 415 14.15 21.86 -66.35
C MET B 415 15.07 22.58 -65.36
N SER B 416 14.60 22.76 -64.12
CA SER B 416 15.41 23.45 -63.12
C SER B 416 16.64 22.62 -62.76
N LEU B 417 16.52 21.30 -62.77
CA LEU B 417 17.67 20.45 -62.46
C LEU B 417 18.79 20.63 -63.48
N SER B 418 18.45 20.74 -64.76
CA SER B 418 19.45 20.90 -65.81
C SER B 418 19.95 22.33 -65.90
N ALA B 419 19.09 23.30 -65.64
CA ALA B 419 19.45 24.71 -65.77
C ALA B 419 20.51 25.14 -64.76
N ALA B 420 20.60 24.41 -63.66
CA ALA B 420 21.54 24.75 -62.58
C ALA B 420 22.93 24.16 -62.78
N THR B 421 23.13 23.33 -63.80
CA THR B 421 24.43 22.72 -64.01
C THR B 421 25.44 23.78 -64.43
N PRO B 422 26.68 23.70 -63.93
CA PRO B 422 27.70 24.66 -64.38
C PRO B 422 28.02 24.57 -65.85
N LYS B 423 27.75 23.41 -66.48
CA LYS B 423 27.98 23.28 -67.91
C LYS B 423 27.09 24.24 -68.70
N HIS B 424 25.82 24.37 -68.29
CA HIS B 424 24.93 25.32 -68.94
C HIS B 424 25.28 26.75 -68.56
N LEU B 425 25.70 26.97 -67.31
CA LEU B 425 26.04 28.31 -66.85
C LEU B 425 27.24 28.88 -67.60
N LYS B 426 28.27 28.06 -67.84
CA LYS B 426 29.43 28.53 -68.59
C LYS B 426 29.15 28.72 -70.07
N SER B 427 28.08 28.12 -70.58
CA SER B 427 27.68 28.31 -71.98
C SER B 427 26.67 29.44 -72.14
N ILE B 428 26.02 29.87 -71.06
CA ILE B 428 25.09 31.00 -71.13
C ILE B 428 25.80 32.34 -70.86
N GLY B 429 27.01 32.32 -70.32
CA GLY B 429 27.80 33.52 -70.12
C GLY B 429 27.87 34.02 -68.69
N LEU B 430 27.01 33.53 -67.80
CA LEU B 430 27.07 33.95 -66.40
C LEU B 430 28.28 33.36 -65.67
N LEU B 431 28.69 32.15 -66.03
CA LEU B 431 29.86 31.50 -65.45
C LEU B 431 30.99 31.64 -66.47
N SER B 432 32.14 32.14 -66.01
CA SER B 432 33.30 32.33 -66.88
C SER B 432 33.78 31.00 -67.41
N PRO B 433 34.18 30.93 -68.68
CA PRO B 433 34.69 29.65 -69.22
C PRO B 433 35.94 29.15 -68.52
N ASP B 434 36.73 30.04 -67.93
CA ASP B 434 37.93 29.64 -67.17
C ASP B 434 37.54 29.31 -65.72
N PHE B 435 36.64 28.33 -65.58
CA PHE B 435 36.16 27.91 -64.27
C PHE B 435 35.96 26.40 -64.33
N GLN B 436 36.90 25.66 -63.77
CA GLN B 436 36.85 24.20 -63.74
C GLN B 436 36.21 23.75 -62.43
N GLU B 437 35.18 22.92 -62.53
CA GLU B 437 34.48 22.43 -61.35
C GLU B 437 35.32 21.35 -60.68
N ASP B 438 35.48 21.46 -59.36
CA ASP B 438 36.25 20.50 -58.61
C ASP B 438 35.35 19.39 -58.06
N ASN B 439 35.98 18.31 -57.63
CA ASN B 439 35.23 17.21 -57.02
C ASN B 439 34.68 17.57 -55.65
N GLU B 440 35.14 18.65 -55.03
CA GLU B 440 34.61 19.11 -53.76
C GLU B 440 33.41 20.03 -53.93
N THR B 441 33.44 20.92 -54.92
CA THR B 441 32.26 21.71 -55.22
C THR B 441 31.10 20.84 -55.68
N GLU B 442 31.40 19.77 -56.43
CA GLU B 442 30.37 18.82 -56.81
C GLU B 442 29.78 18.14 -55.59
N ILE B 443 30.62 17.76 -54.63
CA ILE B 443 30.12 17.17 -53.40
C ILE B 443 29.24 18.16 -52.62
N ASN B 444 29.65 19.42 -52.54
CA ASN B 444 28.85 20.42 -51.85
C ASN B 444 27.49 20.60 -52.52
N PHE B 445 27.47 20.70 -53.86
CA PHE B 445 26.21 20.87 -54.57
C PHE B 445 25.32 19.64 -54.40
N LEU B 446 25.91 18.44 -54.48
CA LEU B 446 25.13 17.23 -54.31
C LEU B 446 24.55 17.12 -52.91
N LEU B 447 25.31 17.49 -51.89
CA LEU B 447 24.78 17.47 -50.53
C LEU B 447 23.69 18.51 -50.33
N LYS B 448 23.84 19.69 -50.93
CA LYS B 448 22.79 20.70 -50.84
C LYS B 448 21.51 20.23 -51.51
N GLN B 449 21.63 19.58 -52.67
CA GLN B 449 20.46 19.01 -53.32
C GLN B 449 19.86 17.88 -52.48
N ALA B 450 20.73 17.06 -51.87
CA ALA B 450 20.26 15.91 -51.09
C ALA B 450 19.47 16.36 -49.89
N LEU B 451 19.94 17.39 -49.18
CA LEU B 451 19.28 17.82 -47.96
C LEU B 451 17.83 18.23 -48.20
N THR B 452 17.48 18.54 -49.45
CA THR B 452 16.09 18.72 -49.84
C THR B 452 15.46 17.43 -50.35
N ILE B 453 16.06 16.82 -51.38
CA ILE B 453 15.42 15.70 -52.07
C ILE B 453 15.29 14.50 -51.14
N VAL B 454 16.41 14.02 -50.60
CA VAL B 454 16.36 12.86 -49.71
C VAL B 454 15.88 13.28 -48.33
N GLY B 455 15.93 14.58 -48.03
CA GLY B 455 15.40 15.04 -46.77
C GLY B 455 13.89 14.93 -46.70
N THR B 456 13.20 15.27 -47.79
CA THR B 456 11.74 15.28 -47.77
C THR B 456 11.11 13.93 -48.05
N LEU B 457 11.90 12.91 -48.39
CA LEU B 457 11.32 11.62 -48.78
C LEU B 457 10.84 10.80 -47.58
N PRO B 458 11.69 10.52 -46.56
CA PRO B 458 11.21 9.71 -45.44
C PRO B 458 10.06 10.38 -44.70
N PHE B 459 10.13 11.70 -44.55
CA PHE B 459 9.05 12.42 -43.88
C PHE B 459 7.75 12.29 -44.66
N THR B 460 7.82 12.45 -45.98
CA THR B 460 6.62 12.32 -46.80
C THR B 460 6.04 10.91 -46.69
N TYR B 461 6.89 9.89 -46.80
CA TYR B 461 6.40 8.52 -46.72
C TYR B 461 5.79 8.22 -45.36
N MET B 462 6.44 8.68 -44.29
CA MET B 462 5.91 8.40 -42.96
C MET B 462 4.60 9.14 -42.71
N LEU B 463 4.50 10.39 -43.15
CA LEU B 463 3.25 11.14 -43.00
C LEU B 463 2.12 10.47 -43.77
N GLU B 464 2.39 10.04 -45.00
CA GLU B 464 1.35 9.38 -45.79
C GLU B 464 0.97 8.04 -45.19
N LYS B 465 1.94 7.27 -44.69
CA LYS B 465 1.62 6.01 -44.04
C LYS B 465 0.77 6.23 -42.80
N TRP B 466 1.09 7.24 -41.98
CA TRP B 466 0.29 7.53 -40.80
C TRP B 466 -1.12 7.97 -41.18
N ARG B 467 -1.26 8.83 -42.19
CA ARG B 467 -2.59 9.25 -42.60
C ARG B 467 -3.41 8.10 -43.15
N TRP B 468 -2.78 7.23 -43.97
CA TRP B 468 -3.50 6.08 -44.49
C TRP B 468 -3.91 5.12 -43.39
N MET B 469 -3.04 4.86 -42.41
CA MET B 469 -3.39 4.00 -41.30
C MET B 469 -4.46 4.60 -40.40
N VAL B 470 -4.50 5.93 -40.26
CA VAL B 470 -5.56 6.57 -39.49
C VAL B 470 -6.88 6.49 -40.22
N PHE B 471 -6.88 6.80 -41.51
CA PHE B 471 -8.12 6.76 -42.28
C PHE B 471 -8.63 5.34 -42.48
N LYS B 472 -7.77 4.32 -42.35
CA LYS B 472 -8.18 2.93 -42.47
C LYS B 472 -8.63 2.34 -41.13
N GLY B 473 -8.48 3.09 -40.03
CA GLY B 473 -8.94 2.66 -38.74
C GLY B 473 -7.99 1.75 -37.99
N GLU B 474 -6.82 1.44 -38.55
CA GLU B 474 -5.87 0.55 -37.89
C GLU B 474 -5.31 1.17 -36.62
N ILE B 475 -5.36 2.50 -36.52
CA ILE B 475 -4.85 3.22 -35.36
C ILE B 475 -6.03 3.70 -34.54
N PRO B 476 -6.17 3.28 -33.28
CA PRO B 476 -7.27 3.77 -32.46
C PRO B 476 -7.17 5.27 -32.21
N LYS B 477 -8.33 5.90 -31.99
CA LYS B 477 -8.36 7.34 -31.81
C LYS B 477 -7.56 7.78 -30.59
N ASP B 478 -7.41 6.91 -29.60
CA ASP B 478 -6.65 7.23 -28.40
C ASP B 478 -5.20 6.78 -28.48
N GLN B 479 -4.71 6.46 -29.69
CA GLN B 479 -3.34 6.00 -29.87
C GLN B 479 -2.72 6.61 -31.12
N TRP B 480 -3.12 7.84 -31.47
CA TRP B 480 -2.56 8.48 -32.65
C TRP B 480 -1.12 8.93 -32.41
N MET B 481 -0.93 9.84 -31.47
CA MET B 481 0.40 10.42 -31.25
C MET B 481 1.41 9.36 -30.86
N LYS B 482 1.03 8.45 -29.95
CA LYS B 482 1.95 7.39 -29.57
C LYS B 482 2.38 6.57 -30.78
N LYS B 483 1.50 6.41 -31.76
CA LYS B 483 1.91 5.77 -33.00
C LYS B 483 2.75 6.70 -33.85
N TRP B 484 2.37 7.98 -33.95
CA TRP B 484 3.09 8.90 -34.83
C TRP B 484 4.55 9.03 -34.43
N TRP B 485 4.80 9.32 -33.16
CA TRP B 485 6.18 9.39 -32.67
C TRP B 485 6.83 8.02 -32.58
N GLU B 486 6.07 6.94 -32.75
CA GLU B 486 6.67 5.63 -32.91
C GLU B 486 7.08 5.37 -34.36
N MET B 487 6.48 6.10 -35.31
CA MET B 487 6.86 5.95 -36.71
C MET B 487 8.04 6.85 -37.06
N LYS B 488 8.09 8.05 -36.46
CA LYS B 488 9.20 8.96 -36.73
C LYS B 488 10.51 8.42 -36.18
N ARG B 489 10.46 7.63 -35.10
CA ARG B 489 11.67 7.10 -34.49
C ARG B 489 12.31 5.97 -35.28
N GLU B 490 11.58 5.33 -36.18
CA GLU B 490 12.12 4.19 -36.91
C GLU B 490 12.02 4.32 -38.43
N ILE B 491 11.46 5.40 -38.95
CA ILE B 491 11.41 5.60 -40.39
C ILE B 491 12.22 6.85 -40.75
N VAL B 492 11.84 7.99 -40.16
CA VAL B 492 12.58 9.22 -40.42
C VAL B 492 13.81 9.32 -39.54
N GLY B 493 13.79 8.65 -38.39
CA GLY B 493 14.92 8.71 -37.48
C GLY B 493 14.96 10.01 -36.71
N VAL B 494 13.79 10.50 -36.33
CA VAL B 494 13.66 11.76 -35.61
C VAL B 494 12.83 11.50 -34.34
N VAL B 495 13.35 11.97 -33.22
CA VAL B 495 12.74 11.74 -31.91
C VAL B 495 12.26 13.05 -31.34
N GLU B 496 11.09 13.04 -30.73
CA GLU B 496 10.52 14.26 -30.16
C GLU B 496 11.36 14.72 -28.98
N PRO B 497 11.61 16.02 -28.83
CA PRO B 497 12.38 16.48 -27.66
C PRO B 497 11.64 16.30 -26.34
N VAL B 498 10.33 16.47 -26.33
CA VAL B 498 9.55 16.35 -25.10
C VAL B 498 8.36 15.43 -25.36
N PRO B 499 7.90 14.67 -24.37
CA PRO B 499 6.79 13.74 -24.60
C PRO B 499 5.50 14.46 -24.95
N HIS B 500 4.71 13.84 -25.82
CA HIS B 500 3.41 14.35 -26.22
C HIS B 500 2.35 13.29 -25.99
N ASP B 501 1.25 13.67 -25.34
CA ASP B 501 0.15 12.75 -25.09
C ASP B 501 -0.83 12.82 -26.26
N GLU B 502 -2.02 12.27 -26.07
CA GLU B 502 -3.05 12.24 -27.10
C GLU B 502 -3.72 13.59 -27.30
N THR B 503 -3.46 14.56 -26.44
CA THR B 503 -4.04 15.88 -26.58
C THR B 503 -3.37 16.71 -27.67
N TYR B 504 -2.22 16.27 -28.18
CA TYR B 504 -1.53 16.95 -29.26
C TYR B 504 -1.93 16.34 -30.61
N CYS B 505 -1.76 17.14 -31.66
CA CYS B 505 -2.06 16.72 -33.02
C CYS B 505 -0.93 17.15 -33.95
N ASP B 506 0.31 16.83 -33.56
CA ASP B 506 1.50 17.32 -34.24
C ASP B 506 1.42 17.29 -35.77
N PRO B 507 1.01 16.19 -36.42
CA PRO B 507 0.91 16.24 -37.89
C PRO B 507 -0.04 17.30 -38.39
N ALA B 508 -1.09 17.63 -37.64
CA ALA B 508 -2.01 18.68 -38.07
C ALA B 508 -1.37 20.05 -38.06
N SER B 509 -0.22 20.21 -37.40
CA SER B 509 0.48 21.48 -37.44
C SER B 509 1.05 21.79 -38.82
N LEU B 510 1.13 20.79 -39.70
CA LEU B 510 1.61 20.99 -41.06
C LEU B 510 0.50 21.54 -41.94
N PHE B 511 0.88 22.39 -42.89
CA PHE B 511 -0.11 23.04 -43.74
C PHE B 511 -0.88 22.04 -44.58
N HIS B 512 -0.19 21.04 -45.15
CA HIS B 512 -0.85 20.11 -46.06
C HIS B 512 -1.75 19.12 -45.34
N VAL B 513 -1.64 19.01 -44.02
CA VAL B 513 -2.50 18.09 -43.28
C VAL B 513 -3.77 18.79 -42.83
N SER B 514 -3.66 20.03 -42.36
CA SER B 514 -4.83 20.76 -41.86
C SER B 514 -5.70 21.35 -42.96
N ASN B 515 -5.25 21.30 -44.21
CA ASN B 515 -6.00 21.85 -45.33
C ASN B 515 -6.46 20.80 -46.33
N ASP B 516 -6.39 19.51 -45.95
CA ASP B 516 -6.91 18.41 -46.76
C ASP B 516 -6.27 18.37 -48.15
N TYR B 517 -4.96 18.14 -48.15
CA TYR B 517 -4.21 17.96 -49.38
C TYR B 517 -3.50 16.62 -49.35
N SER B 518 -3.65 15.84 -50.42
CA SER B 518 -2.93 14.57 -50.52
C SER B 518 -1.43 14.82 -50.57
N PHE B 519 -0.67 14.10 -49.74
CA PHE B 519 0.76 14.34 -49.61
C PHE B 519 1.61 13.29 -50.31
N ILE B 520 1.02 12.20 -50.80
CA ILE B 520 1.79 11.20 -51.52
C ILE B 520 2.31 11.76 -52.84
N ARG B 521 1.67 12.82 -53.35
CA ARG B 521 2.10 13.42 -54.61
C ARG B 521 3.55 13.90 -54.53
N TYR B 522 3.94 14.47 -53.39
CA TYR B 522 5.31 14.93 -53.22
C TYR B 522 6.31 13.79 -53.14
N TYR B 523 5.87 12.55 -52.92
CA TYR B 523 6.80 11.43 -52.92
C TYR B 523 7.08 10.97 -54.34
N THR B 524 6.04 10.60 -55.09
CA THR B 524 6.23 10.09 -56.44
C THR B 524 6.90 11.11 -57.33
N ARG B 525 6.53 12.39 -57.20
CA ARG B 525 7.17 13.43 -57.99
C ARG B 525 8.67 13.47 -57.74
N THR B 526 9.10 13.14 -56.52
CA THR B 526 10.53 13.11 -56.24
C THR B 526 11.24 12.06 -57.08
N LEU B 527 10.58 10.92 -57.32
CA LEU B 527 11.18 9.86 -58.13
C LEU B 527 11.08 10.18 -59.62
N TYR B 528 9.87 10.51 -60.09
CA TYR B 528 9.61 10.63 -61.52
C TYR B 528 10.62 11.53 -62.22
N GLN B 529 10.91 12.69 -61.62
CA GLN B 529 11.84 13.63 -62.24
C GLN B 529 13.17 12.96 -62.56
N PHE B 530 13.74 12.26 -61.57
CA PHE B 530 14.99 11.54 -61.85
C PHE B 530 14.78 10.49 -62.92
N GLN B 531 13.68 9.73 -62.85
CA GLN B 531 13.37 8.78 -63.91
C GLN B 531 13.28 9.49 -65.25
N PHE B 532 12.73 10.71 -65.26
CA PHE B 532 12.77 11.51 -66.47
C PHE B 532 14.19 11.92 -66.80
N GLN B 533 14.90 12.48 -65.82
CA GLN B 533 16.21 13.06 -66.10
C GLN B 533 17.18 12.00 -66.60
N GLU B 534 17.31 10.89 -65.86
CA GLU B 534 18.16 9.80 -66.30
C GLU B 534 17.76 9.31 -67.69
N ALA B 535 16.48 9.37 -68.02
CA ALA B 535 16.06 9.01 -69.37
C ALA B 535 16.51 10.06 -70.38
N LEU B 536 16.29 11.34 -70.06
CA LEU B 536 16.59 12.40 -71.02
C LEU B 536 18.09 12.54 -71.27
N CYS B 537 18.93 12.13 -70.32
CA CYS B 537 20.37 12.13 -70.56
C CYS B 537 20.81 10.96 -71.43
N GLN B 538 19.97 9.93 -71.58
CA GLN B 538 20.30 8.86 -72.52
C GLN B 538 20.09 9.31 -73.96
N ALA B 539 19.00 10.02 -74.22
CA ALA B 539 18.78 10.56 -75.57
C ALA B 539 19.76 11.68 -75.87
N ALA B 540 20.15 12.45 -74.86
CA ALA B 540 21.15 13.50 -75.03
C ALA B 540 22.57 12.94 -75.11
N LYS B 541 22.74 11.63 -74.88
CA LYS B 541 24.04 10.96 -74.96
C LYS B 541 25.03 11.57 -73.96
N HIS B 542 24.65 11.51 -72.69
CA HIS B 542 25.51 11.98 -71.61
C HIS B 542 26.47 10.87 -71.19
N GLU B 543 27.73 11.21 -71.01
CA GLU B 543 28.78 10.25 -70.69
C GLU B 543 29.20 10.32 -69.22
N GLY B 544 29.26 11.52 -68.63
CA GLY B 544 29.73 11.69 -67.29
C GLY B 544 28.67 11.41 -66.24
N PRO B 545 28.88 11.92 -65.03
CA PRO B 545 27.89 11.73 -63.96
C PRO B 545 26.57 12.41 -64.28
N LEU B 546 25.50 11.85 -63.73
CA LEU B 546 24.15 12.34 -64.00
C LEU B 546 23.95 13.78 -63.56
N HIS B 547 24.57 14.20 -62.46
CA HIS B 547 24.40 15.55 -61.96
C HIS B 547 25.06 16.61 -62.85
N LYS B 548 25.96 16.20 -63.75
CA LYS B 548 26.56 17.12 -64.70
C LYS B 548 25.88 17.08 -66.06
N CYS B 549 24.83 16.29 -66.21
CA CYS B 549 24.15 16.13 -67.48
C CYS B 549 23.38 17.40 -67.85
N ASP B 550 23.36 17.68 -69.16
CA ASP B 550 22.61 18.79 -69.71
C ASP B 550 21.87 18.30 -70.95
N ILE B 551 20.54 18.45 -70.94
CA ILE B 551 19.73 17.96 -72.05
C ILE B 551 19.52 19.00 -73.14
N SER B 552 20.18 20.15 -73.04
CA SER B 552 20.02 21.21 -74.04
C SER B 552 20.66 20.81 -75.36
N ASN B 553 20.22 21.45 -76.45
CA ASN B 553 20.75 21.23 -77.79
C ASN B 553 20.55 19.80 -78.26
N SER B 554 19.65 19.06 -77.60
CA SER B 554 19.33 17.69 -77.98
C SER B 554 17.87 17.61 -78.37
N THR B 555 17.61 17.49 -79.68
CA THR B 555 16.25 17.43 -80.18
C THR B 555 15.58 16.08 -79.94
N GLU B 556 16.36 14.99 -79.92
CA GLU B 556 15.78 13.68 -79.68
C GLU B 556 15.18 13.58 -78.28
N ALA B 557 15.87 14.10 -77.26
CA ALA B 557 15.33 14.09 -75.90
C ALA B 557 14.07 14.94 -75.82
N GLY B 558 14.07 16.10 -76.50
CA GLY B 558 12.87 16.93 -76.51
C GLY B 558 11.69 16.25 -77.16
N GLN B 559 11.93 15.54 -78.27
CA GLN B 559 10.84 14.81 -78.92
C GLN B 559 10.34 13.67 -78.04
N LYS B 560 11.26 12.95 -77.38
CA LYS B 560 10.85 11.88 -76.48
C LYS B 560 10.00 12.42 -75.33
N LEU B 561 10.39 13.56 -74.77
CA LEU B 561 9.59 14.18 -73.72
C LEU B 561 8.24 14.64 -74.25
N PHE B 562 8.23 15.25 -75.44
CA PHE B 562 6.99 15.77 -76.00
C PHE B 562 6.01 14.66 -76.34
N ASN B 563 6.51 13.48 -76.70
CA ASN B 563 5.62 12.36 -76.98
C ASN B 563 4.73 12.03 -75.79
N MET B 564 5.26 12.21 -74.57
CA MET B 564 4.46 12.04 -73.37
C MET B 564 3.73 13.31 -72.97
N LEU B 565 4.33 14.48 -73.22
CA LEU B 565 3.71 15.74 -72.84
C LEU B 565 2.39 15.95 -73.59
N ARG B 566 2.37 15.65 -74.89
CA ARG B 566 1.17 15.82 -75.69
C ARG B 566 0.10 14.81 -75.30
N LEU B 567 0.51 13.72 -74.66
CA LEU B 567 -0.42 12.65 -74.31
C LEU B 567 -1.47 13.13 -73.33
N GLY B 568 -1.06 13.92 -72.33
CA GLY B 568 -2.00 14.36 -71.32
C GLY B 568 -2.52 13.20 -70.50
N LYS B 569 -3.78 13.30 -70.08
CA LYS B 569 -4.43 12.24 -69.33
C LYS B 569 -5.11 11.20 -70.22
N SER B 570 -5.06 11.39 -71.54
CA SER B 570 -5.79 10.51 -72.46
C SER B 570 -5.40 9.05 -72.30
N GLU B 571 -4.18 8.78 -71.86
CA GLU B 571 -3.68 7.43 -71.65
C GLU B 571 -3.25 7.24 -70.21
N PRO B 572 -3.20 5.99 -69.73
CA PRO B 572 -2.75 5.76 -68.35
C PRO B 572 -1.34 6.26 -68.13
N TRP B 573 -1.08 6.72 -66.89
CA TRP B 573 0.23 7.27 -66.56
C TRP B 573 1.34 6.23 -66.72
N THR B 574 1.02 4.95 -66.57
CA THR B 574 2.01 3.91 -66.82
C THR B 574 2.46 3.90 -68.27
N LEU B 575 1.51 4.02 -69.20
CA LEU B 575 1.86 4.11 -70.62
C LEU B 575 2.67 5.37 -70.90
N ALA B 576 2.32 6.48 -70.25
CA ALA B 576 3.10 7.71 -70.41
C ALA B 576 4.53 7.53 -69.92
N LEU B 577 4.71 6.84 -68.79
CA LEU B 577 6.05 6.54 -68.30
C LEU B 577 6.81 5.66 -69.29
N GLU B 578 6.15 4.65 -69.83
CA GLU B 578 6.83 3.75 -70.77
C GLU B 578 7.24 4.46 -72.05
N ASN B 579 6.64 5.61 -72.35
CA ASN B 579 7.03 6.38 -73.53
C ASN B 579 8.29 7.22 -73.30
N VAL B 580 8.75 7.34 -72.06
CA VAL B 580 9.95 8.13 -71.76
C VAL B 580 10.99 7.25 -71.11
N VAL B 581 10.64 6.65 -69.97
CA VAL B 581 11.59 5.81 -69.23
C VAL B 581 11.56 4.36 -69.69
N GLY B 582 10.58 3.97 -70.50
CA GLY B 582 10.50 2.60 -70.96
C GLY B 582 10.02 1.60 -69.93
N ALA B 583 9.46 2.08 -68.82
CA ALA B 583 8.97 1.22 -67.77
C ALA B 583 7.56 1.61 -67.40
N LYS B 584 6.79 0.63 -66.92
CA LYS B 584 5.39 0.85 -66.56
C LYS B 584 5.19 1.22 -65.10
N ASN B 585 6.11 0.85 -64.22
CA ASN B 585 6.01 1.15 -62.80
C ASN B 585 7.12 2.12 -62.39
N MET B 586 6.84 2.90 -61.34
CA MET B 586 7.83 3.85 -60.85
C MET B 586 9.03 3.11 -60.29
N ASN B 587 10.23 3.61 -60.61
CA ASN B 587 11.47 2.99 -60.18
C ASN B 587 12.31 4.02 -59.43
N VAL B 588 13.02 3.55 -58.40
CA VAL B 588 13.82 4.42 -57.56
C VAL B 588 15.30 4.40 -57.92
N ARG B 589 15.73 3.51 -58.80
CA ARG B 589 17.13 3.43 -59.18
C ARG B 589 17.71 4.73 -59.74
N PRO B 590 17.00 5.52 -60.56
CA PRO B 590 17.60 6.78 -61.04
C PRO B 590 18.03 7.72 -59.92
N LEU B 591 17.28 7.78 -58.81
CA LEU B 591 17.69 8.64 -57.70
C LEU B 591 19.01 8.18 -57.10
N LEU B 592 19.16 6.86 -56.89
CA LEU B 592 20.40 6.33 -56.37
C LEU B 592 21.55 6.55 -57.34
N ASN B 593 21.30 6.40 -58.65
CA ASN B 593 22.34 6.68 -59.63
C ASN B 593 22.75 8.14 -59.59
N TYR B 594 21.78 9.05 -59.41
CA TYR B 594 22.08 10.47 -59.30
C TYR B 594 22.92 10.79 -58.07
N PHE B 595 22.61 10.16 -56.93
CA PHE B 595 23.28 10.50 -55.68
C PHE B 595 24.44 9.57 -55.35
N GLU B 596 24.80 8.65 -56.26
CA GLU B 596 25.94 7.76 -56.03
C GLU B 596 27.25 8.49 -55.74
N PRO B 597 27.64 9.54 -56.46
CA PRO B 597 28.88 10.26 -56.08
C PRO B 597 28.84 10.79 -54.66
N LEU B 598 27.68 11.23 -54.18
CA LEU B 598 27.53 11.62 -52.79
C LEU B 598 27.47 10.42 -51.85
N PHE B 599 26.85 9.32 -52.29
CA PHE B 599 26.74 8.15 -51.43
C PHE B 599 28.11 7.55 -51.12
N THR B 600 28.99 7.49 -52.12
CA THR B 600 30.34 6.98 -51.87
C THR B 600 31.09 7.85 -50.88
N TRP B 601 31.00 9.18 -51.04
CA TRP B 601 31.67 10.09 -50.14
C TRP B 601 31.13 9.96 -48.72
N LEU B 602 29.80 9.86 -48.58
CA LEU B 602 29.20 9.71 -47.26
C LEU B 602 29.61 8.39 -46.62
N LYS B 603 29.67 7.31 -47.39
CA LYS B 603 30.16 6.04 -46.84
C LYS B 603 31.61 6.16 -46.40
N ASP B 604 32.43 6.88 -47.16
CA ASP B 604 33.82 7.12 -46.78
C ASP B 604 33.96 8.09 -45.63
N GLN B 605 32.93 8.91 -45.35
CA GLN B 605 32.97 9.89 -44.28
C GLN B 605 32.38 9.37 -42.98
N ASN B 606 31.95 8.11 -42.93
CA ASN B 606 31.34 7.53 -41.74
C ASN B 606 32.06 6.25 -41.33
N LYS B 607 33.38 6.24 -41.47
CA LYS B 607 34.15 5.04 -41.13
C LYS B 607 34.14 4.80 -39.62
N ASN B 608 34.32 5.85 -38.83
CA ASN B 608 34.39 5.72 -37.39
C ASN B 608 33.05 5.97 -36.70
N SER B 609 32.14 6.73 -37.32
CA SER B 609 30.86 7.00 -36.72
C SER B 609 29.94 5.79 -36.85
N PHE B 610 28.82 5.84 -36.13
CA PHE B 610 27.84 4.76 -36.09
C PHE B 610 26.70 5.11 -37.03
N VAL B 611 26.45 4.24 -38.01
CA VAL B 611 25.38 4.45 -38.97
C VAL B 611 24.11 3.80 -38.43
N GLY B 612 22.99 4.48 -38.61
CA GLY B 612 21.71 4.01 -38.10
C GLY B 612 21.29 4.79 -36.87
N TRP B 613 20.23 4.30 -36.24
CA TRP B 613 19.70 4.93 -35.04
C TRP B 613 18.96 3.88 -34.22
N SER B 614 18.71 4.21 -32.95
CA SER B 614 18.03 3.33 -32.03
C SER B 614 16.66 3.92 -31.67
N THR B 615 15.66 3.05 -31.58
CA THR B 615 14.31 3.45 -31.25
C THR B 615 14.05 3.48 -29.75
N ASP B 616 15.11 3.55 -28.94
CA ASP B 616 14.97 3.52 -27.48
C ASP B 616 15.50 4.76 -26.79
N TRP B 617 16.24 5.63 -27.48
CA TRP B 617 16.78 6.83 -26.87
C TRP B 617 15.92 8.03 -27.19
N SER B 618 15.92 8.99 -26.25
CA SER B 618 15.17 10.23 -26.40
C SER B 618 15.81 11.28 -25.51
N PRO B 619 15.68 12.56 -25.85
CA PRO B 619 16.27 13.61 -25.00
C PRO B 619 15.72 13.61 -23.58
N TYR B 620 14.49 13.18 -23.37
CA TYR B 620 13.90 13.12 -22.05
C TYR B 620 14.17 11.80 -21.34
N ALA B 621 14.85 10.86 -21.99
CA ALA B 621 15.20 9.60 -21.34
C ALA B 621 16.23 9.76 -20.25
N ASP B 622 16.88 10.93 -20.16
CA ASP B 622 17.78 11.21 -19.05
C ASP B 622 17.05 11.51 -17.76
N GLN B 623 15.75 11.78 -17.83
CA GLN B 623 14.93 12.04 -16.65
C GLN B 623 14.13 10.82 -16.22
N SER B 624 14.27 9.70 -16.92
CA SER B 624 13.51 8.49 -16.61
C SER B 624 14.13 7.76 -15.42
N ILE B 625 13.28 7.14 -14.61
CA ILE B 625 13.71 6.30 -13.51
C ILE B 625 13.24 4.89 -13.79
N LYS B 626 14.18 3.93 -13.72
CA LYS B 626 13.87 2.55 -14.02
C LYS B 626 13.54 1.80 -12.74
N VAL B 627 12.47 1.01 -12.79
CA VAL B 627 12.01 0.23 -11.65
C VAL B 627 12.07 -1.24 -12.03
N ARG B 628 12.64 -2.06 -11.14
CA ARG B 628 12.77 -3.49 -11.33
C ARG B 628 12.12 -4.20 -10.14
N ILE B 629 11.19 -5.11 -10.42
CA ILE B 629 10.38 -5.74 -9.38
C ILE B 629 10.49 -7.25 -9.52
N SER B 630 10.72 -7.93 -8.39
CA SER B 630 10.84 -9.39 -8.36
C SER B 630 9.81 -9.92 -7.36
N LEU B 631 8.62 -10.28 -7.85
CA LEU B 631 7.53 -10.70 -6.97
C LEU B 631 7.79 -12.06 -6.36
N LYS B 632 8.22 -13.03 -7.18
CA LYS B 632 8.30 -14.41 -6.73
C LYS B 632 9.54 -14.72 -5.91
N SER B 633 10.43 -13.75 -5.72
CA SER B 633 11.58 -13.93 -4.84
C SER B 633 11.32 -13.45 -3.43
N ALA B 634 10.66 -12.30 -3.27
CA ALA B 634 10.33 -11.79 -1.95
C ALA B 634 9.16 -12.54 -1.32
N LEU B 635 8.22 -13.02 -2.13
CA LEU B 635 7.04 -13.71 -1.62
C LEU B 635 7.08 -15.21 -1.84
N GLY B 636 7.86 -15.69 -2.80
CA GLY B 636 7.87 -17.11 -3.12
C GLY B 636 6.55 -17.56 -3.71
N ASP B 637 5.77 -18.30 -2.93
CA ASP B 637 4.40 -18.63 -3.30
C ASP B 637 3.50 -17.45 -2.96
N LYS B 638 2.18 -17.67 -3.03
CA LYS B 638 1.16 -16.68 -2.67
C LYS B 638 1.43 -15.31 -3.27
N ALA B 639 2.09 -15.29 -4.43
CA ALA B 639 2.50 -14.05 -5.08
C ALA B 639 1.49 -13.67 -6.16
N TYR B 640 1.01 -12.44 -6.11
CA TYR B 640 0.07 -11.95 -7.10
C TYR B 640 0.76 -11.76 -8.45
N GLU B 641 -0.06 -11.71 -9.51
CA GLU B 641 0.44 -11.50 -10.86
C GLU B 641 0.42 -10.02 -11.18
N TRP B 642 1.40 -9.57 -11.96
CA TRP B 642 1.56 -8.15 -12.26
C TRP B 642 0.77 -7.80 -13.52
N ASN B 643 -0.52 -7.59 -13.35
CA ASN B 643 -1.40 -7.17 -14.42
C ASN B 643 -1.51 -5.64 -14.43
N ASP B 644 -2.44 -5.11 -15.20
CA ASP B 644 -2.60 -3.66 -15.31
C ASP B 644 -3.06 -3.01 -14.01
N ASN B 645 -3.81 -3.73 -13.18
CA ASN B 645 -4.26 -3.15 -11.91
C ASN B 645 -3.09 -2.86 -10.98
N GLU B 646 -2.11 -3.77 -10.94
CA GLU B 646 -0.92 -3.52 -10.14
C GLU B 646 -0.16 -2.31 -10.67
N MET B 647 -0.11 -2.15 -11.99
CA MET B 647 0.51 -0.96 -12.56
C MET B 647 -0.22 0.32 -12.17
N TYR B 648 -1.55 0.27 -12.16
CA TYR B 648 -2.31 1.44 -11.71
C TYR B 648 -2.00 1.76 -10.26
N LEU B 649 -1.93 0.72 -9.41
CA LEU B 649 -1.61 0.95 -8.00
C LEU B 649 -0.21 1.53 -7.84
N PHE B 650 0.74 1.04 -8.62
CA PHE B 650 2.11 1.57 -8.54
C PHE B 650 2.17 3.02 -8.99
N ARG B 651 1.48 3.36 -10.08
CA ARG B 651 1.45 4.75 -10.52
C ARG B 651 0.77 5.64 -9.49
N SER B 652 -0.29 5.17 -8.85
CA SER B 652 -0.93 5.95 -7.79
C SER B 652 0.00 6.15 -6.60
N SER B 653 0.77 5.11 -6.24
CA SER B 653 1.72 5.26 -5.15
C SER B 653 2.81 6.27 -5.48
N VAL B 654 3.30 6.25 -6.72
CA VAL B 654 4.31 7.21 -7.14
C VAL B 654 3.74 8.63 -7.12
N ALA B 655 2.51 8.80 -7.59
CA ALA B 655 1.88 10.11 -7.56
C ALA B 655 1.70 10.60 -6.13
N TYR B 656 1.32 9.70 -5.22
CA TYR B 656 1.20 10.05 -3.81
C TYR B 656 2.54 10.48 -3.23
N ALA B 657 3.61 9.77 -3.59
CA ALA B 657 4.94 10.15 -3.11
C ALA B 657 5.34 11.53 -3.63
N MET B 658 5.04 11.81 -4.89
CA MET B 658 5.34 13.14 -5.44
C MET B 658 4.53 14.22 -4.72
N ARG B 659 3.26 13.95 -4.45
CA ARG B 659 2.44 14.90 -3.71
C ARG B 659 3.01 15.16 -2.33
N GLN B 660 3.42 14.10 -1.63
CA GLN B 660 3.97 14.26 -0.30
C GLN B 660 5.26 15.06 -0.33
N TYR B 661 6.14 14.79 -1.30
CA TYR B 661 7.37 15.55 -1.39
C TYR B 661 7.10 17.02 -1.66
N PHE B 662 6.19 17.32 -2.61
CA PHE B 662 5.93 18.71 -2.94
C PHE B 662 5.15 19.43 -1.85
N LEU B 663 4.47 18.69 -0.97
CA LEU B 663 3.76 19.36 0.13
C LEU B 663 4.63 19.56 1.36
N LYS B 664 5.49 18.60 1.68
CA LYS B 664 6.26 18.64 2.92
C LYS B 664 7.61 19.34 2.77
N VAL B 665 8.01 19.72 1.55
CA VAL B 665 9.32 20.35 1.35
C VAL B 665 9.16 21.71 0.71
N LYS B 666 8.60 21.73 -0.50
CA LYS B 666 8.51 22.96 -1.27
C LYS B 666 7.29 23.80 -0.95
N ASN B 667 6.38 23.30 -0.11
CA ASN B 667 5.15 24.01 0.25
C ASN B 667 4.34 24.40 -0.98
N GLN B 668 4.30 23.53 -1.98
CA GLN B 668 3.52 23.74 -3.19
C GLN B 668 2.51 22.63 -3.32
N MET B 669 1.24 22.99 -3.47
CA MET B 669 0.17 22.01 -3.62
C MET B 669 0.01 21.70 -5.11
N ILE B 670 0.53 20.56 -5.54
CA ILE B 670 0.48 20.13 -6.92
C ILE B 670 -0.39 18.88 -6.98
N LEU B 671 -1.40 18.90 -7.86
CA LEU B 671 -2.37 17.81 -7.94
C LEU B 671 -1.90 16.80 -8.99
N PHE B 672 -0.97 15.94 -8.58
CA PHE B 672 -0.56 14.83 -9.42
C PHE B 672 -1.65 13.77 -9.48
N GLY B 673 -1.54 12.90 -10.49
CA GLY B 673 -2.49 11.82 -10.67
C GLY B 673 -1.81 10.60 -11.26
N GLU B 674 -2.61 9.56 -11.47
CA GLU B 674 -2.11 8.33 -12.06
C GLU B 674 -1.79 8.50 -13.55
N GLU B 675 -2.25 9.58 -14.18
CA GLU B 675 -1.92 9.86 -15.56
C GLU B 675 -0.66 10.70 -15.71
N ASP B 676 -0.11 11.21 -14.60
CA ASP B 676 1.08 12.04 -14.64
C ASP B 676 2.34 11.26 -14.30
N VAL B 677 2.24 9.95 -14.15
CA VAL B 677 3.39 9.08 -13.98
C VAL B 677 3.43 8.18 -15.21
N ARG B 678 4.17 8.60 -16.24
CA ARG B 678 4.15 7.90 -17.51
C ARG B 678 5.14 6.74 -17.49
N VAL B 679 4.69 5.58 -17.97
CA VAL B 679 5.42 4.32 -17.87
C VAL B 679 5.64 3.78 -19.27
N ALA B 680 6.84 3.27 -19.53
CA ALA B 680 7.17 2.65 -20.80
C ALA B 680 8.10 1.46 -20.56
N ASN B 681 8.28 0.67 -21.61
CA ASN B 681 9.22 -0.46 -21.61
C ASN B 681 8.88 -1.48 -20.53
N LEU B 682 7.61 -1.89 -20.48
CA LEU B 682 7.22 -2.96 -19.57
C LEU B 682 7.68 -4.31 -20.11
N LYS B 683 8.25 -5.12 -19.22
CA LYS B 683 8.84 -6.41 -19.58
C LYS B 683 8.37 -7.47 -18.60
N PRO B 684 8.41 -8.74 -18.99
CA PRO B 684 7.98 -9.81 -18.07
C PRO B 684 8.79 -9.87 -16.79
N ARG B 685 10.00 -9.32 -16.76
CA ARG B 685 10.74 -9.18 -15.52
C ARG B 685 10.06 -8.22 -14.55
N ILE B 686 9.07 -7.46 -15.03
CA ILE B 686 8.48 -6.34 -14.30
C ILE B 686 9.59 -5.32 -14.08
N SER B 687 10.11 -4.78 -15.18
CA SER B 687 11.15 -3.76 -15.14
C SER B 687 10.81 -2.75 -16.21
N PHE B 688 10.45 -1.54 -15.78
CA PHE B 688 9.97 -0.51 -16.69
C PHE B 688 10.69 0.80 -16.41
N ASN B 689 10.39 1.82 -17.22
CA ASN B 689 10.90 3.16 -17.00
C ASN B 689 9.74 4.12 -16.84
N PHE B 690 9.70 4.83 -15.72
CA PHE B 690 8.64 5.79 -15.45
C PHE B 690 9.26 7.16 -15.24
N PHE B 691 8.54 8.19 -15.68
CA PHE B 691 8.91 9.56 -15.40
C PHE B 691 7.65 10.35 -15.06
N VAL B 692 7.79 11.31 -14.14
CA VAL B 692 6.65 12.08 -13.65
C VAL B 692 6.64 13.43 -14.33
N THR B 693 5.52 13.77 -14.97
CA THR B 693 5.40 15.02 -15.70
C THR B 693 4.60 16.03 -14.89
N ALA B 694 4.35 17.20 -15.49
CA ALA B 694 3.51 18.20 -14.87
C ALA B 694 2.07 17.72 -14.85
N PRO B 695 1.25 18.24 -13.93
CA PRO B 695 -0.13 17.73 -13.80
C PRO B 695 -0.94 17.76 -15.08
N LYS B 696 -0.87 18.84 -15.86
CA LYS B 696 -1.60 18.92 -17.11
C LYS B 696 -0.75 19.60 -18.19
N ASN B 697 0.57 19.47 -18.06
CA ASN B 697 1.52 20.15 -18.95
C ASN B 697 2.59 19.13 -19.38
N VAL B 698 2.14 18.02 -19.96
CA VAL B 698 2.96 16.85 -20.29
C VAL B 698 4.31 17.24 -20.87
N SER B 699 4.37 18.36 -21.59
CA SER B 699 5.63 18.83 -22.16
C SER B 699 6.65 19.14 -21.07
N ASP B 700 6.18 19.33 -19.83
CA ASP B 700 7.04 19.65 -18.70
C ASP B 700 7.31 18.37 -17.91
N ILE B 701 8.58 18.07 -17.68
CA ILE B 701 8.98 16.88 -16.96
C ILE B 701 9.68 17.27 -15.67
N ILE B 702 9.27 16.66 -14.57
CA ILE B 702 9.93 16.91 -13.29
C ILE B 702 11.37 16.41 -13.37
N PRO B 703 12.35 17.20 -12.95
CA PRO B 703 13.75 16.75 -13.02
C PRO B 703 13.98 15.52 -12.14
N ARG B 704 14.95 14.70 -12.56
CA ARG B 704 15.16 13.41 -11.93
C ARG B 704 15.58 13.54 -10.47
N THR B 705 16.29 14.61 -10.11
CA THR B 705 16.73 14.76 -8.73
C THR B 705 15.56 14.86 -7.77
N GLU B 706 14.54 15.65 -8.13
CA GLU B 706 13.37 15.78 -7.28
C GLU B 706 12.60 14.48 -7.19
N VAL B 707 12.52 13.74 -8.30
CA VAL B 707 11.85 12.44 -8.29
C VAL B 707 12.57 11.48 -7.35
N GLU B 708 13.90 11.46 -7.41
CA GLU B 708 14.67 10.59 -6.53
C GLU B 708 14.50 10.98 -5.07
N LYS B 709 14.49 12.29 -4.78
CA LYS B 709 14.25 12.72 -3.40
C LYS B 709 12.86 12.31 -2.92
N ALA B 710 11.86 12.44 -3.80
CA ALA B 710 10.50 12.03 -3.44
C ALA B 710 10.44 10.54 -3.17
N ILE B 711 11.09 9.73 -4.00
CA ILE B 711 11.09 8.28 -3.80
C ILE B 711 11.78 7.94 -2.50
N ARG B 712 12.91 8.59 -2.20
CA ARG B 712 13.60 8.33 -0.94
C ARG B 712 12.73 8.70 0.25
N MET B 713 11.98 9.80 0.14
CA MET B 713 11.15 10.23 1.27
C MET B 713 10.07 9.23 1.60
N SER B 714 9.42 8.64 0.60
CA SER B 714 8.26 7.79 0.82
C SER B 714 8.46 6.41 0.19
N ARG B 715 9.66 5.86 0.31
CA ARG B 715 9.92 4.53 -0.21
C ARG B 715 9.32 3.43 0.66
N SER B 716 9.21 3.65 1.97
CA SER B 716 8.62 2.66 2.84
C SER B 716 7.15 2.43 2.51
N ARG B 717 6.41 3.49 2.21
CA ARG B 717 5.01 3.33 1.84
C ARG B 717 4.86 2.54 0.55
N ILE B 718 5.70 2.84 -0.44
CA ILE B 718 5.65 2.10 -1.70
C ILE B 718 5.98 0.63 -1.48
N ASN B 719 6.99 0.36 -0.65
CA ASN B 719 7.33 -1.03 -0.33
C ASN B 719 6.17 -1.74 0.38
N ASP B 720 5.51 -1.05 1.31
CA ASP B 720 4.41 -1.66 2.05
C ASP B 720 3.21 -1.92 1.16
N ALA B 721 2.97 -1.04 0.18
CA ALA B 721 1.82 -1.20 -0.70
C ALA B 721 1.88 -2.50 -1.52
N PHE B 722 3.08 -3.03 -1.76
CA PHE B 722 3.25 -4.23 -2.55
C PHE B 722 3.85 -5.38 -1.75
N ARG B 723 4.04 -5.21 -0.44
CA ARG B 723 4.64 -6.23 0.42
C ARG B 723 6.03 -6.63 -0.06
N LEU B 724 6.80 -5.66 -0.55
CA LEU B 724 8.20 -5.82 -0.90
C LEU B 724 9.06 -5.07 0.10
N ASN B 725 10.34 -5.47 0.22
CA ASN B 725 11.22 -4.82 1.19
C ASN B 725 12.59 -4.52 0.56
N ASP B 726 12.67 -3.39 -0.13
CA ASP B 726 13.94 -2.70 -0.43
C ASP B 726 14.93 -3.54 -1.23
N ASN B 727 14.55 -4.75 -1.61
CA ASN B 727 15.43 -5.61 -2.39
C ASN B 727 14.73 -6.26 -3.58
N SER B 728 13.43 -6.48 -3.51
CA SER B 728 12.64 -6.89 -4.67
C SER B 728 12.01 -5.71 -5.40
N LEU B 729 12.18 -4.49 -4.89
CA LEU B 729 11.70 -3.26 -5.52
C LEU B 729 12.90 -2.33 -5.62
N GLU B 730 13.65 -2.44 -6.72
CA GLU B 730 14.89 -1.70 -6.91
C GLU B 730 14.62 -0.55 -7.88
N PHE B 731 14.98 0.66 -7.48
CA PHE B 731 14.76 1.83 -8.32
C PHE B 731 15.97 2.19 -9.19
N LEU B 732 17.04 1.39 -9.13
CA LEU B 732 18.20 1.54 -10.02
C LEU B 732 18.69 2.98 -10.08
N GLY B 733 19.23 3.43 -8.95
CA GLY B 733 19.72 4.79 -8.83
C GLY B 733 19.43 5.37 -7.46
N ILE B 734 18.49 4.75 -6.76
CA ILE B 734 18.14 5.12 -5.40
C ILE B 734 18.56 3.95 -4.51
N GLN B 735 19.74 4.06 -3.91
CA GLN B 735 20.17 2.95 -3.07
C GLN B 735 19.79 3.21 -1.62
N PRO B 736 19.14 2.25 -0.96
CA PRO B 736 18.73 2.44 0.43
C PRO B 736 19.92 2.42 1.38
N THR B 737 19.67 2.89 2.60
CA THR B 737 20.67 2.91 3.66
C THR B 737 20.25 1.93 4.73
N LEU B 738 21.15 1.02 5.09
CA LEU B 738 20.81 -0.04 6.04
C LEU B 738 20.58 0.48 7.44
N GLY B 739 21.45 1.37 7.93
CA GLY B 739 21.34 1.89 9.27
C GLY B 739 22.58 1.64 10.09
N PRO B 740 22.97 2.63 10.89
CA PRO B 740 24.22 2.53 11.66
C PRO B 740 24.12 1.45 12.72
N PRO B 741 25.16 0.62 12.87
CA PRO B 741 25.17 -0.39 13.95
C PRO B 741 25.58 0.20 15.29
N ASN B 742 24.62 0.73 16.04
CA ASN B 742 24.85 1.36 17.34
C ASN B 742 25.75 0.49 18.22
N GLN B 743 26.69 1.12 18.91
CA GLN B 743 27.72 0.39 19.64
C GLN B 743 27.59 0.65 21.13
N PRO B 744 27.87 -0.33 21.99
CA PRO B 744 27.97 -0.07 23.43
C PRO B 744 29.05 0.95 23.72
N PRO B 745 29.17 1.43 24.99
CA PRO B 745 30.20 2.44 25.31
C PRO B 745 31.55 2.17 24.69
N VAL B 746 32.16 1.02 24.99
CA VAL B 746 33.34 0.59 24.25
C VAL B 746 33.08 -0.78 23.65
N SER B 747 32.88 -1.77 24.52
CA SER B 747 32.62 -3.16 24.15
C SER B 747 32.48 -3.95 25.45
N ILE B 748 32.27 -5.27 25.33
CA ILE B 748 32.16 -6.12 26.51
C ILE B 748 33.39 -7.01 26.70
N TRP B 749 34.18 -7.23 25.66
CA TRP B 749 35.35 -8.10 25.78
C TRP B 749 36.34 -7.53 26.78
N LEU B 750 36.55 -6.20 26.74
CA LEU B 750 37.52 -5.59 27.64
C LEU B 750 37.09 -5.71 29.10
N ILE B 751 35.81 -5.47 29.39
CA ILE B 751 35.33 -5.51 30.77
C ILE B 751 35.43 -6.93 31.32
N VAL B 752 34.98 -7.91 30.54
CA VAL B 752 35.03 -9.30 30.99
C VAL B 752 36.48 -9.74 31.15
N PHE B 753 37.35 -9.34 30.22
CA PHE B 753 38.76 -9.67 30.32
C PHE B 753 39.37 -9.09 31.60
N GLY B 754 39.03 -7.84 31.90
CA GLY B 754 39.55 -7.23 33.11
C GLY B 754 39.06 -7.92 34.37
N VAL B 755 37.77 -8.27 34.41
CA VAL B 755 37.23 -8.97 35.57
C VAL B 755 37.93 -10.32 35.74
N VAL B 756 38.07 -11.06 34.65
CA VAL B 756 38.66 -12.39 34.73
C VAL B 756 40.13 -12.30 35.16
N MET B 757 40.88 -11.34 34.60
CA MET B 757 42.28 -11.21 34.98
C MET B 757 42.43 -10.74 36.41
N GLY B 758 41.55 -9.87 36.89
CA GLY B 758 41.60 -9.48 38.29
C GLY B 758 41.32 -10.63 39.23
N VAL B 759 40.31 -11.45 38.90
CA VAL B 759 40.02 -12.63 39.72
C VAL B 759 41.20 -13.59 39.70
N ILE B 760 41.80 -13.79 38.52
CA ILE B 760 42.94 -14.70 38.41
C ILE B 760 44.12 -14.19 39.24
N VAL B 761 44.38 -12.88 39.18
CA VAL B 761 45.48 -12.31 39.96
C VAL B 761 45.21 -12.46 41.45
N VAL B 762 43.98 -12.22 41.89
CA VAL B 762 43.64 -12.38 43.30
C VAL B 762 43.84 -13.82 43.74
N GLY B 763 43.36 -14.78 42.94
CA GLY B 763 43.53 -16.18 43.29
C GLY B 763 44.99 -16.60 43.32
N ILE B 764 45.79 -16.12 42.37
CA ILE B 764 47.21 -16.44 42.33
C ILE B 764 47.92 -15.85 43.56
N VAL B 765 47.57 -14.62 43.93
CA VAL B 765 48.17 -14.00 45.11
C VAL B 765 47.81 -14.79 46.36
N ILE B 766 46.55 -15.22 46.47
CA ILE B 766 46.14 -16.01 47.63
C ILE B 766 46.90 -17.33 47.68
N LEU B 767 47.03 -18.00 46.53
CA LEU B 767 47.76 -19.26 46.50
C LEU B 767 49.23 -19.08 46.84
N ILE B 768 49.86 -18.01 46.35
CA ILE B 768 51.25 -17.74 46.67
C ILE B 768 51.41 -17.46 48.15
N PHE B 769 50.49 -16.69 48.75
CA PHE B 769 50.55 -16.42 50.18
C PHE B 769 50.41 -17.70 50.99
N THR B 770 49.47 -18.58 50.60
CA THR B 770 49.31 -19.84 51.31
C THR B 770 50.56 -20.71 51.19
N GLY B 771 51.15 -20.75 49.99
CA GLY B 771 52.37 -21.53 49.81
C GLY B 771 53.53 -20.98 50.62
N ILE B 772 53.66 -19.66 50.69
CA ILE B 772 54.72 -19.05 51.49
C ILE B 772 54.51 -19.35 52.97
N ARG B 773 53.26 -19.27 53.44
CA ARG B 773 52.96 -19.59 54.83
C ARG B 773 53.29 -21.05 55.13
N ASP B 774 52.94 -21.95 54.22
CA ASP B 774 53.28 -23.37 54.42
C ASP B 774 54.78 -23.59 54.44
N ARG B 775 55.51 -22.91 53.55
CA ARG B 775 56.97 -23.06 53.52
C ARG B 775 57.65 -22.35 54.68
N LYS B 776 56.98 -21.42 55.33
CA LYS B 776 57.55 -20.70 56.47
C LYS B 776 57.40 -21.50 57.76
N SER C 11 22.84 -31.69 60.97
CA SER C 11 23.26 -31.15 59.68
C SER C 11 22.10 -30.50 58.94
N LEU C 12 22.28 -30.30 57.63
CA LEU C 12 21.23 -29.69 56.82
C LEU C 12 20.06 -30.64 56.57
N GLN C 13 20.24 -31.94 56.83
CA GLN C 13 19.17 -32.89 56.62
C GLN C 13 17.98 -32.60 57.54
N PHE C 14 18.25 -32.26 58.80
CA PHE C 14 17.18 -31.92 59.73
C PHE C 14 16.44 -30.67 59.27
N VAL C 15 17.18 -29.66 58.79
CA VAL C 15 16.55 -28.44 58.30
C VAL C 15 15.68 -28.74 57.09
N PHE C 16 16.17 -29.57 56.16
CA PHE C 16 15.37 -29.93 55.00
C PHE C 16 14.11 -30.69 55.40
N ALA C 17 14.23 -31.61 56.37
CA ALA C 17 13.06 -32.33 56.83
C ALA C 17 12.04 -31.39 57.47
N CYS C 18 12.51 -30.44 58.27
CA CYS C 18 11.60 -29.47 58.88
C CYS C 18 10.92 -28.61 57.83
N ILE C 19 11.66 -28.19 56.80
CA ILE C 19 11.07 -27.39 55.73
C ILE C 19 10.01 -28.21 55.00
N SER C 20 10.31 -29.48 54.70
CA SER C 20 9.36 -30.32 54.00
C SER C 20 8.10 -30.53 54.83
N TYR C 21 8.26 -30.73 56.14
CA TYR C 21 7.08 -30.88 57.00
C TYR C 21 6.31 -29.58 57.14
N ALA C 22 6.98 -28.44 57.01
CA ALA C 22 6.32 -27.15 57.13
C ALA C 22 5.71 -26.68 55.82
N VAL C 23 6.39 -26.95 54.70
CA VAL C 23 5.91 -26.53 53.39
C VAL C 23 5.02 -27.64 52.82
N GLY C 24 3.76 -27.30 52.55
CA GLY C 24 2.82 -28.24 52.00
C GLY C 24 1.92 -27.54 51.00
N LEU C 25 1.02 -28.32 50.40
CA LEU C 25 0.08 -27.75 49.44
C LEU C 25 -0.86 -26.75 50.08
N GLY C 26 -1.14 -26.89 51.37
CA GLY C 26 -2.07 -26.02 52.07
C GLY C 26 -1.68 -24.55 52.05
N ASN C 27 -0.52 -24.22 52.62
CA ASN C 27 -0.12 -22.81 52.70
C ASN C 27 0.21 -22.22 51.34
N VAL C 28 0.34 -23.04 50.30
CA VAL C 28 0.64 -22.55 48.96
C VAL C 28 -0.66 -22.25 48.22
N TRP C 29 -1.64 -23.13 48.34
CA TRP C 29 -2.89 -23.02 47.59
C TRP C 29 -4.00 -22.33 48.37
N ARG C 30 -4.34 -22.85 49.55
CA ARG C 30 -5.52 -22.35 50.26
C ARG C 30 -5.31 -20.93 50.76
N PHE C 31 -4.10 -20.61 51.22
CA PHE C 31 -3.87 -19.30 51.85
C PHE C 31 -4.11 -18.12 50.91
N PRO C 32 -3.61 -18.10 49.67
CA PRO C 32 -3.93 -16.95 48.79
C PRO C 32 -5.42 -16.78 48.54
N TYR C 33 -6.15 -17.88 48.41
CA TYR C 33 -7.59 -17.79 48.15
C TYR C 33 -8.32 -17.16 49.35
N LEU C 34 -7.98 -17.60 50.56
CA LEU C 34 -8.58 -17.00 51.75
C LEU C 34 -8.17 -15.54 51.89
N CYS C 35 -6.91 -15.22 51.60
CA CYS C 35 -6.44 -13.85 51.71
C CYS C 35 -7.18 -12.93 50.75
N GLN C 36 -7.39 -13.38 49.51
CA GLN C 36 -8.13 -12.58 48.55
C GLN C 36 -9.60 -12.48 48.95
N MET C 37 -10.17 -13.55 49.50
CA MET C 37 -11.57 -13.52 49.89
C MET C 37 -11.84 -12.49 50.98
N TYR C 38 -10.93 -12.38 51.94
CA TYR C 38 -11.14 -11.53 53.12
C TYR C 38 -10.35 -10.22 53.06
N GLY C 39 -10.22 -9.63 51.88
CA GLY C 39 -9.71 -8.28 51.75
C GLY C 39 -8.21 -8.12 51.85
N GLY C 40 -7.45 -9.20 51.82
CA GLY C 40 -6.00 -9.06 51.82
C GLY C 40 -5.41 -8.78 53.19
N GLY C 41 -4.98 -7.54 53.41
CA GLY C 41 -4.36 -7.19 54.68
C GLY C 41 -5.26 -7.43 55.88
N SER C 42 -6.55 -7.15 55.73
CA SER C 42 -7.50 -7.40 56.82
C SER C 42 -7.54 -8.87 57.20
N PHE C 43 -7.11 -9.76 56.32
CA PHE C 43 -6.91 -11.16 56.65
C PHE C 43 -5.48 -11.48 57.05
N LEU C 44 -4.51 -10.75 56.50
CA LEU C 44 -3.11 -11.05 56.80
C LEU C 44 -2.76 -10.69 58.23
N VAL C 45 -3.29 -9.56 58.72
CA VAL C 45 -2.95 -9.13 60.08
C VAL C 45 -3.39 -10.14 61.14
N PRO C 46 -4.63 -10.66 61.12
CA PRO C 46 -4.98 -11.69 62.12
C PRO C 46 -4.11 -12.93 62.03
N TYR C 47 -3.71 -13.32 60.83
CA TYR C 47 -2.93 -14.55 60.67
C TYR C 47 -1.62 -14.48 61.44
N ILE C 48 -0.93 -13.35 61.36
CA ILE C 48 0.26 -13.15 62.18
C ILE C 48 -0.12 -13.14 63.66
N ILE C 49 -1.23 -12.50 63.99
CA ILE C 49 -1.71 -12.49 65.37
C ILE C 49 -2.08 -13.90 65.81
N MET C 50 -2.77 -14.65 64.95
CA MET C 50 -3.17 -16.02 65.27
C MET C 50 -2.01 -17.00 65.25
N LEU C 51 -0.86 -16.62 64.71
CA LEU C 51 0.31 -17.49 64.69
C LEU C 51 1.05 -17.46 66.02
N ILE C 52 1.43 -16.27 66.49
CA ILE C 52 2.17 -16.16 67.74
C ILE C 52 1.33 -16.51 68.96
N VAL C 53 0.01 -16.60 68.81
CA VAL C 53 -0.88 -16.92 69.90
C VAL C 53 -1.32 -18.38 69.86
N GLU C 54 -1.68 -18.88 68.68
CA GLU C 54 -2.18 -20.24 68.55
C GLU C 54 -1.21 -21.21 67.88
N GLY C 55 -0.37 -20.74 66.97
CA GLY C 55 0.50 -21.64 66.25
C GLY C 55 1.60 -22.25 67.10
N MET C 56 2.54 -21.42 67.54
CA MET C 56 3.68 -21.92 68.31
C MET C 56 3.29 -22.61 69.60
N PRO C 57 2.44 -22.04 70.46
CA PRO C 57 2.14 -22.71 71.74
C PRO C 57 1.49 -24.08 71.56
N LEU C 58 0.45 -24.16 70.73
CA LEU C 58 -0.24 -25.44 70.54
C LEU C 58 0.64 -26.44 69.80
N LEU C 59 1.44 -25.97 68.84
CA LEU C 59 2.35 -26.88 68.15
C LEU C 59 3.38 -27.46 69.11
N TYR C 60 3.96 -26.62 69.97
CA TYR C 60 4.92 -27.11 70.95
C TYR C 60 4.25 -28.04 71.96
N LEU C 61 3.02 -27.74 72.35
CA LEU C 61 2.29 -28.62 73.25
C LEU C 61 2.09 -30.00 72.63
N GLU C 62 1.66 -30.04 71.36
CA GLU C 62 1.47 -31.32 70.69
C GLU C 62 2.77 -32.08 70.55
N LEU C 63 3.85 -31.38 70.18
CA LEU C 63 5.14 -32.05 70.05
C LEU C 63 5.61 -32.61 71.38
N ALA C 64 5.45 -31.84 72.47
CA ALA C 64 5.85 -32.32 73.78
C ALA C 64 5.02 -33.52 74.21
N VAL C 65 3.71 -33.49 73.95
CA VAL C 65 2.87 -34.63 74.29
C VAL C 65 3.30 -35.86 73.52
N GLY C 66 3.56 -35.71 72.22
CA GLY C 66 4.00 -36.85 71.42
C GLY C 66 5.33 -37.40 71.88
N GLN C 67 6.26 -36.51 72.24
CA GLN C 67 7.57 -36.97 72.70
C GLN C 67 7.47 -37.68 74.04
N ARG C 68 6.67 -37.14 74.97
CA ARG C 68 6.60 -37.69 76.31
C ARG C 68 5.84 -39.01 76.34
N MET C 69 4.71 -39.08 75.63
CA MET C 69 3.85 -40.26 75.73
C MET C 69 4.44 -41.47 75.01
N ARG C 70 5.26 -41.24 73.98
CA ARG C 70 5.89 -42.32 73.22
C ARG C 70 4.85 -43.28 72.64
N GLN C 71 3.73 -42.73 72.19
CA GLN C 71 2.64 -43.52 71.64
C GLN C 71 2.02 -42.77 70.47
N GLY C 72 1.08 -43.45 69.80
CA GLY C 72 0.30 -42.82 68.76
C GLY C 72 -0.75 -41.89 69.34
N SER C 73 -1.46 -41.22 68.43
CA SER C 73 -2.47 -40.25 68.86
C SER C 73 -3.55 -40.91 69.70
N ILE C 74 -4.13 -42.01 69.19
CA ILE C 74 -5.15 -42.73 69.94
C ILE C 74 -4.57 -43.26 71.25
N GLY C 75 -3.38 -43.86 71.18
CA GLY C 75 -2.74 -44.36 72.39
C GLY C 75 -2.45 -43.27 73.40
N ALA C 76 -1.97 -42.11 72.93
CA ALA C 76 -1.65 -41.02 73.83
C ALA C 76 -2.92 -40.47 74.50
N TRP C 77 -3.97 -40.24 73.73
CA TRP C 77 -5.19 -39.70 74.30
C TRP C 77 -6.00 -40.73 75.08
N ARG C 78 -5.67 -42.02 74.94
CA ARG C 78 -6.21 -43.02 75.85
C ARG C 78 -5.43 -43.13 77.14
N THR C 79 -4.10 -42.99 77.08
CA THR C 79 -3.29 -43.01 78.28
C THR C 79 -3.56 -41.77 79.14
N ILE C 80 -3.79 -40.62 78.51
CA ILE C 80 -4.07 -39.40 79.26
C ILE C 80 -5.36 -39.57 80.07
N SER C 81 -6.41 -40.09 79.44
CA SER C 81 -7.69 -40.30 80.10
C SER C 81 -8.48 -41.33 79.32
N PRO C 82 -9.12 -42.28 80.00
CA PRO C 82 -9.94 -43.28 79.28
C PRO C 82 -11.14 -42.67 78.59
N TYR C 83 -11.96 -41.92 79.35
CA TYR C 83 -13.17 -41.30 78.82
C TYR C 83 -12.88 -40.18 77.84
N LEU C 84 -11.61 -39.94 77.52
CA LEU C 84 -11.22 -38.99 76.50
C LEU C 84 -10.67 -39.66 75.25
N SER C 85 -10.39 -40.97 75.30
CA SER C 85 -9.70 -41.64 74.21
C SER C 85 -10.41 -41.45 72.87
N GLY C 86 -11.73 -41.32 72.88
CA GLY C 86 -12.47 -41.16 71.64
C GLY C 86 -12.06 -39.97 70.82
N VAL C 87 -11.47 -38.95 71.45
CA VAL C 87 -11.01 -37.79 70.68
C VAL C 87 -9.98 -38.23 69.64
N GLY C 88 -9.15 -39.22 69.97
CA GLY C 88 -8.22 -39.75 68.99
C GLY C 88 -8.92 -40.27 67.76
N VAL C 89 -10.05 -40.96 67.96
CA VAL C 89 -10.84 -41.43 66.83
C VAL C 89 -11.28 -40.25 65.97
N ALA C 90 -11.69 -39.15 66.61
CA ALA C 90 -12.04 -37.95 65.87
C ALA C 90 -10.86 -37.46 65.05
N SER C 91 -9.65 -37.54 65.62
CA SER C 91 -8.44 -37.13 64.90
C SER C 91 -8.25 -37.91 63.62
N VAL C 92 -8.85 -39.10 63.51
CA VAL C 92 -8.83 -39.83 62.25
C VAL C 92 -9.94 -39.34 61.33
N VAL C 93 -11.14 -39.18 61.88
CA VAL C 93 -12.32 -38.93 61.04
C VAL C 93 -12.13 -37.67 60.21
N VAL C 94 -11.74 -36.58 60.87
CA VAL C 94 -11.48 -35.33 60.16
C VAL C 94 -10.46 -35.55 59.06
N SER C 95 -9.37 -36.26 59.39
CA SER C 95 -8.36 -36.55 58.39
C SER C 95 -8.95 -37.34 57.23
N PHE C 96 -9.83 -38.30 57.54
CA PHE C 96 -10.53 -39.02 56.49
C PHE C 96 -11.27 -38.06 55.58
N PHE C 97 -11.99 -37.10 56.18
CA PHE C 97 -12.70 -36.10 55.39
C PHE C 97 -11.72 -35.33 54.51
N LEU C 98 -10.54 -35.02 55.03
CA LEU C 98 -9.51 -34.40 54.19
C LEU C 98 -9.17 -35.30 53.02
N SER C 99 -8.92 -36.58 53.29
CA SER C 99 -8.66 -37.53 52.21
C SER C 99 -9.84 -37.65 51.26
N MET C 100 -11.03 -37.22 51.71
CA MET C 100 -12.18 -37.22 50.82
C MET C 100 -11.98 -36.25 49.65
N TYR C 101 -11.41 -35.07 49.91
CA TYR C 101 -11.40 -34.02 48.91
C TYR C 101 -10.03 -33.47 48.57
N TYR C 102 -9.05 -33.57 49.47
CA TYR C 102 -7.77 -32.90 49.25
C TYR C 102 -7.09 -33.42 47.98
N ASN C 103 -7.07 -34.74 47.79
CA ASN C 103 -6.45 -35.30 46.60
C ASN C 103 -7.10 -34.81 45.32
N VAL C 104 -8.35 -34.35 45.40
CA VAL C 104 -9.02 -33.80 44.22
C VAL C 104 -8.19 -32.65 43.65
N ILE C 105 -7.59 -31.84 44.51
CA ILE C 105 -6.74 -30.75 44.04
C ILE C 105 -5.65 -31.30 43.13
N ASN C 106 -5.00 -32.39 43.57
CA ASN C 106 -3.98 -33.02 42.74
C ASN C 106 -4.52 -33.34 41.36
N ALA C 107 -5.73 -33.90 41.29
CA ALA C 107 -6.34 -34.20 40.00
C ALA C 107 -6.36 -32.97 39.10
N TRP C 108 -6.82 -31.83 39.65
CA TRP C 108 -6.82 -30.60 38.88
C TRP C 108 -5.43 -30.28 38.38
N ALA C 109 -4.43 -30.38 39.25
CA ALA C 109 -3.04 -30.19 38.82
C ALA C 109 -2.71 -31.10 37.65
N PHE C 110 -3.04 -32.39 37.79
CA PHE C 110 -2.84 -33.33 36.69
C PHE C 110 -3.46 -32.79 35.41
N TRP C 111 -4.72 -32.35 35.49
CA TRP C 111 -5.38 -31.78 34.34
C TRP C 111 -4.56 -30.63 33.77
N TYR C 112 -4.20 -29.67 34.63
CA TYR C 112 -3.45 -28.53 34.15
C TYR C 112 -2.05 -28.91 33.70
N LEU C 113 -1.54 -30.06 34.13
CA LEU C 113 -0.28 -30.55 33.56
C LEU C 113 -0.51 -31.08 32.16
N PHE C 114 -1.57 -31.88 31.97
CA PHE C 114 -1.77 -32.56 30.69
C PHE C 114 -2.04 -31.55 29.58
N HIS C 115 -2.64 -30.41 29.90
CA HIS C 115 -2.79 -29.33 28.94
C HIS C 115 -1.63 -28.34 29.04
N SER C 116 -0.40 -28.87 29.05
CA SER C 116 0.78 -28.02 29.10
C SER C 116 1.81 -28.39 28.03
N PHE C 117 1.47 -29.26 27.09
CA PHE C 117 2.40 -29.69 26.04
C PHE C 117 1.98 -29.20 24.67
N GLN C 118 1.19 -28.12 24.63
CA GLN C 118 0.66 -27.57 23.39
C GLN C 118 1.15 -26.14 23.21
N ASP C 119 1.60 -25.82 21.99
CA ASP C 119 1.91 -24.43 21.67
C ASP C 119 0.70 -23.53 21.80
N PRO C 120 -0.49 -23.88 21.26
CA PRO C 120 -1.69 -23.07 21.56
C PRO C 120 -2.28 -23.44 22.90
N LEU C 121 -1.75 -22.88 23.98
CA LEU C 121 -2.20 -23.24 25.32
C LEU C 121 -3.71 -23.01 25.46
N PRO C 122 -4.44 -23.92 26.08
CA PRO C 122 -5.91 -23.80 26.12
C PRO C 122 -6.39 -22.53 26.80
N TRP C 123 -5.63 -22.00 27.77
CA TRP C 123 -6.01 -20.80 28.49
C TRP C 123 -5.39 -19.55 27.86
N SER C 124 -4.73 -19.68 26.72
CA SER C 124 -4.06 -18.56 26.07
C SER C 124 -4.91 -17.89 25.00
N VAL C 125 -5.68 -18.66 24.23
CA VAL C 125 -6.49 -18.14 23.14
C VAL C 125 -7.93 -18.54 23.38
N CYS C 126 -8.84 -17.57 23.29
CA CYS C 126 -10.26 -17.84 23.45
C CYS C 126 -10.79 -18.60 22.24
N PRO C 127 -11.74 -19.52 22.43
CA PRO C 127 -12.36 -20.19 21.29
C PRO C 127 -13.20 -19.24 20.46
N LEU C 128 -13.32 -19.56 19.18
CA LEU C 128 -14.12 -18.75 18.27
C LEU C 128 -15.60 -19.03 18.45
N ASN C 129 -16.42 -18.01 18.16
CA ASN C 129 -17.85 -18.12 18.38
C ASN C 129 -18.51 -19.14 17.46
N GLY C 130 -17.96 -19.35 16.27
CA GLY C 130 -18.55 -20.25 15.31
C GLY C 130 -18.51 -19.68 13.90
N ASN C 131 -18.58 -18.36 13.79
CA ASN C 131 -18.40 -17.68 12.52
C ASN C 131 -16.94 -17.50 12.17
N HIS C 132 -16.02 -17.83 13.08
CA HIS C 132 -14.59 -17.56 12.93
C HIS C 132 -14.32 -16.08 12.74
N THR C 133 -15.16 -15.23 13.33
CA THR C 133 -15.04 -13.78 13.23
C THR C 133 -14.80 -13.09 14.56
N GLY C 134 -15.20 -13.66 15.68
CA GLY C 134 -15.00 -13.06 16.97
C GLY C 134 -14.61 -14.05 18.05
N TYR C 135 -15.09 -13.83 19.26
CA TYR C 135 -14.79 -14.71 20.39
C TYR C 135 -16.07 -15.04 21.14
N ASP C 136 -16.01 -16.11 21.93
CA ASP C 136 -17.16 -16.51 22.73
C ASP C 136 -17.52 -15.41 23.73
N GLU C 137 -18.82 -15.23 23.95
CA GLU C 137 -19.28 -14.20 24.88
C GLU C 137 -18.78 -14.48 26.29
N GLU C 138 -18.83 -15.75 26.71
CA GLU C 138 -18.29 -16.12 28.02
C GLU C 138 -16.79 -15.88 28.09
N CYS C 139 -16.07 -16.23 27.03
CA CYS C 139 -14.62 -16.00 27.00
C CYS C 139 -14.26 -14.55 26.74
N GLU C 140 -15.21 -13.73 26.32
CA GLU C 140 -14.95 -12.30 26.13
C GLU C 140 -15.21 -11.50 27.40
N LYS C 141 -16.36 -11.73 28.05
CA LYS C 141 -16.65 -11.05 29.30
C LYS C 141 -15.65 -11.43 30.39
N ALA C 142 -15.31 -12.70 30.48
CA ALA C 142 -14.33 -13.19 31.44
C ALA C 142 -13.00 -13.43 30.74
N SER C 143 -11.95 -13.61 31.55
CA SER C 143 -10.64 -13.87 30.99
C SER C 143 -10.58 -15.27 30.37
N SER C 144 -9.58 -15.47 29.52
CA SER C 144 -9.41 -16.78 28.89
C SER C 144 -9.12 -17.85 29.95
N THR C 145 -8.27 -17.53 30.93
CA THR C 145 -7.98 -18.48 31.99
C THR C 145 -9.23 -18.80 32.79
N GLN C 146 -10.03 -17.78 33.11
CA GLN C 146 -11.26 -18.02 33.87
C GLN C 146 -12.25 -18.87 33.09
N TYR C 147 -12.40 -18.60 31.80
CA TYR C 147 -13.29 -19.42 30.97
C TYR C 147 -12.79 -20.85 30.90
N PHE C 148 -11.48 -21.05 30.76
CA PHE C 148 -10.92 -22.40 30.71
C PHE C 148 -11.16 -23.13 32.03
N TRP C 149 -10.98 -22.43 33.15
CA TRP C 149 -11.18 -23.08 34.45
C TRP C 149 -12.64 -23.44 34.68
N TYR C 150 -13.55 -22.48 34.47
CA TYR C 150 -14.94 -22.68 34.84
C TYR C 150 -15.75 -23.46 33.82
N ARG C 151 -15.27 -23.59 32.58
CA ARG C 151 -16.05 -24.29 31.56
C ARG C 151 -15.33 -25.49 30.97
N LYS C 152 -14.06 -25.34 30.57
CA LYS C 152 -13.34 -26.44 29.94
C LYS C 152 -12.64 -27.35 30.94
N THR C 153 -12.63 -27.01 32.22
CA THR C 153 -12.02 -27.83 33.26
C THR C 153 -13.03 -28.36 34.25
N LEU C 154 -13.86 -27.49 34.82
CA LEU C 154 -14.88 -27.92 35.77
C LEU C 154 -16.26 -28.07 35.15
N ASN C 155 -16.54 -27.33 34.07
CA ASN C 155 -17.86 -27.34 33.43
C ASN C 155 -18.95 -27.05 34.45
N ILE C 156 -18.71 -26.03 35.28
CA ILE C 156 -19.58 -25.75 36.42
C ILE C 156 -20.93 -25.24 35.94
N SER C 157 -22.00 -25.63 36.68
CA SER C 157 -23.36 -25.19 36.48
C SER C 157 -23.58 -23.82 37.15
N PRO C 158 -24.50 -23.01 36.62
CA PRO C 158 -24.75 -21.70 37.22
C PRO C 158 -25.22 -21.76 38.66
N SER C 159 -25.97 -22.80 39.03
CA SER C 159 -26.50 -22.93 40.38
C SER C 159 -26.28 -24.34 40.90
N LEU C 160 -26.19 -24.45 42.24
CA LEU C 160 -25.97 -25.75 42.88
C LEU C 160 -27.17 -26.68 42.73
N GLN C 161 -28.37 -26.10 42.57
CA GLN C 161 -29.57 -26.93 42.49
C GLN C 161 -29.52 -27.88 41.29
N GLU C 162 -29.05 -27.40 40.15
CA GLU C 162 -28.93 -28.21 38.94
C GLU C 162 -27.52 -28.78 38.88
N ASN C 163 -27.42 -30.11 38.92
CA ASN C 163 -26.16 -30.81 38.78
C ASN C 163 -26.31 -31.93 37.75
N GLY C 164 -25.35 -32.02 36.85
CA GLY C 164 -25.35 -33.02 35.80
C GLY C 164 -24.70 -34.31 36.24
N GLY C 165 -24.39 -35.15 35.25
CA GLY C 165 -23.74 -36.41 35.52
C GLY C 165 -22.27 -36.23 35.87
N VAL C 166 -21.65 -37.35 36.24
CA VAL C 166 -20.24 -37.35 36.62
C VAL C 166 -19.42 -37.15 35.35
N GLN C 167 -18.73 -36.00 35.26
CA GLN C 167 -17.86 -35.74 34.13
C GLN C 167 -16.73 -36.76 34.10
N TRP C 168 -16.50 -37.37 32.93
CA TRP C 168 -15.60 -38.50 32.86
C TRP C 168 -14.13 -38.09 32.96
N GLU C 169 -13.74 -36.98 32.33
CA GLU C 169 -12.34 -36.56 32.39
C GLU C 169 -11.90 -36.20 33.80
N PRO C 170 -12.64 -35.39 34.58
CA PRO C 170 -12.23 -35.18 35.98
C PRO C 170 -12.21 -36.45 36.81
N ALA C 171 -13.15 -37.37 36.56
CA ALA C 171 -13.13 -38.64 37.28
C ALA C 171 -11.88 -39.44 36.96
N LEU C 172 -11.48 -39.46 35.70
CA LEU C 172 -10.25 -40.15 35.31
C LEU C 172 -9.03 -39.49 35.93
N CYS C 173 -9.01 -38.16 35.99
CA CYS C 173 -7.89 -37.46 36.62
C CYS C 173 -7.81 -37.80 38.11
N LEU C 174 -8.96 -37.82 38.80
CA LEU C 174 -8.98 -38.19 40.21
C LEU C 174 -8.52 -39.63 40.40
N LEU C 175 -8.95 -40.52 39.51
CA LEU C 175 -8.52 -41.92 39.61
C LEU C 175 -7.01 -42.05 39.43
N LEU C 176 -6.44 -41.32 38.47
CA LEU C 176 -4.99 -41.34 38.28
C LEU C 176 -4.27 -40.79 39.51
N ALA C 177 -4.81 -39.70 40.09
CA ALA C 177 -4.20 -39.16 41.30
C ALA C 177 -4.21 -40.17 42.43
N TRP C 178 -5.32 -40.87 42.61
CA TRP C 178 -5.41 -41.88 43.67
C TRP C 178 -4.47 -43.05 43.39
N LEU C 179 -4.33 -43.44 42.13
CA LEU C 179 -3.38 -44.50 41.79
C LEU C 179 -1.95 -44.09 42.11
N VAL C 180 -1.59 -42.84 41.80
CA VAL C 180 -0.25 -42.35 42.12
C VAL C 180 -0.05 -42.31 43.63
N VAL C 181 -1.08 -41.89 44.37
CA VAL C 181 -0.99 -41.86 45.82
C VAL C 181 -0.76 -43.27 46.37
N TYR C 182 -1.51 -44.24 45.87
CA TYR C 182 -1.35 -45.62 46.33
C TYR C 182 0.03 -46.17 45.98
N LEU C 183 0.53 -45.84 44.79
CA LEU C 183 1.87 -46.28 44.41
C LEU C 183 2.93 -45.69 45.33
N CYS C 184 2.80 -44.39 45.66
CA CYS C 184 3.75 -43.77 46.57
C CYS C 184 3.64 -44.35 47.97
N ILE C 185 2.43 -44.73 48.38
CA ILE C 185 2.25 -45.38 49.68
C ILE C 185 2.99 -46.71 49.70
N LEU C 186 2.80 -47.52 48.66
CA LEU C 186 3.44 -48.84 48.63
C LEU C 186 4.95 -48.73 48.52
N ARG C 187 5.45 -47.83 47.69
CA ARG C 187 6.88 -47.78 47.40
C ARG C 187 7.66 -47.03 48.48
N GLY C 188 7.33 -45.76 48.69
CA GLY C 188 8.11 -44.90 49.56
C GLY C 188 7.77 -45.10 51.03
N THR C 189 8.73 -45.65 51.77
CA THR C 189 8.60 -45.79 53.22
C THR C 189 9.76 -45.20 54.01
N GLU C 190 11.00 -45.28 53.52
CA GLU C 190 12.14 -44.71 54.22
C GLU C 190 13.12 -43.97 53.32
N SER C 191 12.90 -43.93 52.00
CA SER C 191 13.80 -43.22 51.10
C SER C 191 13.60 -41.72 51.13
N THR C 192 12.60 -41.23 51.87
CA THR C 192 12.31 -39.80 51.92
C THR C 192 13.51 -38.98 52.37
N GLY C 193 14.42 -39.57 53.15
CA GLY C 193 15.62 -38.85 53.54
C GLY C 193 16.42 -38.36 52.35
N LYS C 194 16.50 -39.17 51.30
CA LYS C 194 17.08 -38.70 50.05
C LYS C 194 16.13 -37.75 49.33
N VAL C 195 14.83 -38.06 49.34
CA VAL C 195 13.85 -37.24 48.64
C VAL C 195 13.77 -35.84 49.24
N VAL C 196 14.05 -35.72 50.54
CA VAL C 196 14.05 -34.41 51.18
C VAL C 196 15.14 -33.52 50.59
N TYR C 197 16.19 -34.12 50.02
CA TYR C 197 17.27 -33.33 49.43
C TYR C 197 16.82 -32.57 48.19
N PHE C 198 15.72 -32.98 47.56
CA PHE C 198 15.23 -32.35 46.34
C PHE C 198 13.80 -31.87 46.42
N THR C 199 12.93 -32.55 47.16
CA THR C 199 11.51 -32.21 47.22
C THR C 199 11.20 -31.18 48.30
N ALA C 200 12.17 -30.38 48.72
CA ALA C 200 11.93 -29.38 49.75
C ALA C 200 12.35 -27.99 49.29
N SER C 201 13.30 -27.91 48.36
CA SER C 201 13.81 -26.64 47.88
C SER C 201 13.23 -26.23 46.53
N LEU C 202 12.71 -27.17 45.75
CA LEU C 202 12.11 -26.83 44.46
C LEU C 202 10.97 -25.83 44.57
N PRO C 203 10.02 -25.96 45.51
CA PRO C 203 8.97 -24.93 45.61
C PRO C 203 9.52 -23.54 45.84
N TYR C 204 10.58 -23.40 46.64
CA TYR C 204 11.15 -22.07 46.87
C TYR C 204 11.75 -21.50 45.60
N CYS C 205 12.44 -22.33 44.81
CA CYS C 205 13.00 -21.85 43.54
C CYS C 205 11.89 -21.43 42.57
N VAL C 206 10.82 -22.24 42.49
CA VAL C 206 9.71 -21.90 41.60
C VAL C 206 9.06 -20.60 42.04
N LEU C 207 8.86 -20.44 43.35
CA LEU C 207 8.29 -19.20 43.86
C LEU C 207 9.19 -18.00 43.60
N ILE C 208 10.50 -18.18 43.70
CA ILE C 208 11.43 -17.09 43.38
C ILE C 208 11.30 -16.70 41.92
N ILE C 209 11.25 -17.68 41.02
CA ILE C 209 11.14 -17.39 39.60
C ILE C 209 9.83 -16.66 39.30
N TYR C 210 8.73 -17.13 39.89
CA TYR C 210 7.44 -16.49 39.62
C TYR C 210 7.35 -15.12 40.27
N LEU C 211 8.01 -14.92 41.41
CA LEU C 211 8.09 -13.58 41.99
C LEU C 211 8.85 -12.63 41.07
N ILE C 212 9.95 -13.11 40.48
CA ILE C 212 10.69 -12.28 39.53
C ILE C 212 9.79 -11.92 38.36
N ARG C 213 9.09 -12.90 37.81
CA ARG C 213 8.22 -12.62 36.66
C ARG C 213 7.11 -11.64 37.03
N GLY C 214 6.52 -11.81 38.20
CA GLY C 214 5.48 -10.89 38.63
C GLY C 214 5.98 -9.47 38.82
N LEU C 215 7.14 -9.32 39.48
CA LEU C 215 7.72 -8.01 39.67
C LEU C 215 8.21 -7.37 38.37
N THR C 216 8.41 -8.17 37.32
CA THR C 216 8.74 -7.62 36.02
C THR C 216 7.50 -7.20 35.22
N LEU C 217 6.30 -7.43 35.75
CA LEU C 217 5.07 -7.10 35.04
C LEU C 217 4.59 -5.71 35.39
N HIS C 218 3.96 -5.07 34.41
CA HIS C 218 3.40 -3.73 34.62
C HIS C 218 2.24 -3.76 35.59
N GLY C 219 2.15 -2.74 36.43
CA GLY C 219 1.08 -2.65 37.41
C GLY C 219 1.09 -3.77 38.44
N ALA C 220 2.28 -4.21 38.84
CA ALA C 220 2.40 -5.29 39.80
C ALA C 220 2.37 -4.80 41.25
N THR C 221 2.85 -3.59 41.51
CA THR C 221 2.89 -3.08 42.87
C THR C 221 1.50 -2.86 43.44
N ASN C 222 0.48 -2.71 42.58
CA ASN C 222 -0.87 -2.49 43.08
C ASN C 222 -1.37 -3.66 43.90
N GLY C 223 -1.12 -4.89 43.43
CA GLY C 223 -1.52 -6.06 44.19
C GLY C 223 -0.80 -6.17 45.52
N LEU C 224 0.50 -5.86 45.53
CA LEU C 224 1.26 -5.89 46.78
C LEU C 224 0.74 -4.85 47.75
N MET C 225 0.40 -3.66 47.26
CA MET C 225 -0.18 -2.63 48.14
C MET C 225 -1.53 -3.09 48.67
N TYR C 226 -2.35 -3.71 47.84
CA TYR C 226 -3.66 -4.18 48.29
C TYR C 226 -3.52 -5.27 49.35
N MET C 227 -2.59 -6.21 49.15
CA MET C 227 -2.44 -7.32 50.09
C MET C 227 -1.89 -6.84 51.44
N PHE C 228 -1.11 -5.77 51.44
CA PHE C 228 -0.55 -5.23 52.67
C PHE C 228 -1.36 -4.06 53.21
N THR C 229 -2.53 -3.77 52.64
CA THR C 229 -3.38 -2.70 53.14
C THR C 229 -4.34 -3.28 54.18
N PRO C 230 -4.20 -2.91 55.46
CA PRO C 230 -5.10 -3.43 56.51
C PRO C 230 -6.38 -2.60 56.67
N LYS C 231 -7.33 -2.85 55.77
CA LYS C 231 -8.59 -2.12 55.79
C LYS C 231 -9.35 -2.41 57.08
N ILE C 232 -9.62 -1.35 57.85
CA ILE C 232 -10.30 -1.51 59.13
C ILE C 232 -11.79 -1.78 58.96
N GLU C 233 -12.35 -1.43 57.79
CA GLU C 233 -13.78 -1.66 57.57
C GLU C 233 -14.11 -3.14 57.60
N GLN C 234 -13.28 -3.96 56.97
CA GLN C 234 -13.48 -5.41 56.95
C GLN C 234 -12.61 -6.14 57.97
N LEU C 235 -11.85 -5.41 58.78
CA LEU C 235 -11.00 -6.05 59.78
C LEU C 235 -11.82 -6.63 60.92
N ALA C 236 -13.02 -6.11 61.15
CA ALA C 236 -13.84 -6.53 62.27
C ALA C 236 -14.68 -7.77 61.98
N ASN C 237 -14.56 -8.33 60.78
CA ASN C 237 -15.36 -9.50 60.43
C ASN C 237 -14.86 -10.74 61.16
N PRO C 238 -15.68 -11.38 61.99
CA PRO C 238 -15.21 -12.60 62.68
C PRO C 238 -14.89 -13.74 61.73
N LYS C 239 -15.48 -13.75 60.53
CA LYS C 239 -15.20 -14.81 59.58
C LYS C 239 -13.72 -14.83 59.20
N ALA C 240 -13.10 -13.65 59.07
CA ALA C 240 -11.68 -13.60 58.77
C ALA C 240 -10.86 -14.27 59.86
N TRP C 241 -11.19 -13.98 61.13
CA TRP C 241 -10.46 -14.60 62.24
C TRP C 241 -10.65 -16.11 62.25
N ILE C 242 -11.89 -16.56 62.02
CA ILE C 242 -12.16 -18.00 62.03
C ILE C 242 -11.40 -18.70 60.91
N ASN C 243 -11.43 -18.12 59.71
CA ASN C 243 -10.73 -18.71 58.59
C ASN C 243 -9.22 -18.72 58.80
N ALA C 244 -8.67 -17.64 59.37
CA ALA C 244 -7.25 -17.61 59.65
C ALA C 244 -6.87 -18.68 60.67
N ALA C 245 -7.67 -18.84 61.72
CA ALA C 245 -7.37 -19.85 62.73
C ALA C 245 -7.42 -21.25 62.15
N THR C 246 -8.48 -21.57 61.41
CA THR C 246 -8.57 -22.91 60.84
C THR C 246 -7.49 -23.15 59.79
N GLN C 247 -7.12 -22.11 59.03
CA GLN C 247 -6.09 -22.29 58.01
C GLN C 247 -4.72 -22.52 58.65
N ILE C 248 -4.38 -21.79 59.71
CA ILE C 248 -3.10 -22.00 60.36
C ILE C 248 -3.07 -23.37 61.04
N PHE C 249 -4.20 -23.79 61.63
CA PHE C 249 -4.25 -25.12 62.23
C PHE C 249 -4.08 -26.19 61.17
N PHE C 250 -4.72 -26.03 60.01
CA PHE C 250 -4.60 -27.02 58.94
C PHE C 250 -3.18 -27.06 58.38
N SER C 251 -2.59 -25.90 58.14
CA SER C 251 -1.24 -25.85 57.57
C SER C 251 -0.21 -26.42 58.54
N LEU C 252 -0.35 -26.13 59.84
CA LEU C 252 0.57 -26.68 60.82
C LEU C 252 0.27 -28.14 61.12
N GLY C 253 -0.86 -28.66 60.66
CA GLY C 253 -1.22 -30.04 60.89
C GLY C 253 -1.85 -30.35 62.23
N LEU C 254 -2.22 -29.33 63.00
CA LEU C 254 -2.83 -29.54 64.30
C LEU C 254 -4.18 -30.22 64.16
N GLY C 255 -4.47 -31.12 65.08
CA GLY C 255 -5.74 -31.84 65.09
C GLY C 255 -5.69 -33.15 64.33
N PHE C 256 -4.86 -33.21 63.29
CA PHE C 256 -4.75 -34.43 62.49
C PHE C 256 -4.05 -35.56 63.23
N GLY C 257 -3.20 -35.23 64.21
CA GLY C 257 -2.49 -36.23 64.97
C GLY C 257 -1.20 -36.72 64.34
N SER C 258 -0.87 -36.26 63.13
CA SER C 258 0.38 -36.66 62.50
C SER C 258 1.59 -36.15 63.26
N LEU C 259 1.48 -34.95 63.83
CA LEU C 259 2.59 -34.38 64.60
C LEU C 259 2.92 -35.23 65.82
N ILE C 260 1.88 -35.73 66.52
CA ILE C 260 2.10 -36.58 67.67
C ILE C 260 2.79 -37.88 67.26
N ALA C 261 2.34 -38.47 66.15
CA ALA C 261 2.95 -39.70 65.67
C ALA C 261 4.41 -39.49 65.29
N PHE C 262 4.71 -38.36 64.64
CA PHE C 262 6.09 -38.06 64.29
C PHE C 262 6.95 -37.83 65.53
N ALA C 263 6.41 -37.12 66.53
CA ALA C 263 7.15 -36.87 67.76
C ALA C 263 7.39 -38.15 68.55
N SER C 264 6.47 -39.12 68.48
CA SER C 264 6.67 -40.39 69.17
C SER C 264 7.84 -41.17 68.62
N TYR C 265 8.29 -40.88 67.39
CA TYR C 265 9.39 -41.59 66.76
C TYR C 265 10.75 -40.94 66.99
N ASN C 266 10.79 -39.81 67.70
CA ASN C 266 12.03 -39.09 67.93
C ASN C 266 12.63 -39.46 69.28
N GLU C 267 13.90 -39.12 69.46
CA GLU C 267 14.59 -39.41 70.71
C GLU C 267 14.01 -38.60 71.85
N PRO C 268 13.97 -39.15 73.06
CA PRO C 268 13.43 -38.39 74.19
C PRO C 268 14.20 -37.12 74.50
N SER C 269 15.49 -37.06 74.17
CA SER C 269 16.31 -35.88 74.41
C SER C 269 16.30 -34.91 73.24
N ASN C 270 15.55 -35.20 72.18
CA ASN C 270 15.49 -34.31 71.04
C ASN C 270 14.80 -33.00 71.40
N ASN C 271 15.35 -31.89 70.89
CA ASN C 271 14.80 -30.57 71.17
C ASN C 271 13.45 -30.42 70.48
N CYS C 272 12.48 -29.89 71.21
CA CYS C 272 11.12 -29.72 70.71
C CYS C 272 10.70 -28.26 70.54
N GLN C 273 11.07 -27.39 71.49
CA GLN C 273 10.71 -25.98 71.38
C GLN C 273 11.33 -25.34 70.15
N LYS C 274 12.62 -25.60 69.93
CA LYS C 274 13.29 -25.07 68.75
C LYS C 274 12.66 -25.62 67.47
N HIS C 275 12.36 -26.92 67.45
CA HIS C 275 11.75 -27.53 66.27
C HIS C 275 10.39 -26.91 65.98
N ALA C 276 9.56 -26.76 67.02
CA ALA C 276 8.22 -26.17 66.83
C ALA C 276 8.32 -24.74 66.34
N ILE C 277 9.20 -23.94 66.95
CA ILE C 277 9.33 -22.55 66.56
C ILE C 277 9.80 -22.44 65.11
N ILE C 278 10.80 -23.25 64.74
CA ILE C 278 11.32 -23.20 63.38
C ILE C 278 10.24 -23.61 62.39
N VAL C 279 9.50 -24.67 62.69
CA VAL C 279 8.45 -25.14 61.78
C VAL C 279 7.38 -24.08 61.60
N SER C 280 6.93 -23.48 62.70
CA SER C 280 5.87 -22.47 62.62
C SER C 280 6.34 -21.25 61.84
N LEU C 281 7.56 -20.77 62.12
CA LEU C 281 8.07 -19.60 61.42
C LEU C 281 8.26 -19.89 59.93
N ILE C 282 8.78 -21.06 59.60
CA ILE C 282 8.98 -21.41 58.19
C ILE C 282 7.65 -21.51 57.46
N ASN C 283 6.65 -22.13 58.09
CA ASN C 283 5.34 -22.24 57.47
C ASN C 283 4.73 -20.86 57.23
N SER C 284 4.82 -19.99 58.23
CA SER C 284 4.26 -18.64 58.07
C SER C 284 4.99 -17.88 56.97
N PHE C 285 6.32 -17.96 56.94
CA PHE C 285 7.09 -17.25 55.93
C PHE C 285 6.78 -17.77 54.53
N THR C 286 6.65 -19.09 54.38
CA THR C 286 6.34 -19.66 53.08
C THR C 286 4.95 -19.24 52.63
N SER C 287 3.97 -19.25 53.54
CA SER C 287 2.64 -18.80 53.17
C SER C 287 2.64 -17.33 52.76
N ILE C 288 3.39 -16.50 53.50
CA ILE C 288 3.45 -15.07 53.16
C ILE C 288 4.11 -14.87 51.80
N PHE C 289 5.17 -15.63 51.52
CA PHE C 289 5.85 -15.50 50.24
C PHE C 289 4.95 -15.92 49.08
N ALA C 290 4.23 -17.03 49.25
CA ALA C 290 3.29 -17.47 48.23
C ALA C 290 2.19 -16.43 48.02
N SER C 291 1.69 -15.86 49.11
CA SER C 291 0.69 -14.80 49.00
C SER C 291 1.26 -13.59 48.26
N ILE C 292 2.52 -13.24 48.53
CA ILE C 292 3.14 -12.11 47.85
C ILE C 292 3.17 -12.33 46.35
N VAL C 293 3.64 -13.50 45.92
CA VAL C 293 3.73 -13.78 44.49
C VAL C 293 2.34 -13.81 43.86
N THR C 294 1.41 -14.53 44.49
CA THR C 294 0.08 -14.67 43.93
C THR C 294 -0.63 -13.33 43.84
N PHE C 295 -0.51 -12.49 44.87
CA PHE C 295 -1.15 -11.19 44.84
C PHE C 295 -0.45 -10.20 43.93
N SER C 296 0.85 -10.36 43.68
CA SER C 296 1.48 -9.57 42.63
C SER C 296 0.87 -9.88 41.28
N ILE C 297 0.73 -11.17 40.97
CA ILE C 297 0.10 -11.53 39.70
C ILE C 297 -1.36 -11.10 39.66
N TYR C 298 -2.05 -11.19 40.80
CA TYR C 298 -3.44 -10.78 40.88
C TYR C 298 -3.60 -9.28 40.67
N GLY C 299 -2.69 -8.48 41.24
CA GLY C 299 -2.72 -7.06 40.98
C GLY C 299 -2.42 -6.74 39.53
N PHE C 300 -1.53 -7.52 38.91
CA PHE C 300 -1.32 -7.38 37.47
C PHE C 300 -2.61 -7.62 36.70
N LYS C 301 -3.35 -8.68 37.07
CA LYS C 301 -4.62 -8.96 36.41
C LYS C 301 -5.61 -7.83 36.61
N ALA C 302 -5.71 -7.31 37.83
CA ALA C 302 -6.65 -6.22 38.10
C ALA C 302 -6.28 -4.97 37.32
N THR C 303 -5.00 -4.65 37.25
CA THR C 303 -4.56 -3.49 36.48
C THR C 303 -4.86 -3.68 34.99
N PHE C 304 -4.64 -4.89 34.47
CA PHE C 304 -4.94 -5.15 33.07
C PHE C 304 -6.43 -5.00 32.79
N ASN C 305 -7.28 -5.51 33.69
CA ASN C 305 -8.72 -5.37 33.51
C ASN C 305 -9.15 -3.90 33.57
N TYR C 306 -8.56 -3.14 34.50
CA TYR C 306 -8.89 -1.72 34.61
C TYR C 306 -8.49 -0.97 33.34
N GLU C 307 -7.29 -1.25 32.82
CA GLU C 307 -6.85 -0.60 31.59
C GLU C 307 -7.74 -0.99 30.42
N ASN C 308 -8.13 -2.27 30.34
CA ASN C 308 -9.01 -2.70 29.26
C ASN C 308 -10.37 -2.01 29.34
N CYS C 309 -10.92 -1.87 30.56
CA CYS C 309 -12.19 -1.18 30.71
C CYS C 309 -12.08 0.29 30.31
N LEU C 310 -11.00 0.96 30.72
CA LEU C 310 -10.81 2.35 30.32
C LEU C 310 -10.66 2.48 28.81
N LYS C 311 -9.93 1.55 28.19
CA LYS C 311 -9.75 1.60 26.75
C LYS C 311 -11.09 1.38 26.04
N LYS C 312 -11.91 0.46 26.52
CA LYS C 312 -13.22 0.25 25.92
C LYS C 312 -14.10 1.48 26.04
N VAL C 313 -14.10 2.12 27.22
CA VAL C 313 -14.89 3.32 27.41
C VAL C 313 -14.42 4.43 26.48
N SER C 314 -13.11 4.63 26.38
CA SER C 314 -12.57 5.64 25.49
C SER C 314 -12.89 5.35 24.04
N LEU C 315 -12.80 4.09 23.62
CA LEU C 315 -13.14 3.73 22.25
C LEU C 315 -14.61 3.99 21.96
N LEU C 316 -15.50 3.65 22.89
CA LEU C 316 -16.92 3.92 22.68
C LEU C 316 -17.18 5.42 22.58
N LEU C 317 -16.58 6.22 23.47
CA LEU C 317 -16.78 7.67 23.40
C LEU C 317 -16.25 8.23 22.10
N THR C 318 -15.07 7.79 21.67
CA THR C 318 -14.48 8.29 20.43
C THR C 318 -15.34 7.91 19.22
N ASN C 319 -15.83 6.67 19.19
CA ASN C 319 -16.67 6.24 18.07
C ASN C 319 -17.99 7.01 18.03
N THR C 320 -18.60 7.26 19.18
CA THR C 320 -19.91 7.88 19.23
C THR C 320 -19.86 9.40 19.23
N PHE C 321 -18.68 10.01 19.35
CA PHE C 321 -18.56 11.46 19.32
C PHE C 321 -17.53 11.95 18.32
N ASP C 322 -16.89 11.05 17.58
CA ASP C 322 -15.98 11.40 16.50
C ASP C 322 -14.84 12.31 16.95
N LEU C 323 -14.07 11.87 17.95
CA LEU C 323 -12.90 12.59 18.42
C LEU C 323 -11.66 12.04 17.74
N GLU C 324 -10.51 12.62 18.07
CA GLU C 324 -9.27 12.11 17.52
C GLU C 324 -8.89 10.79 18.17
N ASP C 325 -8.01 10.05 17.49
CA ASP C 325 -7.62 8.73 18.00
C ASP C 325 -6.90 8.84 19.34
N GLY C 326 -5.96 9.76 19.45
CA GLY C 326 -5.18 9.90 20.67
C GLY C 326 -5.64 11.03 21.56
N PHE C 327 -6.70 11.73 21.17
CA PHE C 327 -7.18 12.86 21.97
C PHE C 327 -7.68 12.40 23.33
N LEU C 328 -8.41 11.28 23.37
CA LEU C 328 -8.99 10.78 24.60
C LEU C 328 -8.05 9.73 25.20
N THR C 329 -7.57 9.99 26.40
CA THR C 329 -6.70 9.08 27.13
C THR C 329 -7.29 8.82 28.51
N ALA C 330 -6.64 7.93 29.26
CA ALA C 330 -7.11 7.61 30.61
C ALA C 330 -6.95 8.81 31.54
N SER C 331 -5.86 9.57 31.37
CA SER C 331 -5.55 10.67 32.27
C SER C 331 -6.52 11.84 32.15
N ASN C 332 -7.28 11.93 31.07
CA ASN C 332 -8.18 13.07 30.84
C ASN C 332 -9.55 12.58 30.37
N LEU C 333 -10.07 11.54 31.03
CA LEU C 333 -11.35 10.98 30.63
C LEU C 333 -12.51 11.82 31.16
N GLU C 334 -12.56 12.03 32.48
CA GLU C 334 -13.71 12.70 33.08
C GLU C 334 -13.85 14.13 32.59
N GLN C 335 -12.73 14.80 32.31
CA GLN C 335 -12.80 16.16 31.77
C GLN C 335 -13.48 16.16 30.40
N VAL C 336 -13.11 15.21 29.54
CA VAL C 336 -13.73 15.11 28.22
C VAL C 336 -15.20 14.75 28.36
N LYS C 337 -15.53 13.90 29.34
CA LYS C 337 -16.93 13.55 29.58
C LYS C 337 -17.74 14.80 29.96
N GLY C 338 -17.17 15.62 30.83
CA GLY C 338 -17.84 16.86 31.21
C GLY C 338 -17.98 17.82 30.03
N TYR C 339 -16.95 17.93 29.20
CA TYR C 339 -17.02 18.79 28.03
C TYR C 339 -18.10 18.31 27.06
N LEU C 340 -18.19 17.00 26.84
CA LEU C 340 -19.21 16.45 25.96
C LEU C 340 -20.61 16.67 26.54
N ALA C 341 -20.75 16.51 27.86
CA ALA C 341 -22.04 16.78 28.49
C ALA C 341 -22.44 18.24 28.34
N SER C 342 -21.49 19.16 28.50
CA SER C 342 -21.77 20.58 28.33
C SER C 342 -21.98 20.96 26.87
N ALA C 343 -21.49 20.17 25.93
CA ALA C 343 -21.65 20.49 24.51
C ALA C 343 -23.05 20.12 24.03
N TYR C 344 -23.41 18.84 24.14
CA TYR C 344 -24.74 18.38 23.74
C TYR C 344 -25.16 17.26 24.67
N PRO C 345 -25.91 17.58 25.73
CA PRO C 345 -26.30 16.54 26.69
C PRO C 345 -27.21 15.47 26.12
N SER C 346 -27.89 15.73 25.00
CA SER C 346 -28.78 14.73 24.43
C SER C 346 -28.00 13.50 23.96
N LYS C 347 -26.95 13.71 23.17
CA LYS C 347 -26.13 12.58 22.71
C LYS C 347 -25.43 11.89 23.87
N TYR C 348 -24.94 12.65 24.85
CA TYR C 348 -24.27 12.05 25.99
C TYR C 348 -25.24 11.17 26.79
N SER C 349 -26.46 11.65 27.01
CA SER C 349 -27.45 10.87 27.73
C SER C 349 -27.98 9.70 26.92
N GLU C 350 -27.89 9.77 25.59
CA GLU C 350 -28.29 8.65 24.75
C GLU C 350 -27.44 7.41 25.00
N MET C 351 -26.24 7.57 25.56
CA MET C 351 -25.35 6.45 25.83
C MET C 351 -24.82 6.45 27.27
N PHE C 352 -25.33 7.32 28.13
CA PHE C 352 -24.87 7.40 29.51
C PHE C 352 -24.97 6.06 30.26
N PRO C 353 -26.07 5.30 30.17
CA PRO C 353 -26.08 3.98 30.83
C PRO C 353 -25.05 3.01 30.27
N GLN C 354 -24.61 3.20 29.03
CA GLN C 354 -23.64 2.27 28.45
C GLN C 354 -22.26 2.46 29.05
N ILE C 355 -21.92 3.68 29.49
CA ILE C 355 -20.61 3.93 30.06
C ILE C 355 -20.51 3.24 31.42
N LYS C 356 -19.41 2.54 31.63
CA LYS C 356 -19.17 1.78 32.86
C LYS C 356 -18.16 2.49 33.73
N ASN C 357 -18.43 2.52 35.04
CA ASN C 357 -17.51 3.08 36.02
C ASN C 357 -16.65 1.96 36.57
N CYS C 358 -15.37 1.94 36.21
CA CYS C 358 -14.43 0.92 36.66
C CYS C 358 -13.27 1.59 37.38
N SER C 359 -12.91 1.04 38.54
CA SER C 359 -11.83 1.56 39.36
C SER C 359 -10.95 0.41 39.82
N LEU C 360 -9.73 0.77 40.26
CA LEU C 360 -8.78 -0.25 40.71
C LEU C 360 -9.29 -1.00 41.92
N GLU C 361 -9.96 -0.29 42.84
CA GLU C 361 -10.45 -0.94 44.06
C GLU C 361 -11.48 -2.01 43.75
N SER C 362 -12.46 -1.70 42.89
CA SER C 362 -13.49 -2.67 42.57
C SER C 362 -12.91 -3.90 41.88
N GLU C 363 -11.97 -3.69 40.94
CA GLU C 363 -11.35 -4.82 40.26
C GLU C 363 -10.55 -5.66 41.24
N LEU C 364 -9.69 -5.03 42.04
CA LEU C 364 -8.91 -5.75 43.04
C LEU C 364 -9.82 -6.53 44.00
N ASP C 365 -11.02 -6.02 44.24
CA ASP C 365 -11.97 -6.77 45.07
C ASP C 365 -12.57 -7.94 44.31
N THR C 366 -12.80 -7.80 43.00
CA THR C 366 -13.52 -8.83 42.25
C THR C 366 -12.84 -9.19 40.93
N ALA C 367 -11.52 -9.06 40.85
CA ALA C 367 -10.82 -9.51 39.64
C ALA C 367 -10.95 -11.01 39.45
N VAL C 368 -10.36 -11.78 40.36
CA VAL C 368 -10.41 -13.24 40.33
C VAL C 368 -10.67 -13.73 41.75
N GLN C 369 -11.65 -14.61 41.91
CA GLN C 369 -11.99 -15.15 43.22
C GLN C 369 -12.56 -16.54 43.03
N GLY C 370 -12.52 -17.32 44.12
CA GLY C 370 -13.01 -18.67 44.13
C GLY C 370 -11.94 -19.64 44.61
N THR C 371 -12.33 -20.91 44.66
CA THR C 371 -11.43 -21.96 45.14
C THR C 371 -10.23 -22.16 44.23
N GLY C 372 -10.32 -21.75 42.97
CA GLY C 372 -9.21 -21.93 42.04
C GLY C 372 -8.47 -20.64 41.74
N LEU C 373 -8.31 -19.79 42.76
CA LEU C 373 -7.58 -18.53 42.56
C LEU C 373 -6.15 -18.79 42.13
N ALA C 374 -5.48 -19.75 42.79
CA ALA C 374 -4.08 -20.01 42.48
C ALA C 374 -3.92 -20.51 41.04
N PHE C 375 -4.79 -21.41 40.60
CA PHE C 375 -4.68 -21.96 39.26
C PHE C 375 -4.86 -20.87 38.20
N ILE C 376 -5.91 -20.06 38.35
CA ILE C 376 -6.18 -18.99 37.38
C ILE C 376 -5.05 -17.98 37.37
N VAL C 377 -4.61 -17.57 38.56
CA VAL C 377 -3.56 -16.55 38.68
C VAL C 377 -2.27 -17.04 38.05
N TYR C 378 -1.87 -18.28 38.35
CA TYR C 378 -0.61 -18.78 37.82
C TYR C 378 -0.70 -19.11 36.34
N THR C 379 -1.87 -19.51 35.84
CA THR C 379 -2.02 -19.68 34.40
C THR C 379 -1.88 -18.33 33.68
N GLU C 380 -2.47 -17.28 34.25
CA GLU C 380 -2.30 -15.96 33.67
C GLU C 380 -0.83 -15.55 33.68
N ALA C 381 -0.13 -15.83 34.79
CA ALA C 381 1.30 -15.51 34.84
C ALA C 381 2.09 -16.30 33.80
N ILE C 382 1.75 -17.57 33.62
CA ILE C 382 2.46 -18.41 32.66
C ILE C 382 2.24 -17.94 31.24
N LYS C 383 1.01 -17.54 30.91
CA LYS C 383 0.71 -17.13 29.53
C LYS C 383 1.47 -15.88 29.11
N ASN C 384 2.06 -15.14 30.06
CA ASN C 384 2.84 -13.95 29.74
C ASN C 384 4.34 -14.20 29.90
N MET C 385 4.76 -15.45 29.76
CA MET C 385 6.16 -15.82 29.86
C MET C 385 6.81 -15.80 28.47
N GLU C 386 8.08 -16.21 28.41
CA GLU C 386 8.76 -16.38 27.13
C GLU C 386 8.55 -17.80 26.60
N VAL C 387 8.91 -18.80 27.40
CA VAL C 387 8.60 -20.19 27.08
C VAL C 387 7.54 -20.67 28.06
N SER C 388 6.27 -20.50 27.67
CA SER C 388 5.17 -20.75 28.61
C SER C 388 5.10 -22.20 29.04
N GLN C 389 5.33 -23.14 28.10
CA GLN C 389 5.16 -24.55 28.41
C GLN C 389 6.11 -25.01 29.50
N LEU C 390 7.37 -24.57 29.45
CA LEU C 390 8.35 -25.01 30.42
C LEU C 390 7.98 -24.56 31.83
N TRP C 391 7.65 -23.27 31.97
CA TRP C 391 7.28 -22.75 33.29
C TRP C 391 5.98 -23.39 33.79
N SER C 392 5.03 -23.62 32.89
CA SER C 392 3.79 -24.28 33.27
C SER C 392 4.07 -25.67 33.80
N VAL C 393 4.89 -26.44 33.10
CA VAL C 393 5.22 -27.79 33.53
C VAL C 393 5.93 -27.76 34.87
N LEU C 394 6.89 -26.85 35.05
CA LEU C 394 7.62 -26.78 36.30
C LEU C 394 6.70 -26.45 37.47
N TYR C 395 5.86 -25.42 37.30
CA TYR C 395 4.98 -25.01 38.40
C TYR C 395 3.96 -26.10 38.74
N PHE C 396 3.36 -26.71 37.72
CA PHE C 396 2.36 -27.73 38.00
C PHE C 396 2.99 -28.99 38.57
N PHE C 397 4.22 -29.33 38.16
CA PHE C 397 4.92 -30.44 38.77
C PHE C 397 5.23 -30.16 40.23
N MET C 398 5.67 -28.93 40.54
CA MET C 398 5.93 -28.57 41.93
C MET C 398 4.66 -28.65 42.77
N LEU C 399 3.56 -28.10 42.27
CA LEU C 399 2.31 -28.12 43.01
C LEU C 399 1.81 -29.55 43.20
N LEU C 400 1.93 -30.38 42.16
CA LEU C 400 1.51 -31.78 42.27
C LEU C 400 2.38 -32.53 43.27
N MET C 401 3.68 -32.25 43.29
CA MET C 401 4.56 -32.89 44.26
C MET C 401 4.20 -32.49 45.69
N LEU C 402 3.91 -31.20 45.89
CA LEU C 402 3.48 -30.76 47.22
C LEU C 402 2.19 -31.44 47.64
N GLY C 403 1.22 -31.51 46.72
CA GLY C 403 -0.03 -32.19 47.03
C GLY C 403 0.16 -33.67 47.32
N ILE C 404 1.04 -34.33 46.55
CA ILE C 404 1.31 -35.73 46.78
C ILE C 404 1.94 -35.94 48.16
N GLY C 405 2.89 -35.09 48.54
CA GLY C 405 3.48 -35.20 49.86
C GLY C 405 2.47 -35.00 50.97
N SER C 406 1.62 -33.97 50.83
CA SER C 406 0.60 -33.71 51.84
C SER C 406 -0.38 -34.89 51.94
N MET C 407 -0.80 -35.43 50.81
CA MET C 407 -1.72 -36.56 50.82
C MET C 407 -1.07 -37.80 51.40
N LEU C 408 0.22 -38.01 51.11
CA LEU C 408 0.94 -39.13 51.71
C LEU C 408 0.98 -39.01 53.22
N GLY C 409 1.28 -37.81 53.72
CA GLY C 409 1.28 -37.60 55.16
C GLY C 409 -0.09 -37.85 55.78
N ASN C 410 -1.13 -37.31 55.14
CA ASN C 410 -2.49 -37.47 55.66
C ASN C 410 -2.89 -38.94 55.65
N THR C 411 -2.58 -39.66 54.58
CA THR C 411 -2.96 -41.06 54.48
C THR C 411 -2.19 -41.92 55.48
N ALA C 412 -0.91 -41.61 55.69
CA ALA C 412 -0.15 -42.34 56.71
C ALA C 412 -0.73 -42.08 58.09
N ALA C 413 -1.11 -40.84 58.38
CA ALA C 413 -1.74 -40.53 59.67
C ALA C 413 -3.07 -41.26 59.82
N ILE C 414 -3.83 -41.40 58.75
CA ILE C 414 -5.10 -42.13 58.82
C ILE C 414 -4.85 -43.61 59.05
N LEU C 415 -3.88 -44.18 58.32
CA LEU C 415 -3.67 -45.63 58.34
C LEU C 415 -2.95 -46.10 59.60
N THR C 416 -2.21 -45.22 60.28
CA THR C 416 -1.48 -45.66 61.47
C THR C 416 -2.38 -46.26 62.53
N PRO C 417 -3.50 -45.62 62.93
CA PRO C 417 -4.41 -46.33 63.86
C PRO C 417 -4.96 -47.62 63.29
N LEU C 418 -5.23 -47.66 61.98
CA LEU C 418 -5.68 -48.89 61.36
C LEU C 418 -4.57 -49.93 61.28
N THR C 419 -3.33 -49.49 61.06
CA THR C 419 -2.20 -50.40 61.08
C THR C 419 -2.00 -51.02 62.46
N ASP C 420 -2.19 -50.21 63.51
CA ASP C 420 -2.01 -50.71 64.87
C ASP C 420 -3.14 -51.64 65.30
N SER C 421 -4.22 -51.73 64.53
CA SER C 421 -5.34 -52.59 64.87
C SER C 421 -4.95 -54.05 64.69
N LYS C 422 -4.82 -54.79 65.80
CA LYS C 422 -4.43 -56.18 65.71
C LYS C 422 -5.51 -57.03 65.05
N ILE C 423 -6.78 -56.75 65.34
CA ILE C 423 -7.87 -57.53 64.77
C ILE C 423 -7.93 -57.34 63.26
N ILE C 424 -7.79 -56.10 62.79
CA ILE C 424 -7.83 -55.83 61.36
C ILE C 424 -6.65 -56.47 60.66
N SER C 425 -5.46 -56.39 61.24
CA SER C 425 -4.27 -56.96 60.63
C SER C 425 -4.36 -58.48 60.53
N SER C 426 -5.06 -59.12 61.47
CA SER C 426 -5.20 -60.57 61.46
C SER C 426 -6.26 -61.07 60.51
N HIS C 427 -7.09 -60.18 59.96
CA HIS C 427 -8.15 -60.57 59.04
C HIS C 427 -7.82 -60.31 57.57
N LEU C 428 -7.04 -59.27 57.29
CA LEU C 428 -6.69 -58.89 55.94
C LEU C 428 -5.21 -58.52 55.87
N PRO C 429 -4.58 -58.67 54.71
CA PRO C 429 -3.20 -58.22 54.57
C PRO C 429 -3.07 -56.72 54.77
N LYS C 430 -1.92 -56.29 55.30
CA LYS C 430 -1.69 -54.88 55.55
C LYS C 430 -1.67 -54.07 54.25
N GLU C 431 -1.15 -54.65 53.17
CA GLU C 431 -1.07 -53.95 51.90
C GLU C 431 -2.43 -53.73 51.26
N ALA C 432 -3.38 -54.66 51.46
CA ALA C 432 -4.72 -54.50 50.90
C ALA C 432 -5.52 -53.42 51.59
N ILE C 433 -5.18 -53.08 52.84
CA ILE C 433 -5.88 -52.02 53.55
C ILE C 433 -5.71 -50.69 52.85
N SER C 434 -4.49 -50.40 52.40
CA SER C 434 -4.24 -49.15 51.68
C SER C 434 -5.04 -49.09 50.39
N GLY C 435 -5.09 -50.18 49.65
CA GLY C 435 -5.88 -50.21 48.44
C GLY C 435 -7.36 -50.02 48.69
N LEU C 436 -7.88 -50.67 49.74
CA LEU C 436 -9.29 -50.49 50.09
C LEU C 436 -9.59 -49.05 50.48
N VAL C 437 -8.71 -48.43 51.27
CA VAL C 437 -8.92 -47.05 51.68
C VAL C 437 -8.88 -46.12 50.47
N CYS C 438 -7.93 -46.35 49.56
CA CYS C 438 -7.85 -45.53 48.36
C CYS C 438 -9.10 -45.69 47.49
N LEU C 439 -9.59 -46.92 47.35
CA LEU C 439 -10.79 -47.14 46.55
C LEU C 439 -12.01 -46.46 47.17
N VAL C 440 -12.17 -46.57 48.48
CA VAL C 440 -13.30 -45.93 49.15
C VAL C 440 -13.21 -44.42 49.03
N ASN C 441 -12.01 -43.86 49.23
CA ASN C 441 -11.85 -42.42 49.11
C ASN C 441 -12.12 -41.93 47.70
N CYS C 442 -11.67 -42.68 46.69
CA CYS C 442 -11.94 -42.29 45.31
C CYS C 442 -13.44 -42.35 45.02
N ALA C 443 -14.12 -43.39 45.51
CA ALA C 443 -15.56 -43.49 45.30
C ALA C 443 -16.29 -42.33 45.94
N ILE C 444 -15.87 -41.93 47.15
CA ILE C 444 -16.52 -40.82 47.83
C ILE C 444 -16.22 -39.50 47.12
N GLY C 445 -14.98 -39.31 46.69
CA GLY C 445 -14.57 -38.07 46.07
C GLY C 445 -14.93 -37.92 44.61
N MET C 446 -15.47 -38.97 43.99
CA MET C 446 -15.98 -38.82 42.63
C MET C 446 -17.15 -37.85 42.55
N VAL C 447 -17.75 -37.52 43.70
CA VAL C 447 -18.84 -36.55 43.72
C VAL C 447 -18.38 -35.19 43.21
N PHE C 448 -17.15 -34.80 43.56
CA PHE C 448 -16.62 -33.50 43.16
C PHE C 448 -16.41 -33.38 41.65
N THR C 449 -16.45 -34.48 40.91
CA THR C 449 -16.22 -34.47 39.47
C THR C 449 -17.48 -34.17 38.68
N MET C 450 -18.61 -33.95 39.34
CA MET C 450 -19.84 -33.63 38.64
C MET C 450 -19.80 -32.18 38.14
N GLU C 451 -20.89 -31.76 37.49
CA GLU C 451 -20.98 -30.39 37.00
C GLU C 451 -20.96 -29.40 38.16
N ALA C 452 -21.69 -29.71 39.24
CA ALA C 452 -21.72 -28.87 40.42
C ALA C 452 -20.79 -29.36 41.53
N GLY C 453 -19.83 -30.22 41.18
CA GLY C 453 -18.93 -30.76 42.19
C GLY C 453 -18.01 -29.71 42.78
N ASN C 454 -17.81 -28.60 42.08
CA ASN C 454 -16.98 -27.52 42.62
C ASN C 454 -17.63 -26.88 43.83
N TYR C 455 -18.96 -26.76 43.84
CA TYR C 455 -19.65 -26.23 45.01
C TYR C 455 -19.46 -27.15 46.22
N TRP C 456 -19.55 -28.46 46.02
CA TRP C 456 -19.31 -29.40 47.11
C TRP C 456 -17.86 -29.34 47.57
N PHE C 457 -16.93 -29.16 46.63
CA PHE C 457 -15.53 -29.00 47.01
C PHE C 457 -15.34 -27.76 47.86
N ASP C 458 -16.01 -26.65 47.50
CA ASP C 458 -15.93 -25.44 48.31
C ASP C 458 -16.52 -25.68 49.70
N ILE C 459 -17.65 -26.39 49.76
CA ILE C 459 -18.29 -26.67 51.04
C ILE C 459 -17.36 -27.48 51.95
N PHE C 460 -16.75 -28.52 51.38
CA PHE C 460 -15.83 -29.36 52.16
C PHE C 460 -14.47 -28.73 52.39
N ASN C 461 -14.16 -27.63 51.69
CA ASN C 461 -12.97 -26.85 52.00
C ASN C 461 -13.23 -25.78 53.04
N ASP C 462 -14.49 -25.36 53.20
CA ASP C 462 -14.81 -24.31 54.15
C ASP C 462 -15.26 -24.82 55.51
N TYR C 463 -15.83 -26.03 55.57
CA TYR C 463 -16.45 -26.51 56.80
C TYR C 463 -15.96 -27.87 57.29
N ALA C 464 -15.35 -28.68 56.43
CA ALA C 464 -14.89 -29.99 56.88
C ALA C 464 -13.69 -29.93 57.80
N ALA C 465 -13.06 -28.76 57.94
CA ALA C 465 -11.92 -28.60 58.83
C ALA C 465 -11.98 -27.31 59.64
N THR C 466 -13.07 -26.54 59.57
CA THR C 466 -13.14 -25.26 60.28
C THR C 466 -13.45 -25.47 61.76
N LEU C 467 -14.62 -26.05 62.05
CA LEU C 467 -15.00 -26.27 63.45
C LEU C 467 -14.35 -27.49 64.05
N SER C 468 -14.14 -28.54 63.25
CA SER C 468 -13.61 -29.80 63.77
C SER C 468 -12.21 -29.61 64.35
N LEU C 469 -11.33 -28.95 63.60
CA LEU C 469 -9.97 -28.75 64.08
C LEU C 469 -9.94 -27.89 65.32
N LEU C 470 -10.75 -26.82 65.35
CA LEU C 470 -10.79 -25.95 66.51
C LEU C 470 -11.26 -26.72 67.75
N LEU C 471 -12.31 -27.52 67.60
CA LEU C 471 -12.82 -28.29 68.74
C LEU C 471 -11.79 -29.32 69.22
N ILE C 472 -11.12 -30.00 68.28
CA ILE C 472 -10.11 -30.98 68.65
C ILE C 472 -8.98 -30.30 69.40
N VAL C 473 -8.50 -29.16 68.91
CA VAL C 473 -7.42 -28.44 69.56
C VAL C 473 -7.84 -27.99 70.96
N LEU C 474 -9.07 -27.48 71.08
CA LEU C 474 -9.56 -27.05 72.38
C LEU C 474 -9.62 -28.20 73.37
N VAL C 475 -10.12 -29.36 72.93
CA VAL C 475 -10.19 -30.51 73.82
C VAL C 475 -8.79 -30.94 74.23
N GLU C 476 -7.85 -30.99 73.28
CA GLU C 476 -6.50 -31.42 73.59
C GLU C 476 -5.82 -30.48 74.58
N THR C 477 -5.96 -29.17 74.37
CA THR C 477 -5.29 -28.23 75.26
C THR C 477 -5.94 -28.21 76.63
N ILE C 478 -7.27 -28.37 76.71
CA ILE C 478 -7.91 -28.47 78.02
C ILE C 478 -7.43 -29.72 78.75
N ALA C 479 -7.34 -30.84 78.04
CA ALA C 479 -6.88 -32.08 78.68
C ALA C 479 -5.45 -31.94 79.17
N VAL C 480 -4.58 -31.32 78.38
CA VAL C 480 -3.19 -31.14 78.80
C VAL C 480 -3.06 -30.16 79.96
N CYS C 481 -3.80 -29.05 79.95
CA CYS C 481 -3.66 -28.03 80.98
C CYS C 481 -4.29 -28.44 82.31
N TYR C 482 -5.50 -29.00 82.28
CA TYR C 482 -6.25 -29.23 83.52
C TYR C 482 -6.47 -30.68 83.88
N VAL C 483 -6.66 -31.58 82.90
CA VAL C 483 -6.95 -32.97 83.21
C VAL C 483 -5.70 -33.68 83.73
N TYR C 484 -4.65 -33.71 82.91
CA TYR C 484 -3.41 -34.34 83.34
C TYR C 484 -2.70 -33.52 84.41
N GLY C 485 -2.77 -32.20 84.32
CA GLY C 485 -2.08 -31.33 85.26
C GLY C 485 -0.88 -30.65 84.64
N LEU C 486 -0.89 -29.31 84.63
CA LEU C 486 0.20 -28.56 84.02
C LEU C 486 1.51 -28.78 84.76
N ARG C 487 1.45 -28.79 86.10
CA ARG C 487 2.67 -29.00 86.88
C ARG C 487 3.26 -30.39 86.63
N ARG C 488 2.40 -31.41 86.56
CA ARG C 488 2.88 -32.76 86.29
C ARG C 488 3.52 -32.85 84.91
N PHE C 489 2.89 -32.24 83.90
CA PHE C 489 3.45 -32.25 82.56
C PHE C 489 4.79 -31.52 82.51
N GLU C 490 4.88 -30.37 83.18
CA GLU C 490 6.13 -29.63 83.22
C GLU C 490 7.23 -30.44 83.90
N SER C 491 6.90 -31.11 85.01
CA SER C 491 7.88 -31.93 85.71
C SER C 491 8.34 -33.09 84.83
N ASP C 492 7.41 -33.73 84.12
CA ASP C 492 7.78 -34.82 83.23
C ASP C 492 8.69 -34.35 82.11
N LEU C 493 8.37 -33.19 81.52
CA LEU C 493 9.22 -32.66 80.45
C LEU C 493 10.59 -32.29 80.97
N LYS C 494 10.67 -31.70 82.16
CA LYS C 494 11.95 -31.35 82.74
C LYS C 494 12.78 -32.59 83.04
N ALA C 495 12.14 -33.65 83.52
CA ALA C 495 12.85 -34.90 83.74
C ALA C 495 13.33 -35.50 82.42
N MET C 496 12.51 -35.40 81.37
CA MET C 496 12.88 -35.98 80.09
C MET C 496 14.05 -35.26 79.44
N THR C 497 14.01 -33.92 79.42
CA THR C 497 15.04 -33.18 78.69
C THR C 497 15.62 -31.98 79.44
N GLY C 498 15.06 -31.58 80.57
CA GLY C 498 15.56 -30.41 81.27
C GLY C 498 15.06 -29.12 80.64
N ARG C 499 15.43 -28.00 81.27
CA ARG C 499 15.00 -26.67 80.83
C ARG C 499 13.48 -26.61 80.70
N ALA C 500 12.82 -26.66 81.85
CA ALA C 500 11.35 -26.66 81.91
C ALA C 500 10.77 -25.49 81.12
N VAL C 501 9.51 -25.65 80.73
CA VAL C 501 8.85 -24.67 79.87
C VAL C 501 8.82 -23.32 80.54
N SER C 502 9.07 -22.27 79.76
CA SER C 502 8.99 -20.91 80.28
C SER C 502 7.54 -20.57 80.62
N TRP C 503 7.38 -19.53 81.44
CA TRP C 503 6.05 -19.13 81.87
C TRP C 503 5.19 -18.66 80.70
N TYR C 504 5.80 -18.20 79.61
CA TYR C 504 5.03 -17.83 78.43
C TYR C 504 4.23 -19.02 77.90
N TRP C 505 4.91 -20.16 77.69
CA TRP C 505 4.23 -21.34 77.17
C TRP C 505 3.18 -21.84 78.15
N LYS C 506 3.50 -21.81 79.45
CA LYS C 506 2.53 -22.27 80.45
C LYS C 506 1.28 -21.41 80.44
N VAL C 507 1.43 -20.08 80.37
CA VAL C 507 0.27 -19.19 80.34
C VAL C 507 -0.53 -19.41 79.07
N MET C 508 0.15 -19.54 77.93
CA MET C 508 -0.56 -19.74 76.67
C MET C 508 -1.34 -21.04 76.68
N TRP C 509 -0.76 -22.11 77.23
CA TRP C 509 -1.46 -23.38 77.30
C TRP C 509 -2.58 -23.36 78.34
N ALA C 510 -2.45 -22.52 79.38
CA ALA C 510 -3.43 -22.52 80.46
C ALA C 510 -4.65 -21.68 80.10
N GLY C 511 -4.45 -20.39 79.85
CA GLY C 511 -5.58 -19.50 79.76
C GLY C 511 -5.56 -18.46 78.65
N VAL C 512 -4.90 -18.76 77.53
CA VAL C 512 -4.89 -17.83 76.41
C VAL C 512 -5.49 -18.49 75.18
N SER C 513 -4.88 -19.59 74.74
CA SER C 513 -5.36 -20.27 73.53
C SER C 513 -6.78 -20.80 73.68
N PRO C 514 -7.14 -21.56 74.74
CA PRO C 514 -8.55 -22.00 74.85
C PRO C 514 -9.54 -20.85 74.91
N LEU C 515 -9.20 -19.78 75.63
CA LEU C 515 -10.10 -18.63 75.73
C LEU C 515 -10.30 -17.97 74.38
N LEU C 516 -9.21 -17.80 73.62
CA LEU C 516 -9.33 -17.20 72.29
C LEU C 516 -10.14 -18.09 71.35
N ILE C 517 -9.93 -19.41 71.42
CA ILE C 517 -10.70 -20.31 70.57
C ILE C 517 -12.18 -20.23 70.91
N VAL C 518 -12.52 -20.22 72.20
CA VAL C 518 -13.92 -20.14 72.60
C VAL C 518 -14.53 -18.81 72.17
N SER C 519 -13.77 -17.72 72.33
CA SER C 519 -14.29 -16.41 71.94
C SER C 519 -14.54 -16.34 70.43
N LEU C 520 -13.60 -16.87 69.64
CA LEU C 520 -13.78 -16.88 68.19
C LEU C 520 -14.98 -17.73 67.79
N PHE C 521 -15.15 -18.90 68.42
CA PHE C 521 -16.29 -19.74 68.11
C PHE C 521 -17.61 -19.04 68.46
N VAL C 522 -17.65 -18.37 69.62
CA VAL C 522 -18.86 -17.66 70.02
C VAL C 522 -19.16 -16.52 69.04
N PHE C 523 -18.13 -15.79 68.64
CA PHE C 523 -18.33 -14.69 67.69
C PHE C 523 -18.83 -15.20 66.35
N TYR C 524 -18.26 -16.31 65.87
CA TYR C 524 -18.72 -16.88 64.60
C TYR C 524 -20.16 -17.35 64.69
N LEU C 525 -20.52 -18.02 65.80
CA LEU C 525 -21.89 -18.48 65.97
C LEU C 525 -22.86 -17.30 66.03
N SER C 526 -22.50 -16.25 66.76
CA SER C 526 -23.36 -15.08 66.85
C SER C 526 -23.52 -14.41 65.49
N ASP C 527 -22.43 -14.30 64.73
CA ASP C 527 -22.52 -13.70 63.40
C ASP C 527 -23.41 -14.52 62.49
N TYR C 528 -23.27 -15.85 62.52
CA TYR C 528 -24.11 -16.71 61.69
C TYR C 528 -25.58 -16.59 62.09
N ILE C 529 -25.86 -16.55 63.40
CA ILE C 529 -27.24 -16.44 63.86
C ILE C 529 -27.84 -15.10 63.44
N LEU C 530 -27.10 -14.01 63.62
CA LEU C 530 -27.62 -12.69 63.28
C LEU C 530 -27.82 -12.54 61.79
N THR C 531 -26.80 -12.85 60.99
CA THR C 531 -26.93 -12.71 59.54
C THR C 531 -27.93 -13.72 58.97
N GLY C 532 -27.74 -14.99 59.30
CA GLY C 532 -28.62 -16.04 58.78
C GLY C 532 -28.68 -16.10 57.27
N THR C 533 -27.62 -15.66 56.58
CA THR C 533 -27.61 -15.53 55.13
C THR C 533 -26.33 -16.13 54.56
N LEU C 534 -26.01 -17.34 54.99
CA LEU C 534 -24.84 -18.04 54.48
C LEU C 534 -24.99 -18.33 52.99
N LYS C 535 -24.24 -17.61 52.16
CA LYS C 535 -24.36 -17.70 50.71
C LYS C 535 -23.03 -18.09 50.10
N TYR C 536 -23.11 -18.72 48.93
CA TYR C 536 -21.93 -19.19 48.20
C TYR C 536 -21.83 -18.47 46.86
N GLN C 537 -20.60 -18.28 46.40
CA GLN C 537 -20.36 -17.70 45.10
C GLN C 537 -20.65 -18.70 44.00
N ALA C 538 -21.30 -18.23 42.94
CA ALA C 538 -21.69 -19.08 41.82
C ALA C 538 -21.34 -18.37 40.52
N TRP C 539 -20.87 -19.15 39.55
CA TRP C 539 -20.48 -18.59 38.26
C TRP C 539 -21.70 -18.11 37.48
N ASP C 540 -21.56 -16.96 36.83
CA ASP C 540 -22.59 -16.40 35.96
C ASP C 540 -21.94 -16.11 34.61
N ALA C 541 -22.27 -16.94 33.62
CA ALA C 541 -21.68 -16.77 32.29
C ALA C 541 -22.24 -15.56 31.57
N SER C 542 -23.54 -15.29 31.76
CA SER C 542 -24.15 -14.13 31.10
C SER C 542 -23.50 -12.83 31.56
N GLN C 543 -23.26 -12.70 32.86
CA GLN C 543 -22.50 -11.57 33.37
C GLN C 543 -21.00 -11.86 33.40
N GLY C 544 -20.60 -13.11 33.25
CA GLY C 544 -19.18 -13.45 33.30
C GLY C 544 -18.52 -13.11 34.61
N GLN C 545 -19.19 -13.39 35.73
CA GLN C 545 -18.68 -12.98 37.03
C GLN C 545 -19.13 -14.00 38.07
N LEU C 546 -19.06 -13.63 39.34
CA LEU C 546 -19.50 -14.47 40.44
C LEU C 546 -20.61 -13.75 41.19
N VAL C 547 -21.70 -14.47 41.47
CA VAL C 547 -22.87 -13.92 42.15
C VAL C 547 -23.12 -14.74 43.40
N THR C 548 -23.41 -14.05 44.51
CA THR C 548 -23.71 -14.74 45.75
C THR C 548 -25.14 -15.28 45.72
N LYS C 549 -25.29 -16.57 46.01
CA LYS C 549 -26.59 -17.23 46.04
C LYS C 549 -26.75 -17.98 47.36
N ASP C 550 -27.97 -17.97 47.88
CA ASP C 550 -28.24 -18.59 49.16
C ASP C 550 -28.04 -20.10 49.08
N TYR C 551 -27.51 -20.67 50.16
CA TYR C 551 -27.31 -22.11 50.20
C TYR C 551 -28.64 -22.84 50.25
N PRO C 552 -28.78 -23.96 49.54
CA PRO C 552 -30.00 -24.76 49.64
C PRO C 552 -30.04 -25.54 50.95
N ALA C 553 -31.23 -26.05 51.26
CA ALA C 553 -31.44 -26.75 52.53
C ALA C 553 -30.61 -28.03 52.60
N TYR C 554 -30.57 -28.79 51.52
CA TYR C 554 -29.87 -30.08 51.57
C TYR C 554 -28.36 -29.88 51.71
N ALA C 555 -27.80 -28.88 51.03
CA ALA C 555 -26.37 -28.62 51.17
C ALA C 555 -26.02 -28.17 52.59
N LEU C 556 -26.86 -27.30 53.17
CA LEU C 556 -26.64 -26.88 54.55
C LEU C 556 -26.73 -28.07 55.51
N ALA C 557 -27.71 -28.96 55.28
CA ALA C 557 -27.82 -30.14 56.12
C ALA C 557 -26.60 -31.05 55.98
N VAL C 558 -26.09 -31.20 54.76
CA VAL C 558 -24.92 -32.04 54.54
C VAL C 558 -23.70 -31.45 55.25
N ILE C 559 -23.52 -30.13 55.15
CA ILE C 559 -22.40 -29.49 55.83
C ILE C 559 -22.54 -29.63 57.34
N GLY C 560 -23.75 -29.44 57.86
CA GLY C 560 -23.98 -29.62 59.28
C GLY C 560 -23.68 -31.03 59.75
N LEU C 561 -24.11 -32.03 58.97
CA LEU C 561 -23.81 -33.42 59.31
C LEU C 561 -22.31 -33.70 59.29
N LEU C 562 -21.62 -33.17 58.28
CA LEU C 562 -20.17 -33.39 58.17
C LEU C 562 -19.44 -32.78 59.37
N VAL C 563 -19.85 -31.58 59.79
CA VAL C 563 -19.25 -30.99 60.98
C VAL C 563 -19.63 -31.76 62.23
N ALA C 564 -20.91 -32.18 62.32
CA ALA C 564 -21.43 -32.78 63.54
C ALA C 564 -20.79 -34.13 63.81
N SER C 565 -20.54 -34.92 62.76
CA SER C 565 -19.90 -36.22 62.96
C SER C 565 -18.55 -36.05 63.63
N SER C 566 -17.71 -35.17 63.10
CA SER C 566 -16.39 -34.93 63.67
C SER C 566 -16.49 -34.34 65.07
N THR C 567 -17.42 -33.42 65.29
CA THR C 567 -17.52 -32.79 66.61
C THR C 567 -18.01 -33.76 67.67
N MET C 568 -18.94 -34.65 67.31
CA MET C 568 -19.55 -35.56 68.26
C MET C 568 -18.88 -36.93 68.31
N CYS C 569 -17.83 -37.16 67.52
CA CYS C 569 -17.09 -38.40 67.63
C CYS C 569 -16.50 -38.58 69.04
N ILE C 570 -16.00 -37.50 69.63
CA ILE C 570 -15.37 -37.57 70.94
C ILE C 570 -16.41 -37.67 72.07
N PRO C 571 -17.43 -36.80 72.12
CA PRO C 571 -18.42 -36.94 73.21
C PRO C 571 -19.17 -38.26 73.20
N LEU C 572 -19.46 -38.82 72.02
CA LEU C 572 -20.15 -40.10 71.97
C LEU C 572 -19.30 -41.21 72.59
N ALA C 573 -18.01 -41.24 72.27
CA ALA C 573 -17.12 -42.23 72.87
C ALA C 573 -16.92 -41.96 74.36
N ALA C 574 -16.93 -40.69 74.77
CA ALA C 574 -16.86 -40.38 76.18
C ALA C 574 -18.06 -40.93 76.93
N LEU C 575 -19.26 -40.75 76.36
CA LEU C 575 -20.47 -41.32 76.98
C LEU C 575 -20.41 -42.84 77.00
N GLY C 576 -19.91 -43.45 75.93
CA GLY C 576 -19.76 -44.90 75.91
C GLY C 576 -18.82 -45.40 76.99
N THR C 577 -17.68 -44.71 77.16
CA THR C 577 -16.74 -45.08 78.21
C THR C 577 -17.33 -44.90 79.59
N PHE C 578 -18.10 -43.82 79.79
CA PHE C 578 -18.76 -43.62 81.07
C PHE C 578 -19.77 -44.73 81.35
N VAL C 579 -20.52 -45.15 80.34
CA VAL C 579 -21.46 -46.26 80.49
C VAL C 579 -20.71 -47.54 80.83
N GLN C 580 -19.60 -47.79 80.15
CA GLN C 580 -18.81 -49.00 80.41
C GLN C 580 -18.27 -49.00 81.84
N ARG C 581 -17.81 -47.85 82.32
CA ARG C 581 -17.34 -47.75 83.70
C ARG C 581 -18.48 -47.99 84.68
N ARG C 582 -19.65 -47.44 84.40
CA ARG C 582 -20.81 -47.61 85.27
C ARG C 582 -21.61 -48.85 84.88
N SER D 11 35.39 -49.25 39.29
CA SER D 11 34.10 -48.58 39.11
C SER D 11 34.14 -47.65 37.89
N LEU D 12 33.17 -46.74 37.82
CA LEU D 12 33.11 -45.80 36.71
C LEU D 12 34.18 -44.72 36.80
N GLN D 13 34.83 -44.57 37.95
CA GLN D 13 35.88 -43.58 38.09
C GLN D 13 37.06 -43.87 37.16
N PHE D 14 37.44 -45.15 37.06
CA PHE D 14 38.52 -45.52 36.16
C PHE D 14 38.16 -45.24 34.71
N VAL D 15 36.91 -45.53 34.33
CA VAL D 15 36.47 -45.26 32.97
C VAL D 15 36.49 -43.76 32.69
N PHE D 16 36.02 -42.95 33.64
CA PHE D 16 36.05 -41.51 33.45
C PHE D 16 37.48 -40.99 33.34
N ALA D 17 38.39 -41.51 34.15
CA ALA D 17 39.79 -41.10 34.06
C ALA D 17 40.38 -41.47 32.71
N CYS D 18 40.08 -42.68 32.21
CA CYS D 18 40.58 -43.08 30.90
C CYS D 18 40.02 -42.20 29.80
N ILE D 19 38.72 -41.85 29.89
CA ILE D 19 38.12 -40.97 28.89
C ILE D 19 38.78 -39.60 28.92
N SER D 20 39.00 -39.06 30.12
CA SER D 20 39.65 -37.75 30.24
C SER D 20 41.05 -37.78 29.68
N TYR D 21 41.81 -38.85 29.94
CA TYR D 21 43.16 -38.96 29.38
C TYR D 21 43.13 -39.15 27.88
N ALA D 22 42.07 -39.76 27.34
CA ALA D 22 41.96 -40.00 25.91
C ALA D 22 41.38 -38.80 25.17
N VAL D 23 40.42 -38.10 25.77
CA VAL D 23 39.77 -36.96 25.14
C VAL D 23 40.56 -35.70 25.51
N GLY D 24 41.07 -35.02 24.50
CA GLY D 24 41.83 -33.80 24.71
C GLY D 24 41.53 -32.81 23.61
N LEU D 25 42.14 -31.64 23.70
CA LEU D 25 41.94 -30.61 22.69
C LEU D 25 42.46 -31.04 21.32
N GLY D 26 43.45 -31.93 21.29
CA GLY D 26 44.05 -32.35 20.04
C GLY D 26 43.09 -33.01 19.08
N ASN D 27 42.49 -34.14 19.49
CA ASN D 27 41.60 -34.87 18.60
C ASN D 27 40.32 -34.12 18.29
N VAL D 28 40.02 -33.05 19.03
CA VAL D 28 38.82 -32.26 18.80
C VAL D 28 39.10 -31.16 17.79
N TRP D 29 40.26 -30.49 17.93
CA TRP D 29 40.59 -29.34 17.09
C TRP D 29 41.45 -29.70 15.90
N ARG D 30 42.60 -30.33 16.12
CA ARG D 30 43.56 -30.53 15.03
C ARG D 30 43.04 -31.52 14.00
N PHE D 31 42.34 -32.57 14.45
CA PHE D 31 41.93 -33.63 13.55
C PHE D 31 40.99 -33.17 12.44
N PRO D 32 39.93 -32.40 12.71
CA PRO D 32 39.08 -31.92 11.59
C PRO D 32 39.84 -31.10 10.57
N TYR D 33 40.78 -30.26 11.03
CA TYR D 33 41.54 -29.43 10.10
C TYR D 33 42.42 -30.27 9.19
N LEU D 34 43.11 -31.27 9.74
CA LEU D 34 43.90 -32.17 8.92
C LEU D 34 43.01 -32.97 7.97
N CYS D 35 41.86 -33.42 8.46
CA CYS D 35 40.96 -34.21 7.61
C CYS D 35 40.46 -33.39 6.43
N GLN D 36 40.10 -32.13 6.67
CA GLN D 36 39.66 -31.27 5.58
C GLN D 36 40.81 -30.95 4.63
N MET D 37 42.02 -30.78 5.17
CA MET D 37 43.16 -30.44 4.33
C MET D 37 43.47 -31.57 3.34
N TYR D 38 43.37 -32.81 3.79
CA TYR D 38 43.79 -33.96 2.98
C TYR D 38 42.61 -34.73 2.40
N GLY D 39 41.56 -34.03 2.00
CA GLY D 39 40.50 -34.63 1.20
C GLY D 39 39.49 -35.46 1.94
N GLY D 40 39.48 -35.43 3.27
CA GLY D 40 38.46 -36.15 4.00
C GLY D 40 38.72 -37.63 4.13
N GLY D 41 37.98 -38.44 3.37
CA GLY D 41 38.13 -39.89 3.46
C GLY D 41 39.54 -40.36 3.14
N SER D 42 40.17 -39.73 2.15
CA SER D 42 41.54 -40.09 1.81
C SER D 42 42.50 -39.89 2.97
N PHE D 43 42.12 -39.06 3.94
CA PHE D 43 42.86 -38.94 5.19
C PHE D 43 42.29 -39.82 6.30
N LEU D 44 40.98 -40.07 6.28
CA LEU D 44 40.36 -40.86 7.34
C LEU D 44 40.79 -42.32 7.26
N VAL D 45 40.88 -42.87 6.04
CA VAL D 45 41.24 -44.28 5.89
C VAL D 45 42.62 -44.58 6.47
N PRO D 46 43.68 -43.83 6.15
CA PRO D 46 44.98 -44.13 6.79
C PRO D 46 44.95 -44.03 8.31
N TYR D 47 44.17 -43.09 8.86
CA TYR D 47 44.15 -42.90 10.31
C TYR D 47 43.69 -44.17 11.02
N ILE D 48 42.65 -44.81 10.51
CA ILE D 48 42.24 -46.11 11.05
C ILE D 48 43.34 -47.14 10.84
N ILE D 49 43.97 -47.11 9.66
CA ILE D 49 45.08 -48.01 9.38
C ILE D 49 46.25 -47.72 10.31
N MET D 50 46.56 -46.44 10.51
CA MET D 50 47.66 -46.05 11.38
C MET D 50 47.36 -46.24 12.86
N LEU D 51 46.09 -46.45 13.21
CA LEU D 51 45.71 -46.69 14.61
C LEU D 51 45.98 -48.13 15.04
N ILE D 52 45.44 -49.10 14.30
CA ILE D 52 45.61 -50.50 14.64
C ILE D 52 47.05 -50.98 14.45
N VAL D 53 47.87 -50.22 13.73
CA VAL D 53 49.25 -50.58 13.49
C VAL D 53 50.21 -49.83 14.40
N GLU D 54 50.01 -48.54 14.60
CA GLU D 54 50.91 -47.73 15.40
C GLU D 54 50.34 -47.30 16.75
N GLY D 55 49.03 -47.10 16.85
CA GLY D 55 48.47 -46.62 18.09
C GLY D 55 48.52 -47.62 19.23
N MET D 56 47.76 -48.70 19.11
CA MET D 56 47.68 -49.68 20.20
C MET D 56 49.03 -50.32 20.53
N PRO D 57 49.81 -50.82 19.57
CA PRO D 57 51.07 -51.49 19.97
C PRO D 57 52.03 -50.58 20.69
N LEU D 58 52.30 -49.40 20.14
CA LEU D 58 53.24 -48.48 20.77
C LEU D 58 52.71 -47.93 22.09
N LEU D 59 51.40 -47.67 22.17
CA LEU D 59 50.83 -47.23 23.44
C LEU D 59 50.98 -48.29 24.51
N TYR D 60 50.70 -49.55 24.18
CA TYR D 60 50.85 -50.63 25.15
C TYR D 60 52.32 -50.83 25.52
N LEU D 61 53.22 -50.67 24.56
CA LEU D 61 54.65 -50.77 24.85
C LEU D 61 55.08 -49.69 25.83
N GLU D 62 54.65 -48.45 25.61
CA GLU D 62 55.00 -47.37 26.53
C GLU D 62 54.41 -47.60 27.91
N LEU D 63 53.16 -48.04 27.97
CA LEU D 63 52.54 -48.30 29.26
C LEU D 63 53.26 -49.41 30.02
N ALA D 64 53.63 -50.49 29.30
CA ALA D 64 54.35 -51.58 29.93
C ALA D 64 55.72 -51.13 30.42
N VAL D 65 56.42 -50.33 29.63
CA VAL D 65 57.73 -49.82 30.06
C VAL D 65 57.58 -48.97 31.30
N GLY D 66 56.58 -48.08 31.32
CA GLY D 66 56.38 -47.25 32.49
C GLY D 66 56.02 -48.04 33.72
N GLN D 67 55.18 -49.07 33.56
CA GLN D 67 54.80 -49.90 34.70
C GLN D 67 55.97 -50.71 35.22
N ARG D 68 56.78 -51.28 34.32
CA ARG D 68 57.87 -52.16 34.75
C ARG D 68 59.02 -51.36 35.36
N MET D 69 59.39 -50.24 34.75
CA MET D 69 60.58 -49.52 35.20
C MET D 69 60.35 -48.79 36.52
N ARG D 70 59.10 -48.41 36.81
CA ARG D 70 58.76 -47.71 38.05
C ARG D 70 59.58 -46.43 38.21
N GLN D 71 59.79 -45.72 37.10
CA GLN D 71 60.58 -44.50 37.11
C GLN D 71 59.96 -43.51 36.13
N GLY D 72 60.51 -42.30 36.12
CA GLY D 72 60.12 -41.31 35.14
C GLY D 72 60.70 -41.61 33.78
N SER D 73 60.34 -40.77 32.81
CA SER D 73 60.79 -40.98 31.44
C SER D 73 62.32 -40.93 31.35
N ILE D 74 62.92 -39.87 31.90
CA ILE D 74 64.38 -39.77 31.88
C ILE D 74 65.01 -40.91 32.67
N GLY D 75 64.46 -41.21 33.85
CA GLY D 75 64.97 -42.32 34.63
C GLY D 75 64.85 -43.65 33.92
N ALA D 76 63.70 -43.89 33.28
CA ALA D 76 63.50 -45.15 32.57
C ALA D 76 64.46 -45.30 31.40
N TRP D 77 64.60 -44.25 30.58
CA TRP D 77 65.48 -44.34 29.43
C TRP D 77 66.96 -44.25 29.80
N ARG D 78 67.28 -43.85 31.04
CA ARG D 78 68.63 -43.99 31.53
C ARG D 78 68.91 -45.37 32.09
N THR D 79 67.93 -45.99 32.76
CA THR D 79 68.10 -47.35 33.25
C THR D 79 68.18 -48.34 32.11
N ILE D 80 67.43 -48.11 31.03
CA ILE D 80 67.47 -49.00 29.88
C ILE D 80 68.87 -49.02 29.27
N SER D 81 69.45 -47.84 29.07
CA SER D 81 70.78 -47.71 28.50
C SER D 81 71.35 -46.34 28.86
N PRO D 82 72.62 -46.28 29.26
CA PRO D 82 73.22 -44.98 29.58
C PRO D 82 73.32 -44.06 28.37
N TYR D 83 73.95 -44.55 27.30
CA TYR D 83 74.15 -43.77 26.08
C TYR D 83 72.85 -43.49 25.33
N LEU D 84 71.71 -43.90 25.89
CA LEU D 84 70.42 -43.58 25.34
C LEU D 84 69.64 -42.59 26.20
N SER D 85 70.11 -42.32 27.42
CA SER D 85 69.35 -41.50 28.37
C SER D 85 68.95 -40.14 27.79
N GLY D 86 69.77 -39.59 26.90
CA GLY D 86 69.48 -38.29 26.33
C GLY D 86 68.15 -38.21 25.60
N VAL D 87 67.64 -39.35 25.13
CA VAL D 87 66.34 -39.34 24.46
C VAL D 87 65.27 -38.82 25.41
N GLY D 88 65.38 -39.13 26.70
CA GLY D 88 64.45 -38.59 27.66
C GLY D 88 64.45 -37.08 27.66
N VAL D 89 65.64 -36.48 27.56
CA VAL D 89 65.74 -35.02 27.47
C VAL D 89 64.97 -34.53 26.25
N ALA D 90 65.09 -35.24 25.13
CA ALA D 90 64.32 -34.88 23.95
C ALA D 90 62.83 -34.93 24.24
N SER D 91 62.39 -35.93 25.02
CA SER D 91 60.98 -36.04 25.38
C SER D 91 60.49 -34.81 26.12
N VAL D 92 61.39 -34.04 26.73
CA VAL D 92 61.00 -32.78 27.33
C VAL D 92 60.97 -31.68 26.27
N VAL D 93 62.01 -31.61 25.44
CA VAL D 93 62.18 -30.46 24.54
C VAL D 93 60.98 -30.33 23.62
N VAL D 94 60.57 -31.41 22.98
CA VAL D 94 59.40 -31.38 22.10
C VAL D 94 58.20 -30.88 22.89
N SER D 95 58.00 -31.42 24.10
CA SER D 95 56.90 -30.96 24.92
C SER D 95 56.99 -29.47 25.20
N PHE D 96 58.20 -28.99 25.48
CA PHE D 96 58.41 -27.56 25.64
C PHE D 96 57.91 -26.80 24.41
N PHE D 97 58.29 -27.28 23.22
CA PHE D 97 57.82 -26.66 21.99
C PHE D 97 56.30 -26.66 21.94
N LEU D 98 55.66 -27.74 22.39
CA LEU D 98 54.21 -27.75 22.48
C LEU D 98 53.73 -26.64 23.39
N SER D 99 54.33 -26.52 24.58
CA SER D 99 53.98 -25.45 25.49
C SER D 99 54.28 -24.09 24.90
N MET D 100 55.12 -24.04 23.85
CA MET D 100 55.36 -22.78 23.16
C MET D 100 54.10 -22.25 22.49
N TYR D 101 53.31 -23.13 21.88
CA TYR D 101 52.22 -22.68 21.02
C TYR D 101 50.86 -23.23 21.38
N TYR D 102 50.78 -24.39 22.05
CA TYR D 102 49.48 -25.03 22.25
C TYR D 102 48.54 -24.14 23.06
N ASN D 103 49.05 -23.54 24.14
CA ASN D 103 48.21 -22.67 24.95
C ASN D 103 47.67 -21.49 24.16
N VAL D 104 48.34 -21.13 23.06
CA VAL D 104 47.83 -20.05 22.21
C VAL D 104 46.41 -20.35 21.77
N ILE D 105 46.12 -21.61 21.46
CA ILE D 105 44.77 -22.00 21.09
C ILE D 105 43.79 -21.58 22.16
N ASN D 106 44.12 -21.86 23.42
CA ASN D 106 43.27 -21.45 24.53
C ASN D 106 42.97 -19.95 24.46
N ALA D 107 44.01 -19.15 24.20
CA ALA D 107 43.81 -17.71 24.08
C ALA D 107 42.72 -17.39 23.07
N TRP D 108 42.80 -18.01 21.88
CA TRP D 108 41.76 -17.80 20.87
C TRP D 108 40.40 -18.15 21.43
N ALA D 109 40.28 -19.30 22.11
CA ALA D 109 39.03 -19.65 22.75
C ALA D 109 38.57 -18.54 23.68
N PHE D 110 39.49 -18.05 24.53
CA PHE D 110 39.16 -16.93 25.40
C PHE D 110 38.58 -15.78 24.60
N TRP D 111 39.25 -15.42 23.51
CA TRP D 111 38.74 -14.36 22.64
C TRP D 111 37.33 -14.68 22.19
N TYR D 112 37.13 -15.88 21.64
CA TYR D 112 35.81 -16.23 21.15
C TYR D 112 34.80 -16.38 22.27
N LEU D 113 35.26 -16.57 23.51
CA LEU D 113 34.33 -16.52 24.63
C LEU D 113 33.93 -15.09 24.92
N PHE D 114 34.90 -14.17 24.94
CA PHE D 114 34.61 -12.80 25.37
C PHE D 114 33.67 -12.11 24.39
N HIS D 115 33.71 -12.49 23.12
CA HIS D 115 32.74 -12.01 22.14
C HIS D 115 31.57 -12.97 22.02
N SER D 116 31.01 -13.36 23.18
CA SER D 116 29.85 -14.24 23.18
C SER D 116 28.73 -13.73 24.07
N PHE D 117 28.82 -12.50 24.58
CA PHE D 117 27.81 -11.93 25.47
C PHE D 117 27.06 -10.78 24.80
N GLN D 118 27.04 -10.75 23.47
CA GLN D 118 26.41 -9.68 22.71
C GLN D 118 25.30 -10.25 21.84
N ASP D 119 24.16 -9.58 21.83
CA ASP D 119 23.10 -9.94 20.88
C ASP D 119 23.55 -9.78 19.44
N PRO D 120 24.18 -8.68 19.03
CA PRO D 120 24.77 -8.64 17.67
C PRO D 120 26.12 -9.33 17.63
N LEU D 121 26.12 -10.66 17.49
CA LEU D 121 27.37 -11.41 17.54
C LEU D 121 28.33 -10.90 16.46
N PRO D 122 29.61 -10.75 16.78
CA PRO D 122 30.55 -10.15 15.82
C PRO D 122 30.66 -10.93 14.52
N TRP D 123 30.47 -12.24 14.55
CA TRP D 123 30.55 -13.06 13.34
C TRP D 123 29.20 -13.28 12.69
N SER D 124 28.16 -12.60 13.18
CA SER D 124 26.81 -12.77 12.66
C SER D 124 26.44 -11.73 11.61
N VAL D 125 26.86 -10.48 11.78
CA VAL D 125 26.52 -9.39 10.87
C VAL D 125 27.80 -8.78 10.35
N CYS D 126 27.89 -8.62 9.03
CA CYS D 126 29.06 -8.00 8.44
C CYS D 126 29.07 -6.50 8.71
N PRO D 127 30.25 -5.90 8.90
CA PRO D 127 30.32 -4.45 9.09
C PRO D 127 29.93 -3.71 7.81
N LEU D 128 29.44 -2.50 7.99
CA LEU D 128 29.05 -1.66 6.86
C LEU D 128 30.28 -1.03 6.22
N ASN D 129 30.16 -0.75 4.92
CA ASN D 129 31.30 -0.23 4.16
C ASN D 129 31.68 1.17 4.59
N GLY D 130 30.73 1.96 5.07
CA GLY D 130 31.00 3.33 5.46
C GLY D 130 29.89 4.26 5.00
N ASN D 131 29.25 3.92 3.89
CA ASN D 131 28.07 4.64 3.44
C ASN D 131 26.80 4.19 4.15
N HIS D 132 26.88 3.14 4.97
CA HIS D 132 25.72 2.51 5.58
C HIS D 132 24.72 2.03 4.54
N THR D 133 25.23 1.64 3.36
CA THR D 133 24.40 1.17 2.26
C THR D 133 24.66 -0.27 1.85
N GLY D 134 25.86 -0.80 2.09
CA GLY D 134 26.18 -2.16 1.72
C GLY D 134 27.01 -2.87 2.77
N TYR D 135 27.93 -3.72 2.31
CA TYR D 135 28.81 -4.47 3.21
C TYR D 135 30.25 -4.37 2.73
N ASP D 136 31.16 -4.68 3.63
CA ASP D 136 32.58 -4.67 3.28
C ASP D 136 32.88 -5.69 2.20
N GLU D 137 33.78 -5.32 1.29
CA GLU D 137 34.13 -6.22 0.19
C GLU D 137 34.75 -7.51 0.72
N GLU D 138 35.63 -7.39 1.73
CA GLU D 138 36.21 -8.58 2.34
C GLU D 138 35.13 -9.42 3.03
N CYS D 139 34.21 -8.77 3.74
CA CYS D 139 33.13 -9.49 4.40
C CYS D 139 32.05 -9.94 3.44
N GLU D 140 32.05 -9.45 2.20
CA GLU D 140 31.09 -9.91 1.20
C GLU D 140 31.61 -11.09 0.40
N LYS D 141 32.86 -11.02 -0.07
CA LYS D 141 33.45 -12.14 -0.79
C LYS D 141 33.60 -13.36 0.11
N ALA D 142 34.04 -13.16 1.34
CA ALA D 142 34.17 -14.22 2.33
C ALA D 142 33.00 -14.19 3.29
N SER D 143 32.85 -15.27 4.05
CA SER D 143 31.78 -15.34 5.03
C SER D 143 32.05 -14.38 6.19
N SER D 144 30.99 -14.08 6.94
CA SER D 144 31.13 -13.20 8.10
C SER D 144 32.06 -13.82 9.14
N THR D 145 31.91 -15.12 9.39
CA THR D 145 32.79 -15.81 10.32
C THR D 145 34.24 -15.77 9.86
N GLN D 146 34.47 -16.01 8.57
CA GLN D 146 35.83 -15.98 8.05
C GLN D 146 36.44 -14.59 8.15
N TYR D 147 35.66 -13.55 7.83
CA TYR D 147 36.17 -12.18 7.98
C TYR D 147 36.48 -11.87 9.43
N PHE D 148 35.61 -12.29 10.35
CA PHE D 148 35.86 -12.05 11.77
C PHE D 148 37.13 -12.76 12.23
N TRP D 149 37.33 -14.00 11.79
CA TRP D 149 38.52 -14.75 12.19
C TRP D 149 39.78 -14.13 11.63
N TYR D 150 39.81 -13.86 10.33
CA TYR D 150 41.05 -13.46 9.67
C TYR D 150 41.36 -11.97 9.82
N ARG D 151 40.40 -11.14 10.20
CA ARG D 151 40.64 -9.71 10.30
C ARG D 151 40.40 -9.15 11.69
N LYS D 152 39.26 -9.46 12.31
CA LYS D 152 38.95 -8.91 13.62
C LYS D 152 39.50 -9.73 14.78
N THR D 153 40.06 -10.91 14.51
CA THR D 153 40.65 -11.75 15.55
C THR D 153 42.15 -11.92 15.38
N LEU D 154 42.62 -12.29 14.20
CA LEU D 154 44.04 -12.44 13.95
C LEU D 154 44.66 -11.24 13.26
N ASN D 155 43.88 -10.48 12.50
CA ASN D 155 44.39 -9.35 11.72
C ASN D 155 45.56 -9.77 10.84
N ILE D 156 45.39 -10.91 10.17
CA ILE D 156 46.49 -11.53 9.44
C ILE D 156 46.88 -10.69 8.23
N SER D 157 48.19 -10.67 7.94
CA SER D 157 48.78 -10.02 6.77
C SER D 157 48.66 -10.92 5.55
N PRO D 158 48.57 -10.35 4.34
CA PRO D 158 48.46 -11.17 3.14
C PRO D 158 49.65 -12.11 2.92
N SER D 159 50.85 -11.71 3.32
CA SER D 159 52.04 -12.52 3.13
C SER D 159 52.86 -12.57 4.41
N LEU D 160 53.63 -13.65 4.55
CA LEU D 160 54.46 -13.83 5.74
C LEU D 160 55.61 -12.83 5.77
N GLN D 161 56.05 -12.34 4.62
CA GLN D 161 57.19 -11.43 4.58
C GLN D 161 56.92 -10.15 5.38
N GLU D 162 55.72 -9.60 5.25
CA GLU D 162 55.33 -8.40 5.97
C GLU D 162 54.63 -8.80 7.27
N ASN D 163 55.22 -8.43 8.39
CA ASN D 163 54.63 -8.66 9.70
C ASN D 163 54.67 -7.37 10.51
N GLY D 164 53.55 -7.04 11.14
CA GLY D 164 53.43 -5.85 11.94
C GLY D 164 53.86 -6.06 13.37
N GLY D 165 53.48 -5.12 14.23
CA GLY D 165 53.80 -5.20 15.62
C GLY D 165 52.96 -6.23 16.34
N VAL D 166 53.28 -6.43 17.62
CA VAL D 166 52.57 -7.40 18.45
C VAL D 166 51.19 -6.83 18.76
N GLN D 167 50.14 -7.45 18.23
CA GLN D 167 48.79 -7.02 18.52
C GLN D 167 48.50 -7.18 20.01
N TRP D 168 47.98 -6.12 20.63
CA TRP D 168 47.86 -6.10 22.08
C TRP D 168 46.75 -7.00 22.61
N GLU D 169 45.60 -7.05 21.93
CA GLU D 169 44.51 -7.90 22.41
C GLU D 169 44.87 -9.37 22.39
N PRO D 170 45.42 -9.95 21.31
CA PRO D 170 45.86 -11.36 21.38
C PRO D 170 46.92 -11.60 22.43
N ALA D 171 47.84 -10.65 22.63
CA ALA D 171 48.86 -10.81 23.66
C ALA D 171 48.22 -10.86 25.05
N LEU D 172 47.23 -10.00 25.29
CA LEU D 172 46.53 -10.02 26.57
C LEU D 172 45.76 -11.32 26.75
N CYS D 173 45.14 -11.83 25.68
CA CYS D 173 44.44 -13.11 25.78
C CYS D 173 45.41 -14.24 26.11
N LEU D 174 46.57 -14.26 25.47
CA LEU D 174 47.56 -15.28 25.77
C LEU D 174 48.07 -15.16 27.20
N LEU D 175 48.27 -13.93 27.67
CA LEU D 175 48.70 -13.72 29.05
C LEU D 175 47.65 -14.24 30.04
N LEU D 176 46.37 -13.96 29.77
CA LEU D 176 45.32 -14.48 30.64
C LEU D 176 45.29 -16.00 30.61
N ALA D 177 45.46 -16.60 29.43
CA ALA D 177 45.50 -18.06 29.35
C ALA D 177 46.64 -18.64 30.18
N TRP D 178 47.82 -18.02 30.09
CA TRP D 178 48.96 -18.49 30.88
C TRP D 178 48.74 -18.31 32.36
N LEU D 179 48.10 -17.20 32.76
CA LEU D 179 47.78 -17.00 34.17
C LEU D 179 46.82 -18.07 34.68
N VAL D 180 45.81 -18.41 33.87
CA VAL D 180 44.88 -19.46 34.26
C VAL D 180 45.59 -20.80 34.35
N VAL D 181 46.50 -21.07 33.42
CA VAL D 181 47.27 -22.32 33.46
C VAL D 181 48.10 -22.39 34.74
N TYR D 182 48.77 -21.29 35.08
CA TYR D 182 49.59 -21.27 36.30
C TYR D 182 48.73 -21.44 37.55
N LEU D 183 47.56 -20.80 37.57
CA LEU D 183 46.66 -20.97 38.70
C LEU D 183 46.20 -22.42 38.85
N CYS D 184 45.87 -23.06 37.73
CA CYS D 184 45.46 -24.47 37.79
C CYS D 184 46.62 -25.36 38.21
N ILE D 185 47.84 -25.01 37.80
CA ILE D 185 49.02 -25.76 38.24
C ILE D 185 49.17 -25.67 39.75
N LEU D 186 49.08 -24.45 40.29
CA LEU D 186 49.28 -24.26 41.73
C LEU D 186 48.16 -24.92 42.53
N ARG D 187 46.91 -24.78 42.08
CA ARG D 187 45.77 -25.23 42.88
C ARG D 187 45.53 -26.72 42.73
N GLY D 188 45.27 -27.19 41.51
CA GLY D 188 44.85 -28.56 41.28
C GLY D 188 46.01 -29.52 41.25
N THR D 189 46.06 -30.39 42.27
CA THR D 189 47.06 -31.46 42.32
C THR D 189 46.45 -32.84 42.53
N GLU D 190 45.39 -32.99 43.31
CA GLU D 190 44.77 -34.30 43.52
C GLU D 190 43.25 -34.26 43.51
N SER D 191 42.61 -33.10 43.33
CA SER D 191 41.16 -33.03 43.28
C SER D 191 40.59 -33.48 41.94
N THR D 192 41.45 -33.79 40.97
CA THR D 192 40.99 -34.18 39.64
C THR D 192 40.06 -35.38 39.67
N GLY D 193 40.19 -36.24 40.69
CA GLY D 193 39.28 -37.36 40.81
C GLY D 193 37.83 -36.93 40.88
N LYS D 194 37.56 -35.83 41.57
CA LYS D 194 36.22 -35.25 41.53
C LYS D 194 35.98 -34.55 40.20
N VAL D 195 37.01 -33.85 39.68
CA VAL D 195 36.85 -33.10 38.43
C VAL D 195 36.59 -34.03 37.27
N VAL D 196 37.10 -35.27 37.34
CA VAL D 196 36.84 -36.24 36.28
C VAL D 196 35.35 -36.56 36.19
N TYR D 197 34.62 -36.39 37.30
CA TYR D 197 33.19 -36.67 37.29
C TYR D 197 32.41 -35.71 36.40
N PHE D 198 32.97 -34.54 36.08
CA PHE D 198 32.29 -33.54 35.29
C PHE D 198 33.06 -33.10 34.05
N THR D 199 34.38 -33.07 34.10
CA THR D 199 35.20 -32.58 32.99
C THR D 199 35.54 -33.66 31.98
N ALA D 200 34.75 -34.74 31.90
CA ALA D 200 35.03 -35.82 30.95
C ALA D 200 33.83 -36.11 30.08
N SER D 201 32.63 -35.81 30.57
CA SER D 201 31.40 -36.09 29.83
C SER D 201 30.81 -34.86 29.15
N LEU D 202 31.16 -33.67 29.60
CA LEU D 202 30.64 -32.45 28.97
C LEU D 202 30.99 -32.36 27.48
N PRO D 203 32.23 -32.63 27.04
CA PRO D 203 32.49 -32.59 25.59
C PRO D 203 31.60 -33.50 24.78
N TYR D 204 31.29 -34.70 25.30
CA TYR D 204 30.42 -35.60 24.57
C TYR D 204 29.00 -35.04 24.45
N CYS D 205 28.49 -34.43 25.51
CA CYS D 205 27.16 -33.82 25.44
C CYS D 205 27.13 -32.66 24.46
N VAL D 206 28.17 -31.82 24.49
CA VAL D 206 28.24 -30.70 23.55
C VAL D 206 28.31 -31.20 22.11
N LEU D 207 29.11 -32.24 21.87
CA LEU D 207 29.21 -32.80 20.53
C LEU D 207 27.88 -33.43 20.09
N ILE D 208 27.16 -34.06 21.01
CA ILE D 208 25.84 -34.61 20.67
C ILE D 208 24.89 -33.49 20.26
N ILE D 209 24.88 -32.39 21.03
CA ILE D 209 23.99 -31.28 20.72
C ILE D 209 24.34 -30.68 19.36
N TYR D 210 25.63 -30.48 19.09
CA TYR D 210 26.02 -29.88 17.82
C TYR D 210 25.81 -30.85 16.65
N LEU D 211 25.93 -32.15 16.90
CA LEU D 211 25.58 -33.13 15.86
C LEU D 211 24.10 -33.05 15.53
N ILE D 212 23.25 -32.92 16.56
CA ILE D 212 21.82 -32.77 16.32
C ILE D 212 21.56 -31.52 15.48
N ARG D 213 22.17 -30.40 15.86
CA ARG D 213 21.95 -29.16 15.13
C ARG D 213 22.44 -29.28 13.69
N GLY D 214 23.59 -29.91 13.48
CA GLY D 214 24.09 -30.08 12.13
C GLY D 214 23.19 -30.97 11.28
N LEU D 215 22.73 -32.09 11.84
CA LEU D 215 21.84 -32.97 11.11
C LEU D 215 20.47 -32.36 10.88
N THR D 216 20.09 -31.32 11.64
CA THR D 216 18.85 -30.60 11.37
C THR D 216 19.02 -29.52 10.30
N LEU D 217 20.23 -29.31 9.79
CA LEU D 217 20.48 -28.26 8.80
C LEU D 217 20.34 -28.81 7.38
N HIS D 218 19.89 -27.94 6.48
CA HIS D 218 19.74 -28.31 5.09
C HIS D 218 21.10 -28.55 4.44
N GLY D 219 21.15 -29.55 3.55
CA GLY D 219 22.38 -29.88 2.86
C GLY D 219 23.49 -30.34 3.78
N ALA D 220 23.15 -31.07 4.84
CA ALA D 220 24.14 -31.54 5.80
C ALA D 220 24.77 -32.86 5.39
N THR D 221 24.02 -33.72 4.71
CA THR D 221 24.54 -35.03 4.31
C THR D 221 25.68 -34.92 3.31
N ASN D 222 25.80 -33.80 2.60
CA ASN D 222 26.87 -33.65 1.63
C ASN D 222 28.24 -33.69 2.29
N GLY D 223 28.38 -33.00 3.43
CA GLY D 223 29.65 -33.03 4.15
C GLY D 223 29.98 -34.42 4.67
N LEU D 224 28.99 -35.13 5.18
CA LEU D 224 29.22 -36.49 5.66
C LEU D 224 29.64 -37.40 4.52
N MET D 225 29.01 -37.26 3.35
CA MET D 225 29.41 -38.04 2.18
C MET D 225 30.84 -37.72 1.76
N TYR D 226 31.19 -36.43 1.78
CA TYR D 226 32.55 -36.03 1.41
C TYR D 226 33.58 -36.58 2.37
N MET D 227 33.29 -36.53 3.67
CA MET D 227 34.26 -36.99 4.67
C MET D 227 34.46 -38.50 4.61
N PHE D 228 33.43 -39.23 4.20
CA PHE D 228 33.50 -40.69 4.10
C PHE D 228 33.81 -41.15 2.68
N THR D 229 34.11 -40.25 1.76
CA THR D 229 34.46 -40.62 0.40
C THR D 229 35.97 -40.83 0.31
N PRO D 230 36.44 -42.06 0.09
CA PRO D 230 37.89 -42.32 0.00
C PRO D 230 38.43 -42.15 -1.42
N LYS D 231 38.66 -40.89 -1.79
CA LYS D 231 39.17 -40.57 -3.12
C LYS D 231 40.55 -41.17 -3.32
N ILE D 232 40.68 -42.03 -4.33
CA ILE D 232 41.95 -42.70 -4.58
C ILE D 232 42.95 -41.77 -5.25
N GLU D 233 42.50 -40.69 -5.87
CA GLU D 233 43.41 -39.76 -6.52
C GLU D 233 44.35 -39.12 -5.52
N GLN D 234 43.84 -38.71 -4.37
CA GLN D 234 44.64 -38.11 -3.31
C GLN D 234 45.00 -39.09 -2.21
N LEU D 235 44.62 -40.36 -2.34
CA LEU D 235 44.94 -41.34 -1.32
C LEU D 235 46.42 -41.70 -1.31
N ALA D 236 47.10 -41.51 -2.44
CA ALA D 236 48.50 -41.90 -2.59
C ALA D 236 49.47 -40.85 -2.06
N ASN D 237 48.98 -39.73 -1.56
CA ASN D 237 49.85 -38.66 -1.08
C ASN D 237 50.53 -39.07 0.22
N PRO D 238 51.86 -39.14 0.27
CA PRO D 238 52.53 -39.50 1.53
C PRO D 238 52.30 -38.49 2.64
N LYS D 239 52.00 -37.24 2.29
CA LYS D 239 51.77 -36.22 3.32
C LYS D 239 50.59 -36.59 4.19
N ALA D 240 49.54 -37.18 3.60
CA ALA D 240 48.40 -37.62 4.39
C ALA D 240 48.80 -38.67 5.42
N TRP D 241 49.61 -39.64 5.00
CA TRP D 241 50.07 -40.67 5.94
C TRP D 241 50.92 -40.07 7.04
N ILE D 242 51.83 -39.16 6.68
CA ILE D 242 52.70 -38.54 7.69
C ILE D 242 51.88 -37.74 8.69
N ASN D 243 50.92 -36.95 8.21
CA ASN D 243 50.10 -36.15 9.09
C ASN D 243 49.21 -37.03 9.98
N ALA D 244 48.67 -38.12 9.43
CA ALA D 244 47.88 -39.02 10.24
C ALA D 244 48.72 -39.66 11.34
N ALA D 245 49.94 -40.08 11.01
CA ALA D 245 50.81 -40.71 12.00
C ALA D 245 51.17 -39.73 13.11
N THR D 246 51.59 -38.52 12.73
CA THR D 246 51.96 -37.55 13.77
C THR D 246 50.76 -37.12 14.59
N GLN D 247 49.57 -37.03 13.96
CA GLN D 247 48.38 -36.61 14.70
C GLN D 247 47.95 -37.69 15.70
N ILE D 248 48.00 -38.96 15.30
CA ILE D 248 47.62 -40.01 16.24
C ILE D 248 48.65 -40.11 17.36
N PHE D 249 49.94 -39.93 17.04
CA PHE D 249 50.95 -39.93 18.09
C PHE D 249 50.74 -38.78 19.07
N PHE D 250 50.42 -37.59 18.55
CA PHE D 250 50.18 -36.44 19.41
C PHE D 250 48.95 -36.63 20.28
N SER D 251 47.85 -37.11 19.68
CA SER D 251 46.61 -37.29 20.43
C SER D 251 46.76 -38.35 21.50
N LEU D 252 47.45 -39.45 21.18
CA LEU D 252 47.68 -40.49 22.18
C LEU D 252 48.76 -40.10 23.19
N GLY D 253 49.48 -39.02 22.94
CA GLY D 253 50.51 -38.56 23.86
C GLY D 253 51.84 -39.25 23.74
N LEU D 254 52.04 -40.06 22.70
CA LEU D 254 53.31 -40.77 22.53
C LEU D 254 54.45 -39.78 22.28
N GLY D 255 55.60 -40.10 22.85
CA GLY D 255 56.78 -39.26 22.68
C GLY D 255 56.94 -38.22 23.76
N PHE D 256 55.81 -37.73 24.30
CA PHE D 256 55.86 -36.72 25.35
C PHE D 256 56.36 -37.27 26.67
N GLY D 257 56.20 -38.57 26.91
CA GLY D 257 56.64 -39.18 28.15
C GLY D 257 55.66 -39.09 29.29
N SER D 258 54.53 -38.42 29.11
CA SER D 258 53.53 -38.34 30.17
C SER D 258 52.92 -39.70 30.46
N LEU D 259 52.75 -40.53 29.43
CA LEU D 259 52.19 -41.86 29.63
C LEU D 259 53.09 -42.72 30.52
N ILE D 260 54.40 -42.64 30.31
CA ILE D 260 55.34 -43.40 31.14
C ILE D 260 55.26 -42.93 32.60
N ALA D 261 55.20 -41.61 32.81
CA ALA D 261 55.10 -41.08 34.16
C ALA D 261 53.80 -41.53 34.83
N PHE D 262 52.70 -41.52 34.09
CA PHE D 262 51.43 -41.98 34.65
C PHE D 262 51.49 -43.47 34.98
N ALA D 263 52.08 -44.27 34.10
CA ALA D 263 52.18 -45.71 34.34
C ALA D 263 53.08 -46.03 35.53
N SER D 264 54.11 -45.22 35.77
CA SER D 264 54.98 -45.44 36.92
C SER D 264 54.26 -45.26 38.24
N TYR D 265 53.12 -44.56 38.25
CA TYR D 265 52.36 -44.32 39.47
C TYR D 265 51.28 -45.36 39.73
N ASN D 266 51.12 -46.35 38.86
CA ASN D 266 50.09 -47.36 39.01
C ASN D 266 50.66 -48.62 39.66
N GLU D 267 49.75 -49.46 40.13
CA GLU D 267 50.15 -50.70 40.78
C GLU D 267 50.81 -51.64 39.78
N PRO D 268 51.80 -52.43 40.22
CA PRO D 268 52.46 -53.37 39.29
C PRO D 268 51.51 -54.41 38.72
N SER D 269 50.45 -54.75 39.43
CA SER D 269 49.48 -55.73 38.96
C SER D 269 48.34 -55.11 38.16
N ASN D 270 48.37 -53.80 37.94
CA ASN D 270 47.32 -53.14 37.18
C ASN D 270 47.37 -53.57 35.72
N ASN D 271 46.19 -53.79 35.14
CA ASN D 271 46.08 -54.22 33.75
C ASN D 271 46.51 -53.08 32.83
N CYS D 272 47.32 -53.40 31.83
CA CYS D 272 47.85 -52.41 30.89
C CYS D 272 47.33 -52.60 29.48
N GLN D 273 47.22 -53.83 28.99
CA GLN D 273 46.73 -54.06 27.64
C GLN D 273 45.30 -53.56 27.48
N LYS D 274 44.44 -53.90 28.44
CA LYS D 274 43.06 -53.42 28.39
C LYS D 274 43.00 -51.90 28.46
N HIS D 275 43.81 -51.30 29.34
CA HIS D 275 43.83 -49.85 29.46
C HIS D 275 44.26 -49.20 28.15
N ALA D 276 45.34 -49.71 27.55
CA ALA D 276 45.84 -49.12 26.31
C ALA D 276 44.82 -49.27 25.19
N ILE D 277 44.21 -50.44 25.06
CA ILE D 277 43.22 -50.67 24.01
C ILE D 277 42.03 -49.73 24.19
N ILE D 278 41.53 -49.62 25.42
CA ILE D 278 40.38 -48.77 25.68
C ILE D 278 40.72 -47.32 25.38
N VAL D 279 41.89 -46.86 25.81
CA VAL D 279 42.28 -45.47 25.56
C VAL D 279 42.37 -45.18 24.07
N SER D 280 43.04 -46.08 23.33
CA SER D 280 43.21 -45.87 21.90
C SER D 280 41.86 -45.87 21.18
N LEU D 281 40.99 -46.83 21.50
CA LEU D 281 39.69 -46.90 20.85
C LEU D 281 38.84 -45.67 21.18
N ILE D 282 38.86 -45.23 22.44
CA ILE D 282 38.07 -44.06 22.83
C ILE D 282 38.59 -42.82 22.12
N ASN D 283 39.90 -42.65 22.05
CA ASN D 283 40.47 -41.50 21.37
C ASN D 283 40.08 -41.50 19.89
N SER D 284 40.18 -42.65 19.23
CA SER D 284 39.82 -42.74 17.82
C SER D 284 38.34 -42.44 17.62
N PHE D 285 37.48 -43.00 18.47
CA PHE D 285 36.04 -42.76 18.33
C PHE D 285 35.70 -41.30 18.57
N THR D 286 36.31 -40.67 19.57
CA THR D 286 36.04 -39.26 19.83
C THR D 286 36.50 -38.39 18.67
N SER D 287 37.69 -38.68 18.12
CA SER D 287 38.15 -37.92 16.96
C SER D 287 37.21 -38.09 15.77
N ILE D 288 36.74 -39.32 15.54
CA ILE D 288 35.83 -39.56 14.42
C ILE D 288 34.51 -38.83 14.63
N PHE D 289 34.00 -38.83 15.86
CA PHE D 289 32.74 -38.15 16.16
C PHE D 289 32.88 -36.64 15.96
N ALA D 290 33.98 -36.06 16.43
CA ALA D 290 34.22 -34.63 16.23
C ALA D 290 34.34 -34.32 14.75
N SER D 291 35.02 -35.18 13.99
CA SER D 291 35.12 -34.98 12.55
C SER D 291 33.74 -35.06 11.90
N ILE D 292 32.89 -35.98 12.36
CA ILE D 292 31.56 -36.12 11.80
C ILE D 292 30.78 -34.82 11.99
N VAL D 293 30.77 -34.28 13.22
CA VAL D 293 30.01 -33.06 13.48
C VAL D 293 30.58 -31.89 12.68
N THR D 294 31.91 -31.73 12.73
CA THR D 294 32.54 -30.60 12.06
C THR D 294 32.32 -30.65 10.55
N PHE D 295 32.43 -31.84 9.95
CA PHE D 295 32.22 -31.97 8.53
C PHE D 295 30.75 -31.89 8.13
N SER D 296 29.83 -32.24 9.02
CA SER D 296 28.42 -31.96 8.73
C SER D 296 28.20 -30.46 8.62
N ILE D 297 28.74 -29.69 9.58
CA ILE D 297 28.58 -28.23 9.51
C ILE D 297 29.32 -27.69 8.29
N TYR D 298 30.48 -28.26 7.96
CA TYR D 298 31.26 -27.81 6.81
C TYR D 298 30.52 -28.09 5.51
N GLY D 299 29.88 -29.24 5.40
CA GLY D 299 29.06 -29.51 4.22
C GLY D 299 27.87 -28.58 4.14
N PHE D 300 27.29 -28.21 5.29
CA PHE D 300 26.25 -27.19 5.29
C PHE D 300 26.79 -25.87 4.72
N LYS D 301 27.99 -25.47 5.15
CA LYS D 301 28.58 -24.24 4.62
C LYS D 301 28.82 -24.32 3.13
N ALA D 302 29.34 -25.47 2.66
CA ALA D 302 29.61 -25.62 1.23
C ALA D 302 28.31 -25.58 0.42
N THR D 303 27.27 -26.24 0.91
CA THR D 303 25.98 -26.21 0.23
C THR D 303 25.41 -24.79 0.20
N PHE D 304 25.54 -24.05 1.30
CA PHE D 304 25.07 -22.68 1.34
C PHE D 304 25.81 -21.82 0.33
N ASN D 305 27.13 -21.97 0.25
CA ASN D 305 27.92 -21.19 -0.71
C ASN D 305 27.54 -21.56 -2.14
N TYR D 306 27.33 -22.85 -2.42
CA TYR D 306 26.93 -23.27 -3.75
C TYR D 306 25.58 -22.69 -4.14
N GLU D 307 24.61 -22.72 -3.21
CA GLU D 307 23.31 -22.14 -3.48
C GLU D 307 23.40 -20.64 -3.70
N ASN D 308 24.23 -19.96 -2.90
CA ASN D 308 24.39 -18.52 -3.07
C ASN D 308 25.00 -18.20 -4.42
N CYS D 309 26.00 -18.98 -4.85
CA CYS D 309 26.61 -18.74 -6.16
C CYS D 309 25.60 -18.97 -7.28
N LEU D 310 24.81 -20.05 -7.19
CA LEU D 310 23.79 -20.29 -8.20
C LEU D 310 22.76 -19.17 -8.24
N LYS D 311 22.35 -18.68 -7.05
CA LYS D 311 21.39 -17.60 -7.00
C LYS D 311 21.95 -16.32 -7.61
N LYS D 312 23.23 -16.03 -7.34
CA LYS D 312 23.85 -14.84 -7.95
C LYS D 312 23.92 -14.97 -9.46
N VAL D 313 24.29 -16.15 -9.97
CA VAL D 313 24.37 -16.34 -11.41
C VAL D 313 22.98 -16.19 -12.05
N SER D 314 21.97 -16.79 -11.43
CA SER D 314 20.60 -16.66 -11.94
C SER D 314 20.11 -15.22 -11.90
N LEU D 315 20.40 -14.48 -10.83
CA LEU D 315 20.02 -13.08 -10.74
C LEU D 315 20.70 -12.26 -11.82
N LEU D 316 21.98 -12.49 -12.06
CA LEU D 316 22.68 -11.75 -13.11
C LEU D 316 22.08 -12.05 -14.49
N LEU D 317 21.82 -13.33 -14.78
CA LEU D 317 21.22 -13.69 -16.06
C LEU D 317 19.85 -13.06 -16.21
N THR D 318 19.02 -13.11 -15.17
CA THR D 318 17.68 -12.54 -15.24
C THR D 318 17.73 -11.04 -15.43
N ASN D 319 18.64 -10.35 -14.73
CA ASN D 319 18.74 -8.90 -14.88
C ASN D 319 19.23 -8.52 -16.27
N THR D 320 20.19 -9.26 -16.82
CA THR D 320 20.79 -8.90 -18.10
C THR D 320 20.03 -9.45 -19.31
N PHE D 321 19.03 -10.30 -19.10
CA PHE D 321 18.25 -10.83 -20.20
C PHE D 321 16.74 -10.66 -20.00
N ASP D 322 16.32 -10.05 -18.90
CA ASP D 322 14.92 -9.71 -18.65
C ASP D 322 14.00 -10.92 -18.73
N LEU D 323 14.28 -11.93 -17.91
CA LEU D 323 13.43 -13.12 -17.81
C LEU D 323 12.48 -12.95 -16.64
N GLU D 324 11.63 -13.96 -16.43
CA GLU D 324 10.72 -13.91 -15.30
C GLU D 324 11.49 -14.15 -14.00
N ASP D 325 10.87 -13.76 -12.88
CA ASP D 325 11.53 -13.90 -11.59
C ASP D 325 11.77 -15.36 -11.24
N GLY D 326 10.77 -16.22 -11.44
CA GLY D 326 10.89 -17.62 -11.09
C GLY D 326 11.17 -18.53 -12.26
N PHE D 327 11.31 -17.95 -13.45
CA PHE D 327 11.56 -18.76 -14.65
C PHE D 327 12.90 -19.49 -14.56
N LEU D 328 13.93 -18.80 -14.09
CA LEU D 328 15.27 -19.37 -14.00
C LEU D 328 15.49 -19.92 -12.60
N THR D 329 15.75 -21.22 -12.52
CA THR D 329 16.02 -21.90 -11.26
C THR D 329 17.34 -22.67 -11.39
N ALA D 330 17.76 -23.27 -10.28
CA ALA D 330 19.00 -24.04 -10.30
C ALA D 330 18.86 -25.30 -11.16
N SER D 331 17.68 -25.92 -11.14
CA SER D 331 17.47 -27.18 -11.85
C SER D 331 17.48 -27.03 -13.37
N ASN D 332 17.33 -25.82 -13.90
CA ASN D 332 17.25 -25.61 -15.33
C ASN D 332 18.12 -24.42 -15.75
N LEU D 333 19.33 -24.37 -15.21
CA LEU D 333 20.23 -23.25 -15.52
C LEU D 333 20.90 -23.42 -16.87
N GLU D 334 21.59 -24.55 -17.06
CA GLU D 334 22.39 -24.74 -18.27
C GLU D 334 21.51 -24.77 -19.52
N GLN D 335 20.30 -25.28 -19.40
CA GLN D 335 19.38 -25.27 -20.55
C GLN D 335 19.03 -23.85 -20.96
N VAL D 336 18.75 -22.99 -19.97
CA VAL D 336 18.44 -21.60 -20.27
C VAL D 336 19.67 -20.90 -20.84
N LYS D 337 20.86 -21.25 -20.33
CA LYS D 337 22.09 -20.68 -20.88
C LYS D 337 22.25 -21.05 -22.35
N GLY D 338 21.99 -22.31 -22.68
CA GLY D 338 22.06 -22.71 -24.08
C GLY D 338 21.02 -22.02 -24.95
N TYR D 339 19.80 -21.87 -24.43
CA TYR D 339 18.77 -21.17 -25.18
C TYR D 339 19.15 -19.72 -25.42
N LEU D 340 19.70 -19.05 -24.41
CA LEU D 340 20.14 -17.67 -24.58
C LEU D 340 21.29 -17.57 -25.58
N ALA D 341 22.23 -18.52 -25.53
CA ALA D 341 23.32 -18.52 -26.49
C ALA D 341 22.80 -18.71 -27.91
N SER D 342 21.84 -19.60 -28.10
CA SER D 342 21.24 -19.82 -29.41
C SER D 342 20.35 -18.66 -29.86
N ALA D 343 19.85 -17.85 -28.93
CA ALA D 343 19.00 -16.73 -29.29
C ALA D 343 19.82 -15.56 -29.82
N TYR D 344 20.74 -15.05 -29.00
CA TYR D 344 21.61 -13.94 -29.40
C TYR D 344 22.96 -14.12 -28.74
N PRO D 345 23.91 -14.74 -29.43
CA PRO D 345 25.22 -15.00 -28.81
C PRO D 345 26.00 -13.74 -28.48
N SER D 346 25.67 -12.59 -29.10
CA SER D 346 26.42 -11.37 -28.81
C SER D 346 26.21 -10.93 -27.36
N LYS D 347 24.96 -10.85 -26.92
CA LYS D 347 24.69 -10.47 -25.54
C LYS D 347 25.23 -11.49 -24.55
N TYR D 348 25.09 -12.79 -24.86
CA TYR D 348 25.60 -13.82 -23.98
C TYR D 348 27.13 -13.72 -23.83
N SER D 349 27.83 -13.50 -24.94
CA SER D 349 29.28 -13.36 -24.89
C SER D 349 29.71 -12.05 -24.25
N GLU D 350 28.85 -11.03 -24.27
CA GLU D 350 29.17 -9.78 -23.60
C GLU D 350 29.34 -9.94 -22.09
N MET D 351 28.79 -11.02 -21.51
CA MET D 351 28.89 -11.27 -20.08
C MET D 351 29.36 -12.69 -19.76
N PHE D 352 29.79 -13.45 -20.77
CA PHE D 352 30.25 -14.81 -20.54
C PHE D 352 31.38 -14.92 -19.52
N PRO D 353 32.42 -14.08 -19.54
CA PRO D 353 33.44 -14.17 -18.48
C PRO D 353 32.90 -13.85 -17.10
N GLN D 354 31.79 -13.11 -17.00
CA GLN D 354 31.26 -12.77 -15.68
C GLN D 354 30.60 -13.96 -15.01
N ILE D 355 30.04 -14.88 -15.80
CA ILE D 355 29.40 -16.06 -15.24
C ILE D 355 30.44 -16.97 -14.61
N LYS D 356 30.16 -17.43 -13.38
CA LYS D 356 31.08 -18.26 -12.64
C LYS D 356 30.57 -19.70 -12.61
N ASN D 357 31.49 -20.66 -12.77
CA ASN D 357 31.17 -22.08 -12.69
C ASN D 357 31.46 -22.53 -11.27
N CYS D 358 30.41 -22.82 -10.51
CA CYS D 358 30.54 -23.28 -9.13
C CYS D 358 29.87 -24.64 -8.99
N SER D 359 30.56 -25.56 -8.32
CA SER D 359 30.07 -26.91 -8.11
C SER D 359 30.30 -27.31 -6.66
N LEU D 360 29.58 -28.35 -6.23
CA LEU D 360 29.68 -28.81 -4.85
C LEU D 360 31.08 -29.30 -4.53
N GLU D 361 31.73 -29.98 -5.48
CA GLU D 361 33.06 -30.54 -5.24
C GLU D 361 34.07 -29.43 -4.97
N SER D 362 34.07 -28.39 -5.80
CA SER D 362 35.04 -27.30 -5.63
C SER D 362 34.83 -26.59 -4.30
N GLU D 363 33.58 -26.33 -3.94
CA GLU D 363 33.31 -25.69 -2.65
C GLU D 363 33.75 -26.57 -1.49
N LEU D 364 33.33 -27.84 -1.50
CA LEU D 364 33.74 -28.76 -0.45
C LEU D 364 35.26 -28.86 -0.35
N ASP D 365 35.96 -28.67 -1.46
CA ASP D 365 37.41 -28.64 -1.41
C ASP D 365 37.94 -27.35 -0.81
N THR D 366 37.26 -26.22 -1.07
CA THR D 366 37.80 -24.92 -0.67
C THR D 366 36.76 -24.04 0.01
N ALA D 367 35.78 -24.62 0.70
CA ALA D 367 34.82 -23.81 1.45
C ALA D 367 35.51 -23.08 2.59
N VAL D 368 36.02 -23.83 3.57
CA VAL D 368 36.72 -23.29 4.72
C VAL D 368 37.96 -24.15 4.96
N GLN D 369 39.12 -23.52 5.11
CA GLN D 369 40.34 -24.24 5.36
C GLN D 369 41.29 -23.35 6.15
N GLY D 370 42.26 -23.99 6.80
CA GLY D 370 43.23 -23.31 7.62
C GLY D 370 43.26 -23.86 9.04
N THR D 371 44.16 -23.29 9.84
CA THR D 371 44.33 -23.73 11.22
C THR D 371 43.10 -23.48 12.08
N GLY D 372 42.23 -22.56 11.68
CA GLY D 372 41.06 -22.25 12.47
C GLY D 372 39.78 -22.80 11.86
N LEU D 373 39.85 -23.99 11.28
CA LEU D 373 38.67 -24.59 10.68
C LEU D 373 37.59 -24.83 11.73
N ALA D 374 37.97 -25.35 12.90
CA ALA D 374 37.00 -25.65 13.93
C ALA D 374 36.29 -24.39 14.42
N PHE D 375 37.05 -23.31 14.64
CA PHE D 375 36.45 -22.08 15.13
C PHE D 375 35.45 -21.51 14.13
N ILE D 376 35.85 -21.42 12.86
CA ILE D 376 34.96 -20.87 11.84
C ILE D 376 33.71 -21.74 11.69
N VAL D 377 33.92 -23.05 11.61
CA VAL D 377 32.80 -23.98 11.41
C VAL D 377 31.82 -23.90 12.56
N TYR D 378 32.32 -23.90 13.80
CA TYR D 378 31.41 -23.89 14.94
C TYR D 378 30.77 -22.52 15.14
N THR D 379 31.45 -21.43 14.78
CA THR D 379 30.79 -20.14 14.81
C THR D 379 29.65 -20.07 13.81
N GLU D 380 29.87 -20.62 12.61
CA GLU D 380 28.79 -20.69 11.63
C GLU D 380 27.63 -21.52 12.16
N ALA D 381 27.93 -22.65 12.81
CA ALA D 381 26.87 -23.47 13.39
C ALA D 381 26.12 -22.71 14.48
N ILE D 382 26.84 -21.96 15.31
CA ILE D 382 26.22 -21.23 16.41
C ILE D 382 25.32 -20.12 15.88
N LYS D 383 25.75 -19.43 14.84
CA LYS D 383 24.97 -18.31 14.32
C LYS D 383 23.63 -18.75 13.75
N ASN D 384 23.43 -20.04 13.50
CA ASN D 384 22.16 -20.56 12.99
C ASN D 384 21.38 -21.30 14.08
N MET D 385 21.61 -20.95 15.35
CA MET D 385 20.91 -21.56 16.46
C MET D 385 19.68 -20.73 16.81
N GLU D 386 18.99 -21.13 17.89
CA GLU D 386 17.89 -20.34 18.42
C GLU D 386 18.38 -19.32 19.44
N VAL D 387 19.08 -19.80 20.47
CA VAL D 387 19.77 -18.92 21.41
C VAL D 387 21.26 -19.06 21.18
N SER D 388 21.81 -18.22 20.31
CA SER D 388 23.19 -18.38 19.87
C SER D 388 24.18 -18.20 21.00
N GLN D 389 23.92 -17.23 21.88
CA GLN D 389 24.90 -16.90 22.93
C GLN D 389 25.11 -18.08 23.88
N LEU D 390 24.03 -18.77 24.26
CA LEU D 390 24.16 -19.87 25.20
C LEU D 390 25.00 -21.01 24.62
N TRP D 391 24.69 -21.41 23.38
CA TRP D 391 25.46 -22.50 22.76
C TRP D 391 26.90 -22.08 22.52
N SER D 392 27.13 -20.82 22.13
CA SER D 392 28.48 -20.34 21.94
C SER D 392 29.27 -20.42 23.24
N VAL D 393 28.68 -19.96 24.34
CA VAL D 393 29.36 -20.00 25.63
C VAL D 393 29.65 -21.43 26.03
N LEU D 394 28.68 -22.33 25.85
CA LEU D 394 28.88 -23.73 26.23
C LEU D 394 30.00 -24.36 25.43
N TYR D 395 29.98 -24.19 24.11
CA TYR D 395 31.00 -24.81 23.26
C TYR D 395 32.39 -24.24 23.55
N PHE D 396 32.49 -22.93 23.68
CA PHE D 396 33.80 -22.33 23.93
C PHE D 396 34.31 -22.67 25.33
N PHE D 397 33.43 -22.79 26.31
CA PHE D 397 33.84 -23.23 27.64
C PHE D 397 34.34 -24.67 27.59
N MET D 398 33.65 -25.53 26.86
CA MET D 398 34.11 -26.92 26.73
C MET D 398 35.47 -26.99 26.06
N LEU D 399 35.65 -26.25 24.95
CA LEU D 399 36.91 -26.27 24.25
C LEU D 399 38.04 -25.70 25.12
N LEU D 400 37.75 -24.63 25.85
CA LEU D 400 38.76 -24.05 26.73
C LEU D 400 39.12 -24.99 27.86
N MET D 401 38.14 -25.72 28.40
CA MET D 401 38.43 -26.70 29.44
C MET D 401 39.30 -27.83 28.91
N LEU D 402 38.99 -28.31 27.71
CA LEU D 402 39.83 -29.35 27.10
C LEU D 402 41.26 -28.85 26.89
N GLY D 403 41.40 -27.63 26.39
CA GLY D 403 42.72 -27.06 26.20
C GLY D 403 43.47 -26.88 27.51
N ILE D 404 42.76 -26.45 28.54
CA ILE D 404 43.38 -26.27 29.86
C ILE D 404 43.86 -27.61 30.39
N GLY D 405 43.04 -28.65 30.26
CA GLY D 405 43.47 -29.97 30.72
C GLY D 405 44.68 -30.48 29.96
N SER D 406 44.68 -30.32 28.63
CA SER D 406 45.82 -30.76 27.84
C SER D 406 47.08 -29.99 28.20
N MET D 407 46.97 -28.67 28.40
CA MET D 407 48.12 -27.87 28.77
C MET D 407 48.61 -28.22 30.17
N LEU D 408 47.70 -28.51 31.09
CA LEU D 408 48.10 -28.95 32.43
C LEU D 408 48.88 -30.25 32.36
N GLY D 409 48.40 -31.21 31.56
CA GLY D 409 49.14 -32.45 31.42
C GLY D 409 50.51 -32.24 30.80
N ASN D 410 50.58 -31.42 29.75
CA ASN D 410 51.86 -31.15 29.09
C ASN D 410 52.83 -30.46 30.04
N THR D 411 52.34 -29.47 30.80
CA THR D 411 53.21 -28.74 31.71
C THR D 411 53.67 -29.61 32.87
N ALA D 412 52.80 -30.49 33.38
CA ALA D 412 53.23 -31.44 34.41
C ALA D 412 54.30 -32.38 33.87
N ALA D 413 54.12 -32.86 32.64
CA ALA D 413 55.13 -33.72 32.04
C ALA D 413 56.45 -32.99 31.85
N ILE D 414 56.40 -31.70 31.50
CA ILE D 414 57.63 -30.92 31.36
C ILE D 414 58.30 -30.71 32.70
N LEU D 415 57.51 -30.38 33.73
CA LEU D 415 58.08 -29.99 35.03
C LEU D 415 58.54 -31.18 35.83
N THR D 416 58.03 -32.39 35.56
CA THR D 416 58.44 -33.55 36.35
C THR D 416 59.94 -33.80 36.31
N PRO D 417 60.62 -33.82 35.15
CA PRO D 417 62.09 -33.91 35.19
C PRO D 417 62.74 -32.74 35.91
N LEU D 418 62.17 -31.54 35.78
CA LEU D 418 62.71 -30.39 36.50
C LEU D 418 62.41 -30.50 38.00
N THR D 419 61.26 -31.05 38.36
CA THR D 419 60.95 -31.27 39.77
C THR D 419 61.91 -32.27 40.39
N ASP D 420 62.25 -33.32 39.64
CA ASP D 420 63.16 -34.34 40.16
C ASP D 420 64.61 -33.85 40.25
N SER D 421 64.92 -32.69 39.68
CA SER D 421 66.27 -32.15 39.72
C SER D 421 66.59 -31.68 41.13
N LYS D 422 67.49 -32.39 41.81
CA LYS D 422 67.86 -32.03 43.18
C LYS D 422 68.59 -30.69 43.22
N ILE D 423 69.48 -30.44 42.25
CA ILE D 423 70.23 -29.19 42.23
C ILE D 423 69.32 -28.00 42.04
N ILE D 424 68.35 -28.11 41.12
CA ILE D 424 67.43 -27.01 40.86
C ILE D 424 66.54 -26.76 42.08
N SER D 425 66.06 -27.84 42.70
CA SER D 425 65.19 -27.68 43.86
C SER D 425 65.90 -27.04 45.04
N SER D 426 67.21 -27.26 45.16
CA SER D 426 68.00 -26.70 46.25
C SER D 426 68.39 -25.24 46.02
N HIS D 427 68.19 -24.72 44.81
CA HIS D 427 68.55 -23.34 44.50
C HIS D 427 67.36 -22.40 44.46
N LEU D 428 66.19 -22.89 44.09
CA LEU D 428 64.99 -22.07 43.98
C LEU D 428 63.80 -22.83 44.54
N PRO D 429 62.78 -22.13 45.03
CA PRO D 429 61.57 -22.81 45.48
C PRO D 429 60.88 -23.54 44.33
N LYS D 430 60.23 -24.66 44.67
CA LYS D 430 59.55 -25.45 43.65
C LYS D 430 58.41 -24.68 43.00
N GLU D 431 57.70 -23.84 43.78
CA GLU D 431 56.58 -23.08 43.24
C GLU D 431 57.01 -22.00 42.26
N ALA D 432 58.20 -21.41 42.45
CA ALA D 432 58.69 -20.38 41.54
C ALA D 432 59.11 -20.94 40.19
N ILE D 433 59.44 -22.24 40.14
CA ILE D 433 59.82 -22.86 38.86
C ILE D 433 58.66 -22.83 37.88
N SER D 434 57.45 -23.12 38.37
CA SER D 434 56.27 -23.09 37.50
C SER D 434 56.04 -21.68 36.96
N GLY D 435 56.16 -20.67 37.82
CA GLY D 435 55.99 -19.30 37.36
C GLY D 435 57.04 -18.89 36.35
N LEU D 436 58.30 -19.28 36.57
CA LEU D 436 59.34 -18.98 35.61
C LEU D 436 59.08 -19.64 34.27
N VAL D 437 58.67 -20.92 34.29
CA VAL D 437 58.38 -21.63 33.06
C VAL D 437 57.22 -20.97 32.32
N CYS D 438 56.17 -20.59 33.05
CA CYS D 438 55.03 -19.93 32.43
C CYS D 438 55.44 -18.60 31.81
N LEU D 439 56.26 -17.82 32.52
CA LEU D 439 56.71 -16.53 32.00
C LEU D 439 57.53 -16.71 30.72
N VAL D 440 58.46 -17.67 30.74
CA VAL D 440 59.29 -17.91 29.56
C VAL D 440 58.44 -18.36 28.39
N ASN D 441 57.49 -19.28 28.64
CA ASN D 441 56.64 -19.77 27.57
C ASN D 441 55.77 -18.66 27.00
N CYS D 442 55.24 -17.78 27.86
CA CYS D 442 54.45 -16.66 27.38
C CYS D 442 55.29 -15.70 26.55
N ALA D 443 56.52 -15.43 26.99
CA ALA D 443 57.40 -14.55 26.23
C ALA D 443 57.71 -15.14 24.86
N ILE D 444 57.94 -16.45 24.80
CA ILE D 444 58.24 -17.08 23.52
C ILE D 444 57.00 -17.09 22.62
N GLY D 445 55.82 -17.39 23.20
CA GLY D 445 54.61 -17.51 22.42
C GLY D 445 53.93 -16.19 22.08
N MET D 446 54.43 -15.07 22.61
CA MET D 446 53.93 -13.78 22.19
C MET D 446 54.19 -13.51 20.71
N VAL D 447 55.08 -14.28 20.09
CA VAL D 447 55.37 -14.12 18.66
C VAL D 447 54.11 -14.38 17.84
N PHE D 448 53.32 -15.37 18.24
CA PHE D 448 52.12 -15.75 17.49
C PHE D 448 51.05 -14.65 17.51
N THR D 449 51.17 -13.65 18.37
CA THR D 449 50.18 -12.59 18.50
C THR D 449 50.41 -11.46 17.51
N MET D 450 51.44 -11.55 16.67
CA MET D 450 51.71 -10.51 15.68
C MET D 450 50.69 -10.62 14.54
N GLU D 451 50.85 -9.73 13.55
CA GLU D 451 49.98 -9.76 12.38
C GLU D 451 50.16 -11.06 11.61
N ALA D 452 51.41 -11.49 11.43
CA ALA D 452 51.72 -12.73 10.73
C ALA D 452 51.97 -13.90 11.69
N GLY D 453 51.55 -13.76 12.95
CA GLY D 453 51.78 -14.81 13.91
C GLY D 453 51.02 -16.09 13.61
N ASN D 454 49.94 -15.99 12.83
CA ASN D 454 49.19 -17.18 12.45
C ASN D 454 50.03 -18.10 11.55
N TYR D 455 50.85 -17.53 10.68
CA TYR D 455 51.74 -18.35 9.86
C TYR D 455 52.74 -19.10 10.71
N TRP D 456 53.31 -18.44 11.72
CA TRP D 456 54.23 -19.13 12.64
C TRP D 456 53.51 -20.20 13.44
N PHE D 457 52.26 -19.92 13.83
CA PHE D 457 51.47 -20.94 14.52
C PHE D 457 51.25 -22.15 13.64
N ASP D 458 50.96 -21.93 12.35
CA ASP D 458 50.81 -23.03 11.42
C ASP D 458 52.11 -23.81 11.27
N ILE D 459 53.24 -23.09 11.19
CA ILE D 459 54.54 -23.75 11.05
C ILE D 459 54.82 -24.64 12.25
N PHE D 460 54.58 -24.11 13.45
CA PHE D 460 54.83 -24.87 14.67
C PHE D 460 53.75 -25.91 14.96
N ASN D 461 52.63 -25.86 14.25
CA ASN D 461 51.65 -26.93 14.32
C ASN D 461 51.90 -28.03 13.30
N ASP D 462 52.64 -27.73 12.23
CA ASP D 462 52.90 -28.72 11.19
C ASP D 462 54.23 -29.44 11.36
N TYR D 463 55.21 -28.82 12.00
CA TYR D 463 56.56 -29.35 12.03
C TYR D 463 57.17 -29.51 13.42
N ALA D 464 56.65 -28.82 14.44
CA ALA D 464 57.23 -28.94 15.77
C ALA D 464 56.93 -30.28 16.43
N ALA D 465 56.03 -31.09 15.85
CA ALA D 465 55.73 -32.40 16.39
C ALA D 465 55.62 -33.48 15.32
N THR D 466 55.94 -33.17 14.06
CA THR D 466 55.78 -34.16 13.00
C THR D 466 56.94 -35.15 12.99
N LEU D 467 58.17 -34.65 12.78
CA LEU D 467 59.33 -35.53 12.73
C LEU D 467 59.83 -35.92 14.12
N SER D 468 59.73 -35.00 15.08
CA SER D 468 60.28 -35.24 16.41
C SER D 468 59.60 -36.42 17.08
N LEU D 469 58.26 -36.44 17.06
CA LEU D 469 57.53 -37.54 17.70
C LEU D 469 57.82 -38.86 17.02
N LEU D 470 57.86 -38.88 15.68
CA LEU D 470 58.17 -40.11 14.96
C LEU D 470 59.55 -40.63 15.31
N LEU D 471 60.55 -39.74 15.35
CA LEU D 471 61.90 -40.18 15.69
C LEU D 471 61.98 -40.69 17.12
N ILE D 472 61.32 -40.00 18.05
CA ILE D 472 61.33 -40.44 19.45
C ILE D 472 60.70 -41.82 19.57
N VAL D 473 59.56 -42.02 18.91
CA VAL D 473 58.87 -43.31 18.98
C VAL D 473 59.74 -44.40 18.36
N LEU D 474 60.39 -44.11 17.23
CA LEU D 474 61.26 -45.09 16.60
C LEU D 474 62.41 -45.48 17.52
N VAL D 475 63.04 -44.48 18.15
CA VAL D 475 64.15 -44.78 19.06
C VAL D 475 63.67 -45.62 20.23
N GLU D 476 62.52 -45.26 20.81
CA GLU D 476 62.00 -46.00 21.96
C GLU D 476 61.68 -47.44 21.60
N THR D 477 61.02 -47.66 20.45
CA THR D 477 60.65 -49.02 20.09
C THR D 477 61.86 -49.85 19.70
N ILE D 478 62.87 -49.24 19.05
CA ILE D 478 64.10 -49.97 18.78
C ILE D 478 64.79 -50.37 20.06
N ALA D 479 64.87 -49.44 21.03
CA ALA D 479 65.51 -49.74 22.30
C ALA D 479 64.79 -50.86 23.03
N VAL D 480 63.45 -50.83 23.04
CA VAL D 480 62.69 -51.89 23.70
C VAL D 480 62.81 -53.23 22.99
N CYS D 481 62.77 -53.25 21.66
CA CYS D 481 62.78 -54.50 20.93
C CYS D 481 64.16 -55.16 20.89
N TYR D 482 65.21 -54.39 20.65
CA TYR D 482 66.53 -54.97 20.40
C TYR D 482 67.58 -54.66 21.45
N VAL D 483 67.57 -53.46 22.04
CA VAL D 483 68.61 -53.11 23.01
C VAL D 483 68.41 -53.87 24.31
N TYR D 484 67.26 -53.68 24.96
CA TYR D 484 66.98 -54.39 26.20
C TYR D 484 66.74 -55.87 25.96
N GLY D 485 66.10 -56.23 24.84
CA GLY D 485 65.77 -57.60 24.56
C GLY D 485 64.30 -57.90 24.70
N LEU D 486 63.66 -58.33 23.60
CA LEU D 486 62.23 -58.60 23.64
C LEU D 486 61.90 -59.75 24.59
N ARG D 487 62.71 -60.81 24.57
CA ARG D 487 62.46 -61.94 25.47
C ARG D 487 62.59 -61.53 26.93
N ARG D 488 63.59 -60.72 27.25
CA ARG D 488 63.76 -60.25 28.63
C ARG D 488 62.58 -59.40 29.07
N PHE D 489 62.13 -58.50 28.19
CA PHE D 489 60.98 -57.65 28.53
C PHE D 489 59.72 -58.49 28.72
N GLU D 490 59.51 -59.47 27.85
CA GLU D 490 58.34 -60.35 27.98
C GLU D 490 58.39 -61.14 29.29
N SER D 491 59.57 -61.66 29.63
CA SER D 491 59.71 -62.39 30.89
C SER D 491 59.45 -61.49 32.10
N ASP D 492 59.97 -60.27 32.05
CA ASP D 492 59.73 -59.34 33.15
C ASP D 492 58.25 -59.01 33.30
N LEU D 493 57.56 -58.77 32.17
CA LEU D 493 56.15 -58.47 32.23
C LEU D 493 55.34 -59.66 32.74
N LYS D 494 55.71 -60.88 32.31
CA LYS D 494 55.03 -62.07 32.78
C LYS D 494 55.24 -62.27 34.28
N ALA D 495 56.45 -62.00 34.76
CA ALA D 495 56.70 -62.07 36.20
C ALA D 495 55.90 -61.02 36.95
N MET D 496 55.78 -59.82 36.38
CA MET D 496 55.08 -58.73 37.07
C MET D 496 53.58 -59.01 37.15
N THR D 497 52.96 -59.43 36.05
CA THR D 497 51.51 -59.57 36.04
C THR D 497 50.99 -60.86 35.43
N GLY D 498 51.82 -61.67 34.78
CA GLY D 498 51.34 -62.86 34.13
C GLY D 498 50.69 -62.56 32.79
N ARG D 499 50.29 -63.63 32.10
CA ARG D 499 49.68 -63.54 30.78
C ARG D 499 50.58 -62.73 29.83
N ALA D 500 51.71 -63.36 29.48
CA ALA D 500 52.71 -62.72 28.64
C ALA D 500 52.09 -62.21 27.34
N VAL D 501 52.77 -61.24 26.72
CA VAL D 501 52.25 -60.58 25.54
C VAL D 501 52.01 -61.58 24.43
N SER D 502 50.90 -61.42 23.72
CA SER D 502 50.61 -62.27 22.58
C SER D 502 51.59 -61.99 21.45
N TRP D 503 51.69 -62.95 20.52
CA TRP D 503 52.62 -62.81 19.42
C TRP D 503 52.30 -61.62 18.52
N TYR D 504 51.04 -61.17 18.51
CA TYR D 504 50.69 -59.96 17.75
C TYR D 504 51.48 -58.76 18.25
N TRP D 505 51.45 -58.52 19.56
CA TRP D 505 52.16 -57.37 20.11
C TRP D 505 53.66 -57.51 19.91
N LYS D 506 54.20 -58.73 20.08
CA LYS D 506 55.62 -58.94 19.88
C LYS D 506 56.04 -58.63 18.46
N VAL D 507 55.26 -59.12 17.48
CA VAL D 507 55.60 -58.86 16.08
C VAL D 507 55.50 -57.37 15.77
N MET D 508 54.45 -56.71 16.27
CA MET D 508 54.28 -55.28 16.01
C MET D 508 55.43 -54.48 16.60
N TRP D 509 55.87 -54.84 17.81
CA TRP D 509 56.99 -54.13 18.43
C TRP D 509 58.31 -54.47 17.75
N ALA D 510 58.43 -55.66 17.17
CA ALA D 510 59.70 -56.08 16.60
C ALA D 510 59.91 -55.52 15.20
N GLY D 511 59.02 -55.85 14.27
CA GLY D 511 59.29 -55.55 12.87
C GLY D 511 58.15 -55.02 12.04
N VAL D 512 57.20 -54.30 12.66
CA VAL D 512 56.10 -53.72 11.91
C VAL D 512 56.10 -52.20 12.09
N SER D 513 55.97 -51.75 13.33
CA SER D 513 55.91 -50.31 13.60
C SER D 513 57.19 -49.59 13.20
N PRO D 514 58.40 -50.03 13.59
CA PRO D 514 59.60 -49.30 13.13
C PRO D 514 59.75 -49.29 11.62
N LEU D 515 59.44 -50.40 10.96
CA LEU D 515 59.54 -50.46 9.51
C LEU D 515 58.58 -49.49 8.85
N LEU D 516 57.33 -49.43 9.34
CA LEU D 516 56.37 -48.51 8.78
C LEU D 516 56.79 -47.06 9.01
N ILE D 517 57.31 -46.75 10.20
CA ILE D 517 57.76 -45.40 10.48
C ILE D 517 58.90 -45.01 9.54
N VAL D 518 59.87 -45.91 9.36
CA VAL D 518 60.99 -45.62 8.47
C VAL D 518 60.51 -45.44 7.04
N SER D 519 59.58 -46.29 6.58
CA SER D 519 59.07 -46.18 5.22
C SER D 519 58.33 -44.86 5.01
N LEU D 520 57.51 -44.47 5.98
CA LEU D 520 56.80 -43.20 5.87
C LEU D 520 57.76 -42.03 5.85
N PHE D 521 58.79 -42.06 6.70
CA PHE D 521 59.77 -40.99 6.71
C PHE D 521 60.51 -40.90 5.38
N VAL D 522 60.90 -42.05 4.83
CA VAL D 522 61.60 -42.06 3.53
C VAL D 522 60.69 -41.52 2.44
N PHE D 523 59.42 -41.92 2.43
CA PHE D 523 58.49 -41.43 1.43
C PHE D 523 58.29 -39.93 1.54
N TYR D 524 58.16 -39.41 2.77
CA TYR D 524 58.00 -37.97 2.94
C TYR D 524 59.23 -37.22 2.49
N LEU D 525 60.42 -37.73 2.83
CA LEU D 525 61.65 -37.07 2.40
C LEU D 525 61.78 -37.07 0.88
N SER D 526 61.45 -38.20 0.24
CA SER D 526 61.52 -38.28 -1.21
C SER D 526 60.52 -37.32 -1.86
N ASP D 527 59.30 -37.24 -1.31
CA ASP D 527 58.30 -36.32 -1.85
C ASP D 527 58.76 -34.87 -1.72
N TYR D 528 59.32 -34.52 -0.56
CA TYR D 528 59.82 -33.16 -0.37
C TYR D 528 60.96 -32.83 -1.33
N ILE D 529 61.88 -33.79 -1.52
CA ILE D 529 63.00 -33.55 -2.41
C ILE D 529 62.52 -33.39 -3.85
N LEU D 530 61.62 -34.27 -4.30
CA LEU D 530 61.14 -34.21 -5.67
C LEU D 530 60.34 -32.94 -5.93
N THR D 531 59.36 -32.65 -5.08
CA THR D 531 58.54 -31.46 -5.28
C THR D 531 59.34 -30.18 -5.04
N GLY D 532 60.02 -30.09 -3.90
CA GLY D 532 60.79 -28.91 -3.57
C GLY D 532 59.98 -27.63 -3.57
N THR D 533 58.68 -27.72 -3.31
CA THR D 533 57.77 -26.58 -3.42
C THR D 533 56.88 -26.50 -2.19
N LEU D 534 57.49 -26.58 -1.01
CA LEU D 534 56.75 -26.48 0.24
C LEU D 534 56.13 -25.08 0.36
N LYS D 535 54.82 -25.01 0.23
CA LYS D 535 54.10 -23.74 0.22
C LYS D 535 53.05 -23.72 1.32
N TYR D 536 52.73 -22.52 1.77
CA TYR D 536 51.74 -22.31 2.83
C TYR D 536 50.57 -21.51 2.30
N GLN D 537 49.39 -21.77 2.87
CA GLN D 537 48.20 -21.02 2.52
C GLN D 537 48.24 -19.64 3.16
N ALA D 538 47.84 -18.63 2.39
CA ALA D 538 47.85 -17.25 2.85
C ALA D 538 46.53 -16.58 2.46
N TRP D 539 46.02 -15.75 3.36
CA TRP D 539 44.75 -15.08 3.12
C TRP D 539 44.89 -14.04 2.02
N ASP D 540 43.87 -13.97 1.16
CA ASP D 540 43.78 -12.97 0.10
C ASP D 540 42.44 -12.26 0.24
N ALA D 541 42.47 -11.02 0.71
CA ALA D 541 41.23 -10.27 0.92
C ALA D 541 40.62 -9.84 -0.41
N SER D 542 41.45 -9.48 -1.39
CA SER D 542 40.93 -9.06 -2.69
C SER D 542 40.15 -10.18 -3.35
N GLN D 543 40.67 -11.40 -3.31
CA GLN D 543 39.92 -12.55 -3.77
C GLN D 543 39.08 -13.19 -2.66
N GLY D 544 39.34 -12.82 -1.41
CA GLY D 544 38.58 -13.40 -0.30
C GLY D 544 38.73 -14.89 -0.19
N GLN D 545 39.95 -15.39 -0.33
CA GLN D 545 40.18 -16.83 -0.38
C GLN D 545 41.56 -17.12 0.20
N LEU D 546 42.07 -18.32 -0.04
CA LEU D 546 43.41 -18.72 0.38
C LEU D 546 44.23 -19.06 -0.84
N VAL D 547 45.46 -18.55 -0.90
CA VAL D 547 46.36 -18.75 -2.03
C VAL D 547 47.65 -19.36 -1.51
N THR D 548 48.15 -20.36 -2.22
CA THR D 548 49.40 -21.01 -1.83
C THR D 548 50.58 -20.13 -2.23
N LYS D 549 51.47 -19.86 -1.28
CA LYS D 549 52.65 -19.05 -1.51
C LYS D 549 53.87 -19.79 -0.99
N ASP D 550 54.98 -19.66 -1.71
CA ASP D 550 56.21 -20.36 -1.34
C ASP D 550 56.74 -19.87 -0.01
N TYR D 551 57.28 -20.80 0.77
CA TYR D 551 57.85 -20.43 2.06
C TYR D 551 59.11 -19.60 1.87
N PRO D 552 59.33 -18.58 2.69
CA PRO D 552 60.57 -17.82 2.62
C PRO D 552 61.74 -18.60 3.23
N ALA D 553 62.95 -18.13 2.95
CA ALA D 553 64.14 -18.81 3.40
C ALA D 553 64.25 -18.83 4.92
N TYR D 554 63.97 -17.70 5.56
CA TYR D 554 64.13 -17.62 7.02
C TYR D 554 63.12 -18.50 7.75
N ALA D 555 61.88 -18.56 7.26
CA ALA D 555 60.88 -19.43 7.88
C ALA D 555 61.27 -20.90 7.73
N LEU D 556 61.75 -21.28 6.54
CA LEU D 556 62.19 -22.66 6.34
C LEU D 556 63.37 -22.99 7.25
N ALA D 557 64.32 -22.05 7.41
CA ALA D 557 65.44 -22.27 8.30
C ALA D 557 64.98 -22.41 9.75
N VAL D 558 64.00 -21.60 10.16
CA VAL D 558 63.49 -21.68 11.52
C VAL D 558 62.82 -23.02 11.77
N ILE D 559 62.02 -23.48 10.81
CA ILE D 559 61.36 -24.78 10.95
C ILE D 559 62.40 -25.90 10.99
N GLY D 560 63.42 -25.81 10.13
CA GLY D 560 64.47 -26.81 10.14
C GLY D 560 65.22 -26.85 11.46
N LEU D 561 65.52 -25.67 12.02
CA LEU D 561 66.18 -25.62 13.32
C LEU D 561 65.30 -26.19 14.43
N LEU D 562 64.01 -25.87 14.39
CA LEU D 562 63.10 -26.38 15.42
C LEU D 562 63.01 -27.90 15.37
N VAL D 563 62.96 -28.47 14.16
CA VAL D 563 62.96 -29.93 14.04
C VAL D 563 64.32 -30.50 14.45
N ALA D 564 65.40 -29.85 14.04
CA ALA D 564 66.74 -30.39 14.23
C ALA D 564 67.12 -30.44 15.70
N SER D 565 66.72 -29.43 16.49
CA SER D 565 67.03 -29.44 17.90
C SER D 565 66.44 -30.68 18.58
N SER D 566 65.15 -30.94 18.34
CA SER D 566 64.50 -32.10 18.93
C SER D 566 65.09 -33.40 18.41
N THR D 567 65.41 -33.46 17.11
CA THR D 567 65.92 -34.71 16.55
C THR D 567 67.33 -35.02 17.07
N MET D 568 68.16 -33.98 17.23
CA MET D 568 69.56 -34.16 17.62
C MET D 568 69.78 -34.05 19.13
N CYS D 569 68.73 -33.81 19.91
CA CYS D 569 68.91 -33.82 21.37
C CYS D 569 69.41 -35.17 21.86
N ILE D 570 68.91 -36.26 21.28
CA ILE D 570 69.28 -37.61 21.71
C ILE D 570 70.67 -37.99 21.20
N PRO D 571 70.97 -37.88 19.89
CA PRO D 571 72.32 -38.24 19.42
C PRO D 571 73.43 -37.44 20.06
N LEU D 572 73.22 -36.15 20.34
CA LEU D 572 74.25 -35.35 20.98
C LEU D 572 74.58 -35.87 22.37
N ALA D 573 73.55 -36.20 23.15
CA ALA D 573 73.77 -36.77 24.47
C ALA D 573 74.37 -38.16 24.38
N ALA D 574 74.01 -38.92 23.35
CA ALA D 574 74.64 -40.22 23.15
C ALA D 574 76.14 -40.08 22.90
N LEU D 575 76.52 -39.12 22.05
CA LEU D 575 77.93 -38.87 21.80
C LEU D 575 78.63 -38.39 23.06
N GLY D 576 77.97 -37.54 23.84
CA GLY D 576 78.56 -37.10 25.10
C GLY D 576 78.79 -38.24 26.07
N THR D 577 77.81 -39.15 26.18
CA THR D 577 77.95 -40.31 27.05
C THR D 577 79.07 -41.23 26.56
N PHE D 578 79.18 -41.40 25.24
CA PHE D 578 80.27 -42.20 24.69
C PHE D 578 81.62 -41.59 25.00
N VAL D 579 81.73 -40.26 24.89
CA VAL D 579 82.97 -39.58 25.24
C VAL D 579 83.29 -39.76 26.72
N GLN D 580 82.26 -39.63 27.58
CA GLN D 580 82.47 -39.80 29.02
C GLN D 580 82.95 -41.21 29.33
N ARG D 581 82.37 -42.22 28.68
CA ARG D 581 82.81 -43.60 28.90
C ARG D 581 84.24 -43.79 28.43
N ARG D 582 84.59 -43.21 27.29
CA ARG D 582 85.94 -43.32 26.74
C ARG D 582 86.84 -42.20 27.28
#